data_9ESM
#
_entry.id   9ESM
#
_cell.length_a   1.00
_cell.length_b   1.00
_cell.length_c   1.00
_cell.angle_alpha   90.00
_cell.angle_beta   90.00
_cell.angle_gamma   90.00
#
_symmetry.space_group_name_H-M   'P 1'
#
loop_
_entity.id
_entity.type
_entity.pdbx_description
1 polymer Archaellin
2 branched 'beta-D-glucopyranuronic acid-(1-4)-beta-D-glucopyranose'
#
_entity_poly.entity_id   1
_entity_poly.type   'polypeptide(L)'
_entity_poly.pdbx_seq_one_letter_code
;MFEFITDEDERGQVGIGTLIVFIAMVLVAAIAAGVLINTAGYLQSKGSATGEEASAQVSNRINIVSAYGNV(UNK)
(UNK)(UNK)(UNK)VDYVNLTVRQAAGADNINL(UNK)KSTIQWIGPD(UNK)ATTLTY(UNK)(UNK)(UNK)(UNK)
(UNK)(UNK)(UNK)(UNK)(UNK)ENFTT(UNK)SIKG(UNK)(UNK)(UNK)(UNK)VLVDQSDRIKVIMYA(UNK)
(UNK)V(UNK)(UNK)(UNK)L(UNK)(UNK)G(UNK)EVQLTVTTQYGSKTTYWAQVPESLKDKNAV(UNK)L
;
_entity_poly.pdbx_strand_id   A,B,C,D,E,F,G,H,I,J,K,L,M,N,O,P,Q,R,S,T,U,V,W,X,Y
#
# COMPACT_ATOMS: atom_id res chain seq x y z
N GLN A 13 55.64 -15.71 115.56
CA GLN A 13 56.13 -15.33 114.24
C GLN A 13 55.21 -15.83 113.14
N VAL A 14 54.28 -16.70 113.51
CA VAL A 14 53.31 -17.22 112.55
C VAL A 14 52.43 -16.08 112.03
N GLY A 15 51.93 -15.24 112.95
CA GLY A 15 51.13 -14.11 112.53
C GLY A 15 51.92 -13.10 111.71
N ILE A 16 53.17 -12.85 112.11
CA ILE A 16 54.02 -11.92 111.36
C ILE A 16 54.29 -12.46 109.96
N GLY A 17 54.62 -13.74 109.86
CA GLY A 17 54.87 -14.33 108.55
C GLY A 17 53.63 -14.33 107.67
N THR A 18 52.46 -14.53 108.27
CA THR A 18 51.22 -14.50 107.49
C THR A 18 50.99 -13.12 106.89
N LEU A 19 51.24 -12.06 107.66
CA LEU A 19 51.06 -10.71 107.14
C LEU A 19 52.07 -10.39 106.04
N ILE A 20 53.30 -10.87 106.19
CA ILE A 20 54.32 -10.62 105.17
C ILE A 20 53.93 -11.25 103.85
N VAL A 21 53.45 -12.50 103.90
CA VAL A 21 52.92 -13.15 102.71
C VAL A 21 51.77 -12.35 102.12
N PHE A 22 50.91 -11.81 102.99
CA PHE A 22 49.78 -11.00 102.53
C PHE A 22 50.26 -9.81 101.71
N ILE A 23 51.30 -9.13 102.17
CA ILE A 23 51.85 -7.98 101.44
C ILE A 23 52.30 -8.41 100.05
N ALA A 24 53.10 -9.49 99.98
CA ALA A 24 53.59 -9.98 98.70
C ALA A 24 52.45 -10.43 97.81
N MET A 25 51.38 -11.00 98.40
CA MET A 25 50.25 -11.44 97.59
C MET A 25 49.47 -10.28 97.03
N VAL A 26 49.41 -9.16 97.74
CA VAL A 26 48.78 -7.97 97.19
C VAL A 26 49.64 -7.39 96.07
N LEU A 27 50.97 -7.34 96.26
CA LEU A 27 51.86 -6.79 95.24
C LEU A 27 51.77 -7.57 93.94
N VAL A 28 51.87 -8.90 94.00
CA VAL A 28 51.82 -9.70 92.79
C VAL A 28 50.45 -9.58 92.13
N ALA A 29 49.40 -9.37 92.92
CA ALA A 29 48.09 -9.09 92.37
C ALA A 29 48.10 -7.78 91.57
N ALA A 30 48.73 -6.76 92.12
CA ALA A 30 48.73 -5.44 91.48
C ALA A 30 49.44 -5.49 90.13
N ILE A 31 50.58 -6.17 90.05
CA ILE A 31 51.27 -6.32 88.78
C ILE A 31 50.44 -7.18 87.82
N ALA A 32 49.86 -8.26 88.33
CA ALA A 32 49.01 -9.10 87.48
C ALA A 32 47.80 -8.33 86.99
N ALA A 33 47.18 -7.54 87.88
CA ALA A 33 46.10 -6.66 87.46
C ALA A 33 46.61 -5.57 86.53
N GLY A 34 47.78 -5.01 86.83
CA GLY A 34 48.30 -3.91 86.03
C GLY A 34 48.59 -4.32 84.60
N VAL A 35 49.24 -5.46 84.41
CA VAL A 35 49.61 -5.90 83.06
C VAL A 35 48.37 -6.08 82.20
N LEU A 36 47.29 -6.57 82.80
CA LEU A 36 46.03 -6.72 82.07
C LEU A 36 45.53 -5.37 81.56
N ILE A 37 45.57 -4.34 82.40
CA ILE A 37 45.00 -3.05 82.05
C ILE A 37 45.82 -2.37 80.95
N ASN A 38 47.14 -2.32 81.13
CA ASN A 38 47.98 -1.64 80.14
C ASN A 38 47.95 -2.35 78.80
N THR A 39 47.92 -3.68 78.80
CA THR A 39 47.78 -4.42 77.55
C THR A 39 46.46 -4.11 76.88
N ALA A 40 45.37 -4.02 77.66
CA ALA A 40 44.07 -3.70 77.10
C ALA A 40 44.07 -2.31 76.48
N GLY A 41 44.72 -1.34 77.13
CA GLY A 41 44.81 -0.01 76.56
C GLY A 41 45.54 0.01 75.24
N TYR A 42 46.57 -0.83 75.11
CA TYR A 42 47.30 -0.92 73.83
C TYR A 42 46.39 -1.44 72.73
N LEU A 43 45.60 -2.48 73.01
CA LEU A 43 44.68 -3.00 72.00
C LEU A 43 43.58 -2.02 71.66
N GLN A 44 43.20 -1.15 72.62
CA GLN A 44 42.19 -0.13 72.35
C GLN A 44 42.63 0.77 71.21
N SER A 45 43.84 1.32 71.30
CA SER A 45 44.32 2.21 70.26
C SER A 45 44.53 1.48 68.94
N LYS A 46 45.08 0.27 69.00
CA LYS A 46 45.27 -0.52 67.78
C LYS A 46 43.93 -0.89 67.17
N GLY A 47 42.96 -1.30 67.98
CA GLY A 47 41.66 -1.67 67.45
C GLY A 47 40.92 -0.48 66.86
N SER A 48 40.94 0.65 67.55
CA SER A 48 40.24 1.84 67.06
C SER A 48 40.85 2.33 65.75
N ALA A 49 42.18 2.31 65.65
CA ALA A 49 42.83 2.76 64.43
C ALA A 49 42.48 1.85 63.26
N THR A 50 42.37 0.55 63.50
CA THR A 50 42.05 -0.39 62.43
C THR A 50 40.66 -0.12 61.86
N GLY A 51 39.69 0.17 62.72
CA GLY A 51 38.34 0.42 62.25
C GLY A 51 38.24 1.65 61.37
N GLU A 52 38.93 2.72 61.74
CA GLU A 52 38.90 3.94 60.95
C GLU A 52 39.62 3.75 59.62
N GLU A 53 40.78 3.10 59.64
CA GLU A 53 41.56 2.93 58.40
C GLU A 53 40.84 2.01 57.41
N ALA A 54 40.29 0.90 57.89
CA ALA A 54 39.59 -0.01 56.99
C ALA A 54 38.33 0.64 56.43
N SER A 55 37.59 1.39 57.27
CA SER A 55 36.46 2.15 56.78
C SER A 55 36.91 3.19 55.75
N ALA A 56 38.06 3.82 56.01
CA ALA A 56 38.63 4.76 55.05
C ALA A 56 39.03 4.05 53.76
N GLN A 57 39.43 2.77 53.85
CA GLN A 57 39.82 2.03 52.65
C GLN A 57 38.63 1.77 51.75
N VAL A 58 37.47 1.50 52.32
CA VAL A 58 36.30 1.11 51.54
C VAL A 58 35.39 2.29 51.19
N SER A 59 35.53 3.43 51.86
CA SER A 59 34.64 4.57 51.66
C SER A 59 35.30 5.71 50.90
N ASN A 60 36.50 6.13 51.30
CA ASN A 60 37.16 7.25 50.63
C ASN A 60 37.70 6.82 49.28
N ARG A 61 36.88 6.95 48.24
CA ARG A 61 37.27 6.63 46.88
C ARG A 61 36.95 7.82 45.99
N ILE A 62 37.65 7.90 44.86
CA ILE A 62 37.43 8.96 43.88
C ILE A 62 36.64 8.38 42.72
N ASN A 63 35.65 9.14 42.25
CA ASN A 63 34.85 8.76 41.10
C ASN A 63 35.21 9.66 39.93
N ILE A 64 35.44 9.05 38.77
CA ILE A 64 35.85 9.78 37.57
C ILE A 64 34.60 10.18 36.81
N VAL A 65 34.30 11.48 36.83
CA VAL A 65 33.10 11.98 36.14
C VAL A 65 33.23 11.78 34.64
N SER A 66 34.38 12.15 34.08
CA SER A 66 34.58 12.08 32.64
C SER A 66 36.07 12.14 32.35
N ALA A 67 36.42 11.95 31.07
CA ALA A 67 37.78 12.04 30.60
C ALA A 67 37.78 12.69 29.23
N TYR A 68 38.80 13.51 28.98
CA TYR A 68 38.93 14.19 27.69
C TYR A 68 40.40 14.52 27.48
N GLY A 69 40.75 14.74 26.22
CA GLY A 69 42.14 14.99 25.89
C GLY A 69 42.35 15.98 24.75
N ASN A 70 43.33 16.85 24.92
CA ASN A 70 43.68 17.79 23.85
C ASN A 70 44.33 17.05 22.68
N VAL A 71 44.03 17.52 21.47
CA VAL A 71 44.55 16.88 20.27
C VAL A 71 45.55 17.79 19.58
N UNK A 72 46.83 17.38 19.60
CA UNK A 72 47.87 18.11 18.91
C UNK A 72 48.25 17.39 17.63
N UNK A 73 48.36 18.13 16.53
CA UNK A 73 48.67 17.58 15.22
C UNK A 73 47.66 16.50 14.82
N UNK A 74 47.81 15.31 15.38
CA UNK A 74 46.90 14.21 15.11
C UNK A 74 46.95 13.16 16.22
N UNK A 75 47.46 13.55 17.38
CA UNK A 75 47.58 12.64 18.51
C UNK A 75 47.13 13.30 19.80
N VAL A 76 46.77 12.48 20.79
CA VAL A 76 46.28 12.97 22.07
C VAL A 76 47.45 13.17 23.03
N ASP A 77 47.95 14.41 23.11
CA ASP A 77 49.11 14.70 23.94
C ASP A 77 48.76 14.76 25.43
N TYR A 78 47.59 15.28 25.76
CA TYR A 78 47.16 15.46 27.15
C TYR A 78 46.01 14.51 27.47
N VAL A 79 46.02 13.98 28.69
CA VAL A 79 44.92 13.17 29.20
C VAL A 79 44.48 13.78 30.53
N ASN A 80 43.24 14.28 30.57
CA ASN A 80 42.71 14.97 31.74
C ASN A 80 41.54 14.19 32.30
N LEU A 81 41.56 13.95 33.61
CA LEU A 81 40.50 13.23 34.30
C LEU A 81 39.84 14.15 35.31
N THR A 82 38.51 14.21 35.29
CA THR A 82 37.73 14.94 36.29
C THR A 82 37.29 13.95 37.37
N VAL A 83 37.72 14.18 38.60
CA VAL A 83 37.46 13.27 39.70
C VAL A 83 36.61 13.96 40.75
N ARG A 84 35.87 13.17 41.51
CA ARG A 84 34.99 13.68 42.56
C ARG A 84 35.00 12.71 43.73
N GLN A 85 34.46 13.16 44.85
CA GLN A 85 34.31 12.29 46.01
C GLN A 85 33.20 11.27 45.77
N ALA A 86 33.40 10.07 46.30
CA ALA A 86 32.40 9.02 46.21
C ALA A 86 31.33 9.23 47.28
N ALA A 87 30.38 8.30 47.32
CA ALA A 87 29.30 8.38 48.30
C ALA A 87 29.85 8.12 49.69
N GLY A 88 29.69 9.08 50.59
CA GLY A 88 30.15 8.90 51.95
C GLY A 88 31.64 8.99 52.15
N ALA A 89 32.38 9.46 51.16
CA ALA A 89 33.83 9.59 51.30
C ALA A 89 34.17 10.79 52.19
N ASP A 90 35.32 10.69 52.84
CA ASP A 90 35.84 11.79 53.66
C ASP A 90 36.77 12.64 52.79
N ASN A 91 37.54 13.53 53.43
CA ASN A 91 38.52 14.32 52.70
C ASN A 91 39.51 13.40 52.00
N ILE A 92 39.76 13.67 50.73
CA ILE A 92 40.63 12.85 49.89
C ILE A 92 41.75 13.73 49.36
N ASN A 93 42.97 13.51 49.84
CA ASN A 93 44.13 14.24 49.38
C ASN A 93 44.67 13.55 48.13
N LEU A 94 44.69 14.28 47.02
CA LEU A 94 45.12 13.71 45.74
C LEU A 94 46.63 13.81 45.55
N UNK A 95 47.32 14.32 46.56
CA UNK A 95 48.78 14.42 46.49
C UNK A 95 49.42 13.16 47.03
N LYS A 96 48.71 12.46 47.92
CA LYS A 96 49.20 11.23 48.50
C LYS A 96 48.67 10.01 47.75
N SER A 97 48.12 10.25 46.57
CA SER A 97 47.59 9.19 45.72
C SER A 97 48.54 8.90 44.57
N THR A 98 48.37 7.71 43.99
CA THR A 98 49.18 7.28 42.86
C THR A 98 48.27 6.83 41.72
N ILE A 99 48.81 6.89 40.51
CA ILE A 99 48.08 6.51 39.30
C ILE A 99 48.94 5.52 38.53
N GLN A 100 48.36 4.40 38.13
CA GLN A 100 49.07 3.36 37.39
C GLN A 100 48.69 3.47 35.92
N TRP A 101 49.67 3.88 35.10
CA TRP A 101 49.47 4.07 33.66
C TRP A 101 49.96 2.82 32.95
N ILE A 102 49.03 1.99 32.50
CA ILE A 102 49.35 0.84 31.66
C ILE A 102 48.76 1.07 30.28
N GLY A 103 49.55 1.63 29.38
CA GLY A 103 49.08 1.96 28.05
C GLY A 103 49.63 1.01 27.01
N PRO A 104 49.52 1.41 25.73
CA PRO A 104 50.03 0.54 24.66
C PRO A 104 51.51 0.24 24.76
N ASP A 105 52.30 1.19 25.26
CA ASP A 105 53.74 1.01 25.32
C ASP A 105 54.24 0.81 26.75
N UNK A 106 54.29 1.90 27.52
CA UNK A 106 54.87 1.86 28.86
C UNK A 106 53.91 1.29 29.90
N ALA A 107 54.42 1.15 31.13
CA ALA A 107 53.62 0.66 32.25
C ALA A 107 54.28 1.08 33.56
N THR A 108 53.91 2.26 34.04
CA THR A 108 54.56 2.88 35.20
C THR A 108 53.51 3.35 36.19
N THR A 109 53.98 3.88 37.31
CA THR A 109 53.14 4.45 38.36
C THR A 109 53.47 5.92 38.50
N LEU A 110 52.44 6.76 38.55
CA LEU A 110 52.59 8.21 38.54
C LEU A 110 52.31 8.79 39.92
N THR A 111 53.15 9.73 40.34
CA THR A 111 53.00 10.45 41.60
C THR A 111 52.66 11.91 41.32
N TYR A 112 52.50 12.68 42.38
CA TYR A 112 52.12 14.08 42.25
C TYR A 112 53.37 14.96 42.15
N UNK A 113 53.36 15.87 41.19
CA UNK A 113 54.43 16.86 41.04
C UNK A 113 53.85 18.15 40.47
N UNK A 114 54.03 19.25 41.19
CA UNK A 114 53.49 20.54 40.77
C UNK A 114 54.17 21.02 39.49
N UNK A 115 53.34 21.30 38.48
CA UNK A 115 53.82 21.77 37.17
C UNK A 115 54.84 20.80 36.57
N UNK A 120 55.12 17.77 33.09
CA UNK A 120 55.06 16.61 33.97
C UNK A 120 55.59 15.37 33.26
N UNK A 121 56.72 14.85 33.74
CA UNK A 121 57.33 13.68 33.15
C UNK A 121 56.55 12.42 33.49
N GLU A 122 57.00 11.71 34.52
CA GLU A 122 56.32 10.50 34.98
C GLU A 122 55.45 10.80 36.20
N ASN A 123 54.80 11.95 36.19
CA ASN A 123 53.98 12.39 37.30
C ASN A 123 52.65 12.90 36.77
N PHE A 124 51.73 13.23 37.69
CA PHE A 124 50.46 13.83 37.35
C PHE A 124 50.25 15.10 38.17
N THR A 125 49.51 16.04 37.61
CA THR A 125 49.23 17.32 38.23
C THR A 125 47.72 17.50 38.37
N THR A 126 47.31 18.09 39.48
CA THR A 126 45.90 18.32 39.75
C THR A 126 45.53 19.80 39.72
N UNK A 127 44.65 20.17 38.80
CA UNK A 127 44.15 21.54 38.71
C UNK A 127 42.67 21.58 39.05
N SER A 128 42.30 22.43 40.01
CA SER A 128 40.94 22.47 40.53
C SER A 128 39.93 23.02 39.52
N ILE A 129 38.78 22.37 39.44
CA ILE A 129 37.67 22.83 38.61
C ILE A 129 36.62 23.55 39.45
N LYS A 130 36.21 22.96 40.56
CA LYS A 130 35.25 23.57 41.47
C LYS A 130 35.69 23.31 42.90
N GLY A 131 35.63 24.34 43.73
CA GLY A 131 36.05 24.23 45.12
C GLY A 131 37.15 25.21 45.49
N UNK A 132 37.73 25.00 46.67
CA UNK A 132 38.78 25.89 47.16
C UNK A 132 40.17 25.28 46.96
N UNK A 133 40.35 24.05 47.44
CA UNK A 133 41.63 23.38 47.34
C UNK A 133 41.84 22.80 45.95
N UNK A 134 43.09 22.59 45.57
CA UNK A 134 43.43 22.05 44.26
C UNK A 134 44.21 20.74 44.39
N UNK A 135 44.04 20.07 45.52
CA UNK A 135 44.70 18.81 45.78
C UNK A 135 43.92 17.98 46.79
N VAL A 136 42.94 18.60 47.43
CA VAL A 136 42.13 17.92 48.42
C VAL A 136 40.64 18.08 48.09
N LEU A 137 39.92 16.96 48.08
CA LEU A 137 38.48 16.97 47.86
C LEU A 137 37.79 17.04 49.21
N VAL A 138 37.12 18.17 49.49
CA VAL A 138 36.49 18.37 50.79
C VAL A 138 34.98 18.15 50.66
N ASP A 139 34.34 18.93 49.80
CA ASP A 139 32.90 18.85 49.65
C ASP A 139 32.53 17.84 48.56
N GLN A 140 31.27 17.39 48.62
CA GLN A 140 30.78 16.43 47.63
C GLN A 140 30.68 17.03 46.23
N SER A 141 30.59 18.36 46.12
CA SER A 141 30.55 19.03 44.84
C SER A 141 31.92 19.40 44.31
N ASP A 142 32.98 19.13 45.07
CA ASP A 142 34.33 19.48 44.62
C ASP A 142 34.73 18.63 43.42
N ARG A 143 35.26 19.30 42.40
CA ARG A 143 35.77 18.63 41.20
C ARG A 143 37.23 19.04 40.99
N ILE A 144 38.07 18.06 40.69
CA ILE A 144 39.48 18.29 40.44
C ILE A 144 39.87 17.60 39.15
N LYS A 145 40.60 18.30 38.29
CA LYS A 145 41.04 17.78 37.00
C LYS A 145 42.45 17.23 37.13
N VAL A 146 42.59 15.92 36.99
CA VAL A 146 43.89 15.26 37.10
C VAL A 146 44.55 15.27 35.73
N ILE A 147 45.75 15.84 35.65
CA ILE A 147 46.44 16.09 34.39
C ILE A 147 47.54 15.06 34.21
N MET A 148 47.57 14.41 33.05
CA MET A 148 48.64 13.51 32.67
C MET A 148 49.09 13.86 31.25
N TYR A 149 50.40 14.05 31.08
CA TYR A 149 50.98 14.35 29.77
C TYR A 149 51.36 13.05 29.10
N ALA A 150 50.55 12.62 28.13
CA ALA A 150 50.74 11.34 27.46
C ALA A 150 52.04 11.30 26.67
N UNK A 151 52.51 12.47 26.23
CA UNK A 151 53.73 12.56 25.44
C UNK A 151 54.97 12.35 26.32
N UNK A 152 54.87 12.76 27.57
CA UNK A 152 56.00 12.67 28.50
C UNK A 152 55.98 11.37 29.29
N VAL A 153 54.85 10.69 29.30
CA VAL A 153 54.74 9.40 29.98
C VAL A 153 55.29 8.30 29.08
N UNK A 154 54.75 8.20 27.87
CA UNK A 154 55.21 7.22 26.91
C UNK A 154 55.38 7.86 25.54
N UNK A 155 54.27 8.00 24.83
CA UNK A 155 54.27 8.65 23.53
C UNK A 155 52.90 9.27 23.28
N UNK A 156 52.82 10.20 22.33
CA UNK A 156 51.55 10.83 21.99
C UNK A 156 50.57 9.78 21.50
N LEU A 157 49.46 9.64 22.23
CA LEU A 157 48.48 8.59 21.97
C LEU A 157 47.90 8.70 20.56
N UNK A 158 48.07 7.63 19.78
CA UNK A 158 47.55 7.58 18.42
C UNK A 158 46.05 7.34 18.43
N UNK A 159 45.41 7.59 17.30
CA UNK A 159 43.97 7.45 17.19
C UNK A 159 43.54 5.98 17.28
N GLY A 160 43.20 5.54 18.49
CA GLY A 160 42.72 4.19 18.69
C GLY A 160 43.36 3.47 19.87
N UNK A 161 44.44 4.04 20.40
CA UNK A 161 45.17 3.44 21.50
C UNK A 161 44.32 3.41 22.77
N GLU A 162 44.51 2.38 23.58
CA GLU A 162 43.75 2.22 24.81
C GLU A 162 44.69 2.18 26.02
N VAL A 163 44.40 3.02 27.02
CA VAL A 163 45.22 3.14 28.21
C VAL A 163 44.38 2.81 29.43
N GLN A 164 44.93 1.98 30.31
CA GLN A 164 44.24 1.58 31.53
C GLN A 164 44.84 2.34 32.71
N LEU A 165 43.98 3.03 33.46
CA LEU A 165 44.38 3.81 34.63
C LEU A 165 43.64 3.30 35.86
N THR A 166 44.38 3.14 36.95
CA THR A 166 43.80 2.94 38.27
C THR A 166 44.31 4.05 39.18
N VAL A 167 43.42 4.60 40.00
CA VAL A 167 43.74 5.72 40.87
C VAL A 167 43.70 5.20 42.30
N THR A 168 44.87 4.94 42.86
CA THR A 168 44.97 4.38 44.21
C THR A 168 44.99 5.52 45.22
N THR A 169 43.93 5.63 46.02
CA THR A 169 43.85 6.63 47.07
C THR A 169 44.83 6.25 48.18
N GLN A 170 45.17 7.25 49.01
CA GLN A 170 46.13 7.05 50.09
C GLN A 170 45.79 5.84 50.94
N TYR A 171 44.50 5.59 51.17
CA TYR A 171 44.07 4.50 52.02
C TYR A 171 43.78 3.22 51.26
N GLY A 172 44.10 3.18 49.96
CA GLY A 172 44.07 1.95 49.19
C GLY A 172 42.89 1.78 48.27
N SER A 173 41.86 2.61 48.36
CA SER A 173 40.72 2.48 47.48
C SER A 173 41.13 2.76 46.04
N LYS A 174 40.80 1.83 45.15
CA LYS A 174 41.23 1.90 43.75
C LYS A 174 40.04 2.16 42.84
N THR A 175 40.21 3.07 41.90
CA THR A 175 39.23 3.36 40.88
C THR A 175 39.87 3.14 39.52
N THR A 176 39.26 2.29 38.70
CA THR A 176 39.84 1.89 37.43
C THR A 176 39.07 2.51 36.27
N TYR A 177 39.81 3.10 35.34
CA TYR A 177 39.25 3.69 34.13
C TYR A 177 40.02 3.19 32.92
N TRP A 178 39.29 2.84 31.86
CA TRP A 178 39.89 2.42 30.59
C TRP A 178 39.72 3.58 29.62
N ALA A 179 40.72 4.47 29.58
CA ALA A 179 40.69 5.62 28.70
C ALA A 179 40.89 5.14 27.26
N GLN A 180 39.80 5.05 26.52
CA GLN A 180 39.82 4.56 25.14
C GLN A 180 39.83 5.75 24.20
N VAL A 181 40.99 6.01 23.60
CA VAL A 181 41.08 7.09 22.61
C VAL A 181 40.20 6.76 21.42
N PRO A 182 39.45 7.71 20.86
CA PRO A 182 38.63 7.40 19.69
C PRO A 182 39.48 6.84 18.54
N GLU A 183 38.90 5.86 17.84
CA GLU A 183 39.63 5.21 16.75
C GLU A 183 39.99 6.20 15.65
N SER A 184 39.16 7.22 15.44
CA SER A 184 39.40 8.24 14.43
C SER A 184 39.56 9.60 15.11
N LEU A 185 40.61 10.33 14.74
CA LEU A 185 40.91 11.64 15.30
C LEU A 185 40.84 12.72 14.23
N LYS A 186 40.01 12.52 13.22
CA LYS A 186 39.97 13.41 12.07
C LYS A 186 39.17 14.66 12.39
N ASP A 187 39.84 15.82 12.36
CA ASP A 187 39.21 17.12 12.57
C ASP A 187 38.48 17.18 13.90
N LYS A 188 39.23 16.95 14.98
CA LYS A 188 38.73 17.09 16.35
C LYS A 188 39.78 17.83 17.16
N ASN A 189 39.48 19.08 17.53
CA ASN A 189 40.42 19.85 18.33
C ASN A 189 40.60 19.24 19.71
N ALA A 190 39.52 18.72 20.30
CA ALA A 190 39.58 18.02 21.57
C ALA A 190 38.56 16.90 21.57
N VAL A 191 38.98 15.72 22.03
CA VAL A 191 38.11 14.54 22.02
C VAL A 191 37.73 14.14 23.44
N UNK A 192 36.92 13.10 23.55
CA UNK A 192 36.51 12.57 24.84
C UNK A 192 37.01 11.15 25.02
N LEU A 193 38.10 10.99 25.77
CA LEU A 193 38.66 9.68 26.03
C LEU A 193 37.69 8.82 26.83
N GLN B 13 10.91 -4.49 10.72
CA GLN B 13 9.88 -5.50 10.52
C GLN B 13 8.89 -5.07 9.45
N VAL B 14 8.34 -3.87 9.60
CA VAL B 14 7.40 -3.34 8.61
C VAL B 14 8.13 -3.10 7.29
N GLY B 15 9.39 -2.67 7.36
CA GLY B 15 10.18 -2.54 6.15
C GLY B 15 10.40 -3.86 5.44
N ILE B 16 10.57 -4.94 6.22
CA ILE B 16 10.73 -6.26 5.63
C ILE B 16 9.46 -6.68 4.89
N GLY B 17 8.31 -6.47 5.51
CA GLY B 17 7.06 -6.82 4.86
C GLY B 17 6.78 -5.98 3.62
N THR B 18 7.17 -4.71 3.65
CA THR B 18 6.96 -3.84 2.48
C THR B 18 7.77 -4.32 1.28
N LEU B 19 9.03 -4.72 1.50
CA LEU B 19 9.88 -5.13 0.40
C LEU B 19 9.35 -6.39 -0.28
N ILE B 20 8.90 -7.37 0.50
CA ILE B 20 8.38 -8.60 -0.10
C ILE B 20 7.11 -8.32 -0.89
N VAL B 21 6.21 -7.51 -0.32
CA VAL B 21 4.99 -7.16 -1.01
C VAL B 21 5.29 -6.30 -2.24
N PHE B 22 6.32 -5.44 -2.16
CA PHE B 22 6.72 -4.65 -3.32
C PHE B 22 7.12 -5.53 -4.49
N ILE B 23 7.82 -6.64 -4.20
CA ILE B 23 8.20 -7.57 -5.25
C ILE B 23 6.95 -8.17 -5.90
N ALA B 24 5.91 -8.42 -5.10
CA ALA B 24 4.69 -9.01 -5.62
C ALA B 24 4.03 -8.11 -6.65
N MET B 25 3.89 -6.82 -6.33
CA MET B 25 3.14 -5.92 -7.20
C MET B 25 3.77 -5.77 -8.58
N VAL B 26 5.09 -5.62 -8.65
CA VAL B 26 5.75 -5.47 -9.95
C VAL B 26 5.56 -6.73 -10.78
N LEU B 27 5.65 -7.90 -10.15
CA LEU B 27 5.42 -9.15 -10.88
C LEU B 27 3.98 -9.23 -11.36
N VAL B 28 3.02 -8.82 -10.53
CA VAL B 28 1.62 -8.78 -10.94
C VAL B 28 1.40 -7.77 -12.05
N ALA B 29 2.01 -6.58 -11.92
CA ALA B 29 1.92 -5.58 -12.97
C ALA B 29 2.58 -6.06 -14.25
N ALA B 30 3.67 -6.82 -14.13
CA ALA B 30 4.29 -7.41 -15.31
C ALA B 30 3.36 -8.42 -15.98
N ILE B 31 2.64 -9.21 -15.18
CA ILE B 31 1.68 -10.15 -15.74
C ILE B 31 0.55 -9.40 -16.44
N ALA B 32 0.02 -8.36 -15.80
CA ALA B 32 -1.08 -7.60 -16.39
C ALA B 32 -0.65 -6.92 -17.68
N ALA B 33 0.55 -6.34 -17.70
CA ALA B 33 1.05 -5.74 -18.93
C ALA B 33 1.28 -6.80 -20.01
N GLY B 34 1.72 -7.99 -19.61
CA GLY B 34 1.91 -9.05 -20.58
C GLY B 34 0.63 -9.45 -21.29
N VAL B 35 -0.48 -9.51 -20.56
CA VAL B 35 -1.76 -9.87 -21.16
C VAL B 35 -2.18 -8.82 -22.17
N LEU B 36 -2.04 -7.54 -21.82
CA LEU B 36 -2.52 -6.47 -22.69
C LEU B 36 -1.76 -6.43 -24.01
N ILE B 37 -0.42 -6.50 -23.96
CA ILE B 37 0.37 -6.37 -25.17
C ILE B 37 0.21 -7.61 -26.05
N ASN B 38 0.26 -8.81 -25.45
CA ASN B 38 0.16 -10.03 -26.24
C ASN B 38 -1.21 -10.15 -26.89
N THR B 39 -2.28 -9.77 -26.18
CA THR B 39 -3.59 -9.77 -26.79
C THR B 39 -3.68 -8.74 -27.91
N ALA B 40 -3.02 -7.59 -27.74
CA ALA B 40 -2.96 -6.61 -28.82
C ALA B 40 -2.19 -7.15 -30.02
N GLY B 41 -1.12 -7.91 -29.76
CA GLY B 41 -0.37 -8.50 -30.86
C GLY B 41 -1.18 -9.48 -31.67
N TYR B 42 -2.02 -10.29 -31.01
CA TYR B 42 -2.89 -11.21 -31.72
C TYR B 42 -3.90 -10.45 -32.59
N LEU B 43 -4.52 -9.42 -32.02
CA LEU B 43 -5.54 -8.68 -32.76
C LEU B 43 -4.93 -7.83 -33.86
N GLN B 44 -3.69 -7.37 -33.68
CA GLN B 44 -3.03 -6.59 -34.72
C GLN B 44 -2.80 -7.43 -35.97
N SER B 45 -2.34 -8.68 -35.78
CA SER B 45 -2.17 -9.58 -36.91
C SER B 45 -3.52 -9.99 -37.50
N LYS B 46 -4.52 -10.21 -36.64
CA LYS B 46 -5.86 -10.52 -37.14
C LYS B 46 -6.43 -9.34 -37.91
N GLY B 47 -6.24 -8.13 -37.39
CA GLY B 47 -6.77 -6.96 -38.08
C GLY B 47 -6.06 -6.68 -39.40
N SER B 48 -4.74 -6.85 -39.43
CA SER B 48 -4.00 -6.61 -40.67
C SER B 48 -4.41 -7.60 -41.76
N ALA B 49 -4.55 -8.87 -41.40
CA ALA B 49 -4.98 -9.88 -42.37
C ALA B 49 -6.39 -9.60 -42.88
N THR B 50 -7.28 -9.18 -41.99
CA THR B 50 -8.67 -8.92 -42.37
C THR B 50 -8.75 -7.81 -43.42
N GLY B 51 -7.96 -6.75 -43.26
CA GLY B 51 -8.03 -5.63 -44.17
C GLY B 51 -7.68 -6.01 -45.61
N GLU B 52 -6.65 -6.84 -45.77
CA GLU B 52 -6.21 -7.20 -47.11
C GLU B 52 -7.21 -8.12 -47.80
N GLU B 53 -7.71 -9.14 -47.10
CA GLU B 53 -8.65 -10.07 -47.69
C GLU B 53 -9.99 -9.41 -47.98
N ALA B 54 -10.42 -8.49 -47.12
CA ALA B 54 -11.65 -7.76 -47.39
C ALA B 54 -11.52 -6.89 -48.62
N SER B 55 -10.38 -6.21 -48.77
CA SER B 55 -10.15 -5.40 -49.97
C SER B 55 -10.03 -6.27 -51.21
N ALA B 56 -9.48 -7.47 -51.08
CA ALA B 56 -9.39 -8.38 -52.22
C ALA B 56 -10.76 -8.84 -52.67
N GLN B 57 -11.69 -9.00 -51.72
CA GLN B 57 -13.05 -9.41 -52.07
C GLN B 57 -13.71 -8.42 -53.00
N VAL B 58 -13.34 -7.14 -52.92
CA VAL B 58 -13.95 -6.09 -53.73
C VAL B 58 -13.12 -5.79 -54.96
N SER B 59 -11.80 -5.67 -54.81
CA SER B 59 -10.96 -5.22 -55.92
C SER B 59 -10.72 -6.32 -56.93
N ASN B 60 -10.20 -7.46 -56.48
CA ASN B 60 -9.80 -8.55 -57.37
C ASN B 60 -11.07 -9.20 -57.94
N ARG B 61 -11.45 -8.79 -59.15
CA ARG B 61 -12.66 -9.28 -59.78
C ARG B 61 -12.38 -9.50 -61.27
N ILE B 62 -13.14 -10.42 -61.85
CA ILE B 62 -12.97 -10.79 -63.26
C ILE B 62 -13.97 -10.02 -64.11
N ASN B 63 -13.52 -9.56 -65.28
CA ASN B 63 -14.39 -8.91 -66.26
C ASN B 63 -14.35 -9.69 -67.56
N ILE B 64 -15.53 -10.07 -68.05
CA ILE B 64 -15.65 -10.90 -69.25
C ILE B 64 -15.79 -9.99 -70.46
N VAL B 65 -14.75 -9.97 -71.31
CA VAL B 65 -14.74 -9.08 -72.46
C VAL B 65 -15.80 -9.50 -73.47
N SER B 66 -15.83 -10.78 -73.83
CA SER B 66 -16.76 -11.26 -74.84
C SER B 66 -16.92 -12.76 -74.70
N ALA B 67 -18.04 -13.27 -75.25
CA ALA B 67 -18.36 -14.70 -75.18
C ALA B 67 -18.96 -15.12 -76.50
N TYR B 68 -18.25 -15.97 -77.24
CA TYR B 68 -18.75 -16.58 -78.45
C TYR B 68 -18.82 -18.09 -78.29
N GLY B 69 -19.77 -18.70 -78.99
CA GLY B 69 -19.97 -20.14 -78.88
C GLY B 69 -19.84 -20.88 -80.19
N ASN B 70 -19.03 -21.94 -80.20
CA ASN B 70 -18.91 -22.77 -81.39
C ASN B 70 -20.22 -23.48 -81.69
N VAL B 71 -20.53 -23.62 -82.97
CA VAL B 71 -21.77 -24.26 -83.39
C VAL B 71 -21.49 -25.50 -84.24
N UNK B 72 -22.06 -26.63 -83.83
CA UNK B 72 -21.98 -27.86 -84.62
C UNK B 72 -23.38 -28.29 -85.04
N UNK B 73 -23.49 -28.85 -86.24
CA UNK B 73 -24.78 -29.27 -86.81
C UNK B 73 -25.76 -28.10 -86.84
N UNK B 74 -26.40 -27.83 -85.71
CA UNK B 74 -27.36 -26.73 -85.62
C UNK B 74 -27.49 -26.24 -84.18
N UNK B 75 -26.65 -26.78 -83.29
CA UNK B 75 -26.69 -26.40 -81.88
C UNK B 75 -25.29 -26.09 -81.36
N VAL B 76 -25.21 -25.21 -80.37
CA VAL B 76 -23.92 -24.83 -79.79
C VAL B 76 -23.35 -26.00 -78.99
N ASP B 77 -22.11 -26.35 -79.29
CA ASP B 77 -21.41 -27.42 -78.57
C ASP B 77 -20.31 -26.92 -77.65
N TYR B 78 -19.63 -25.83 -78.01
CA TYR B 78 -18.51 -25.31 -77.24
C TYR B 78 -18.74 -23.84 -76.95
N VAL B 79 -18.62 -23.46 -75.67
CA VAL B 79 -18.84 -22.09 -75.23
C VAL B 79 -17.53 -21.54 -74.70
N ASN B 80 -17.09 -20.41 -75.24
CA ASN B 80 -15.83 -19.80 -74.90
C ASN B 80 -16.07 -18.42 -74.31
N LEU B 81 -15.41 -18.13 -73.18
CA LEU B 81 -15.50 -16.82 -72.53
C LEU B 81 -14.09 -16.26 -72.37
N THR B 82 -13.88 -15.05 -72.90
CA THR B 82 -12.63 -14.33 -72.71
C THR B 82 -12.77 -13.41 -71.50
N VAL B 83 -11.85 -13.54 -70.54
CA VAL B 83 -11.92 -12.77 -69.30
C VAL B 83 -10.67 -11.92 -69.17
N ARG B 84 -10.84 -10.78 -68.48
CA ARG B 84 -9.75 -9.86 -68.20
C ARG B 84 -9.86 -9.38 -66.77
N GLN B 85 -8.77 -8.80 -66.27
CA GLN B 85 -8.76 -8.25 -64.92
C GLN B 85 -9.65 -7.02 -64.83
N ALA B 86 -10.16 -6.77 -63.62
CA ALA B 86 -10.93 -5.56 -63.37
C ALA B 86 -9.99 -4.40 -63.09
N ALA B 87 -10.58 -3.21 -62.97
CA ALA B 87 -9.79 -2.01 -62.69
C ALA B 87 -9.20 -2.11 -61.28
N GLY B 88 -7.89 -1.95 -61.18
CA GLY B 88 -7.23 -2.02 -59.90
C GLY B 88 -7.12 -3.41 -59.31
N ALA B 89 -7.43 -4.44 -60.08
CA ALA B 89 -7.40 -5.80 -59.57
C ALA B 89 -5.96 -6.32 -59.50
N ASP B 90 -5.78 -7.38 -58.73
CA ASP B 90 -4.49 -8.02 -58.54
C ASP B 90 -4.48 -9.36 -59.25
N ASN B 91 -3.42 -10.13 -59.03
CA ASN B 91 -3.26 -11.44 -59.67
C ASN B 91 -4.48 -12.31 -59.43
N ILE B 92 -5.05 -12.83 -60.53
CA ILE B 92 -6.24 -13.66 -60.48
C ILE B 92 -5.89 -15.02 -61.08
N ASN B 93 -6.00 -16.06 -60.26
CA ASN B 93 -5.76 -17.43 -60.71
C ASN B 93 -7.07 -18.04 -61.15
N LEU B 94 -7.10 -18.54 -62.39
CA LEU B 94 -8.32 -19.10 -62.96
C LEU B 94 -8.46 -20.58 -62.61
N UNK B 95 -7.48 -21.11 -61.89
CA UNK B 95 -7.52 -22.51 -61.46
C UNK B 95 -8.13 -22.61 -60.08
N LYS B 96 -8.13 -21.48 -59.36
CA LYS B 96 -8.74 -21.42 -58.04
C LYS B 96 -10.12 -20.78 -58.12
N SER B 97 -10.70 -20.79 -59.31
CA SER B 97 -12.00 -20.18 -59.57
C SER B 97 -13.02 -21.25 -59.94
N THR B 98 -14.28 -20.96 -59.69
CA THR B 98 -15.39 -21.86 -60.01
C THR B 98 -16.45 -21.10 -60.78
N ILE B 99 -17.06 -21.76 -61.75
CA ILE B 99 -18.08 -21.16 -62.60
C ILE B 99 -19.39 -21.90 -62.36
N GLN B 100 -20.39 -21.20 -61.84
CA GLN B 100 -21.71 -21.78 -61.65
C GLN B 100 -22.44 -21.77 -62.99
N TRP B 101 -22.68 -22.96 -63.54
CA TRP B 101 -23.33 -23.11 -64.84
C TRP B 101 -24.79 -23.47 -64.58
N ILE B 102 -25.68 -22.50 -64.82
CA ILE B 102 -27.12 -22.72 -64.77
C ILE B 102 -27.58 -22.87 -66.21
N GLY B 103 -27.69 -24.12 -66.67
CA GLY B 103 -28.06 -24.40 -68.04
C GLY B 103 -29.56 -24.55 -68.21
N PRO B 104 -29.99 -24.90 -69.43
CA PRO B 104 -31.43 -25.07 -69.66
C PRO B 104 -31.98 -26.32 -68.98
N ASP B 105 -31.24 -27.42 -68.98
CA ASP B 105 -31.73 -28.66 -68.39
C ASP B 105 -30.83 -29.13 -67.24
N UNK B 106 -29.96 -28.26 -66.77
CA UNK B 106 -29.04 -28.62 -65.69
C UNK B 106 -28.56 -27.40 -64.91
N ALA B 107 -27.85 -27.66 -63.81
CA ALA B 107 -27.31 -26.60 -62.97
C ALA B 107 -26.20 -27.15 -62.07
N THR B 108 -24.97 -26.73 -62.31
CA THR B 108 -23.83 -27.18 -61.54
C THR B 108 -22.73 -26.14 -61.60
N THR B 109 -21.78 -26.25 -60.67
CA THR B 109 -20.63 -25.36 -60.61
C THR B 109 -19.42 -26.07 -61.17
N LEU B 110 -18.77 -25.46 -62.16
CA LEU B 110 -17.64 -26.07 -62.84
C LEU B 110 -16.35 -25.83 -62.06
N THR B 111 -15.32 -26.59 -62.43
CA THR B 111 -14.00 -26.48 -61.81
C THR B 111 -12.95 -26.57 -62.89
N TYR B 112 -11.74 -26.14 -62.57
CA TYR B 112 -10.65 -26.16 -63.55
C TYR B 112 -10.04 -27.54 -63.72
N UNK B 113 -9.72 -27.89 -64.96
CA UNK B 113 -9.04 -29.13 -65.28
C UNK B 113 -8.36 -29.01 -66.64
N UNK B 114 -7.05 -29.23 -66.67
CA UNK B 114 -6.28 -29.10 -67.89
C UNK B 114 -6.62 -30.18 -68.91
N UNK B 115 -6.19 -29.97 -70.15
CA UNK B 115 -6.44 -30.91 -71.25
C UNK B 115 -7.93 -31.16 -71.45
N UNK B 116 -8.57 -30.28 -72.21
CA UNK B 116 -10.00 -30.34 -72.49
C UNK B 116 -10.81 -30.40 -71.20
N UNK B 120 -13.85 -30.21 -70.54
CA UNK B 120 -13.91 -31.61 -70.15
C UNK B 120 -15.35 -32.09 -70.10
N UNK B 121 -15.75 -32.66 -68.96
CA UNK B 121 -17.11 -33.13 -68.78
C UNK B 121 -17.88 -32.18 -67.88
N GLU B 122 -17.54 -32.18 -66.60
CA GLU B 122 -18.17 -31.27 -65.64
C GLU B 122 -17.17 -30.23 -65.16
N ASN B 123 -15.99 -30.23 -65.78
CA ASN B 123 -14.94 -29.26 -65.50
C ASN B 123 -14.74 -28.34 -66.70
N PHE B 124 -14.11 -27.20 -66.45
CA PHE B 124 -13.78 -26.23 -67.48
C PHE B 124 -12.27 -26.09 -67.59
N THR B 125 -11.81 -25.69 -68.77
CA THR B 125 -10.38 -25.53 -69.04
C THR B 125 -10.13 -24.16 -69.65
N THR B 126 -8.88 -23.71 -69.56
CA THR B 126 -8.50 -22.41 -70.10
C THR B 126 -7.31 -22.49 -71.05
N UNK B 127 -7.24 -21.54 -71.97
CA UNK B 127 -6.12 -21.42 -72.90
C UNK B 127 -5.84 -19.93 -73.13
N SER B 128 -4.58 -19.54 -72.98
CA SER B 128 -4.20 -18.13 -73.07
C SER B 128 -4.41 -17.56 -74.46
N ILE B 129 -4.97 -16.35 -74.51
CA ILE B 129 -5.12 -15.60 -75.75
C ILE B 129 -4.05 -14.52 -75.87
N LYS B 130 -3.72 -13.86 -74.76
CA LYS B 130 -2.67 -12.84 -74.73
C LYS B 130 -2.06 -12.83 -73.35
N GLY B 131 -0.74 -13.02 -73.28
CA GLY B 131 -0.04 -13.02 -72.01
C GLY B 131 0.87 -14.22 -71.82
N UNK B 132 1.48 -14.30 -70.64
CA UNK B 132 2.40 -15.39 -70.33
C UNK B 132 1.64 -16.65 -69.93
N UNK B 133 1.16 -16.68 -68.69
CA UNK B 133 0.45 -17.84 -68.17
C UNK B 133 -0.88 -18.04 -68.86
N UNK B 134 -1.48 -19.22 -68.68
CA UNK B 134 -2.77 -19.52 -69.29
C UNK B 134 -3.81 -19.79 -68.23
N UNK B 135 -3.46 -19.53 -66.97
CA UNK B 135 -4.37 -19.76 -65.86
C UNK B 135 -4.32 -18.59 -64.87
N VAL B 136 -3.40 -17.67 -65.09
CA VAL B 136 -3.24 -16.52 -64.18
C VAL B 136 -3.20 -15.21 -64.97
N LEU B 137 -4.01 -14.24 -64.54
CA LEU B 137 -3.99 -12.90 -65.10
C LEU B 137 -3.09 -12.01 -64.25
N VAL B 138 -1.99 -11.54 -64.83
CA VAL B 138 -1.02 -10.73 -64.10
C VAL B 138 -1.21 -9.25 -64.36
N ASP B 139 -1.47 -8.88 -65.62
CA ASP B 139 -1.65 -7.48 -66.01
C ASP B 139 -3.04 -7.27 -66.60
N GLN B 140 -3.35 -6.00 -66.87
CA GLN B 140 -4.65 -5.65 -67.42
C GLN B 140 -4.74 -5.84 -68.92
N SER B 141 -3.63 -6.14 -69.59
CA SER B 141 -3.64 -6.39 -71.03
C SER B 141 -3.74 -7.87 -71.37
N ASP B 142 -3.86 -8.74 -70.37
CA ASP B 142 -3.92 -10.17 -70.59
C ASP B 142 -5.35 -10.64 -70.82
N ARG B 143 -5.51 -11.56 -71.76
CA ARG B 143 -6.81 -12.15 -72.07
C ARG B 143 -6.66 -13.67 -72.02
N ILE B 144 -7.31 -14.30 -71.05
CA ILE B 144 -7.38 -15.76 -70.96
C ILE B 144 -8.79 -16.18 -71.32
N LYS B 145 -8.90 -17.28 -72.06
CA LYS B 145 -10.20 -17.78 -72.49
C LYS B 145 -10.52 -19.00 -71.63
N VAL B 146 -11.68 -18.97 -70.99
CA VAL B 146 -12.18 -20.13 -70.24
C VAL B 146 -13.08 -20.94 -71.17
N ILE B 147 -12.85 -22.24 -71.22
CA ILE B 147 -13.51 -23.12 -72.18
C ILE B 147 -14.31 -24.17 -71.43
N MET B 148 -15.61 -24.23 -71.70
CA MET B 148 -16.48 -25.25 -71.13
C MET B 148 -17.21 -25.99 -72.26
N TYR B 149 -17.31 -27.30 -72.12
CA TYR B 149 -17.98 -28.16 -73.09
C TYR B 149 -19.46 -28.22 -72.76
N ALA B 150 -20.27 -27.53 -73.55
CA ALA B 150 -21.71 -27.49 -73.32
C ALA B 150 -22.36 -28.86 -73.50
N UNK B 151 -21.90 -29.61 -74.49
CA UNK B 151 -22.46 -30.91 -74.79
C UNK B 151 -22.10 -31.95 -73.73
N UNK B 152 -21.11 -31.62 -72.91
CA UNK B 152 -20.66 -32.53 -71.86
C UNK B 152 -21.19 -32.12 -70.50
N VAL B 153 -21.29 -30.82 -70.26
CA VAL B 153 -21.83 -30.31 -69.01
C VAL B 153 -23.31 -30.69 -68.90
N UNK B 154 -24.07 -30.37 -69.94
CA UNK B 154 -25.48 -30.71 -69.99
C UNK B 154 -25.82 -31.35 -71.33
N UNK B 155 -26.00 -30.52 -72.34
CA UNK B 155 -26.29 -30.99 -73.69
C UNK B 155 -26.01 -29.89 -74.70
N UNK B 156 -26.25 -30.18 -75.98
CA UNK B 156 -26.05 -29.20 -77.03
C UNK B 156 -27.06 -28.06 -76.89
N LEU B 157 -26.57 -26.82 -76.96
CA LEU B 157 -27.41 -25.65 -76.80
C LEU B 157 -28.11 -25.29 -78.11
N UNK B 158 -29.40 -25.57 -78.18
CA UNK B 158 -30.19 -25.27 -79.37
C UNK B 158 -30.48 -23.78 -79.47
N UNK B 159 -31.17 -23.39 -80.55
CA UNK B 159 -31.50 -21.99 -80.77
C UNK B 159 -32.47 -21.48 -79.72
N GLY B 160 -31.95 -20.65 -78.81
CA GLY B 160 -32.77 -20.10 -77.73
C GLY B 160 -32.47 -20.74 -76.39
N UNK B 161 -31.49 -20.20 -75.68
CA UNK B 161 -31.10 -20.71 -74.37
C UNK B 161 -30.44 -19.62 -73.54
N GLU B 162 -30.90 -19.44 -72.31
CA GLU B 162 -30.36 -18.41 -71.43
C GLU B 162 -29.52 -19.02 -70.32
N VAL B 163 -28.29 -19.41 -70.65
CA VAL B 163 -27.37 -19.96 -69.65
C VAL B 163 -26.76 -18.82 -68.85
N GLN B 164 -26.88 -18.90 -67.53
CA GLN B 164 -26.33 -17.89 -66.63
C GLN B 164 -25.07 -18.45 -65.97
N LEU B 165 -23.96 -17.73 -66.09
CA LEU B 165 -22.69 -18.14 -65.53
C LEU B 165 -22.18 -17.08 -64.57
N THR B 166 -21.64 -17.52 -63.44
CA THR B 166 -21.05 -16.63 -62.45
C THR B 166 -19.61 -17.10 -62.19
N VAL B 167 -18.65 -16.33 -62.68
CA VAL B 167 -17.24 -16.66 -62.52
C VAL B 167 -16.78 -16.20 -61.14
N THR B 168 -16.84 -17.09 -60.16
CA THR B 168 -16.51 -16.75 -58.78
C THR B 168 -15.01 -16.89 -58.58
N THR B 169 -14.35 -15.78 -58.25
CA THR B 169 -12.93 -15.79 -57.97
C THR B 169 -12.69 -16.43 -56.59
N GLN B 170 -11.41 -16.65 -56.28
CA GLN B 170 -11.06 -17.25 -55.00
C GLN B 170 -11.50 -16.38 -53.83
N TYR B 171 -11.35 -15.06 -53.95
CA TYR B 171 -11.71 -14.14 -52.89
C TYR B 171 -13.21 -13.97 -52.74
N GLY B 172 -14.02 -14.54 -53.64
CA GLY B 172 -15.46 -14.44 -53.55
C GLY B 172 -16.09 -13.42 -54.49
N SER B 173 -15.29 -12.65 -55.22
CA SER B 173 -15.84 -11.67 -56.15
C SER B 173 -16.53 -12.39 -57.30
N LYS B 174 -17.80 -12.07 -57.52
CA LYS B 174 -18.63 -12.77 -58.49
C LYS B 174 -18.87 -11.89 -59.71
N THR B 175 -18.68 -12.46 -60.89
CA THR B 175 -19.00 -11.80 -62.16
C THR B 175 -20.01 -12.67 -62.90
N THR B 176 -21.22 -12.14 -63.07
CA THR B 176 -22.29 -12.86 -63.75
C THR B 176 -22.35 -12.48 -65.22
N TYR B 177 -22.66 -13.47 -66.06
CA TYR B 177 -22.82 -13.24 -67.49
C TYR B 177 -24.01 -14.07 -67.96
N TRP B 178 -24.95 -13.42 -68.64
CA TRP B 178 -26.14 -14.09 -69.18
C TRP B 178 -25.87 -14.40 -70.65
N ALA B 179 -25.40 -15.61 -70.94
CA ALA B 179 -25.13 -16.03 -72.30
C ALA B 179 -26.44 -16.45 -72.96
N GLN B 180 -26.94 -15.63 -73.88
CA GLN B 180 -28.21 -15.88 -74.55
C GLN B 180 -27.96 -16.33 -75.98
N VAL B 181 -28.54 -17.46 -76.35
CA VAL B 181 -28.41 -17.97 -77.72
C VAL B 181 -29.43 -17.29 -78.61
N PRO B 182 -29.05 -16.80 -79.79
CA PRO B 182 -30.01 -16.13 -80.65
C PRO B 182 -31.13 -17.04 -81.12
N GLU B 183 -32.23 -16.43 -81.55
CA GLU B 183 -33.39 -17.19 -81.98
C GLU B 183 -33.09 -18.03 -83.22
N SER B 184 -32.32 -17.48 -84.16
CA SER B 184 -32.00 -18.16 -85.41
C SER B 184 -30.52 -18.50 -85.45
N LEU B 185 -30.22 -19.78 -85.70
CA LEU B 185 -28.85 -20.29 -85.79
C LEU B 185 -28.64 -20.98 -87.14
N LYS B 186 -29.06 -20.33 -88.21
CA LYS B 186 -28.97 -20.90 -89.55
C LYS B 186 -27.80 -20.27 -90.30
N ASP B 187 -26.98 -21.12 -90.92
CA ASP B 187 -25.81 -20.69 -91.70
C ASP B 187 -24.86 -19.83 -90.85
N LYS B 188 -24.62 -20.26 -89.62
CA LYS B 188 -23.71 -19.55 -88.72
C LYS B 188 -22.81 -20.58 -88.04
N ASN B 189 -21.54 -20.62 -88.45
CA ASN B 189 -20.60 -21.57 -87.85
C ASN B 189 -20.27 -21.17 -86.41
N ALA B 190 -20.20 -19.88 -86.13
CA ALA B 190 -19.91 -19.39 -84.80
C ALA B 190 -20.72 -18.12 -84.55
N VAL B 191 -21.17 -17.95 -83.31
CA VAL B 191 -22.02 -16.82 -82.96
C VAL B 191 -21.69 -16.31 -81.56
N UNK B 192 -21.54 -14.99 -81.44
CA UNK B 192 -21.30 -14.37 -80.15
C UNK B 192 -22.55 -14.44 -79.28
N LEU B 193 -22.51 -15.28 -78.25
CA LEU B 193 -23.64 -15.43 -77.34
C LEU B 193 -23.77 -14.21 -76.42
N GLN C 13 16.16 -9.70 25.70
CA GLN C 13 14.80 -10.22 25.55
C GLN C 13 14.06 -9.52 24.41
N VAL C 14 14.21 -8.19 24.34
CA VAL C 14 13.57 -7.44 23.27
C VAL C 14 14.14 -7.86 21.91
N GLY C 15 15.43 -8.14 21.86
CA GLY C 15 16.02 -8.66 20.63
C GLY C 15 15.44 -10.01 20.26
N ILE C 16 15.22 -10.88 21.23
CA ILE C 16 14.59 -12.17 20.97
C ILE C 16 13.14 -11.97 20.53
N GLY C 17 12.45 -10.99 21.13
CA GLY C 17 11.05 -10.78 20.80
C GLY C 17 10.84 -10.36 19.35
N THR C 18 11.67 -9.45 18.86
CA THR C 18 11.48 -8.95 17.50
C THR C 18 11.85 -9.99 16.46
N LEU C 19 12.73 -10.93 16.80
CA LEU C 19 13.14 -11.96 15.84
C LEU C 19 11.96 -12.84 15.44
N ILE C 20 11.13 -13.24 16.40
CA ILE C 20 9.98 -14.08 16.09
C ILE C 20 8.97 -13.32 15.25
N VAL C 21 8.71 -12.06 15.60
CA VAL C 21 7.77 -11.24 14.83
C VAL C 21 8.32 -10.96 13.44
N PHE C 22 9.65 -10.80 13.32
CA PHE C 22 10.25 -10.59 12.01
C PHE C 22 9.98 -11.77 11.09
N ILE C 23 9.97 -12.98 11.64
CA ILE C 23 9.58 -14.16 10.88
C ILE C 23 8.12 -14.06 10.45
N ALA C 24 7.25 -13.63 11.36
CA ALA C 24 5.82 -13.59 11.06
C ALA C 24 5.52 -12.64 9.91
N MET C 25 6.10 -11.45 9.93
CA MET C 25 5.89 -10.50 8.84
C MET C 25 6.46 -11.02 7.54
N VAL C 26 7.53 -11.80 7.61
CA VAL C 26 8.09 -12.45 6.41
C VAL C 26 7.09 -13.43 5.83
N LEU C 27 6.47 -14.25 6.69
CA LEU C 27 5.52 -15.23 6.21
C LEU C 27 4.22 -14.58 5.74
N VAL C 28 3.75 -13.57 6.46
CA VAL C 28 2.49 -12.91 6.10
C VAL C 28 2.60 -12.26 4.73
N ALA C 29 3.71 -11.54 4.48
CA ALA C 29 3.89 -10.92 3.18
C ALA C 29 4.02 -11.95 2.07
N ALA C 30 4.53 -13.14 2.40
CA ALA C 30 4.57 -14.22 1.42
C ALA C 30 3.16 -14.68 1.05
N ILE C 31 2.26 -14.76 2.04
CA ILE C 31 0.88 -15.14 1.76
C ILE C 31 0.20 -14.09 0.88
N ALA C 32 0.41 -12.81 1.21
CA ALA C 32 -0.18 -11.75 0.40
C ALA C 32 0.41 -11.75 -1.01
N ALA C 33 1.71 -12.01 -1.13
CA ALA C 33 2.33 -12.11 -2.44
C ALA C 33 1.73 -13.27 -3.24
N GLY C 34 1.49 -14.40 -2.58
CA GLY C 34 0.93 -15.55 -3.28
C GLY C 34 -0.46 -15.25 -3.84
N VAL C 35 -1.31 -14.60 -3.05
CA VAL C 35 -2.67 -14.30 -3.50
C VAL C 35 -2.63 -13.35 -4.69
N LEU C 36 -1.80 -12.31 -4.62
CA LEU C 36 -1.74 -11.33 -5.70
C LEU C 36 -1.27 -11.97 -7.01
N ILE C 37 -0.28 -12.85 -6.94
CA ILE C 37 0.27 -13.44 -8.15
C ILE C 37 -0.64 -14.54 -8.69
N ASN C 38 -1.12 -15.43 -7.81
CA ASN C 38 -1.96 -16.53 -8.27
C ASN C 38 -3.29 -16.02 -8.84
N THR C 39 -3.88 -15.01 -8.21
CA THR C 39 -5.11 -14.44 -8.75
C THR C 39 -4.85 -13.78 -10.09
N ALA C 40 -3.71 -13.10 -10.24
CA ALA C 40 -3.33 -12.56 -11.54
C ALA C 40 -3.07 -13.68 -12.54
N GLY C 41 -2.62 -14.84 -12.06
CA GLY C 41 -2.43 -15.98 -12.95
C GLY C 41 -3.73 -16.48 -13.54
N TYR C 42 -4.77 -16.60 -12.72
CA TYR C 42 -6.07 -17.04 -13.21
C TYR C 42 -6.64 -16.03 -14.20
N LEU C 43 -6.52 -14.73 -13.89
CA LEU C 43 -7.01 -13.70 -14.80
C LEU C 43 -6.20 -13.66 -16.08
N GLN C 44 -4.93 -14.06 -16.01
CA GLN C 44 -4.11 -14.13 -17.22
C GLN C 44 -4.68 -15.15 -18.21
N SER C 45 -5.03 -16.34 -17.72
CA SER C 45 -5.60 -17.36 -18.59
C SER C 45 -7.02 -17.01 -18.99
N LYS C 46 -7.81 -16.47 -18.05
CA LYS C 46 -9.18 -16.09 -18.36
C LYS C 46 -9.22 -14.93 -19.35
N GLY C 47 -8.35 -13.94 -19.16
CA GLY C 47 -8.30 -12.82 -20.08
C GLY C 47 -7.79 -13.20 -21.46
N SER C 48 -6.78 -14.08 -21.51
CA SER C 48 -6.23 -14.51 -22.78
C SER C 48 -7.27 -15.26 -23.61
N ALA C 49 -8.06 -16.12 -22.96
CA ALA C 49 -9.10 -16.87 -23.68
C ALA C 49 -10.16 -15.94 -24.24
N THR C 50 -10.56 -14.94 -23.47
CA THR C 50 -11.66 -14.07 -23.88
C THR C 50 -11.35 -13.34 -25.19
N GLY C 51 -10.11 -12.87 -25.34
CA GLY C 51 -9.74 -12.16 -26.56
C GLY C 51 -9.91 -13.02 -27.81
N GLU C 52 -9.46 -14.28 -27.74
CA GLU C 52 -9.47 -15.13 -28.92
C GLU C 52 -10.89 -15.49 -29.36
N GLU C 53 -11.75 -15.89 -28.43
CA GLU C 53 -13.12 -16.24 -28.81
C GLU C 53 -13.91 -15.00 -29.25
N ALA C 54 -13.64 -13.86 -28.63
CA ALA C 54 -14.31 -12.63 -29.06
C ALA C 54 -13.95 -12.28 -30.50
N SER C 55 -12.66 -12.38 -30.84
CA SER C 55 -12.24 -12.18 -32.22
C SER C 55 -12.83 -13.26 -33.13
N ALA C 56 -12.90 -14.50 -32.64
CA ALA C 56 -13.46 -15.58 -33.44
C ALA C 56 -14.92 -15.34 -33.75
N GLN C 57 -15.67 -14.79 -32.79
CA GLN C 57 -17.09 -14.52 -33.00
C GLN C 57 -17.29 -13.48 -34.11
N VAL C 58 -16.38 -12.51 -34.21
CA VAL C 58 -16.54 -11.44 -35.19
C VAL C 58 -15.97 -11.81 -36.55
N SER C 59 -14.85 -12.53 -36.60
CA SER C 59 -14.15 -12.78 -37.86
C SER C 59 -14.56 -14.08 -38.53
N ASN C 60 -14.70 -15.16 -37.76
CA ASN C 60 -14.99 -16.48 -38.32
C ASN C 60 -16.46 -16.55 -38.73
N ARG C 61 -16.74 -16.06 -39.93
CA ARG C 61 -18.09 -16.04 -40.47
C ARG C 61 -18.16 -16.79 -41.80
N ILE C 62 -19.37 -17.15 -42.18
CA ILE C 62 -19.65 -17.87 -43.42
C ILE C 62 -20.32 -16.92 -44.41
N ASN C 63 -19.89 -16.98 -45.66
CA ASN C 63 -20.45 -16.16 -46.73
C ASN C 63 -21.09 -17.07 -47.77
N ILE C 64 -22.33 -16.76 -48.14
CA ILE C 64 -23.09 -17.56 -49.10
C ILE C 64 -22.84 -17.02 -50.50
N VAL C 65 -22.25 -17.86 -51.36
CA VAL C 65 -21.96 -17.43 -52.73
C VAL C 65 -23.25 -17.28 -53.52
N SER C 66 -24.11 -18.31 -53.50
CA SER C 66 -25.31 -18.32 -54.32
C SER C 66 -26.22 -19.44 -53.82
N ALA C 67 -27.43 -19.46 -54.36
CA ALA C 67 -28.42 -20.48 -54.03
C ALA C 67 -29.08 -20.99 -55.30
N TYR C 68 -29.52 -22.24 -55.25
CA TYR C 68 -30.21 -22.87 -56.36
C TYR C 68 -30.88 -24.14 -55.83
N GLY C 69 -31.75 -24.73 -56.64
CA GLY C 69 -32.45 -25.92 -56.21
C GLY C 69 -33.14 -26.62 -57.34
N ASN C 70 -33.36 -27.92 -57.15
CA ASN C 70 -34.08 -28.74 -58.11
C ASN C 70 -35.58 -28.46 -58.02
N VAL C 71 -36.25 -28.57 -59.17
CA VAL C 71 -37.70 -28.40 -59.23
C VAL C 71 -38.37 -29.69 -59.73
N UNK C 72 -39.10 -30.35 -58.83
CA UNK C 72 -39.88 -31.53 -59.20
C UNK C 72 -41.32 -31.12 -59.46
N UNK C 73 -41.92 -31.66 -60.52
CA UNK C 73 -43.27 -31.31 -60.93
C UNK C 73 -43.43 -29.80 -61.13
N UNK C 74 -43.61 -29.06 -60.04
CA UNK C 74 -43.75 -27.62 -60.09
C UNK C 74 -43.49 -27.00 -58.73
N UNK C 75 -42.63 -27.65 -57.95
CA UNK C 75 -42.30 -27.17 -56.61
C UNK C 75 -40.83 -27.46 -56.30
N VAL C 76 -40.16 -26.49 -55.67
CA VAL C 76 -38.75 -26.63 -55.32
C VAL C 76 -38.58 -27.65 -54.20
N ASP C 77 -37.91 -28.76 -54.51
CA ASP C 77 -37.75 -29.84 -53.55
C ASP C 77 -36.40 -29.81 -52.83
N TYR C 78 -35.41 -29.09 -53.38
CA TYR C 78 -34.10 -29.01 -52.76
C TYR C 78 -33.66 -27.56 -52.68
N VAL C 79 -32.98 -27.21 -51.60
CA VAL C 79 -32.39 -25.88 -51.41
C VAL C 79 -30.89 -26.08 -51.25
N ASN C 80 -30.13 -25.59 -52.23
CA ASN C 80 -28.69 -25.79 -52.28
C ASN C 80 -28.00 -24.44 -52.05
N LEU C 81 -27.04 -24.41 -51.13
CA LEU C 81 -26.31 -23.20 -50.79
C LEU C 81 -24.81 -23.44 -50.91
N THR C 82 -24.12 -22.54 -51.59
CA THR C 82 -22.66 -22.57 -51.67
C THR C 82 -22.09 -21.55 -50.69
N VAL C 83 -21.13 -22.00 -49.88
CA VAL C 83 -20.62 -21.19 -48.78
C VAL C 83 -19.10 -21.04 -48.91
N ARG C 84 -18.58 -20.01 -48.26
CA ARG C 84 -17.15 -19.74 -48.23
C ARG C 84 -16.81 -19.01 -46.94
N GLN C 85 -15.52 -19.00 -46.62
CA GLN C 85 -15.05 -18.26 -45.45
C GLN C 85 -15.16 -16.76 -45.68
N ALA C 86 -15.35 -16.03 -44.59
CA ALA C 86 -15.30 -14.58 -44.64
C ALA C 86 -13.85 -14.10 -44.67
N ALA C 87 -13.68 -12.80 -44.85
CA ALA C 87 -12.34 -12.23 -44.91
C ALA C 87 -11.65 -12.37 -43.55
N GLY C 88 -10.51 -13.06 -43.54
CA GLY C 88 -9.76 -13.26 -42.32
C GLY C 88 -10.27 -14.38 -41.43
N ALA C 89 -11.31 -15.09 -41.84
CA ALA C 89 -11.88 -16.15 -41.00
C ALA C 89 -10.94 -17.34 -40.92
N ASP C 90 -10.95 -18.00 -39.77
CA ASP C 90 -10.17 -19.20 -39.55
C ASP C 90 -10.98 -20.40 -40.02
N ASN C 91 -10.54 -21.61 -39.67
CA ASN C 91 -11.25 -22.82 -40.06
C ASN C 91 -12.68 -22.81 -39.53
N ILE C 92 -13.63 -23.12 -40.40
CA ILE C 92 -15.05 -23.14 -40.04
C ILE C 92 -15.54 -24.56 -40.26
N ASN C 93 -15.92 -25.22 -39.18
CA ASN C 93 -16.46 -26.58 -39.24
C ASN C 93 -17.97 -26.51 -39.45
N LEU C 94 -18.44 -27.04 -40.58
CA LEU C 94 -19.85 -26.98 -40.92
C LEU C 94 -20.63 -28.10 -40.23
N UNK C 95 -19.96 -28.83 -39.35
CA UNK C 95 -20.61 -29.88 -38.58
C UNK C 95 -21.09 -29.33 -37.26
N LYS C 96 -20.36 -28.37 -36.72
CA LYS C 96 -20.70 -27.77 -35.43
C LYS C 96 -21.45 -26.46 -35.65
N SER C 97 -22.20 -26.38 -36.72
CA SER C 97 -22.98 -25.21 -37.07
C SER C 97 -24.45 -25.56 -37.21
N THR C 98 -25.30 -24.54 -37.10
CA THR C 98 -26.74 -24.73 -37.19
C THR C 98 -27.33 -23.71 -38.14
N ILE C 99 -28.43 -24.08 -38.79
CA ILE C 99 -29.12 -23.25 -39.75
C ILE C 99 -30.57 -23.12 -39.31
N GLN C 100 -31.06 -21.89 -39.22
CA GLN C 100 -32.41 -21.63 -38.73
C GLN C 100 -33.33 -21.41 -39.93
N TRP C 101 -34.43 -22.16 -39.97
CA TRP C 101 -35.34 -22.24 -41.12
C TRP C 101 -36.67 -21.61 -40.75
N ILE C 102 -36.84 -20.34 -41.15
CA ILE C 102 -38.14 -19.66 -41.03
C ILE C 102 -38.85 -19.86 -42.37
N GLY C 103 -39.56 -20.98 -42.49
CA GLY C 103 -40.27 -21.31 -43.71
C GLY C 103 -41.69 -20.79 -43.71
N PRO C 104 -42.39 -20.96 -44.83
CA PRO C 104 -43.78 -20.51 -44.90
C PRO C 104 -44.71 -21.30 -43.99
N ASP C 105 -44.32 -22.49 -43.56
CA ASP C 105 -45.17 -23.33 -42.72
C ASP C 105 -44.60 -23.52 -41.33
N UNK C 106 -43.31 -23.85 -41.25
CA UNK C 106 -42.68 -24.17 -39.98
C UNK C 106 -41.43 -23.35 -39.71
N ALA C 107 -41.06 -23.28 -38.44
CA ALA C 107 -39.84 -22.61 -38.01
C ALA C 107 -38.99 -23.59 -37.20
N THR C 108 -37.74 -23.81 -37.62
CA THR C 108 -36.90 -24.79 -36.96
C THR C 108 -35.44 -24.41 -37.13
N THR C 109 -34.61 -24.99 -36.27
CA THR C 109 -33.15 -24.87 -36.33
C THR C 109 -32.58 -26.22 -36.76
N LEU C 110 -31.74 -26.20 -37.79
CA LEU C 110 -31.23 -27.43 -38.38
C LEU C 110 -29.84 -27.78 -37.84
N THR C 111 -29.51 -29.06 -37.94
CA THR C 111 -28.20 -29.58 -37.52
C THR C 111 -27.63 -30.41 -38.67
N TYR C 112 -26.39 -30.87 -38.51
CA TYR C 112 -25.74 -31.65 -39.58
C TYR C 112 -26.03 -33.13 -39.39
N UNK C 113 -26.52 -33.77 -40.46
CA UNK C 113 -26.67 -35.22 -40.50
C UNK C 113 -26.16 -35.76 -41.82
N UNK C 114 -25.20 -36.68 -41.76
CA UNK C 114 -24.58 -37.23 -42.95
C UNK C 114 -25.57 -38.04 -43.79
N UNK C 115 -26.03 -37.45 -44.89
CA UNK C 115 -26.97 -38.09 -45.80
C UNK C 115 -28.24 -38.57 -45.07
N UNK C 120 -31.39 -34.27 -45.62
CA UNK C 120 -31.81 -35.37 -44.75
C UNK C 120 -33.25 -35.16 -44.26
N UNK C 121 -33.49 -35.50 -43.00
CA UNK C 121 -34.82 -35.36 -42.42
C UNK C 121 -35.06 -33.93 -41.94
N GLU C 122 -34.86 -33.71 -40.65
CA GLU C 122 -35.01 -32.37 -40.06
C GLU C 122 -33.63 -31.74 -39.90
N ASN C 123 -32.70 -32.18 -40.74
CA ASN C 123 -31.30 -31.76 -40.67
C ASN C 123 -30.85 -31.29 -42.04
N PHE C 124 -29.56 -30.99 -42.16
CA PHE C 124 -28.94 -30.61 -43.42
C PHE C 124 -27.64 -31.40 -43.59
N THR C 125 -27.18 -31.49 -44.84
CA THR C 125 -25.94 -32.17 -45.16
C THR C 125 -25.07 -31.28 -46.02
N THR C 126 -23.75 -31.42 -45.87
CA THR C 126 -22.80 -30.58 -46.59
C THR C 126 -21.92 -31.40 -47.53
N UNK C 127 -22.10 -31.20 -48.84
CA UNK C 127 -21.28 -31.87 -49.83
C UNK C 127 -20.25 -30.88 -50.40
N SER C 128 -19.03 -31.35 -50.61
CA SER C 128 -17.94 -30.50 -51.06
C SER C 128 -18.06 -30.15 -52.54
N ILE C 129 -17.55 -28.97 -52.91
CA ILE C 129 -17.53 -28.51 -54.29
C ILE C 129 -16.10 -28.33 -54.79
N LYS C 130 -15.26 -27.62 -54.03
CA LYS C 130 -13.86 -27.42 -54.37
C LYS C 130 -13.04 -27.47 -53.09
N GLY C 131 -12.54 -28.66 -52.76
CA GLY C 131 -11.72 -28.82 -51.57
C GLY C 131 -11.56 -30.25 -51.08
N UNK C 132 -10.68 -30.44 -50.11
CA UNK C 132 -10.43 -31.76 -49.54
C UNK C 132 -11.55 -32.15 -48.58
N UNK C 133 -11.68 -31.39 -47.50
CA UNK C 133 -12.71 -31.64 -46.49
C UNK C 133 -14.09 -31.28 -47.03
N UNK C 134 -15.08 -32.08 -46.68
CA UNK C 134 -16.45 -31.85 -47.15
C UNK C 134 -17.33 -31.29 -46.05
N UNK C 135 -16.76 -31.12 -44.86
CA UNK C 135 -17.50 -30.61 -43.72
C UNK C 135 -16.76 -29.46 -43.05
N VAL C 136 -15.52 -29.21 -43.48
CA VAL C 136 -14.71 -28.15 -42.89
C VAL C 136 -14.11 -27.28 -43.98
N LEU C 137 -14.18 -25.96 -43.80
CA LEU C 137 -13.52 -25.02 -44.69
C LEU C 137 -12.16 -24.65 -44.12
N VAL C 138 -11.12 -24.77 -44.94
CA VAL C 138 -9.74 -24.52 -44.51
C VAL C 138 -9.19 -23.26 -45.15
N ASP C 139 -9.16 -23.20 -46.48
CA ASP C 139 -8.62 -22.06 -47.20
C ASP C 139 -9.76 -21.18 -47.72
N GLN C 140 -9.36 -20.05 -48.32
CA GLN C 140 -10.35 -19.12 -48.86
C GLN C 140 -11.00 -19.63 -50.14
N SER C 141 -10.38 -20.60 -50.81
CA SER C 141 -10.89 -21.12 -52.07
C SER C 141 -11.84 -22.29 -51.90
N ASP C 142 -12.02 -22.82 -50.68
CA ASP C 142 -12.93 -23.92 -50.46
C ASP C 142 -14.37 -23.48 -50.65
N ARG C 143 -15.16 -24.33 -51.31
CA ARG C 143 -16.58 -24.12 -51.50
C ARG C 143 -17.31 -25.39 -51.12
N ILE C 144 -18.31 -25.26 -50.25
CA ILE C 144 -19.08 -26.40 -49.75
C ILE C 144 -20.55 -26.15 -50.06
N LYS C 145 -21.23 -27.18 -50.56
CA LYS C 145 -22.64 -27.09 -50.92
C LYS C 145 -23.48 -27.65 -49.79
N VAL C 146 -24.36 -26.82 -49.24
CA VAL C 146 -25.23 -27.21 -48.13
C VAL C 146 -26.59 -27.60 -48.70
N ILE C 147 -27.03 -28.81 -48.38
CA ILE C 147 -28.28 -29.36 -48.90
C ILE C 147 -29.36 -29.27 -47.82
N MET C 148 -30.60 -29.05 -48.26
CA MET C 148 -31.76 -29.05 -47.38
C MET C 148 -32.93 -29.69 -48.10
N TYR C 149 -33.51 -30.72 -47.48
CA TYR C 149 -34.59 -31.50 -48.09
C TYR C 149 -35.91 -30.78 -47.83
N ALA C 150 -36.28 -29.88 -48.74
CA ALA C 150 -37.49 -29.07 -48.61
C ALA C 150 -38.74 -29.93 -48.46
N UNK C 151 -38.69 -31.16 -48.96
CA UNK C 151 -39.81 -32.08 -48.82
C UNK C 151 -39.91 -32.60 -47.39
N UNK C 152 -38.79 -32.52 -46.67
CA UNK C 152 -38.71 -33.03 -45.30
C UNK C 152 -38.91 -31.91 -44.29
N VAL C 153 -38.17 -30.81 -44.45
CA VAL C 153 -38.37 -29.65 -43.59
C VAL C 153 -39.62 -28.92 -44.07
N UNK C 154 -40.64 -28.89 -43.21
CA UNK C 154 -41.96 -28.38 -43.57
C UNK C 154 -42.47 -29.11 -44.82
N UNK C 155 -43.07 -28.36 -45.73
CA UNK C 155 -43.53 -28.94 -46.99
C UNK C 155 -42.68 -28.44 -48.14
N UNK C 156 -42.87 -29.03 -49.33
CA UNK C 156 -42.13 -28.62 -50.52
C UNK C 156 -42.50 -27.19 -50.91
N LEU C 157 -41.49 -26.34 -51.06
CA LEU C 157 -41.69 -24.93 -51.35
C LEU C 157 -42.32 -24.72 -52.74
N UNK C 158 -43.29 -23.82 -52.82
CA UNK C 158 -43.95 -23.55 -54.09
C UNK C 158 -43.54 -22.18 -54.62
N UNK C 159 -44.29 -21.70 -55.60
CA UNK C 159 -43.97 -20.43 -56.27
C UNK C 159 -44.22 -19.23 -55.35
N GLY C 160 -43.17 -18.44 -55.15
CA GLY C 160 -43.26 -17.23 -54.35
C GLY C 160 -42.89 -17.41 -52.88
N UNK C 161 -42.66 -18.65 -52.49
CA UNK C 161 -42.32 -18.97 -51.11
C UNK C 161 -40.99 -18.34 -50.71
N GLU C 162 -40.89 -17.92 -49.46
CA GLU C 162 -39.67 -17.30 -48.94
C GLU C 162 -39.23 -17.95 -47.63
N VAL C 163 -37.94 -18.25 -47.54
CA VAL C 163 -37.35 -18.84 -46.35
C VAL C 163 -36.20 -17.94 -45.89
N GLN C 164 -36.22 -17.57 -44.61
CA GLN C 164 -35.17 -16.77 -44.01
C GLN C 164 -34.19 -17.70 -43.33
N LEU C 165 -33.05 -17.94 -43.98
CA LEU C 165 -32.01 -18.81 -43.46
C LEU C 165 -30.93 -17.98 -42.79
N THR C 166 -30.56 -18.35 -41.57
CA THR C 166 -29.42 -17.76 -40.89
C THR C 166 -28.47 -18.91 -40.54
N VAL C 167 -27.25 -18.85 -41.09
CA VAL C 167 -26.24 -19.88 -40.85
C VAL C 167 -25.36 -19.49 -39.68
N THR C 168 -25.73 -19.93 -38.48
CA THR C 168 -25.00 -19.57 -37.28
C THR C 168 -23.79 -20.49 -37.13
N THR C 169 -22.61 -19.91 -37.11
CA THR C 169 -21.38 -20.66 -36.89
C THR C 169 -21.28 -21.07 -35.42
N GLN C 170 -20.36 -21.99 -35.13
CA GLN C 170 -20.16 -22.44 -33.75
C GLN C 170 -19.84 -21.27 -32.82
N TYR C 171 -19.05 -20.32 -33.31
CA TYR C 171 -18.57 -19.23 -32.46
C TYR C 171 -19.57 -18.09 -32.33
N GLY C 172 -20.78 -18.23 -32.89
CA GLY C 172 -21.82 -17.24 -32.74
C GLY C 172 -22.03 -16.35 -33.94
N SER C 173 -21.13 -16.39 -34.92
CA SER C 173 -21.28 -15.56 -36.12
C SER C 173 -22.53 -15.97 -36.89
N LYS C 174 -23.34 -14.98 -37.24
CA LYS C 174 -24.61 -15.21 -37.92
C LYS C 174 -24.60 -14.57 -39.29
N THR C 175 -24.89 -15.37 -40.31
CA THR C 175 -25.06 -14.89 -41.68
C THR C 175 -26.46 -15.24 -42.16
N THR C 176 -27.18 -14.23 -42.64
CA THR C 176 -28.57 -14.41 -43.06
C THR C 176 -28.67 -14.39 -44.57
N TYR C 177 -29.63 -15.17 -45.08
CA TYR C 177 -29.89 -15.24 -46.52
C TYR C 177 -31.37 -15.45 -46.73
N TRP C 178 -32.03 -14.50 -47.39
CA TRP C 178 -33.45 -14.60 -47.69
C TRP C 178 -33.60 -15.28 -49.05
N ALA C 179 -33.82 -16.60 -49.02
CA ALA C 179 -33.96 -17.37 -50.25
C ALA C 179 -35.41 -17.29 -50.71
N GLN C 180 -35.64 -16.58 -51.82
CA GLN C 180 -36.98 -16.36 -52.35
C GLN C 180 -37.15 -17.20 -53.61
N VAL C 181 -38.16 -18.08 -53.60
CA VAL C 181 -38.48 -18.85 -54.79
C VAL C 181 -39.06 -17.91 -55.85
N PRO C 182 -38.66 -18.03 -57.12
CA PRO C 182 -39.16 -17.12 -58.15
C PRO C 182 -40.69 -17.13 -58.22
N GLU C 183 -41.25 -15.99 -58.64
CA GLU C 183 -42.70 -15.85 -58.71
C GLU C 183 -43.32 -16.88 -59.66
N SER C 184 -42.60 -17.29 -60.70
CA SER C 184 -43.06 -18.25 -61.68
C SER C 184 -42.07 -19.40 -61.78
N LEU C 185 -42.59 -20.63 -61.94
CA LEU C 185 -41.77 -21.82 -62.09
C LEU C 185 -42.14 -22.59 -63.35
N LYS C 186 -42.32 -21.90 -64.46
CA LYS C 186 -42.69 -22.52 -65.73
C LYS C 186 -41.44 -22.84 -66.55
N ASP C 187 -41.30 -24.11 -66.93
CA ASP C 187 -40.17 -24.57 -67.74
C ASP C 187 -38.84 -24.22 -67.08
N LYS C 188 -38.71 -24.54 -65.79
CA LYS C 188 -37.49 -24.27 -65.02
C LYS C 188 -37.19 -25.50 -64.18
N ASN C 189 -36.31 -26.36 -64.69
CA ASN C 189 -35.90 -27.53 -63.92
C ASN C 189 -35.10 -27.10 -62.69
N ALA C 190 -34.25 -26.09 -62.83
CA ALA C 190 -33.48 -25.55 -61.73
C ALA C 190 -33.58 -24.03 -61.74
N VAL C 191 -33.72 -23.44 -60.55
CA VAL C 191 -33.85 -22.01 -60.42
C VAL C 191 -32.84 -21.46 -59.43
N UNK C 192 -32.63 -20.15 -59.48
CA UNK C 192 -31.72 -19.48 -58.56
C UNK C 192 -32.49 -18.88 -57.39
N LEU C 193 -32.59 -19.61 -56.29
CA LEU C 193 -33.27 -19.14 -55.10
C LEU C 193 -32.53 -17.92 -54.54
N GLN D 13 2.15 -7.31 8.42
CA GLN D 13 1.25 -6.17 8.49
C GLN D 13 0.89 -5.65 7.10
N VAL D 14 1.91 -5.28 6.33
CA VAL D 14 1.68 -4.74 4.99
C VAL D 14 1.00 -5.78 4.11
N GLY D 15 1.21 -7.06 4.41
CA GLY D 15 0.48 -8.09 3.69
C GLY D 15 -1.02 -8.03 3.90
N ILE D 16 -1.44 -7.67 5.11
CA ILE D 16 -2.87 -7.51 5.39
C ILE D 16 -3.45 -6.36 4.59
N GLY D 17 -2.72 -5.24 4.51
CA GLY D 17 -3.25 -4.07 3.83
C GLY D 17 -3.49 -4.31 2.35
N THR D 18 -2.51 -4.94 1.68
CA THR D 18 -2.64 -5.13 0.24
C THR D 18 -3.74 -6.13 -0.11
N LEU D 19 -4.06 -7.05 0.80
CA LEU D 19 -5.13 -8.01 0.54
C LEU D 19 -6.48 -7.32 0.44
N ILE D 20 -6.77 -6.42 1.38
CA ILE D 20 -8.08 -5.79 1.42
C ILE D 20 -8.29 -4.87 0.22
N VAL D 21 -7.28 -4.07 -0.12
CA VAL D 21 -7.40 -3.18 -1.27
C VAL D 21 -7.50 -3.98 -2.55
N PHE D 22 -6.86 -5.15 -2.62
CA PHE D 22 -7.00 -6.02 -3.78
C PHE D 22 -8.46 -6.39 -3.99
N ILE D 23 -9.16 -6.74 -2.91
CA ILE D 23 -10.58 -7.04 -3.02
C ILE D 23 -11.34 -5.84 -3.56
N ALA D 24 -10.98 -4.64 -3.12
CA ALA D 24 -11.67 -3.43 -3.56
C ALA D 24 -11.54 -3.23 -5.06
N MET D 25 -10.33 -3.40 -5.61
CA MET D 25 -10.10 -3.02 -7.01
C MET D 25 -10.86 -3.91 -7.98
N VAL D 26 -10.94 -5.22 -7.71
CA VAL D 26 -11.67 -6.10 -8.61
C VAL D 26 -13.15 -5.76 -8.62
N LEU D 27 -13.72 -5.47 -7.45
CA LEU D 27 -15.12 -5.08 -7.39
C LEU D 27 -15.37 -3.79 -8.17
N VAL D 28 -14.45 -2.83 -8.05
CA VAL D 28 -14.57 -1.59 -8.82
C VAL D 28 -14.48 -1.88 -10.30
N ALA D 29 -13.54 -2.72 -10.71
CA ALA D 29 -13.44 -3.13 -12.11
C ALA D 29 -14.68 -3.90 -12.53
N ALA D 30 -15.22 -4.74 -11.64
CA ALA D 30 -16.48 -5.43 -11.93
C ALA D 30 -17.61 -4.43 -12.09
N ILE D 31 -17.65 -3.40 -11.24
CA ILE D 31 -18.65 -2.36 -11.38
C ILE D 31 -18.49 -1.63 -12.70
N ALA D 32 -17.25 -1.25 -13.04
CA ALA D 32 -17.00 -0.56 -14.30
C ALA D 32 -17.34 -1.44 -15.49
N ALA D 33 -17.00 -2.73 -15.41
CA ALA D 33 -17.29 -3.64 -16.51
C ALA D 33 -18.78 -3.75 -16.76
N GLY D 34 -19.58 -3.82 -15.69
CA GLY D 34 -21.01 -3.90 -15.85
C GLY D 34 -21.60 -2.67 -16.51
N VAL D 35 -21.06 -1.49 -16.19
CA VAL D 35 -21.62 -0.25 -16.72
C VAL D 35 -21.49 -0.20 -18.24
N LEU D 36 -20.30 -0.51 -18.75
CA LEU D 36 -20.09 -0.50 -20.20
C LEU D 36 -20.93 -1.55 -20.90
N ILE D 37 -21.02 -2.75 -20.31
CA ILE D 37 -21.71 -3.85 -20.98
C ILE D 37 -23.21 -3.60 -21.01
N ASN D 38 -23.79 -3.18 -19.88
CA ASN D 38 -25.21 -2.89 -19.85
C ASN D 38 -25.57 -1.72 -20.75
N THR D 39 -24.71 -0.69 -20.78
CA THR D 39 -24.92 0.42 -21.70
C THR D 39 -24.86 -0.05 -23.14
N ALA D 40 -23.93 -0.96 -23.45
CA ALA D 40 -23.88 -1.55 -24.78
C ALA D 40 -25.14 -2.36 -25.07
N GLY D 41 -25.67 -3.04 -24.04
CA GLY D 41 -26.91 -3.79 -24.22
C GLY D 41 -28.07 -2.90 -24.58
N TYR D 42 -28.20 -1.74 -23.90
CA TYR D 42 -29.24 -0.79 -24.25
C TYR D 42 -29.03 -0.25 -25.66
N LEU D 43 -27.78 0.08 -25.99
CA LEU D 43 -27.49 0.61 -27.32
C LEU D 43 -27.67 -0.45 -28.40
N GLN D 44 -27.40 -1.72 -28.08
CA GLN D 44 -27.57 -2.79 -29.07
C GLN D 44 -29.03 -2.93 -29.47
N SER D 45 -29.93 -3.01 -28.48
CA SER D 45 -31.35 -3.16 -28.77
C SER D 45 -31.91 -1.91 -29.44
N LYS D 46 -31.51 -0.73 -28.96
CA LYS D 46 -31.92 0.52 -29.59
C LYS D 46 -31.33 0.63 -30.99
N GLY D 47 -30.06 0.26 -31.14
CA GLY D 47 -29.44 0.27 -32.45
C GLY D 47 -30.04 -0.76 -33.40
N SER D 48 -30.34 -1.96 -32.88
CA SER D 48 -30.92 -3.00 -33.72
C SER D 48 -32.30 -2.61 -34.23
N ALA D 49 -33.13 -2.06 -33.35
CA ALA D 49 -34.47 -1.64 -33.77
C ALA D 49 -34.41 -0.48 -34.75
N THR D 50 -33.55 0.51 -34.47
CA THR D 50 -33.56 1.75 -35.24
C THR D 50 -33.34 1.50 -36.72
N GLY D 51 -32.48 0.53 -37.05
CA GLY D 51 -32.32 0.16 -38.46
C GLY D 51 -33.58 -0.38 -39.09
N GLU D 52 -34.39 -1.11 -38.30
CA GLU D 52 -35.51 -1.85 -38.87
C GLU D 52 -36.65 -0.91 -39.29
N GLU D 53 -37.06 0.03 -38.45
CA GLU D 53 -38.11 0.96 -38.87
C GLU D 53 -37.60 1.97 -39.88
N ALA D 54 -36.31 2.34 -39.80
CA ALA D 54 -35.75 3.25 -40.79
C ALA D 54 -35.79 2.64 -42.18
N SER D 55 -35.44 1.36 -42.30
CA SER D 55 -35.60 0.67 -43.57
C SER D 55 -37.06 0.54 -43.95
N ALA D 56 -37.92 0.26 -42.98
CA ALA D 56 -39.34 0.12 -43.27
C ALA D 56 -39.97 1.46 -43.65
N GLN D 57 -39.40 2.56 -43.15
CA GLN D 57 -39.88 3.88 -43.53
C GLN D 57 -39.66 4.13 -45.03
N VAL D 58 -38.54 3.69 -45.56
CA VAL D 58 -38.23 3.91 -46.97
C VAL D 58 -38.77 2.80 -47.87
N SER D 59 -38.90 1.58 -47.36
CA SER D 59 -39.26 0.43 -48.19
C SER D 59 -40.77 0.24 -48.30
N ASN D 60 -41.46 0.13 -47.17
CA ASN D 60 -42.87 -0.22 -47.15
C ASN D 60 -43.68 0.99 -47.58
N ARG D 61 -43.76 1.20 -48.89
CA ARG D 61 -44.43 2.35 -49.48
C ARG D 61 -45.56 1.86 -50.37
N ILE D 62 -46.54 2.75 -50.57
CA ILE D 62 -47.75 2.44 -51.33
C ILE D 62 -47.63 3.08 -52.70
N ASN D 63 -48.13 2.38 -53.72
CA ASN D 63 -48.10 2.88 -55.09
C ASN D 63 -49.51 2.81 -55.66
N ILE D 64 -50.03 3.95 -56.12
CA ILE D 64 -51.37 3.99 -56.68
C ILE D 64 -51.35 3.37 -58.08
N VAL D 65 -52.16 2.33 -58.28
CA VAL D 65 -52.25 1.69 -59.59
C VAL D 65 -53.04 2.57 -60.56
N SER D 66 -54.21 3.05 -60.13
CA SER D 66 -55.11 3.78 -61.00
C SER D 66 -56.14 4.51 -60.15
N ALA D 67 -56.89 5.40 -60.78
CA ALA D 67 -57.93 6.17 -60.09
C ALA D 67 -59.13 6.37 -61.01
N TYR D 68 -60.32 6.26 -60.44
CA TYR D 68 -61.55 6.54 -61.16
C TYR D 68 -62.64 6.89 -60.16
N GLY D 69 -63.68 7.57 -60.67
CA GLY D 69 -64.83 7.90 -59.86
C GLY D 69 -66.13 7.91 -60.63
N ASN D 70 -67.17 7.27 -60.10
CA ASN D 70 -68.48 7.28 -60.74
C ASN D 70 -69.09 8.68 -60.72
N VAL D 71 -69.90 8.98 -61.73
CA VAL D 71 -70.61 10.25 -61.79
C VAL D 71 -72.08 10.08 -61.41
N UNK D 72 -72.45 10.60 -60.24
CA UNK D 72 -73.85 10.70 -59.85
C UNK D 72 -74.38 12.05 -60.31
N UNK D 73 -75.57 12.04 -60.92
CA UNK D 73 -76.18 13.25 -61.46
C UNK D 73 -75.28 13.91 -62.51
N UNK D 74 -74.26 14.63 -62.05
CA UNK D 74 -73.34 15.31 -62.95
C UNK D 74 -71.99 15.60 -62.29
N UNK D 75 -71.83 15.18 -61.03
CA UNK D 75 -70.58 15.40 -60.31
C UNK D 75 -70.19 14.15 -59.54
N VAL D 76 -68.88 13.96 -59.36
CA VAL D 76 -68.38 12.78 -58.67
C VAL D 76 -68.51 12.91 -57.17
N ASP D 77 -69.27 11.99 -56.58
CA ASP D 77 -69.38 11.90 -55.13
C ASP D 77 -68.54 10.76 -54.56
N TYR D 78 -68.30 9.70 -55.32
CA TYR D 78 -67.50 8.57 -54.90
C TYR D 78 -66.27 8.45 -55.80
N VAL D 79 -65.13 8.90 -55.29
CA VAL D 79 -63.84 8.60 -55.90
C VAL D 79 -63.23 7.41 -55.17
N ASN D 80 -62.69 6.47 -55.93
CA ASN D 80 -62.13 5.25 -55.35
C ASN D 80 -60.75 4.98 -55.92
N LEU D 81 -59.82 4.61 -55.06
CA LEU D 81 -58.41 4.44 -55.40
C LEU D 81 -58.03 2.97 -55.39
N THR D 82 -57.11 2.61 -56.28
CA THR D 82 -56.54 1.28 -56.34
C THR D 82 -55.06 1.38 -55.96
N VAL D 83 -54.64 0.59 -54.97
CA VAL D 83 -53.29 0.68 -54.45
C VAL D 83 -52.61 -0.68 -54.53
N ARG D 84 -51.29 -0.67 -54.43
CA ARG D 84 -50.49 -1.88 -54.43
C ARG D 84 -49.20 -1.62 -53.67
N GLN D 85 -48.51 -2.71 -53.34
CA GLN D 85 -47.21 -2.61 -52.68
C GLN D 85 -46.14 -2.14 -53.65
N ALA D 86 -45.18 -1.37 -53.13
CA ALA D 86 -44.00 -1.00 -53.89
C ALA D 86 -42.99 -2.15 -53.87
N ALA D 87 -41.87 -1.95 -54.55
CA ALA D 87 -40.85 -2.99 -54.65
C ALA D 87 -40.23 -3.28 -53.28
N GLY D 88 -40.13 -4.55 -52.94
CA GLY D 88 -39.51 -4.96 -51.69
C GLY D 88 -40.20 -4.46 -50.45
N ALA D 89 -41.53 -4.49 -50.44
CA ALA D 89 -42.31 -4.00 -49.32
C ALA D 89 -42.88 -5.16 -48.51
N ASP D 90 -43.01 -4.96 -47.21
CA ASP D 90 -43.63 -5.93 -46.33
C ASP D 90 -45.14 -5.68 -46.30
N ASN D 91 -45.82 -6.31 -45.34
CA ASN D 91 -47.26 -6.12 -45.18
C ASN D 91 -47.58 -4.65 -44.96
N ILE D 92 -48.52 -4.12 -45.74
CA ILE D 92 -48.93 -2.73 -45.66
C ILE D 92 -50.37 -2.71 -45.14
N ASN D 93 -50.53 -2.30 -43.88
CA ASN D 93 -51.86 -2.18 -43.29
C ASN D 93 -52.46 -0.83 -43.67
N LEU D 94 -53.62 -0.86 -44.31
CA LEU D 94 -54.28 0.37 -44.74
C LEU D 94 -55.21 0.92 -43.68
N UNK D 95 -55.35 0.19 -42.58
CA UNK D 95 -56.21 0.62 -41.49
C UNK D 95 -55.40 1.44 -40.49
N LYS D 96 -54.08 1.38 -40.62
CA LYS D 96 -53.18 2.17 -39.79
C LYS D 96 -52.62 3.33 -40.60
N SER D 97 -53.19 3.53 -41.78
CA SER D 97 -52.76 4.58 -42.70
C SER D 97 -53.71 5.76 -42.65
N THR D 98 -53.18 6.93 -43.03
CA THR D 98 -53.96 8.15 -43.07
C THR D 98 -53.77 8.81 -44.43
N ILE D 99 -54.87 9.21 -45.06
CA ILE D 99 -54.84 9.91 -46.34
C ILE D 99 -55.23 11.35 -46.08
N GLN D 100 -54.37 12.29 -46.47
CA GLN D 100 -54.64 13.70 -46.31
C GLN D 100 -55.25 14.24 -47.60
N TRP D 101 -56.37 14.95 -47.46
CA TRP D 101 -57.11 15.50 -48.58
C TRP D 101 -56.83 16.99 -48.71
N ILE D 102 -56.43 17.41 -49.90
CA ILE D 102 -56.34 18.83 -50.20
C ILE D 102 -57.06 19.07 -51.51
N GLY D 103 -58.33 19.47 -51.42
CA GLY D 103 -59.13 19.72 -52.59
C GLY D 103 -59.27 21.19 -52.87
N PRO D 104 -60.18 21.54 -53.79
CA PRO D 104 -60.53 22.95 -53.99
C PRO D 104 -61.37 23.52 -52.87
N ASP D 105 -61.88 22.70 -51.96
CA ASP D 105 -62.73 23.16 -50.87
C ASP D 105 -62.05 23.00 -49.52
N UNK D 106 -62.39 21.91 -48.82
CA UNK D 106 -61.86 21.68 -47.49
C UNK D 106 -60.48 21.03 -47.54
N ALA D 107 -59.92 20.76 -46.37
CA ALA D 107 -58.61 20.12 -46.27
C ALA D 107 -58.46 19.41 -44.93
N THR D 108 -58.77 18.11 -44.92
CA THR D 108 -58.71 17.29 -43.72
C THR D 108 -57.86 16.05 -43.96
N THR D 109 -57.62 15.31 -42.88
CA THR D 109 -56.88 14.06 -42.92
C THR D 109 -57.84 12.92 -42.56
N LEU D 110 -58.03 12.00 -43.49
CA LEU D 110 -59.00 10.92 -43.34
C LEU D 110 -58.39 9.72 -42.63
N THR D 111 -59.17 9.13 -41.72
CA THR D 111 -58.77 7.94 -41.00
C THR D 111 -59.68 6.78 -41.40
N TYR D 112 -59.12 5.56 -41.36
CA TYR D 112 -59.84 4.36 -41.73
C TYR D 112 -61.23 4.23 -41.09
N UNK D 113 -62.17 3.70 -41.84
CA UNK D 113 -63.54 3.52 -41.36
C UNK D 113 -63.94 2.05 -41.31
N UNK D 114 -64.35 1.60 -40.13
CA UNK D 114 -64.83 0.23 -39.96
C UNK D 114 -66.24 0.10 -40.54
N UNK D 115 -66.32 -0.04 -41.86
CA UNK D 115 -67.59 -0.15 -42.57
C UNK D 115 -68.51 1.03 -42.27
N UNK D 120 -67.45 6.72 -45.34
CA UNK D 120 -68.23 7.48 -44.37
C UNK D 120 -68.15 8.98 -44.67
N UNK D 121 -67.87 9.78 -43.65
CA UNK D 121 -67.80 11.23 -43.83
C UNK D 121 -66.34 11.67 -43.99
N GLU D 122 -65.66 11.96 -42.90
CA GLU D 122 -64.24 12.33 -42.98
C GLU D 122 -63.37 11.08 -42.86
N ASN D 123 -63.95 9.93 -43.17
CA ASN D 123 -63.25 8.66 -43.03
C ASN D 123 -63.20 7.95 -44.37
N PHE D 124 -62.33 6.94 -44.45
CA PHE D 124 -62.18 6.12 -45.64
C PHE D 124 -62.24 4.65 -45.25
N THR D 125 -62.77 3.83 -46.15
CA THR D 125 -62.79 2.39 -45.96
C THR D 125 -62.13 1.72 -47.15
N THR D 126 -61.87 0.42 -47.02
CA THR D 126 -61.16 -0.32 -48.05
C THR D 126 -61.84 -1.63 -48.42
N UNK D 127 -61.97 -1.88 -49.71
CA UNK D 127 -62.53 -3.13 -50.22
C UNK D 127 -61.51 -3.81 -51.13
N SER D 128 -61.38 -5.14 -50.99
CA SER D 128 -60.39 -5.88 -51.77
C SER D 128 -60.79 -6.07 -53.21
N ILE D 129 -59.80 -6.03 -54.10
CA ILE D 129 -60.00 -6.36 -55.51
C ILE D 129 -59.37 -7.71 -55.84
N LYS D 130 -58.11 -7.91 -55.46
CA LYS D 130 -57.44 -9.19 -55.61
C LYS D 130 -56.67 -9.47 -54.32
N GLY D 131 -56.86 -10.66 -53.76
CA GLY D 131 -56.20 -11.03 -52.53
C GLY D 131 -57.13 -11.64 -51.50
N UNK D 132 -56.73 -11.54 -50.23
CA UNK D 132 -57.50 -12.16 -49.15
C UNK D 132 -58.06 -11.12 -48.18
N UNK D 133 -57.18 -10.40 -47.50
CA UNK D 133 -57.58 -9.42 -46.50
C UNK D 133 -58.21 -8.18 -47.15
N UNK D 134 -58.93 -7.41 -46.34
CA UNK D 134 -59.62 -6.22 -46.85
C UNK D 134 -59.00 -4.94 -46.30
N UNK D 135 -57.78 -5.04 -45.80
CA UNK D 135 -57.08 -3.88 -45.26
C UNK D 135 -55.59 -3.97 -45.51
N VAL D 136 -54.98 -5.07 -45.08
CA VAL D 136 -53.53 -5.21 -45.17
C VAL D 136 -53.09 -5.93 -46.44
N LEU D 137 -52.25 -5.25 -47.22
CA LEU D 137 -51.64 -5.86 -48.40
C LEU D 137 -50.57 -6.86 -47.97
N VAL D 138 -50.63 -8.06 -48.53
CA VAL D 138 -49.70 -9.12 -48.15
C VAL D 138 -48.76 -9.44 -49.31
N ASP D 139 -49.32 -9.89 -50.42
CA ASP D 139 -48.52 -10.28 -51.57
C ASP D 139 -48.37 -9.12 -52.55
N GLN D 140 -47.43 -9.28 -53.49
CA GLN D 140 -47.23 -8.26 -54.51
C GLN D 140 -48.40 -8.19 -55.49
N SER D 141 -49.16 -9.27 -55.64
CA SER D 141 -50.33 -9.28 -56.51
C SER D 141 -51.59 -8.75 -55.83
N ASP D 142 -51.54 -8.52 -54.51
CA ASP D 142 -52.71 -8.02 -53.80
C ASP D 142 -53.06 -6.62 -54.27
N ARG D 143 -54.33 -6.39 -54.56
CA ARG D 143 -54.84 -5.08 -54.94
C ARG D 143 -56.01 -4.73 -54.04
N ILE D 144 -55.94 -3.59 -53.36
CA ILE D 144 -56.95 -3.14 -52.43
C ILE D 144 -57.50 -1.81 -52.92
N LYS D 145 -58.82 -1.67 -52.87
CA LYS D 145 -59.50 -0.47 -53.34
C LYS D 145 -59.74 0.47 -52.16
N VAL D 146 -59.28 1.70 -52.28
CA VAL D 146 -59.44 2.71 -51.23
C VAL D 146 -60.71 3.49 -51.54
N ILE D 147 -61.60 3.58 -50.55
CA ILE D 147 -62.94 4.12 -50.74
C ILE D 147 -63.05 5.42 -49.96
N MET D 148 -63.45 6.48 -50.64
CA MET D 148 -63.60 7.79 -50.01
C MET D 148 -64.80 8.51 -50.60
N TYR D 149 -65.70 8.98 -49.74
CA TYR D 149 -66.91 9.68 -50.16
C TYR D 149 -66.57 11.15 -50.39
N ALA D 150 -66.50 11.54 -51.66
CA ALA D 150 -66.06 12.89 -52.00
C ALA D 150 -67.09 13.95 -51.64
N UNK D 151 -68.36 13.57 -51.67
CA UNK D 151 -69.45 14.52 -51.38
C UNK D 151 -69.54 14.79 -49.88
N UNK D 152 -68.90 13.95 -49.08
CA UNK D 152 -68.97 14.06 -47.64
C UNK D 152 -67.94 15.06 -47.09
N VAL D 153 -66.69 14.95 -47.56
CA VAL D 153 -65.62 15.80 -47.08
C VAL D 153 -65.70 17.20 -47.67
N UNK D 154 -66.22 17.30 -48.88
CA UNK D 154 -66.36 18.58 -49.56
C UNK D 154 -67.55 18.56 -50.51
N UNK D 155 -67.72 19.65 -51.26
CA UNK D 155 -68.77 19.72 -52.26
C UNK D 155 -68.48 18.72 -53.38
N UNK D 156 -69.52 18.26 -54.05
CA UNK D 156 -69.37 17.30 -55.15
C UNK D 156 -68.42 17.84 -56.21
N LEU D 157 -67.38 17.08 -56.50
CA LEU D 157 -66.32 17.51 -57.41
C LEU D 157 -66.83 17.89 -58.79
N UNK D 158 -66.89 19.19 -59.06
CA UNK D 158 -67.32 19.70 -60.35
C UNK D 158 -66.26 19.40 -61.42
N UNK D 159 -66.66 19.48 -62.69
CA UNK D 159 -65.76 19.18 -63.80
C UNK D 159 -64.61 20.18 -63.89
N GLY D 160 -63.51 19.88 -63.19
CA GLY D 160 -62.33 20.72 -63.25
C GLY D 160 -61.55 20.84 -61.95
N UNK D 161 -61.87 19.98 -60.99
CA UNK D 161 -61.20 20.00 -59.69
C UNK D 161 -59.94 19.14 -59.71
N GLU D 162 -59.01 19.44 -58.80
CA GLU D 162 -57.75 18.70 -58.72
C GLU D 162 -57.36 18.41 -57.28
N VAL D 163 -57.95 17.38 -56.70
CA VAL D 163 -57.63 17.01 -55.33
C VAL D 163 -56.22 16.41 -55.27
N GLN D 164 -55.44 16.84 -54.29
CA GLN D 164 -54.10 16.31 -54.04
C GLN D 164 -54.15 15.48 -52.75
N LEU D 165 -53.94 14.18 -52.88
CA LEU D 165 -54.00 13.27 -51.74
C LEU D 165 -52.62 12.70 -51.45
N THR D 166 -52.34 12.50 -50.15
CA THR D 166 -51.06 12.00 -49.68
C THR D 166 -51.32 10.80 -48.79
N VAL D 167 -51.36 9.60 -49.39
CA VAL D 167 -51.56 8.38 -48.63
C VAL D 167 -50.30 8.12 -47.81
N THR D 168 -50.42 8.16 -46.49
CA THR D 168 -49.30 8.00 -45.58
C THR D 168 -49.39 6.65 -44.89
N THR D 169 -48.36 5.82 -45.09
CA THR D 169 -48.28 4.54 -44.41
C THR D 169 -47.95 4.76 -42.93
N GLN D 170 -48.13 3.70 -42.13
CA GLN D 170 -47.81 3.78 -40.71
C GLN D 170 -46.37 4.20 -40.47
N TYR D 171 -45.43 3.67 -41.26
CA TYR D 171 -44.02 3.97 -41.09
C TYR D 171 -43.61 5.33 -41.65
N GLY D 172 -44.49 6.04 -42.33
CA GLY D 172 -44.21 7.38 -42.79
C GLY D 172 -43.89 7.53 -44.26
N SER D 173 -43.96 6.45 -45.04
CA SER D 173 -43.75 6.55 -46.48
C SER D 173 -44.97 7.19 -47.13
N LYS D 174 -44.80 8.37 -47.71
CA LYS D 174 -45.90 9.12 -48.28
C LYS D 174 -45.92 8.99 -49.79
N THR D 175 -47.11 8.76 -50.34
CA THR D 175 -47.34 8.72 -51.78
C THR D 175 -48.38 9.76 -52.12
N THR D 176 -48.01 10.70 -52.99
CA THR D 176 -48.88 11.81 -53.37
C THR D 176 -49.43 11.57 -54.77
N TYR D 177 -50.76 11.69 -54.90
CA TYR D 177 -51.44 11.56 -56.18
C TYR D 177 -52.17 12.85 -56.51
N TRP D 178 -52.06 13.29 -57.76
CA TRP D 178 -52.75 14.49 -58.23
C TRP D 178 -54.04 14.08 -58.96
N ALA D 179 -54.99 13.58 -58.17
CA ALA D 179 -56.30 13.21 -58.71
C ALA D 179 -56.95 14.40 -59.39
N GLN D 180 -57.11 14.32 -60.71
CA GLN D 180 -57.57 15.44 -61.53
C GLN D 180 -58.89 15.04 -62.17
N VAL D 181 -59.94 15.83 -61.94
CA VAL D 181 -61.24 15.59 -62.55
C VAL D 181 -61.21 16.22 -63.94
N PRO D 182 -61.44 15.44 -65.00
CA PRO D 182 -61.43 16.01 -66.34
C PRO D 182 -62.49 17.10 -66.50
N GLU D 183 -62.16 18.12 -67.31
CA GLU D 183 -63.03 19.26 -67.49
C GLU D 183 -64.38 18.91 -68.10
N SER D 184 -64.56 17.68 -68.57
CA SER D 184 -65.83 17.24 -69.14
C SER D 184 -66.30 16.00 -68.41
N LEU D 185 -67.47 16.07 -67.79
CA LEU D 185 -68.09 14.94 -67.12
C LEU D 185 -69.39 14.53 -67.81
N LYS D 186 -69.59 14.95 -69.06
CA LYS D 186 -70.84 14.71 -69.77
C LYS D 186 -70.86 13.31 -70.36
N ASP D 187 -71.95 12.60 -70.12
CA ASP D 187 -72.16 11.23 -70.62
C ASP D 187 -70.97 10.33 -70.28
N LYS D 188 -70.57 10.36 -69.01
CA LYS D 188 -69.52 9.50 -68.50
C LYS D 188 -69.99 8.90 -67.17
N ASN D 189 -70.62 7.73 -67.26
CA ASN D 189 -71.02 6.96 -66.08
C ASN D 189 -69.84 6.74 -65.13
N ALA D 190 -68.69 6.42 -65.68
CA ALA D 190 -67.47 6.22 -64.92
C ALA D 190 -66.32 6.92 -65.64
N VAL D 191 -65.50 7.64 -64.90
CA VAL D 191 -64.43 8.42 -65.50
C VAL D 191 -63.11 8.28 -64.75
N UNK D 192 -62.04 8.01 -65.49
CA UNK D 192 -60.69 7.98 -64.93
C UNK D 192 -60.39 9.34 -64.30
N LEU D 193 -60.21 9.36 -62.99
CA LEU D 193 -60.03 10.61 -62.27
C LEU D 193 -58.57 10.84 -61.92
N GLN E 13 8.17 -7.07 24.14
CA GLN E 13 6.87 -6.42 23.97
C GLN E 13 6.68 -5.97 22.52
N VAL E 14 7.55 -6.45 21.63
CA VAL E 14 7.39 -6.14 20.21
C VAL E 14 6.20 -6.87 19.61
N GLY E 15 5.71 -7.92 20.27
CA GLY E 15 4.50 -8.57 19.81
C GLY E 15 3.25 -7.78 20.11
N ILE E 16 3.29 -6.95 21.16
CA ILE E 16 2.16 -6.07 21.44
C ILE E 16 2.03 -5.01 20.36
N GLY E 17 3.15 -4.39 19.98
CA GLY E 17 3.10 -3.23 19.10
C GLY E 17 2.59 -3.58 17.71
N THR E 18 3.00 -4.73 17.17
CA THR E 18 2.54 -5.14 15.85
C THR E 18 1.05 -5.39 15.83
N LEU E 19 0.50 -5.93 16.91
CA LEU E 19 -0.94 -6.22 16.95
C LEU E 19 -1.75 -4.94 16.80
N ILE E 20 -1.36 -3.88 17.51
CA ILE E 20 -2.13 -2.65 17.50
C ILE E 20 -2.08 -2.00 16.12
N VAL E 21 -0.87 -1.91 15.54
CA VAL E 21 -0.73 -1.31 14.22
C VAL E 21 -1.42 -2.15 13.16
N PHE E 22 -1.42 -3.48 13.32
CA PHE E 22 -2.11 -4.34 12.37
C PHE E 22 -3.59 -4.02 12.29
N ILE E 23 -4.21 -3.71 13.44
CA ILE E 23 -5.61 -3.31 13.45
C ILE E 23 -5.81 -2.02 12.65
N ALA E 24 -4.90 -1.07 12.83
CA ALA E 24 -5.03 0.23 12.18
C ALA E 24 -4.98 0.10 10.66
N MET E 25 -4.01 -0.68 10.15
CA MET E 25 -3.86 -0.79 8.70
C MET E 25 -5.00 -1.58 8.07
N VAL E 26 -5.67 -2.45 8.84
CA VAL E 26 -6.90 -3.07 8.35
C VAL E 26 -7.97 -2.00 8.14
N LEU E 27 -8.12 -1.10 9.11
CA LEU E 27 -9.11 -0.03 8.99
C LEU E 27 -8.79 0.91 7.84
N VAL E 28 -7.50 1.25 7.67
CA VAL E 28 -7.11 2.18 6.62
C VAL E 28 -7.40 1.59 5.25
N ALA E 29 -7.08 0.31 5.05
CA ALA E 29 -7.41 -0.34 3.79
C ALA E 29 -8.91 -0.42 3.57
N ALA E 30 -9.69 -0.58 4.66
CA ALA E 30 -11.15 -0.55 4.54
C ALA E 30 -11.63 0.83 4.15
N ILE E 31 -10.98 1.88 4.68
CA ILE E 31 -11.36 3.25 4.34
C ILE E 31 -11.15 3.50 2.85
N ALA E 32 -9.97 3.12 2.34
CA ALA E 32 -9.70 3.31 0.92
C ALA E 32 -10.57 2.42 0.06
N ALA E 33 -10.90 1.22 0.55
CA ALA E 33 -11.79 0.34 -0.19
C ALA E 33 -13.17 0.99 -0.38
N GLY E 34 -13.67 1.65 0.66
CA GLY E 34 -14.95 2.32 0.54
C GLY E 34 -14.93 3.44 -0.49
N VAL E 35 -13.83 4.18 -0.55
CA VAL E 35 -13.77 5.34 -1.44
C VAL E 35 -13.89 4.90 -2.90
N LEU E 36 -13.13 3.88 -3.29
CA LEU E 36 -13.17 3.41 -4.68
C LEU E 36 -14.54 2.85 -5.03
N ILE E 37 -15.12 2.06 -4.12
CA ILE E 37 -16.41 1.44 -4.41
C ILE E 37 -17.52 2.47 -4.45
N ASN E 38 -17.55 3.39 -3.48
CA ASN E 38 -18.60 4.40 -3.45
C ASN E 38 -18.48 5.35 -4.63
N THR E 39 -17.26 5.77 -4.98
CA THR E 39 -17.08 6.65 -6.13
C THR E 39 -17.46 5.94 -7.43
N ALA E 40 -17.12 4.65 -7.54
CA ALA E 40 -17.54 3.88 -8.70
C ALA E 40 -19.05 3.77 -8.77
N GLY E 41 -19.70 3.59 -7.62
CA GLY E 41 -21.15 3.57 -7.60
C GLY E 41 -21.75 4.89 -8.03
N TYR E 42 -21.12 6.00 -7.65
CA TYR E 42 -21.54 7.30 -8.14
C TYR E 42 -21.38 7.39 -9.66
N LEU E 43 -20.21 7.01 -10.16
CA LEU E 43 -19.97 7.07 -11.60
C LEU E 43 -20.76 6.02 -12.36
N GLN E 44 -21.17 4.94 -11.70
CA GLN E 44 -21.99 3.93 -12.37
C GLN E 44 -23.35 4.51 -12.75
N SER E 45 -24.01 5.17 -11.80
CA SER E 45 -25.33 5.75 -12.08
C SER E 45 -25.24 6.98 -12.95
N LYS E 46 -24.16 7.76 -12.81
CA LYS E 46 -23.98 8.93 -13.65
C LYS E 46 -23.72 8.52 -15.11
N GLY E 47 -22.86 7.53 -15.30
CA GLY E 47 -22.58 7.04 -16.65
C GLY E 47 -23.77 6.30 -17.25
N SER E 48 -24.50 5.55 -16.43
CA SER E 48 -25.70 4.87 -16.93
C SER E 48 -26.74 5.88 -17.39
N ALA E 49 -26.93 6.95 -16.63
CA ALA E 49 -27.86 7.99 -17.05
C ALA E 49 -27.40 8.65 -18.34
N THR E 50 -26.11 8.92 -18.47
CA THR E 50 -25.60 9.68 -19.61
C THR E 50 -25.91 8.97 -20.93
N GLY E 51 -25.73 7.65 -20.97
CA GLY E 51 -26.00 6.92 -22.20
C GLY E 51 -27.46 7.00 -22.62
N GLU E 52 -28.37 6.97 -21.65
CA GLU E 52 -29.79 6.92 -21.98
C GLU E 52 -30.31 8.25 -22.51
N GLU E 53 -29.92 9.37 -21.90
CA GLU E 53 -30.35 10.67 -22.39
C GLU E 53 -29.66 11.02 -23.71
N ALA E 54 -28.38 10.66 -23.84
CA ALA E 54 -27.67 10.94 -25.09
C ALA E 54 -28.28 10.18 -26.25
N SER E 55 -28.66 8.92 -26.03
CA SER E 55 -29.37 8.16 -27.05
C SER E 55 -30.74 8.78 -27.33
N ALA E 56 -31.43 9.24 -26.28
CA ALA E 56 -32.71 9.89 -26.46
C ALA E 56 -32.58 11.17 -27.27
N GLN E 57 -31.48 11.89 -27.09
CA GLN E 57 -31.27 13.13 -27.84
C GLN E 57 -31.17 12.86 -29.34
N VAL E 58 -30.52 11.77 -29.72
CA VAL E 58 -30.29 11.49 -31.13
C VAL E 58 -31.47 10.75 -31.78
N SER E 59 -32.18 9.93 -31.03
CA SER E 59 -33.21 9.05 -31.60
C SER E 59 -34.61 9.64 -31.49
N ASN E 60 -35.00 10.12 -30.30
CA ASN E 60 -36.34 10.64 -30.11
C ASN E 60 -36.51 11.98 -30.81
N ARG E 61 -36.88 11.94 -32.08
CA ARG E 61 -36.96 13.14 -32.91
C ARG E 61 -38.31 13.18 -33.61
N ILE E 62 -38.82 14.39 -33.81
CA ILE E 62 -40.11 14.61 -34.46
C ILE E 62 -39.88 14.79 -35.95
N ASN E 63 -40.72 14.14 -36.76
CA ASN E 63 -40.68 14.27 -38.20
C ASN E 63 -42.01 14.84 -38.69
N ILE E 64 -41.94 15.91 -39.46
CA ILE E 64 -43.14 16.56 -39.98
C ILE E 64 -43.60 15.81 -41.23
N VAL E 65 -44.86 15.39 -41.24
CA VAL E 65 -45.41 14.66 -42.38
C VAL E 65 -45.85 15.61 -43.48
N SER E 66 -46.68 16.59 -43.13
CA SER E 66 -47.19 17.54 -44.11
C SER E 66 -47.56 18.83 -43.40
N ALA E 67 -47.57 19.93 -44.16
CA ALA E 67 -47.90 21.24 -43.64
C ALA E 67 -48.97 21.89 -44.51
N TYR E 68 -49.95 22.50 -43.85
CA TYR E 68 -50.99 23.24 -44.53
C TYR E 68 -51.53 24.28 -43.55
N GLY E 69 -52.23 25.27 -44.09
CA GLY E 69 -52.80 26.32 -43.26
C GLY E 69 -54.05 26.88 -43.87
N ASN E 70 -55.00 27.23 -43.00
CA ASN E 70 -56.20 27.92 -43.44
C ASN E 70 -55.86 29.34 -43.87
N VAL E 71 -56.47 29.79 -44.95
CA VAL E 71 -56.26 31.15 -45.43
C VAL E 71 -57.57 31.93 -45.53
N UNK E 72 -57.50 33.19 -45.12
CA UNK E 72 -58.65 34.11 -45.12
C UNK E 72 -58.33 35.30 -46.02
N UNK E 73 -59.27 35.67 -46.88
CA UNK E 73 -59.03 36.69 -47.91
C UNK E 73 -57.86 36.29 -48.80
N UNK E 74 -56.63 36.47 -48.30
CA UNK E 74 -55.43 36.13 -49.06
C UNK E 74 -54.17 36.09 -48.19
N UNK E 75 -54.34 35.82 -46.90
CA UNK E 75 -53.19 35.74 -45.99
C UNK E 75 -53.42 34.67 -44.93
N VAL E 76 -52.68 33.56 -45.05
CA VAL E 76 -52.85 32.39 -44.20
C VAL E 76 -52.91 32.74 -42.70
N ASP E 77 -54.13 32.73 -42.15
CA ASP E 77 -54.29 33.08 -40.74
C ASP E 77 -53.72 32.00 -39.83
N TYR E 78 -53.95 30.73 -40.16
CA TYR E 78 -53.55 29.61 -39.33
C TYR E 78 -52.47 28.80 -40.03
N VAL E 79 -51.51 28.29 -39.27
CA VAL E 79 -50.49 27.38 -39.77
C VAL E 79 -50.60 26.08 -38.98
N ASN E 80 -50.74 24.97 -39.68
CA ASN E 80 -50.91 23.66 -39.08
C ASN E 80 -49.82 22.71 -39.55
N LEU E 81 -49.29 21.91 -38.64
CA LEU E 81 -48.26 20.93 -38.94
C LEU E 81 -48.72 19.56 -38.47
N THR E 82 -48.33 18.53 -39.23
CA THR E 82 -48.60 17.15 -38.87
C THR E 82 -47.29 16.45 -38.55
N VAL E 83 -47.19 15.88 -37.35
CA VAL E 83 -45.93 15.35 -36.83
C VAL E 83 -46.08 13.85 -36.57
N ARG E 84 -44.93 13.20 -36.43
CA ARG E 84 -44.87 11.78 -36.13
C ARG E 84 -43.51 11.46 -35.53
N GLN E 85 -43.41 10.26 -34.95
CA GLN E 85 -42.13 9.77 -34.46
C GLN E 85 -41.19 9.43 -35.61
N ALA E 86 -39.90 9.65 -35.40
CA ALA E 86 -38.89 9.15 -36.33
C ALA E 86 -38.62 7.67 -36.03
N ALA E 87 -37.73 7.07 -36.82
CA ALA E 87 -37.38 5.68 -36.62
C ALA E 87 -36.76 5.46 -35.25
N GLY E 88 -37.26 4.46 -34.54
CA GLY E 88 -36.70 4.10 -33.25
C GLY E 88 -36.84 5.19 -32.20
N ALA E 89 -38.03 5.78 -32.09
CA ALA E 89 -38.29 6.88 -31.18
C ALA E 89 -39.22 6.43 -30.05
N ASP E 90 -38.87 6.82 -28.83
CA ASP E 90 -39.68 6.48 -27.67
C ASP E 90 -40.86 7.45 -27.62
N ASN E 91 -41.59 7.48 -26.50
CA ASN E 91 -42.67 8.45 -26.37
C ASN E 91 -42.13 9.87 -26.50
N ILE E 92 -42.84 10.68 -27.31
CA ILE E 92 -42.45 12.05 -27.59
C ILE E 92 -43.56 12.95 -27.07
N ASN E 93 -43.30 13.67 -25.99
CA ASN E 93 -44.27 14.60 -25.43
C ASN E 93 -44.17 15.93 -26.16
N LEU E 94 -45.26 16.32 -26.83
CA LEU E 94 -45.28 17.56 -27.61
C LEU E 94 -45.54 18.76 -26.71
N UNK E 95 -45.83 18.50 -25.45
CA UNK E 95 -46.10 19.57 -24.49
C UNK E 95 -44.81 20.17 -23.95
N LYS E 96 -43.79 19.33 -23.82
CA LYS E 96 -42.49 19.79 -23.36
C LYS E 96 -41.58 20.10 -24.54
N SER E 97 -42.16 20.66 -25.59
CA SER E 97 -41.43 21.01 -26.80
C SER E 97 -41.70 22.47 -27.14
N THR E 98 -40.75 23.08 -27.84
CA THR E 98 -40.81 24.50 -28.18
C THR E 98 -40.46 24.68 -29.65
N ILE E 99 -41.44 25.14 -30.43
CA ILE E 99 -41.21 25.51 -31.82
C ILE E 99 -40.75 26.95 -31.89
N GLN E 100 -39.61 27.18 -32.52
CA GLN E 100 -39.09 28.52 -32.70
C GLN E 100 -39.57 29.05 -34.05
N TRP E 101 -40.29 30.16 -34.03
CA TRP E 101 -40.90 30.74 -35.22
C TRP E 101 -40.04 31.92 -35.66
N ILE E 102 -39.39 31.77 -36.81
CA ILE E 102 -38.64 32.86 -37.43
C ILE E 102 -39.43 33.27 -38.66
N GLY E 103 -40.21 34.34 -38.55
CA GLY E 103 -41.04 34.79 -39.64
C GLY E 103 -40.48 36.01 -40.33
N PRO E 104 -41.21 36.51 -41.33
CA PRO E 104 -40.78 37.75 -42.00
C PRO E 104 -40.73 38.94 -41.06
N ASP E 105 -41.61 38.99 -40.06
CA ASP E 105 -41.64 40.11 -39.13
C ASP E 105 -41.04 39.72 -37.78
N UNK E 106 -41.78 38.94 -37.00
CA UNK E 106 -41.34 38.54 -35.67
C UNK E 106 -40.44 37.32 -35.72
N ALA E 107 -39.77 37.03 -34.60
CA ALA E 107 -38.88 35.88 -34.50
C ALA E 107 -38.74 35.45 -33.04
N THR E 108 -39.74 34.75 -32.54
CA THR E 108 -39.79 34.30 -31.15
C THR E 108 -39.83 32.78 -31.09
N THR E 109 -39.83 32.25 -29.87
CA THR E 109 -39.91 30.82 -29.62
C THR E 109 -41.27 30.53 -28.96
N LEU E 110 -42.05 29.66 -29.60
CA LEU E 110 -43.38 29.34 -29.12
C LEU E 110 -43.34 28.25 -28.07
N THR E 111 -44.28 28.30 -27.14
CA THR E 111 -44.39 27.32 -26.06
C THR E 111 -45.77 26.68 -26.10
N TYR E 112 -45.89 25.52 -25.46
CA TYR E 112 -47.13 24.77 -25.47
C TYR E 112 -48.24 25.48 -24.69
N UNK E 113 -49.47 25.31 -25.16
CA UNK E 113 -50.65 25.83 -24.47
C UNK E 113 -51.84 24.93 -24.78
N UNK E 114 -52.96 25.19 -24.11
CA UNK E 114 -54.17 24.41 -24.33
C UNK E 114 -55.31 25.32 -24.76
N UNK E 115 -56.30 24.75 -25.44
CA UNK E 115 -57.46 25.49 -25.93
C UNK E 115 -57.07 26.67 -26.81
N UNK E 116 -56.89 26.39 -28.10
CA UNK E 116 -56.50 27.40 -29.09
C UNK E 116 -55.21 28.11 -28.69
N UNK E 120 -52.86 29.93 -29.85
CA UNK E 120 -53.24 31.07 -29.02
C UNK E 120 -52.63 32.37 -29.56
N UNK E 121 -51.91 33.07 -28.70
CA UNK E 121 -51.27 34.32 -29.09
C UNK E 121 -49.84 34.07 -29.56
N GLU E 122 -48.96 33.75 -28.62
CA GLU E 122 -47.57 33.45 -28.94
C GLU E 122 -47.24 32.00 -28.57
N ASN E 123 -48.28 31.20 -28.42
CA ASN E 123 -48.17 29.80 -28.04
C ASN E 123 -48.66 28.92 -29.19
N PHE E 124 -48.58 27.60 -28.98
CA PHE E 124 -49.04 26.64 -29.98
C PHE E 124 -49.88 25.57 -29.29
N THR E 125 -50.77 24.94 -30.07
CA THR E 125 -51.68 23.93 -29.58
C THR E 125 -51.51 22.66 -30.39
N THR E 126 -51.71 21.51 -29.75
CA THR E 126 -51.62 20.24 -30.44
C THR E 126 -52.94 19.46 -30.37
N UNK E 127 -53.65 19.41 -31.48
CA UNK E 127 -54.88 18.62 -31.59
C UNK E 127 -54.55 17.30 -32.29
N SER E 128 -55.19 16.22 -31.83
CA SER E 128 -54.88 14.88 -32.33
C SER E 128 -55.57 14.55 -33.65
N ILE E 129 -54.96 13.66 -34.43
CA ILE E 129 -55.52 13.17 -35.68
C ILE E 129 -55.70 11.65 -35.63
N LYS E 130 -54.70 10.94 -35.13
CA LYS E 130 -54.77 9.50 -34.96
C LYS E 130 -53.99 9.10 -33.71
N GLY E 131 -54.58 8.21 -32.92
CA GLY E 131 -53.95 7.75 -31.70
C GLY E 131 -54.75 8.04 -30.45
N UNK E 132 -54.20 7.67 -29.29
CA UNK E 132 -54.88 7.89 -28.02
C UNK E 132 -54.67 9.32 -27.51
N UNK E 133 -53.48 9.59 -27.02
CA UNK E 133 -53.15 10.91 -26.46
C UNK E 133 -53.17 11.99 -27.51
N UNK E 134 -53.41 13.23 -27.09
CA UNK E 134 -53.46 14.36 -28.00
C UNK E 134 -52.30 15.33 -27.73
N UNK E 135 -51.27 14.84 -27.07
CA UNK E 135 -50.10 15.65 -26.76
C UNK E 135 -48.85 14.80 -26.73
N VAL E 136 -49.03 13.49 -26.72
CA VAL E 136 -47.91 12.55 -26.67
C VAL E 136 -47.99 11.57 -27.82
N LEU E 137 -46.85 11.35 -28.49
CA LEU E 137 -46.75 10.38 -29.57
C LEU E 137 -46.22 9.08 -28.98
N VAL E 138 -47.07 8.08 -28.87
CA VAL E 138 -46.71 6.83 -28.18
C VAL E 138 -46.33 5.74 -29.18
N ASP E 139 -47.02 5.65 -30.30
CA ASP E 139 -46.74 4.62 -31.31
C ASP E 139 -46.30 5.29 -32.61
N GLN E 140 -45.98 4.45 -33.60
CA GLN E 140 -45.50 4.91 -34.89
C GLN E 140 -46.60 5.36 -35.82
N SER E 141 -47.87 5.09 -35.51
CA SER E 141 -48.99 5.45 -36.37
C SER E 141 -49.79 6.61 -35.79
N ASP E 142 -49.21 7.38 -34.88
CA ASP E 142 -49.89 8.51 -34.25
C ASP E 142 -49.54 9.79 -35.01
N ARG E 143 -50.56 10.58 -35.32
CA ARG E 143 -50.41 11.87 -35.99
C ARG E 143 -51.09 12.93 -35.14
N ILE E 144 -50.32 13.94 -34.72
CA ILE E 144 -50.83 15.06 -33.93
C ILE E 144 -50.62 16.33 -34.73
N LYS E 145 -51.61 17.22 -34.69
CA LYS E 145 -51.59 18.46 -35.46
C LYS E 145 -51.10 19.60 -34.58
N VAL E 146 -49.92 20.13 -34.88
CA VAL E 146 -49.40 21.29 -34.18
C VAL E 146 -50.07 22.54 -34.74
N ILE E 147 -50.69 23.32 -33.87
CA ILE E 147 -51.56 24.43 -34.28
C ILE E 147 -50.87 25.73 -33.89
N MET E 148 -50.69 26.62 -34.87
CA MET E 148 -50.05 27.91 -34.65
C MET E 148 -50.87 29.00 -35.33
N TYR E 149 -51.19 30.04 -34.58
CA TYR E 149 -51.94 31.19 -35.12
C TYR E 149 -50.93 32.18 -35.69
N ALA E 150 -50.90 32.28 -37.00
CA ALA E 150 -49.92 33.14 -37.68
C ALA E 150 -50.19 34.61 -37.44
N UNK E 151 -51.48 34.99 -37.44
CA UNK E 151 -51.86 36.38 -37.27
C UNK E 151 -51.63 36.86 -35.84
N UNK E 152 -51.47 35.92 -34.92
CA UNK E 152 -51.27 36.25 -33.51
C UNK E 152 -49.80 36.34 -33.15
N VAL E 153 -48.99 35.41 -33.66
CA VAL E 153 -47.57 35.39 -33.37
C VAL E 153 -46.86 36.55 -34.06
N UNK E 154 -47.46 37.04 -35.15
CA UNK E 154 -46.88 38.13 -35.92
C UNK E 154 -47.96 38.76 -36.80
N UNK E 155 -48.12 38.20 -38.00
CA UNK E 155 -49.13 38.68 -38.94
C UNK E 155 -49.45 37.58 -39.93
N UNK E 156 -50.68 37.60 -40.45
CA UNK E 156 -51.10 36.61 -41.44
C UNK E 156 -50.26 36.73 -42.71
N LEU E 157 -49.43 35.72 -42.95
CA LEU E 157 -48.48 35.76 -44.06
C LEU E 157 -49.15 35.92 -45.42
N UNK E 158 -48.70 36.91 -46.17
CA UNK E 158 -49.17 37.11 -47.54
C UNK E 158 -48.50 36.11 -48.47
N UNK E 159 -48.87 36.16 -49.75
CA UNK E 159 -48.33 35.23 -50.73
C UNK E 159 -46.85 35.46 -50.98
N GLY E 160 -46.01 34.56 -50.47
CA GLY E 160 -44.58 34.64 -50.69
C GLY E 160 -43.74 34.63 -49.43
N UNK E 161 -44.38 34.77 -48.28
CA UNK E 161 -43.68 34.77 -47.00
C UNK E 161 -43.06 33.40 -46.75
N GLU E 162 -41.94 33.39 -46.04
CA GLU E 162 -41.19 32.15 -45.83
C GLU E 162 -40.77 32.00 -44.37
N VAL E 163 -41.57 31.26 -43.60
CA VAL E 163 -41.29 31.04 -42.18
C VAL E 163 -40.36 29.86 -42.03
N GLN E 164 -39.39 29.98 -41.14
CA GLN E 164 -38.44 28.91 -40.84
C GLN E 164 -38.78 28.35 -39.46
N LEU E 165 -39.53 27.26 -39.44
CA LEU E 165 -39.92 26.60 -38.20
C LEU E 165 -38.88 25.55 -37.82
N THR E 166 -38.69 25.39 -36.51
CA THR E 166 -37.83 24.34 -35.96
C THR E 166 -38.44 23.82 -34.67
N VAL E 167 -38.86 22.56 -34.69
CA VAL E 167 -39.47 21.94 -33.52
C VAL E 167 -38.38 21.28 -32.69
N THR E 168 -38.26 21.68 -31.44
CA THR E 168 -37.25 21.16 -30.54
C THR E 168 -37.91 20.27 -29.49
N THR E 169 -37.59 18.99 -29.52
CA THR E 169 -38.10 18.06 -28.53
C THR E 169 -37.47 18.35 -27.17
N GLN E 170 -38.10 17.82 -26.12
CA GLN E 170 -37.60 18.02 -24.76
C GLN E 170 -36.14 17.61 -24.64
N TYR E 171 -35.77 16.48 -25.24
CA TYR E 171 -34.40 15.99 -25.11
C TYR E 171 -33.41 16.75 -25.96
N GLY E 172 -33.84 17.36 -27.06
CA GLY E 172 -32.94 18.21 -27.81
C GLY E 172 -32.93 17.99 -29.30
N SER E 173 -33.64 16.97 -29.77
CA SER E 173 -33.68 16.69 -31.20
C SER E 173 -34.47 17.78 -31.92
N LYS E 174 -33.87 18.37 -32.95
CA LYS E 174 -34.44 19.51 -33.65
C LYS E 174 -34.79 19.12 -35.08
N THR E 175 -36.00 19.46 -35.50
CA THR E 175 -36.45 19.26 -36.88
C THR E 175 -36.79 20.61 -37.46
N THR E 176 -36.12 20.97 -38.56
CA THR E 176 -36.31 22.27 -39.19
C THR E 176 -37.18 22.13 -40.43
N TYR E 177 -38.25 22.92 -40.49
CA TYR E 177 -39.15 22.93 -41.63
C TYR E 177 -39.28 24.36 -42.12
N TRP E 178 -39.02 24.57 -43.41
CA TRP E 178 -39.15 25.88 -44.03
C TRP E 178 -40.53 25.98 -44.65
N ALA E 179 -41.47 26.58 -43.92
CA ALA E 179 -42.84 26.73 -44.41
C ALA E 179 -42.86 27.84 -45.45
N GLN E 180 -43.03 27.46 -46.71
CA GLN E 180 -42.97 28.37 -47.84
C GLN E 180 -44.40 28.58 -48.35
N VAL E 181 -44.93 29.78 -48.15
CA VAL E 181 -46.26 30.10 -48.69
C VAL E 181 -46.18 30.22 -50.21
N PRO E 182 -47.13 29.66 -50.96
CA PRO E 182 -47.11 29.80 -52.41
C PRO E 182 -47.14 31.27 -52.84
N GLU E 183 -46.48 31.56 -53.96
CA GLU E 183 -46.37 32.93 -54.44
C GLU E 183 -47.71 33.52 -54.88
N SER E 184 -48.71 32.69 -55.15
CA SER E 184 -50.04 33.16 -55.51
C SER E 184 -51.06 32.41 -54.66
N LEU E 185 -51.98 33.15 -54.04
CA LEU E 185 -52.97 32.59 -53.14
C LEU E 185 -54.38 32.75 -53.69
N LYS E 186 -54.51 32.82 -55.02
CA LYS E 186 -55.80 33.06 -55.64
C LYS E 186 -56.62 31.78 -55.73
N ASP E 187 -57.90 31.89 -55.39
CA ASP E 187 -58.86 30.78 -55.52
C ASP E 187 -58.39 29.55 -54.75
N LYS E 188 -57.99 29.77 -53.50
CA LYS E 188 -57.46 28.69 -52.65
C LYS E 188 -58.11 28.85 -51.28
N ASN E 189 -59.10 27.99 -50.99
CA ASN E 189 -59.72 28.01 -49.68
C ASN E 189 -58.70 27.71 -48.59
N ALA E 190 -57.84 26.72 -48.82
CA ALA E 190 -56.83 26.30 -47.87
C ALA E 190 -55.67 25.69 -48.64
N VAL E 191 -54.50 26.30 -48.56
CA VAL E 191 -53.36 25.85 -49.36
C VAL E 191 -52.28 25.20 -48.49
N UNK E 192 -51.49 24.31 -49.08
CA UNK E 192 -50.42 23.65 -48.36
C UNK E 192 -49.16 24.52 -48.37
N LEU E 193 -48.59 24.74 -47.19
CA LEU E 193 -47.40 25.58 -47.07
C LEU E 193 -46.14 24.79 -47.40
N GLN F 13 13.09 -7.04 39.37
CA GLN F 13 13.81 -5.93 38.75
C GLN F 13 13.63 -5.91 37.24
N VAL F 14 13.98 -7.03 36.60
CA VAL F 14 13.83 -7.12 35.14
C VAL F 14 12.36 -7.05 34.75
N GLY F 15 11.47 -7.61 35.58
CA GLY F 15 10.05 -7.50 35.29
C GLY F 15 9.53 -6.08 35.32
N ILE F 16 10.03 -5.28 36.27
CA ILE F 16 9.58 -3.89 36.39
C ILE F 16 9.95 -3.10 35.14
N GLY F 17 11.18 -3.28 34.64
CA GLY F 17 11.58 -2.57 33.43
C GLY F 17 10.74 -2.93 32.22
N THR F 18 10.33 -4.19 32.12
CA THR F 18 9.52 -4.62 30.99
C THR F 18 8.17 -3.91 30.98
N LEU F 19 7.57 -3.73 32.16
CA LEU F 19 6.24 -3.12 32.24
C LEU F 19 6.25 -1.68 31.74
N ILE F 20 7.29 -0.92 32.10
CA ILE F 20 7.37 0.47 31.66
C ILE F 20 7.51 0.55 30.13
N VAL F 21 8.40 -0.26 29.57
CA VAL F 21 8.61 -0.25 28.12
C VAL F 21 7.37 -0.77 27.40
N PHE F 22 6.69 -1.74 28.01
CA PHE F 22 5.46 -2.26 27.42
C PHE F 22 4.43 -1.16 27.23
N ILE F 23 4.28 -0.28 28.22
CA ILE F 23 3.34 0.83 28.10
C ILE F 23 3.76 1.76 26.97
N ALA F 24 5.07 2.03 26.85
CA ALA F 24 5.54 2.93 25.81
C ALA F 24 5.26 2.37 24.42
N MET F 25 5.49 1.07 24.22
CA MET F 25 5.25 0.48 22.91
C MET F 25 3.77 0.49 22.55
N VAL F 26 2.89 0.38 23.55
CA VAL F 26 1.46 0.52 23.31
C VAL F 26 1.12 1.93 22.84
N LEU F 27 1.70 2.94 23.50
CA LEU F 27 1.42 4.33 23.13
C LEU F 27 2.00 4.67 21.76
N VAL F 28 3.20 4.20 21.47
CA VAL F 28 3.84 4.51 20.19
C VAL F 28 3.04 3.91 19.04
N ALA F 29 2.53 2.70 19.22
CA ALA F 29 1.69 2.09 18.19
C ALA F 29 0.41 2.87 17.99
N ALA F 30 -0.18 3.39 19.06
CA ALA F 30 -1.39 4.18 18.95
C ALA F 30 -1.14 5.48 18.18
N ILE F 31 -0.01 6.12 18.45
CA ILE F 31 0.34 7.34 17.71
C ILE F 31 0.50 7.04 16.23
N ALA F 32 1.23 5.97 15.90
CA ALA F 32 1.38 5.58 14.51
C ALA F 32 0.05 5.10 13.93
N ALA F 33 -0.80 4.48 14.76
CA ALA F 33 -2.11 4.04 14.29
C ALA F 33 -2.96 5.21 13.85
N GLY F 34 -2.98 6.29 14.65
CA GLY F 34 -3.78 7.45 14.29
C GLY F 34 -3.34 8.11 13.01
N VAL F 35 -2.03 8.21 12.79
CA VAL F 35 -1.51 8.92 11.63
C VAL F 35 -2.05 8.32 10.34
N LEU F 36 -2.08 6.99 10.26
CA LEU F 36 -2.62 6.33 9.07
C LEU F 36 -4.11 6.60 8.91
N ILE F 37 -4.87 6.54 10.01
CA ILE F 37 -6.33 6.63 9.92
C ILE F 37 -6.77 8.04 9.56
N ASN F 38 -6.21 9.06 10.23
CA ASN F 38 -6.64 10.43 9.93
C ASN F 38 -6.16 10.87 8.54
N THR F 39 -4.97 10.43 8.13
CA THR F 39 -4.50 10.73 6.79
C THR F 39 -5.39 10.08 5.74
N ALA F 40 -5.86 8.85 6.01
CA ALA F 40 -6.83 8.22 5.13
C ALA F 40 -8.13 9.00 5.10
N GLY F 41 -8.58 9.49 6.27
CA GLY F 41 -9.79 10.29 6.30
C GLY F 41 -9.66 11.58 5.51
N TYR F 42 -8.50 12.24 5.61
CA TYR F 42 -8.25 13.41 4.80
C TYR F 42 -8.27 13.07 3.31
N LEU F 43 -7.60 11.98 2.93
CA LEU F 43 -7.56 11.59 1.53
C LEU F 43 -8.91 11.07 1.06
N GLN F 44 -9.70 10.47 1.96
CA GLN F 44 -11.03 10.01 1.59
C GLN F 44 -11.92 11.16 1.14
N SER F 45 -11.89 12.26 1.89
CA SER F 45 -12.70 13.42 1.50
C SER F 45 -12.13 14.11 0.29
N LYS F 46 -10.80 14.14 0.16
CA LYS F 46 -10.17 14.72 -1.03
C LYS F 46 -10.52 13.90 -2.27
N GLY F 47 -10.43 12.58 -2.17
CA GLY F 47 -10.76 11.73 -3.30
C GLY F 47 -12.24 11.78 -3.65
N SER F 48 -13.11 11.80 -2.64
CA SER F 48 -14.54 11.85 -2.89
C SER F 48 -14.94 13.13 -3.62
N ALA F 49 -14.35 14.25 -3.23
CA ALA F 49 -14.64 15.52 -3.91
C ALA F 49 -14.12 15.51 -5.34
N THR F 50 -12.87 15.08 -5.53
CA THR F 50 -12.27 15.08 -6.86
C THR F 50 -13.13 14.35 -7.88
N GLY F 51 -13.61 13.16 -7.52
CA GLY F 51 -14.48 12.42 -8.42
C GLY F 51 -15.75 13.18 -8.77
N GLU F 52 -16.30 13.92 -7.81
CA GLU F 52 -17.53 14.67 -8.07
C GLU F 52 -17.26 15.88 -8.96
N GLU F 53 -16.15 16.59 -8.74
CA GLU F 53 -15.86 17.77 -9.54
C GLU F 53 -15.39 17.41 -10.95
N ALA F 54 -14.56 16.37 -11.08
CA ALA F 54 -14.07 15.98 -12.40
C ALA F 54 -15.20 15.45 -13.28
N SER F 55 -16.13 14.68 -12.70
CA SER F 55 -17.31 14.28 -13.45
C SER F 55 -18.17 15.48 -13.78
N ALA F 56 -18.21 16.48 -12.90
CA ALA F 56 -18.94 17.71 -13.18
C ALA F 56 -18.32 18.46 -14.36
N GLN F 57 -16.98 18.46 -14.44
CA GLN F 57 -16.30 19.14 -15.53
C GLN F 57 -16.67 18.56 -16.88
N VAL F 58 -16.93 17.25 -16.93
CA VAL F 58 -17.25 16.59 -18.20
C VAL F 58 -18.74 16.56 -18.46
N SER F 59 -19.55 16.38 -17.41
CA SER F 59 -20.98 16.14 -17.57
C SER F 59 -21.80 17.42 -17.66
N ASN F 60 -21.66 18.32 -16.69
CA ASN F 60 -22.49 19.51 -16.66
C ASN F 60 -22.06 20.49 -17.74
N ARG F 61 -22.61 20.33 -18.93
CA ARG F 61 -22.20 21.10 -20.10
C ARG F 61 -23.44 21.65 -20.79
N ILE F 62 -23.27 22.80 -21.44
CA ILE F 62 -24.37 23.52 -22.07
C ILE F 62 -24.37 23.22 -23.56
N ASN F 63 -25.56 22.96 -24.10
CA ASN F 63 -25.76 22.86 -25.54
C ASN F 63 -26.61 24.04 -26.00
N ILE F 64 -26.17 24.70 -27.05
CA ILE F 64 -26.84 25.89 -27.57
C ILE F 64 -27.81 25.45 -28.65
N VAL F 65 -29.11 25.58 -28.37
CA VAL F 65 -30.13 25.11 -29.31
C VAL F 65 -30.08 25.93 -30.59
N SER F 66 -30.06 27.25 -30.46
CA SER F 66 -30.11 28.13 -31.62
C SER F 66 -29.50 29.48 -31.24
N ALA F 67 -29.39 30.36 -32.22
CA ALA F 67 -28.85 31.70 -32.01
C ALA F 67 -29.40 32.62 -33.07
N TYR F 68 -30.16 33.64 -32.65
CA TYR F 68 -30.73 34.62 -33.57
C TYR F 68 -30.40 36.01 -33.06
N GLY F 69 -30.58 37.00 -33.93
CA GLY F 69 -30.22 38.35 -33.58
C GLY F 69 -31.16 39.42 -34.11
N ASN F 70 -31.47 40.41 -33.27
CA ASN F 70 -32.31 41.52 -33.70
C ASN F 70 -31.56 42.42 -34.67
N VAL F 71 -32.31 43.05 -35.57
CA VAL F 71 -31.71 43.93 -36.57
C VAL F 71 -32.34 45.33 -36.52
N UNK F 72 -31.49 46.33 -36.31
CA UNK F 72 -31.91 47.72 -36.40
C UNK F 72 -31.21 48.38 -37.58
N UNK F 73 -31.93 49.22 -38.31
CA UNK F 73 -31.40 49.89 -39.49
C UNK F 73 -30.84 48.90 -40.50
N UNK F 74 -29.60 48.48 -40.27
CA UNK F 74 -28.94 47.52 -41.15
C UNK F 74 -27.77 46.85 -40.43
N UNK F 75 -27.91 46.62 -39.13
CA UNK F 75 -26.86 45.99 -38.35
C UNK F 75 -27.44 45.19 -37.20
N VAL F 76 -26.84 44.05 -36.92
CA VAL F 76 -27.27 43.18 -35.83
C VAL F 76 -26.88 43.81 -34.49
N ASP F 77 -27.88 44.28 -33.75
CA ASP F 77 -27.62 44.97 -32.50
C ASP F 77 -27.74 44.09 -31.26
N TYR F 78 -28.50 43.00 -31.33
CA TYR F 78 -28.60 42.04 -30.25
C TYR F 78 -28.16 40.66 -30.73
N VAL F 79 -27.54 39.90 -29.83
CA VAL F 79 -27.18 38.52 -30.06
C VAL F 79 -27.84 37.68 -28.97
N ASN F 80 -28.80 36.86 -29.36
CA ASN F 80 -29.63 36.09 -28.44
C ASN F 80 -29.36 34.62 -28.63
N LEU F 81 -29.12 33.90 -27.54
CA LEU F 81 -28.76 32.49 -27.57
C LEU F 81 -29.68 31.70 -26.66
N THR F 82 -30.28 30.63 -27.19
CA THR F 82 -31.06 29.70 -26.41
C THR F 82 -30.20 28.52 -26.00
N VAL F 83 -30.20 28.19 -24.71
CA VAL F 83 -29.32 27.16 -24.17
C VAL F 83 -30.14 26.08 -23.49
N ARG F 84 -29.52 24.91 -23.34
CA ARG F 84 -30.14 23.75 -22.72
C ARG F 84 -29.05 22.86 -22.15
N GLN F 85 -29.46 21.95 -21.26
CA GLN F 85 -28.50 21.05 -20.62
C GLN F 85 -28.01 20.01 -21.62
N ALA F 86 -26.97 19.28 -21.21
CA ALA F 86 -26.44 18.17 -21.98
C ALA F 86 -27.04 16.87 -21.46
N ALA F 87 -26.51 15.75 -21.94
CA ALA F 87 -26.97 14.43 -21.53
C ALA F 87 -26.38 14.12 -20.17
N GLY F 88 -27.23 13.95 -19.16
CA GLY F 88 -26.75 13.68 -17.82
C GLY F 88 -26.33 14.90 -17.04
N ALA F 89 -26.65 16.10 -17.52
CA ALA F 89 -26.27 17.30 -16.81
C ALA F 89 -27.10 17.47 -15.54
N ASP F 90 -26.53 18.18 -14.58
CA ASP F 90 -27.20 18.56 -13.36
C ASP F 90 -27.65 20.02 -13.47
N ASN F 91 -28.09 20.60 -12.35
CA ASN F 91 -28.50 22.00 -12.35
C ASN F 91 -27.35 22.88 -12.80
N ILE F 92 -27.58 23.63 -13.88
CA ILE F 92 -26.57 24.51 -14.46
C ILE F 92 -26.96 25.95 -14.17
N ASN F 93 -26.12 26.65 -13.41
CA ASN F 93 -26.36 28.04 -13.05
C ASN F 93 -25.75 28.95 -14.12
N LEU F 94 -26.55 29.87 -14.64
CA LEU F 94 -26.09 30.78 -15.68
C LEU F 94 -25.52 32.06 -15.08
N UNK F 95 -25.48 32.13 -13.75
CA UNK F 95 -24.94 33.30 -13.08
C UNK F 95 -23.45 33.09 -12.81
N LYS F 96 -23.05 31.83 -12.72
CA LYS F 96 -21.66 31.48 -12.48
C LYS F 96 -20.98 31.03 -13.77
N SER F 97 -21.49 31.50 -14.90
CA SER F 97 -20.95 31.17 -16.21
C SER F 97 -20.35 32.42 -16.86
N THR F 98 -19.41 32.17 -17.77
CA THR F 98 -18.73 33.24 -18.49
C THR F 98 -18.76 32.94 -19.98
N ILE F 99 -18.84 33.99 -20.78
CA ILE F 99 -18.90 33.88 -22.23
C ILE F 99 -17.74 34.67 -22.83
N GLN F 100 -16.98 34.02 -23.71
CA GLN F 100 -15.83 34.65 -24.35
C GLN F 100 -16.26 35.13 -25.73
N TRP F 101 -16.18 36.45 -25.94
CA TRP F 101 -16.64 37.09 -27.16
C TRP F 101 -15.43 37.50 -27.98
N ILE F 102 -15.06 36.68 -28.96
CA ILE F 102 -14.03 37.05 -29.93
C ILE F 102 -14.76 37.71 -31.10
N GLY F 103 -14.98 39.01 -30.97
CA GLY F 103 -15.61 39.76 -32.02
C GLY F 103 -14.62 40.18 -33.08
N PRO F 104 -15.15 40.70 -34.19
CA PRO F 104 -14.25 41.21 -35.24
C PRO F 104 -13.42 42.39 -34.81
N ASP F 105 -13.92 43.23 -33.91
CA ASP F 105 -13.21 44.44 -33.49
C ASP F 105 -12.74 44.37 -32.05
N UNK F 106 -13.17 43.35 -31.31
CA UNK F 106 -12.80 43.21 -29.91
C UNK F 106 -12.69 41.77 -29.46
N ALA F 107 -12.26 41.58 -28.21
CA ALA F 107 -12.15 40.26 -27.62
C ALA F 107 -12.16 40.36 -26.10
N THR F 108 -13.32 40.09 -25.50
CA THR F 108 -13.48 40.21 -24.05
C THR F 108 -14.31 39.04 -23.55
N THR F 109 -14.22 38.79 -22.24
CA THR F 109 -14.95 37.72 -21.59
C THR F 109 -16.16 38.32 -20.88
N LEU F 110 -17.35 37.99 -21.36
CA LEU F 110 -18.58 38.52 -20.78
C LEU F 110 -18.95 37.74 -19.53
N THR F 111 -19.41 38.47 -18.52
CA THR F 111 -19.86 37.88 -17.27
C THR F 111 -21.34 38.18 -17.07
N TYR F 112 -21.91 37.59 -16.03
CA TYR F 112 -23.35 37.71 -15.78
C TYR F 112 -23.73 39.08 -15.23
N UNK F 113 -24.95 39.51 -15.51
CA UNK F 113 -25.48 40.76 -14.99
C UNK F 113 -26.96 40.64 -14.68
N UNK F 114 -27.64 41.78 -14.67
CA UNK F 114 -29.08 41.81 -14.41
C UNK F 114 -29.70 43.08 -14.99
N UNK F 115 -30.74 42.90 -15.81
CA UNK F 115 -31.44 44.01 -16.45
C UNK F 115 -30.50 44.89 -17.26
N UNK F 120 -26.99 43.64 -21.96
CA UNK F 120 -26.72 44.81 -21.14
C UNK F 120 -25.63 45.67 -21.78
N UNK F 121 -24.53 45.84 -21.06
CA UNK F 121 -23.40 46.62 -21.57
C UNK F 121 -22.30 45.69 -22.07
N GLU F 122 -21.33 45.42 -21.21
CA GLU F 122 -20.25 44.49 -21.55
C GLU F 122 -20.48 43.17 -20.80
N ASN F 123 -21.74 42.92 -20.44
CA ASN F 123 -22.13 41.72 -19.72
C ASN F 123 -23.26 41.04 -20.50
N PHE F 124 -23.76 39.94 -19.94
CA PHE F 124 -24.81 39.16 -20.57
C PHE F 124 -25.92 38.88 -19.57
N THR F 125 -27.16 38.85 -20.07
CA THR F 125 -28.35 38.64 -19.26
C THR F 125 -29.06 37.36 -19.71
N THR F 126 -29.80 36.76 -18.80
CA THR F 126 -30.52 35.52 -19.10
C THR F 126 -32.01 35.64 -18.87
N UNK F 127 -32.77 35.85 -19.95
CA UNK F 127 -34.23 35.83 -19.88
C UNK F 127 -34.73 34.41 -20.12
N SER F 128 -35.76 34.00 -19.39
CA SER F 128 -36.26 32.63 -19.46
C SER F 128 -37.17 32.41 -20.66
N ILE F 129 -37.20 31.16 -21.14
CA ILE F 129 -38.06 30.74 -22.24
C ILE F 129 -39.07 29.69 -21.79
N LYS F 130 -38.57 28.61 -21.19
CA LYS F 130 -39.42 27.54 -20.67
C LYS F 130 -38.85 27.06 -19.35
N GLY F 131 -39.67 27.12 -18.29
CA GLY F 131 -39.25 26.68 -16.98
C GLY F 131 -39.50 27.70 -15.89
N UNK F 132 -39.04 27.40 -14.68
CA UNK F 132 -39.23 28.28 -13.54
C UNK F 132 -38.08 29.27 -13.40
N UNK F 133 -36.90 28.75 -13.05
CA UNK F 133 -35.72 29.59 -12.85
C UNK F 133 -35.28 30.25 -14.16
N UNK F 134 -34.89 31.52 -14.07
CA UNK F 134 -34.44 32.26 -15.23
C UNK F 134 -32.92 32.38 -15.26
N UNK F 135 -32.26 31.64 -14.38
CA UNK F 135 -30.81 31.67 -14.29
C UNK F 135 -30.24 30.27 -14.07
N VAL F 136 -31.13 29.31 -13.79
CA VAL F 136 -30.71 27.94 -13.53
C VAL F 136 -31.48 26.97 -14.42
N LEU F 137 -30.76 26.04 -15.04
CA LEU F 137 -31.35 24.98 -15.85
C LEU F 137 -31.44 23.73 -14.98
N VAL F 138 -32.64 23.40 -14.53
CA VAL F 138 -32.84 22.31 -13.57
C VAL F 138 -33.22 21.01 -14.26
N ASP F 139 -34.13 21.05 -15.23
CA ASP F 139 -34.60 19.87 -15.93
C ASP F 139 -34.17 19.91 -17.40
N GLN F 140 -34.31 18.77 -18.06
CA GLN F 140 -33.89 18.64 -19.44
C GLN F 140 -34.78 19.40 -20.42
N SER F 141 -35.95 19.85 -19.98
CA SER F 141 -36.89 20.57 -20.82
C SER F 141 -36.85 22.08 -20.60
N ASP F 142 -35.83 22.59 -19.90
CA ASP F 142 -35.71 24.02 -19.63
C ASP F 142 -34.90 24.69 -20.73
N ARG F 143 -35.39 25.83 -21.20
CA ARG F 143 -34.70 26.66 -22.16
C ARG F 143 -34.59 28.08 -21.62
N ILE F 144 -33.39 28.64 -21.65
CA ILE F 144 -33.14 30.00 -21.18
C ILE F 144 -32.43 30.76 -22.29
N LYS F 145 -32.80 32.02 -22.48
CA LYS F 145 -32.26 32.84 -23.55
C LYS F 145 -31.13 33.71 -23.02
N VAL F 146 -29.91 33.45 -23.48
CA VAL F 146 -28.76 34.26 -23.12
C VAL F 146 -28.74 35.51 -23.99
N ILE F 147 -28.62 36.67 -23.36
CA ILE F 147 -28.83 37.95 -24.02
C ILE F 147 -27.51 38.70 -24.09
N MET F 148 -27.15 39.16 -25.28
CA MET F 148 -25.93 39.93 -25.47
C MET F 148 -26.20 41.11 -26.38
N TYR F 149 -25.62 42.26 -26.04
CA TYR F 149 -25.78 43.48 -26.82
C TYR F 149 -24.53 43.64 -27.68
N ALA F 150 -24.68 43.43 -28.99
CA ALA F 150 -23.55 43.49 -29.91
C ALA F 150 -22.97 44.90 -30.00
N UNK F 151 -23.85 45.90 -29.91
CA UNK F 151 -23.42 47.28 -30.02
C UNK F 151 -23.10 47.87 -28.65
N UNK F 152 -22.63 47.02 -27.74
CA UNK F 152 -22.28 47.46 -26.40
C UNK F 152 -21.06 46.71 -25.88
N VAL F 153 -20.85 45.50 -26.40
CA VAL F 153 -19.68 44.71 -26.04
C VAL F 153 -18.52 45.10 -26.94
N UNK F 154 -18.85 45.69 -28.08
CA UNK F 154 -17.85 46.13 -29.05
C UNK F 154 -18.49 47.09 -30.04
N UNK F 155 -18.77 46.60 -31.23
CA UNK F 155 -19.43 47.40 -32.26
C UNK F 155 -20.60 46.61 -32.83
N UNK F 156 -21.56 47.32 -33.44
CA UNK F 156 -22.73 46.68 -34.03
C UNK F 156 -22.31 45.76 -35.18
N LEU F 157 -22.72 44.50 -35.10
CA LEU F 157 -22.34 43.51 -36.10
C LEU F 157 -22.96 43.81 -37.46
N UNK F 158 -22.10 44.08 -38.43
CA UNK F 158 -22.55 44.33 -39.80
C UNK F 158 -22.80 43.01 -40.51
N UNK F 159 -23.43 43.07 -41.68
CA UNK F 159 -23.76 41.88 -42.45
C UNK F 159 -22.49 41.17 -42.93
N GLY F 160 -22.10 40.10 -42.24
CA GLY F 160 -20.95 39.33 -42.63
C GLY F 160 -19.95 39.14 -41.51
N UNK F 161 -20.15 39.84 -40.40
CA UNK F 161 -19.24 39.74 -39.26
C UNK F 161 -19.35 38.37 -38.59
N GLU F 162 -18.22 37.89 -38.08
CA GLU F 162 -18.19 36.59 -37.41
C GLU F 162 -17.61 36.73 -36.00
N VAL F 163 -18.37 36.25 -35.01
CA VAL F 163 -17.96 36.30 -33.61
C VAL F 163 -17.97 34.88 -33.06
N GLN F 164 -16.93 34.53 -32.32
CA GLN F 164 -16.83 33.21 -31.69
C GLN F 164 -17.25 33.32 -30.23
N LEU F 165 -18.24 32.53 -29.84
CA LEU F 165 -18.77 32.53 -28.47
C LEU F 165 -18.47 31.18 -27.84
N THR F 166 -17.78 31.21 -26.70
CA THR F 166 -17.51 30.01 -25.91
C THR F 166 -18.15 30.19 -24.54
N VAL F 167 -19.21 29.43 -24.28
CA VAL F 167 -19.91 29.47 -23.00
C VAL F 167 -19.26 28.47 -22.07
N THR F 168 -18.66 28.96 -20.99
CA THR F 168 -17.96 28.12 -20.03
C THR F 168 -18.78 28.05 -18.74
N THR F 169 -19.16 26.83 -18.35
CA THR F 169 -19.89 26.63 -17.12
C THR F 169 -18.95 26.81 -15.92
N GLN F 170 -19.55 26.86 -14.72
CA GLN F 170 -18.76 27.03 -13.51
C GLN F 170 -17.72 25.93 -13.35
N TYR F 171 -18.09 24.69 -13.68
CA TYR F 171 -17.17 23.57 -13.55
C TYR F 171 -16.13 23.49 -14.67
N GLY F 172 -16.26 24.30 -15.71
CA GLY F 172 -15.27 24.35 -16.76
C GLY F 172 -15.65 23.68 -18.08
N SER F 173 -16.93 23.40 -18.31
CA SER F 173 -17.37 22.76 -19.54
C SER F 173 -17.57 23.84 -20.60
N LYS F 174 -16.66 23.87 -21.58
CA LYS F 174 -16.69 24.88 -22.62
C LYS F 174 -17.55 24.42 -23.78
N THR F 175 -18.45 25.30 -24.23
CA THR F 175 -19.25 25.08 -25.43
C THR F 175 -19.02 26.24 -26.37
N THR F 176 -18.50 25.97 -27.56
CA THR F 176 -18.14 26.99 -28.53
C THR F 176 -19.17 27.02 -29.65
N TYR F 177 -19.67 28.22 -29.94
CA TYR F 177 -20.59 28.43 -31.06
C TYR F 177 -20.03 29.54 -31.92
N TRP F 178 -19.80 29.24 -33.20
CA TRP F 178 -19.29 30.23 -34.15
C TRP F 178 -20.49 30.94 -34.78
N ALA F 179 -20.81 32.12 -34.27
CA ALA F 179 -21.91 32.90 -34.80
C ALA F 179 -21.45 33.64 -36.05
N GLN F 180 -22.21 33.49 -37.13
CA GLN F 180 -21.90 34.12 -38.41
C GLN F 180 -23.10 34.94 -38.84
N VAL F 181 -22.93 36.26 -38.86
CA VAL F 181 -24.00 37.14 -39.37
C VAL F 181 -24.20 36.84 -40.86
N PRO F 182 -25.43 36.83 -41.37
CA PRO F 182 -25.64 36.55 -42.80
C PRO F 182 -24.88 37.53 -43.67
N GLU F 183 -24.33 37.02 -44.78
CA GLU F 183 -23.58 37.87 -45.71
C GLU F 183 -24.47 38.97 -46.28
N SER F 184 -25.73 38.64 -46.56
CA SER F 184 -26.72 39.62 -47.01
C SER F 184 -27.78 39.79 -45.95
N LEU F 185 -28.14 41.04 -45.66
CA LEU F 185 -29.09 41.35 -44.60
C LEU F 185 -30.29 42.14 -45.13
N LYS F 186 -30.34 42.41 -46.43
CA LYS F 186 -31.42 43.22 -46.99
C LYS F 186 -32.77 42.56 -46.80
N ASP F 187 -33.75 43.34 -46.38
CA ASP F 187 -35.14 42.89 -46.22
C ASP F 187 -35.23 41.68 -45.27
N LYS F 188 -34.50 41.77 -44.16
CA LYS F 188 -34.53 40.73 -43.13
C LYS F 188 -34.66 41.44 -41.77
N ASN F 189 -35.88 41.47 -41.23
CA ASN F 189 -36.11 42.16 -39.98
C ASN F 189 -35.34 41.48 -38.84
N ALA F 190 -35.36 40.15 -38.81
CA ALA F 190 -34.61 39.38 -37.82
C ALA F 190 -33.83 38.28 -38.52
N VAL F 191 -32.54 38.18 -38.21
CA VAL F 191 -31.70 37.18 -38.85
C VAL F 191 -31.48 35.99 -37.93
N UNK F 192 -31.01 34.89 -38.50
CA UNK F 192 -30.65 33.71 -37.72
C UNK F 192 -29.14 33.53 -37.78
N LEU F 193 -28.46 33.90 -36.70
CA LEU F 193 -27.00 33.82 -36.64
C LEU F 193 -26.52 32.38 -36.66
N GLN G 13 -1.64 1.18 5.18
CA GLN G 13 -0.64 1.88 4.38
C GLN G 13 -0.92 1.75 2.89
N VAL G 14 -1.24 0.54 2.44
CA VAL G 14 -1.55 0.32 1.04
C VAL G 14 -2.74 1.15 0.61
N GLY G 15 -3.70 1.36 1.51
CA GLY G 15 -4.84 2.21 1.18
C GLY G 15 -4.45 3.65 0.92
N ILE G 16 -3.43 4.16 1.65
CA ILE G 16 -2.99 5.53 1.47
C ILE G 16 -2.49 5.76 0.04
N GLY G 17 -1.69 4.82 -0.47
CA GLY G 17 -1.18 4.96 -1.82
C GLY G 17 -2.27 4.86 -2.87
N THR G 18 -3.26 3.99 -2.63
CA THR G 18 -4.33 3.81 -3.59
C THR G 18 -5.16 5.08 -3.78
N LEU G 19 -5.44 5.78 -2.68
CA LEU G 19 -6.27 6.98 -2.77
C LEU G 19 -5.61 8.06 -3.61
N ILE G 20 -4.30 8.24 -3.45
CA ILE G 20 -3.59 9.28 -4.20
C ILE G 20 -3.58 8.96 -5.69
N VAL G 21 -3.26 7.70 -6.03
CA VAL G 21 -3.27 7.30 -7.43
C VAL G 21 -4.68 7.33 -8.00
N PHE G 22 -5.68 7.11 -7.16
CA PHE G 22 -7.07 7.21 -7.61
C PHE G 22 -7.39 8.62 -8.10
N ILE G 23 -6.90 9.64 -7.40
CA ILE G 23 -7.15 11.01 -7.80
C ILE G 23 -6.55 11.29 -9.17
N ALA G 24 -5.33 10.80 -9.40
CA ALA G 24 -4.66 11.05 -10.67
C ALA G 24 -5.43 10.46 -11.84
N MET G 25 -5.91 9.21 -11.69
CA MET G 25 -6.62 8.56 -12.78
C MET G 25 -7.92 9.29 -13.10
N VAL G 26 -8.62 9.78 -12.07
CA VAL G 26 -9.81 10.59 -12.30
C VAL G 26 -9.45 11.88 -13.01
N LEU G 27 -8.37 12.53 -12.58
CA LEU G 27 -7.93 13.77 -13.23
C LEU G 27 -7.48 13.52 -14.66
N VAL G 28 -6.73 12.44 -14.88
CA VAL G 28 -6.25 12.13 -16.23
C VAL G 28 -7.41 11.83 -17.17
N ALA G 29 -8.40 11.08 -16.68
CA ALA G 29 -9.58 10.80 -17.51
C ALA G 29 -10.34 12.08 -17.82
N ALA G 30 -10.38 13.03 -16.89
CA ALA G 30 -11.00 14.31 -17.16
C ALA G 30 -10.25 15.07 -18.24
N ILE G 31 -8.92 14.99 -18.23
CA ILE G 31 -8.13 15.62 -19.28
C ILE G 31 -8.43 14.99 -20.63
N ALA G 32 -8.48 13.65 -20.67
CA ALA G 32 -8.75 12.96 -21.92
C ALA G 32 -10.16 13.26 -22.43
N ALA G 33 -11.13 13.28 -21.52
CA ALA G 33 -12.51 13.59 -21.92
C ALA G 33 -12.62 15.01 -22.45
N GLY G 34 -11.87 15.94 -21.86
CA GLY G 34 -11.90 17.31 -22.34
C GLY G 34 -11.43 17.44 -23.77
N VAL G 35 -10.37 16.72 -24.12
CA VAL G 35 -9.81 16.81 -25.47
C VAL G 35 -10.81 16.31 -26.51
N LEU G 36 -11.49 15.19 -26.21
CA LEU G 36 -12.45 14.63 -27.16
C LEU G 36 -13.61 15.58 -27.41
N ILE G 37 -14.20 16.14 -26.35
CA ILE G 37 -15.38 16.98 -26.50
C ILE G 37 -15.01 18.30 -27.16
N ASN G 38 -13.92 18.94 -26.71
CA ASN G 38 -13.53 20.23 -27.27
C ASN G 38 -13.15 20.11 -28.74
N THR G 39 -12.43 19.05 -29.10
CA THR G 39 -12.09 18.84 -30.51
C THR G 39 -13.35 18.57 -31.33
N ALA G 40 -14.31 17.84 -30.76
CA ALA G 40 -15.58 17.64 -31.46
C ALA G 40 -16.32 18.95 -31.65
N GLY G 41 -16.27 19.83 -30.65
CA GLY G 41 -16.91 21.13 -30.78
C GLY G 41 -16.30 21.96 -31.88
N TYR G 42 -14.97 21.96 -31.99
CA TYR G 42 -14.31 22.67 -33.07
C TYR G 42 -14.70 22.08 -34.43
N LEU G 43 -14.71 20.76 -34.55
CA LEU G 43 -15.07 20.13 -35.81
C LEU G 43 -16.54 20.33 -36.14
N GLN G 44 -17.40 20.42 -35.12
CA GLN G 44 -18.82 20.65 -35.35
C GLN G 44 -19.04 22.01 -36.02
N SER G 45 -18.37 23.05 -35.53
CA SER G 45 -18.48 24.37 -36.15
C SER G 45 -17.87 24.37 -37.54
N LYS G 46 -16.73 23.68 -37.72
CA LYS G 46 -16.13 23.58 -39.04
C LYS G 46 -17.04 22.85 -40.02
N GLY G 47 -17.64 21.73 -39.57
CA GLY G 47 -18.53 21.00 -40.45
C GLY G 47 -19.81 21.75 -40.76
N SER G 48 -20.40 22.40 -39.76
CA SER G 48 -21.65 23.12 -39.98
C SER G 48 -21.44 24.29 -40.94
N ALA G 49 -20.34 25.02 -40.78
CA ALA G 49 -20.02 26.10 -41.72
C ALA G 49 -19.76 25.55 -43.11
N THR G 50 -19.01 24.45 -43.21
CA THR G 50 -18.64 23.91 -44.52
C THR G 50 -19.88 23.51 -45.32
N GLY G 51 -20.85 22.87 -44.65
CA GLY G 51 -22.06 22.47 -45.35
C GLY G 51 -22.84 23.66 -45.92
N GLU G 52 -22.92 24.75 -45.15
CA GLU G 52 -23.68 25.91 -45.61
C GLU G 52 -22.99 26.59 -46.79
N GLU G 53 -21.67 26.80 -46.69
CA GLU G 53 -20.95 27.46 -47.79
C GLU G 53 -20.94 26.59 -49.04
N ALA G 54 -20.79 25.27 -48.87
CA ALA G 54 -20.81 24.38 -50.04
C ALA G 54 -22.18 24.39 -50.71
N SER G 55 -23.26 24.40 -49.93
CA SER G 55 -24.59 24.47 -50.51
C SER G 55 -24.82 25.80 -51.21
N ALA G 56 -24.31 26.89 -50.63
CA ALA G 56 -24.47 28.21 -51.25
C ALA G 56 -23.69 28.30 -52.56
N GLN G 57 -22.56 27.60 -52.65
CA GLN G 57 -21.78 27.63 -53.89
C GLN G 57 -22.56 27.04 -55.06
N VAL G 58 -23.33 25.99 -54.80
CA VAL G 58 -24.09 25.34 -55.86
C VAL G 58 -25.44 26.02 -56.08
N SER G 59 -26.11 26.44 -55.01
CA SER G 59 -27.47 26.97 -55.13
C SER G 59 -27.48 28.42 -55.59
N ASN G 60 -26.87 29.32 -54.81
CA ASN G 60 -26.92 30.74 -55.09
C ASN G 60 -26.16 31.05 -56.36
N ARG G 61 -26.90 31.30 -57.45
CA ARG G 61 -26.32 31.48 -58.76
C ARG G 61 -27.11 32.53 -59.52
N ILE G 62 -26.46 33.20 -60.46
CA ILE G 62 -27.08 34.23 -61.28
C ILE G 62 -27.47 33.65 -62.63
N ASN G 63 -28.70 33.94 -63.06
CA ASN G 63 -29.18 33.56 -64.38
C ASN G 63 -29.40 34.82 -65.20
N ILE G 64 -28.74 34.91 -66.36
CA ILE G 64 -28.83 36.08 -67.22
C ILE G 64 -30.10 35.96 -68.05
N VAL G 65 -31.10 36.79 -67.74
CA VAL G 65 -32.39 36.69 -68.40
C VAL G 65 -32.27 37.07 -69.87
N SER G 66 -31.63 38.20 -70.15
CA SER G 66 -31.51 38.69 -71.52
C SER G 66 -30.35 39.67 -71.60
N ALA G 67 -29.72 39.72 -72.77
CA ALA G 67 -28.61 40.65 -73.03
C ALA G 67 -28.91 41.43 -74.30
N TYR G 68 -29.07 42.74 -74.17
CA TYR G 68 -29.24 43.64 -75.29
C TYR G 68 -28.41 44.90 -75.07
N GLY G 69 -27.90 45.46 -76.16
CA GLY G 69 -26.85 46.47 -76.09
C GLY G 69 -27.24 47.80 -76.71
N ASN G 70 -26.64 48.87 -76.20
CA ASN G 70 -26.88 50.23 -76.68
C ASN G 70 -25.83 50.59 -77.73
N VAL G 71 -26.23 50.62 -79.00
CA VAL G 71 -25.34 51.06 -80.06
C VAL G 71 -25.37 52.57 -80.19
N UNK G 72 -24.25 53.21 -79.90
CA UNK G 72 -24.15 54.66 -79.95
C UNK G 72 -23.28 55.10 -81.13
N UNK G 73 -23.83 55.99 -81.96
CA UNK G 73 -23.16 56.50 -83.16
C UNK G 73 -22.93 55.39 -84.20
N UNK G 74 -21.91 54.57 -83.98
CA UNK G 74 -21.58 53.49 -84.90
C UNK G 74 -21.27 52.22 -84.14
N UNK G 75 -20.64 52.38 -82.97
CA UNK G 75 -20.28 51.27 -82.11
C UNK G 75 -21.22 51.20 -80.90
N VAL G 76 -20.89 50.38 -79.89
CA VAL G 76 -21.73 50.32 -78.69
C VAL G 76 -20.93 50.78 -77.47
N ASP G 77 -21.50 51.72 -76.71
CA ASP G 77 -20.83 52.20 -75.49
C ASP G 77 -21.40 51.57 -74.23
N TYR G 78 -22.66 51.13 -74.26
CA TYR G 78 -23.33 50.57 -73.08
C TYR G 78 -23.91 49.22 -73.43
N VAL G 79 -23.47 48.18 -72.72
CA VAL G 79 -24.05 46.84 -72.85
C VAL G 79 -24.89 46.56 -71.60
N ASN G 80 -26.13 46.13 -71.81
CA ASN G 80 -27.04 45.80 -70.73
C ASN G 80 -27.06 44.28 -70.52
N LEU G 81 -27.16 43.86 -69.26
CA LEU G 81 -27.52 42.49 -68.93
C LEU G 81 -28.61 42.50 -67.86
N THR G 82 -29.60 41.63 -68.03
CA THR G 82 -30.64 41.44 -67.03
C THR G 82 -30.40 40.12 -66.30
N VAL G 83 -30.41 40.16 -64.98
CA VAL G 83 -30.06 39.01 -64.18
C VAL G 83 -31.22 38.68 -63.24
N ARG G 84 -31.22 37.44 -62.75
CA ARG G 84 -32.25 36.97 -61.85
C ARG G 84 -31.68 35.87 -60.98
N GLN G 85 -32.34 35.62 -59.86
CA GLN G 85 -31.93 34.56 -58.96
C GLN G 85 -32.13 33.19 -59.61
N ALA G 86 -31.21 32.27 -59.35
CA ALA G 86 -31.40 30.90 -59.76
C ALA G 86 -32.39 30.20 -58.83
N ALA G 87 -32.82 29.01 -59.24
CA ALA G 87 -33.76 28.25 -58.44
C ALA G 87 -33.18 27.93 -57.07
N GLY G 88 -33.93 28.28 -56.02
CA GLY G 88 -33.50 27.99 -54.67
C GLY G 88 -32.39 28.86 -54.13
N ALA G 89 -32.12 30.00 -54.77
CA ALA G 89 -31.12 30.92 -54.26
C ALA G 89 -31.65 31.67 -53.05
N ASP G 90 -30.74 32.03 -52.14
CA ASP G 90 -31.13 32.73 -50.92
C ASP G 90 -31.02 34.24 -51.08
N ASN G 91 -29.80 34.74 -51.31
CA ASN G 91 -29.57 36.17 -51.51
C ASN G 91 -28.30 36.31 -52.33
N ILE G 92 -28.38 37.03 -53.44
CA ILE G 92 -27.23 37.27 -54.31
C ILE G 92 -26.89 38.75 -54.23
N ASN G 93 -25.77 39.08 -53.59
CA ASN G 93 -25.26 40.44 -53.56
C ASN G 93 -24.41 40.67 -54.79
N LEU G 94 -24.86 41.53 -55.69
CA LEU G 94 -24.16 41.75 -56.95
C LEU G 94 -23.03 42.77 -56.81
N UNK G 95 -22.64 43.06 -55.57
CA UNK G 95 -21.55 43.98 -55.32
C UNK G 95 -20.28 43.20 -54.98
N LYS G 96 -20.45 41.99 -54.47
CA LYS G 96 -19.33 41.14 -54.11
C LYS G 96 -19.00 40.18 -55.25
N SER G 97 -19.63 40.42 -56.41
CA SER G 97 -19.43 39.60 -57.59
C SER G 97 -18.41 40.25 -58.52
N THR G 98 -17.84 39.43 -59.41
CA THR G 98 -16.88 39.89 -60.39
C THR G 98 -17.21 39.26 -61.73
N ILE G 99 -17.22 40.07 -62.79
CA ILE G 99 -17.54 39.62 -64.13
C ILE G 99 -16.25 39.60 -64.94
N GLN G 100 -15.84 38.42 -65.38
CA GLN G 100 -14.66 38.28 -66.23
C GLN G 100 -15.02 38.60 -67.68
N TRP G 101 -14.23 39.46 -68.30
CA TRP G 101 -14.48 39.91 -69.66
C TRP G 101 -13.46 39.25 -70.59
N ILE G 102 -13.95 38.57 -71.62
CA ILE G 102 -13.11 37.95 -72.63
C ILE G 102 -13.60 38.45 -73.98
N GLY G 103 -12.89 39.40 -74.57
CA GLY G 103 -13.29 39.97 -75.83
C GLY G 103 -12.26 39.71 -76.92
N PRO G 104 -12.49 40.28 -78.11
CA PRO G 104 -11.48 40.17 -79.18
C PRO G 104 -10.16 40.83 -78.82
N ASP G 105 -10.18 41.86 -77.97
CA ASP G 105 -8.97 42.56 -77.58
C ASP G 105 -8.55 42.29 -76.13
N UNK G 106 -8.95 43.16 -75.20
CA UNK G 106 -8.58 43.04 -73.80
C UNK G 106 -9.24 41.84 -73.14
N ALA G 107 -8.78 41.50 -71.94
CA ALA G 107 -9.28 40.32 -71.23
C ALA G 107 -8.97 40.40 -69.74
N THR G 108 -9.77 41.15 -69.00
CA THR G 108 -9.60 41.31 -67.56
C THR G 108 -10.93 41.04 -66.85
N THR G 109 -10.86 41.02 -65.53
CA THR G 109 -12.04 40.84 -64.68
C THR G 109 -12.54 42.19 -64.19
N LEU G 110 -13.86 42.35 -64.20
CA LEU G 110 -14.49 43.64 -63.88
C LEU G 110 -15.06 43.59 -62.48
N THR G 111 -14.66 44.54 -61.63
CA THR G 111 -15.14 44.66 -60.27
C THR G 111 -16.34 45.60 -60.22
N TYR G 112 -17.05 45.58 -59.10
CA TYR G 112 -18.24 46.41 -58.94
C TYR G 112 -17.87 47.85 -58.56
N UNK G 113 -18.60 48.81 -59.13
CA UNK G 113 -18.43 50.21 -58.78
C UNK G 113 -19.78 50.87 -58.58
N UNK G 114 -19.81 51.94 -57.78
CA UNK G 114 -21.06 52.63 -57.48
C UNK G 114 -21.17 53.95 -58.25
N UNK G 115 -20.73 53.93 -59.51
CA UNK G 115 -20.79 55.12 -60.35
C UNK G 115 -22.10 55.17 -61.13
N UNK G 120 -19.08 52.05 -65.47
CA UNK G 120 -17.94 52.82 -64.98
C UNK G 120 -16.76 52.69 -65.93
N UNK G 121 -15.55 52.80 -65.38
CA UNK G 121 -14.34 52.69 -66.18
C UNK G 121 -14.08 51.23 -66.53
N GLU G 122 -13.20 50.59 -65.78
CA GLU G 122 -12.91 49.17 -65.95
C GLU G 122 -13.75 48.33 -64.98
N ASN G 123 -14.77 48.95 -64.42
CA ASN G 123 -15.65 48.33 -63.44
C ASN G 123 -17.06 48.19 -64.02
N PHE G 124 -18.00 47.72 -63.19
CA PHE G 124 -19.38 47.57 -63.61
C PHE G 124 -20.30 48.15 -62.55
N THR G 125 -21.51 48.54 -62.99
CA THR G 125 -22.51 49.13 -62.11
C THR G 125 -23.84 48.43 -62.32
N THR G 126 -24.62 48.36 -61.24
CA THR G 126 -25.91 47.67 -61.29
C THR G 126 -27.09 48.62 -61.07
N UNK G 127 -27.93 48.75 -62.09
CA UNK G 127 -29.16 49.51 -61.98
C UNK G 127 -30.33 48.56 -61.78
N SER G 128 -31.34 48.99 -61.02
CA SER G 128 -32.47 48.13 -60.69
C SER G 128 -33.62 48.27 -61.66
N ILE G 129 -34.09 47.14 -62.20
CA ILE G 129 -35.28 47.15 -63.04
C ILE G 129 -36.53 46.82 -62.24
N LYS G 130 -36.42 45.95 -61.23
CA LYS G 130 -37.57 45.56 -60.42
C LYS G 130 -37.07 45.06 -59.07
N GLY G 131 -37.67 45.54 -57.99
CA GLY G 131 -37.27 45.14 -56.65
C GLY G 131 -36.86 46.32 -55.78
N UNK G 132 -36.60 46.04 -54.50
CA UNK G 132 -36.21 47.07 -53.56
C UNK G 132 -34.76 47.48 -53.74
N UNK G 133 -33.84 46.59 -53.37
CA UNK G 133 -32.42 46.85 -53.49
C UNK G 133 -31.99 46.95 -54.95
N UNK G 134 -30.92 47.70 -55.20
CA UNK G 134 -30.44 47.91 -56.56
C UNK G 134 -29.10 47.22 -56.79
N UNK G 135 -28.66 46.45 -55.81
CA UNK G 135 -27.39 45.73 -55.91
C UNK G 135 -27.51 44.33 -55.32
N VAL G 136 -28.62 44.07 -54.65
CA VAL G 136 -28.87 42.77 -54.03
C VAL G 136 -30.20 42.19 -54.51
N LEU G 137 -30.16 40.95 -54.99
CA LEU G 137 -31.38 40.23 -55.39
C LEU G 137 -31.89 39.48 -54.17
N VAL G 138 -33.07 39.85 -53.69
CA VAL G 138 -33.65 39.26 -52.49
C VAL G 138 -34.72 38.23 -52.82
N ASP G 139 -35.61 38.55 -53.76
CA ASP G 139 -36.68 37.65 -54.16
C ASP G 139 -36.47 37.17 -55.59
N GLN G 140 -37.24 36.16 -55.97
CA GLN G 140 -37.11 35.59 -57.31
C GLN G 140 -37.53 36.60 -58.38
N SER G 141 -38.52 37.44 -58.08
CA SER G 141 -39.00 38.41 -59.04
C SER G 141 -38.01 39.54 -59.29
N ASP G 142 -37.01 39.71 -58.41
CA ASP G 142 -36.04 40.78 -58.56
C ASP G 142 -35.27 40.64 -59.87
N ARG G 143 -35.15 41.75 -60.60
CA ARG G 143 -34.43 41.79 -61.88
C ARG G 143 -33.45 42.95 -61.82
N ILE G 144 -32.21 42.65 -61.48
CA ILE G 144 -31.14 43.65 -61.45
C ILE G 144 -30.48 43.70 -62.81
N LYS G 145 -29.99 44.89 -63.18
CA LYS G 145 -29.41 45.12 -64.50
C LYS G 145 -27.96 45.55 -64.32
N VAL G 146 -27.04 44.81 -64.93
CA VAL G 146 -25.61 45.07 -64.82
C VAL G 146 -25.14 45.85 -66.04
N ILE G 147 -24.37 46.91 -65.81
CA ILE G 147 -23.88 47.76 -66.88
C ILE G 147 -22.36 47.65 -66.94
N MET G 148 -21.82 47.64 -68.15
CA MET G 148 -20.38 47.70 -68.38
C MET G 148 -20.13 48.66 -69.54
N TYR G 149 -19.35 49.70 -69.28
CA TYR G 149 -19.12 50.72 -70.31
C TYR G 149 -18.04 50.21 -71.26
N ALA G 150 -18.47 49.59 -72.36
CA ALA G 150 -17.62 48.75 -73.20
C ALA G 150 -16.45 49.46 -73.88
N UNK G 151 -16.32 50.76 -73.67
CA UNK G 151 -15.27 51.52 -74.35
C UNK G 151 -14.00 51.53 -73.54
N UNK G 152 -14.12 51.88 -72.26
CA UNK G 152 -12.97 52.04 -71.38
C UNK G 152 -12.44 50.70 -70.87
N VAL G 153 -13.25 49.65 -70.98
CA VAL G 153 -12.83 48.32 -70.54
C VAL G 153 -11.95 47.67 -71.59
N UNK G 154 -11.96 48.24 -72.79
CA UNK G 154 -11.20 47.69 -73.90
C UNK G 154 -11.12 48.70 -75.02
N UNK G 155 -12.09 48.64 -75.93
CA UNK G 155 -12.20 49.58 -77.04
C UNK G 155 -13.63 49.66 -77.54
N UNK G 156 -13.90 50.59 -78.44
CA UNK G 156 -15.24 50.74 -79.01
C UNK G 156 -15.66 49.47 -79.74
N LEU G 157 -16.54 48.71 -79.10
CA LEU G 157 -16.98 47.43 -79.64
C LEU G 157 -17.74 47.61 -80.95
N UNK G 158 -17.10 47.20 -82.04
CA UNK G 158 -17.68 47.35 -83.37
C UNK G 158 -18.61 46.19 -83.70
N UNK G 159 -19.01 46.10 -84.97
CA UNK G 159 -19.93 45.05 -85.40
C UNK G 159 -19.19 43.73 -85.60
N GLY G 160 -19.90 42.63 -85.35
CA GLY G 160 -19.32 41.30 -85.51
C GLY G 160 -18.17 41.00 -84.58
N UNK G 161 -18.49 40.68 -83.33
CA UNK G 161 -17.48 40.33 -82.33
C UNK G 161 -18.14 39.65 -81.14
N GLU G 162 -17.54 38.55 -80.68
CA GLU G 162 -18.10 37.79 -79.57
C GLU G 162 -17.34 38.07 -78.28
N VAL G 163 -18.09 38.27 -77.19
CA VAL G 163 -17.52 38.55 -75.88
C VAL G 163 -18.06 37.53 -74.90
N GLN G 164 -17.18 36.94 -74.10
CA GLN G 164 -17.56 35.96 -73.09
C GLN G 164 -17.54 36.62 -71.72
N LEU G 165 -18.67 36.54 -71.02
CA LEU G 165 -18.79 37.10 -69.68
C LEU G 165 -19.00 35.96 -68.69
N THR G 166 -18.24 35.97 -67.60
CA THR G 166 -18.32 34.94 -66.56
C THR G 166 -18.66 35.63 -65.25
N VAL G 167 -19.97 35.79 -64.99
CA VAL G 167 -20.41 36.37 -63.73
C VAL G 167 -20.16 35.37 -62.61
N THR G 168 -19.31 35.74 -61.66
CA THR G 168 -18.95 34.86 -60.56
C THR G 168 -19.50 35.44 -59.27
N THR G 169 -20.30 34.63 -58.56
CA THR G 169 -20.86 35.05 -57.29
C THR G 169 -19.78 35.04 -56.21
N GLN G 170 -20.13 35.62 -55.05
CA GLN G 170 -19.21 35.62 -53.92
C GLN G 170 -18.87 34.19 -53.49
N TYR G 171 -19.87 33.32 -53.43
CA TYR G 171 -19.64 31.94 -52.99
C TYR G 171 -18.84 31.16 -54.01
N GLY G 172 -19.01 31.42 -55.30
CA GLY G 172 -18.20 30.77 -56.31
C GLY G 172 -18.97 30.33 -57.53
N SER G 173 -20.29 30.51 -57.52
CA SER G 173 -21.12 30.09 -58.64
C SER G 173 -20.78 30.91 -59.88
N LYS G 174 -20.48 30.22 -60.98
CA LYS G 174 -20.10 30.86 -62.23
C LYS G 174 -21.21 30.74 -63.25
N THR G 175 -21.58 31.85 -63.86
CA THR G 175 -22.52 31.88 -64.98
C THR G 175 -21.81 32.45 -66.19
N THR G 176 -21.87 31.73 -67.31
CA THR G 176 -21.19 32.14 -68.53
C THR G 176 -22.22 32.50 -69.59
N TYR G 177 -21.98 33.63 -70.27
CA TYR G 177 -22.83 34.08 -71.36
C TYR G 177 -21.95 34.60 -72.47
N TRP G 178 -22.19 34.14 -73.70
CA TRP G 178 -21.42 34.55 -74.86
C TRP G 178 -22.21 35.62 -75.61
N ALA G 179 -21.75 36.86 -75.53
CA ALA G 179 -22.42 37.97 -76.18
C ALA G 179 -22.00 38.02 -77.65
N GLN G 180 -22.88 37.60 -78.54
CA GLN G 180 -22.62 37.56 -79.97
C GLN G 180 -23.19 38.83 -80.59
N VAL G 181 -22.32 39.77 -80.90
CA VAL G 181 -22.79 41.02 -81.54
C VAL G 181 -23.27 40.70 -82.94
N PRO G 182 -24.51 41.04 -83.31
CA PRO G 182 -24.97 40.81 -84.69
C PRO G 182 -24.11 41.58 -85.68
N GLU G 183 -23.73 40.90 -86.77
CA GLU G 183 -22.85 41.49 -87.75
C GLU G 183 -23.51 42.67 -88.47
N SER G 184 -24.79 42.53 -88.82
CA SER G 184 -25.49 43.58 -89.57
C SER G 184 -26.06 44.62 -88.60
N LEU G 185 -25.15 45.41 -88.05
CA LEU G 185 -25.52 46.52 -87.17
C LEU G 185 -25.79 47.76 -88.03
N LYS G 186 -26.96 47.74 -88.67
CA LYS G 186 -27.37 48.79 -89.60
C LYS G 186 -28.74 49.30 -89.20
N ASP G 187 -28.83 50.61 -88.97
CA ASP G 187 -30.10 51.31 -88.75
C ASP G 187 -30.90 50.69 -87.61
N LYS G 188 -30.28 50.64 -86.44
CA LYS G 188 -30.93 50.14 -85.24
C LYS G 188 -30.57 51.03 -84.06
N ASN G 189 -31.57 51.53 -83.35
CA ASN G 189 -31.32 52.34 -82.15
C ASN G 189 -30.72 51.48 -81.04
N ALA G 190 -31.19 50.25 -80.89
CA ALA G 190 -30.71 49.34 -79.87
C ALA G 190 -30.62 47.94 -80.45
N VAL G 191 -29.67 47.16 -79.96
CA VAL G 191 -29.40 45.85 -80.54
C VAL G 191 -29.22 44.76 -79.48
N UNK G 192 -29.97 43.68 -79.61
CA UNK G 192 -29.83 42.53 -78.73
C UNK G 192 -28.46 41.88 -78.92
N LEU G 193 -27.56 42.10 -77.97
CA LEU G 193 -26.20 41.59 -78.06
C LEU G 193 -26.10 40.15 -77.56
N GLN H 13 7.96 0.34 18.84
CA GLN H 13 8.98 0.18 17.82
C GLN H 13 8.39 -0.18 16.47
N VAL H 14 7.35 -1.01 16.47
CA VAL H 14 6.68 -1.36 15.22
C VAL H 14 6.02 -0.14 14.62
N GLY H 15 5.45 0.72 15.46
CA GLY H 15 4.87 1.95 14.96
C GLY H 15 5.89 2.89 14.34
N ILE H 16 7.12 2.87 14.85
CA ILE H 16 8.18 3.70 14.29
C ILE H 16 8.46 3.32 12.84
N GLY H 17 8.61 2.02 12.58
CA GLY H 17 8.80 1.57 11.21
C GLY H 17 7.59 1.84 10.33
N THR H 18 6.39 1.77 10.91
CA THR H 18 5.17 2.04 10.15
C THR H 18 5.14 3.46 9.63
N LEU H 19 5.56 4.42 10.45
CA LEU H 19 5.48 5.82 10.07
C LEU H 19 6.48 6.15 8.96
N ILE H 20 7.70 5.62 9.04
CA ILE H 20 8.73 5.98 8.07
C ILE H 20 8.36 5.48 6.69
N VAL H 21 7.98 4.21 6.58
CA VAL H 21 7.62 3.66 5.28
C VAL H 21 6.26 4.15 4.80
N PHE H 22 5.43 4.66 5.71
CA PHE H 22 4.19 5.32 5.27
C PHE H 22 4.49 6.59 4.49
N ILE H 23 5.48 7.36 4.96
CA ILE H 23 5.84 8.62 4.31
C ILE H 23 6.36 8.37 2.90
N ALA H 24 7.16 7.32 2.72
CA ALA H 24 7.71 7.01 1.41
C ALA H 24 6.64 6.65 0.40
N MET H 25 5.65 5.83 0.81
CA MET H 25 4.62 5.40 -0.12
C MET H 25 3.74 6.55 -0.60
N VAL H 26 3.54 7.57 0.24
CA VAL H 26 2.91 8.80 -0.25
C VAL H 26 3.80 9.46 -1.30
N LEU H 27 5.12 9.47 -1.06
CA LEU H 27 6.03 10.03 -2.06
C LEU H 27 5.97 9.23 -3.35
N VAL H 28 5.92 7.90 -3.26
CA VAL H 28 5.88 7.06 -4.45
C VAL H 28 4.57 7.28 -5.21
N ALA H 29 3.45 7.36 -4.48
CA ALA H 29 2.17 7.60 -5.14
C ALA H 29 2.12 8.96 -5.80
N ALA H 30 2.77 9.95 -5.19
CA ALA H 30 2.88 11.27 -5.84
C ALA H 30 3.68 11.18 -7.13
N ILE H 31 4.76 10.40 -7.13
CA ILE H 31 5.57 10.22 -8.33
C ILE H 31 4.75 9.57 -9.43
N ALA H 32 4.00 8.52 -9.08
CA ALA H 32 3.15 7.86 -10.07
C ALA H 32 2.08 8.80 -10.60
N ALA H 33 1.50 9.61 -9.71
CA ALA H 33 0.49 10.57 -10.14
C ALA H 33 1.09 11.62 -11.08
N GLY H 34 2.34 12.01 -10.84
CA GLY H 34 2.99 12.97 -11.71
C GLY H 34 3.13 12.47 -13.13
N VAL H 35 3.53 11.22 -13.29
CA VAL H 35 3.74 10.66 -14.63
C VAL H 35 2.42 10.63 -15.40
N LEU H 36 1.34 10.21 -14.75
CA LEU H 36 0.06 10.06 -15.45
C LEU H 36 -0.44 11.41 -15.95
N ILE H 37 -0.47 12.43 -15.09
CA ILE H 37 -1.03 13.72 -15.48
C ILE H 37 -0.10 14.43 -16.47
N ASN H 38 1.20 14.41 -16.22
CA ASN H 38 2.14 15.10 -17.11
C ASN H 38 2.13 14.49 -18.51
N THR H 39 2.08 13.15 -18.59
CA THR H 39 1.99 12.50 -19.90
C THR H 39 0.67 12.83 -20.58
N ALA H 40 -0.43 12.87 -19.82
CA ALA H 40 -1.71 13.26 -20.40
C ALA H 40 -1.68 14.72 -20.86
N GLY H 41 -1.00 15.58 -20.11
CA GLY H 41 -0.87 16.96 -20.55
C GLY H 41 -0.10 17.10 -21.84
N TYR H 42 0.96 16.31 -22.01
CA TYR H 42 1.69 16.31 -23.27
C TYR H 42 0.81 15.83 -24.42
N LEU H 43 0.03 14.77 -24.18
CA LEU H 43 -0.89 14.29 -25.22
C LEU H 43 -2.05 15.25 -25.42
N GLN H 44 -2.39 16.04 -24.39
CA GLN H 44 -3.42 17.07 -24.56
C GLN H 44 -3.01 18.10 -25.60
N SER H 45 -1.76 18.58 -25.55
CA SER H 45 -1.29 19.55 -26.52
C SER H 45 -1.04 18.90 -27.88
N LYS H 46 -0.66 17.63 -27.89
CA LYS H 46 -0.42 16.94 -29.14
C LYS H 46 -1.74 16.57 -29.83
N GLY H 47 -2.74 16.16 -29.06
CA GLY H 47 -4.03 15.85 -29.64
C GLY H 47 -4.75 17.09 -30.17
N SER H 48 -4.70 18.19 -29.41
CA SER H 48 -5.33 19.42 -29.86
C SER H 48 -4.68 19.95 -31.13
N ALA H 49 -3.34 19.91 -31.19
CA ALA H 49 -2.65 20.36 -32.38
C ALA H 49 -2.99 19.49 -33.59
N THR H 50 -3.07 18.17 -33.38
CA THR H 50 -3.36 17.27 -34.49
C THR H 50 -4.73 17.55 -35.10
N GLY H 51 -5.73 17.83 -34.25
CA GLY H 51 -7.06 18.09 -34.76
C GLY H 51 -7.14 19.33 -35.63
N GLU H 52 -6.43 20.39 -35.23
CA GLU H 52 -6.47 21.64 -35.98
C GLU H 52 -5.83 21.49 -37.35
N GLU H 53 -4.61 20.94 -37.40
CA GLU H 53 -3.89 20.84 -38.67
C GLU H 53 -4.55 19.82 -39.60
N ALA H 54 -5.06 18.72 -39.05
CA ALA H 54 -5.75 17.74 -39.88
C ALA H 54 -6.99 18.35 -40.50
N SER H 55 -7.76 19.12 -39.74
CA SER H 55 -8.91 19.82 -40.30
C SER H 55 -8.48 20.85 -41.34
N ALA H 56 -7.39 21.57 -41.06
CA ALA H 56 -6.90 22.58 -42.01
C ALA H 56 -6.47 21.94 -43.32
N GLN H 57 -5.87 20.75 -43.25
CA GLN H 57 -5.45 20.05 -44.47
C GLN H 57 -6.64 19.74 -45.36
N VAL H 58 -7.79 19.39 -44.78
CA VAL H 58 -8.96 19.01 -45.56
C VAL H 58 -9.80 20.23 -45.94
N SER H 59 -9.96 21.19 -45.02
CA SER H 59 -10.87 22.31 -45.27
C SER H 59 -10.19 23.45 -46.02
N ASN H 60 -9.00 23.86 -45.58
CA ASN H 60 -8.32 25.00 -46.21
C ASN H 60 -7.77 24.60 -47.57
N ARG H 61 -8.55 24.85 -48.62
CA ARG H 61 -8.17 24.50 -49.97
C ARG H 61 -8.61 25.62 -50.90
N ILE H 62 -7.89 25.79 -51.99
CA ILE H 62 -8.20 26.82 -52.97
C ILE H 62 -8.95 26.18 -54.13
N ASN H 63 -9.71 27.00 -54.84
CA ASN H 63 -10.37 26.61 -56.08
C ASN H 63 -10.00 27.60 -57.16
N ILE H 64 -9.74 27.09 -58.36
CA ILE H 64 -9.35 27.92 -59.50
C ILE H 64 -10.63 28.32 -60.24
N VAL H 65 -10.94 29.62 -60.21
CA VAL H 65 -12.14 30.10 -60.90
C VAL H 65 -11.99 29.91 -62.40
N SER H 66 -10.99 30.56 -62.99
CA SER H 66 -10.79 30.48 -64.42
C SER H 66 -9.33 30.78 -64.75
N ALA H 67 -8.85 30.21 -65.84
CA ALA H 67 -7.49 30.44 -66.31
C ALA H 67 -7.57 31.04 -67.71
N TYR H 68 -6.73 32.05 -67.96
CA TYR H 68 -6.70 32.73 -69.24
C TYR H 68 -5.29 33.22 -69.50
N GLY H 69 -4.82 33.06 -70.74
CA GLY H 69 -3.47 33.46 -71.07
C GLY H 69 -3.40 34.40 -72.26
N ASN H 70 -2.69 35.52 -72.13
CA ASN H 70 -2.55 36.48 -73.23
C ASN H 70 -1.69 35.87 -74.32
N VAL H 71 -2.06 36.08 -75.58
CA VAL H 71 -1.30 35.55 -76.70
C VAL H 71 -0.37 36.62 -77.25
N UNK H 72 0.87 36.61 -76.75
CA UNK H 72 1.91 37.51 -77.24
C UNK H 72 2.57 36.86 -78.44
N UNK H 73 2.82 37.66 -79.48
CA UNK H 73 3.36 37.16 -80.75
C UNK H 73 2.47 36.10 -81.37
N UNK H 74 2.71 34.84 -81.03
CA UNK H 74 1.92 33.73 -81.56
C UNK H 74 1.89 32.54 -80.60
N UNK H 75 2.28 32.77 -79.35
CA UNK H 75 2.31 31.71 -78.35
C UNK H 75 2.15 32.30 -76.95
N VAL H 76 1.47 31.57 -76.09
CA VAL H 76 1.19 32.05 -74.74
C VAL H 76 2.43 31.98 -73.86
N ASP H 77 2.93 33.14 -73.44
CA ASP H 77 4.06 33.22 -72.54
C ASP H 77 3.69 33.62 -71.12
N TYR H 78 2.42 33.97 -70.88
CA TYR H 78 1.95 34.32 -69.54
C TYR H 78 0.71 33.51 -69.18
N VAL H 79 0.75 32.89 -68.00
CA VAL H 79 -0.37 32.12 -67.47
C VAL H 79 -0.97 32.91 -66.32
N ASN H 80 -2.17 33.47 -66.53
CA ASN H 80 -2.92 34.14 -65.49
C ASN H 80 -3.86 33.13 -64.84
N LEU H 81 -4.05 33.24 -63.53
CA LEU H 81 -5.01 32.41 -62.82
C LEU H 81 -5.94 33.30 -62.01
N THR H 82 -6.90 32.66 -61.33
CA THR H 82 -7.86 33.36 -60.47
C THR H 82 -8.33 32.36 -59.43
N VAL H 83 -7.79 32.46 -58.21
CA VAL H 83 -8.03 31.48 -57.16
C VAL H 83 -9.01 32.04 -56.14
N ARG H 84 -9.58 31.15 -55.34
CA ARG H 84 -10.54 31.52 -54.31
C ARG H 84 -10.55 30.44 -53.24
N GLN H 85 -11.04 30.80 -52.06
CA GLN H 85 -11.18 29.84 -50.98
C GLN H 85 -12.24 28.80 -51.31
N ALA H 86 -12.17 27.68 -50.61
CA ALA H 86 -13.18 26.64 -50.73
C ALA H 86 -14.25 26.85 -49.65
N ALA H 87 -15.24 25.95 -49.63
CA ALA H 87 -16.29 26.01 -48.62
C ALA H 87 -15.69 25.84 -47.23
N GLY H 88 -16.07 26.72 -46.31
CA GLY H 88 -15.60 26.62 -44.94
C GLY H 88 -14.10 26.64 -44.81
N ALA H 89 -13.43 27.50 -45.57
CA ALA H 89 -11.98 27.58 -45.55
C ALA H 89 -11.54 28.61 -44.51
N ASP H 90 -10.25 28.95 -44.54
CA ASP H 90 -9.67 29.91 -43.61
C ASP H 90 -8.69 30.78 -44.40
N ASN H 91 -7.86 31.53 -43.69
CA ASN H 91 -6.88 32.41 -44.34
C ASN H 91 -5.83 31.57 -45.05
N ILE H 92 -5.93 31.49 -46.37
CA ILE H 92 -4.98 30.74 -47.18
C ILE H 92 -3.92 31.71 -47.67
N ASN H 93 -2.70 31.56 -47.16
CA ASN H 93 -1.57 32.38 -47.59
C ASN H 93 -0.97 31.76 -48.85
N LEU H 94 -1.01 32.49 -49.95
CA LEU H 94 -0.45 32.01 -51.21
C LEU H 94 1.06 32.23 -51.27
N UNK H 95 1.63 32.71 -50.18
CA UNK H 95 3.06 32.92 -50.09
C UNK H 95 3.74 31.65 -49.59
N LYS H 96 3.03 30.90 -48.76
CA LYS H 96 3.54 29.64 -48.24
C LYS H 96 3.01 28.47 -49.06
N SER H 97 2.34 28.77 -50.16
CA SER H 97 1.83 27.76 -51.07
C SER H 97 2.80 27.58 -52.23
N THR H 98 2.67 26.44 -52.91
CA THR H 98 3.56 26.08 -53.99
C THR H 98 2.76 25.53 -55.15
N ILE H 99 3.37 25.59 -56.34
CA ILE H 99 2.73 25.15 -57.58
C ILE H 99 3.68 24.20 -58.28
N GLN H 100 3.16 23.05 -58.72
CA GLN H 100 3.93 22.07 -59.49
C GLN H 100 3.59 22.25 -60.96
N TRP H 101 4.58 22.64 -61.76
CA TRP H 101 4.42 22.82 -63.19
C TRP H 101 4.99 21.59 -63.90
N ILE H 102 4.13 20.88 -64.63
CA ILE H 102 4.54 19.77 -65.47
C ILE H 102 4.03 20.08 -66.88
N GLY H 103 4.88 20.71 -67.68
CA GLY H 103 4.50 21.12 -69.01
C GLY H 103 4.99 20.18 -70.08
N PRO H 104 4.89 20.61 -71.34
CA PRO H 104 5.31 19.75 -72.45
C PRO H 104 6.82 19.61 -72.58
N ASP H 105 7.59 20.47 -71.92
CA ASP H 105 9.05 20.45 -72.08
C ASP H 105 9.76 20.18 -70.76
N UNK H 106 9.37 20.89 -69.71
CA UNK H 106 10.02 20.75 -68.40
C UNK H 106 9.03 20.29 -67.33
N ALA H 107 9.53 20.12 -66.12
CA ALA H 107 8.72 19.72 -64.99
C ALA H 107 9.39 20.17 -63.69
N THR H 108 8.95 21.31 -63.16
CA THR H 108 9.56 21.92 -61.99
C THR H 108 8.48 22.32 -61.00
N THR H 109 8.92 22.74 -59.81
CA THR H 109 8.02 23.18 -58.76
C THR H 109 8.18 24.69 -58.59
N LEU H 110 7.07 25.41 -58.72
CA LEU H 110 7.07 26.87 -58.72
C LEU H 110 6.82 27.39 -57.31
N THR H 111 7.74 28.18 -56.79
CA THR H 111 7.59 28.80 -55.48
C THR H 111 7.09 30.24 -55.67
N TYR H 112 7.19 31.04 -54.61
CA TYR H 112 6.70 32.42 -54.63
C TYR H 112 7.82 33.41 -54.93
N UNK H 113 7.46 34.55 -55.54
CA UNK H 113 8.40 35.63 -55.76
C UNK H 113 7.66 36.96 -55.87
N UNK H 114 8.39 38.06 -55.75
CA UNK H 114 7.81 39.39 -55.87
C UNK H 114 8.19 40.01 -57.21
N UNK H 115 7.20 40.63 -57.86
CA UNK H 115 7.39 41.26 -59.17
C UNK H 115 7.92 40.26 -60.20
N UNK H 116 8.77 40.76 -61.10
CA UNK H 116 9.37 39.94 -62.16
C UNK H 116 8.30 39.25 -63.01
N UNK H 120 7.16 35.48 -63.01
CA UNK H 120 8.58 35.61 -62.66
C UNK H 120 9.45 34.80 -63.62
N UNK H 121 10.31 33.96 -63.05
CA UNK H 121 11.21 33.13 -63.86
C UNK H 121 10.94 31.64 -63.64
N GLU H 122 11.07 31.19 -62.40
CA GLU H 122 10.78 29.80 -62.06
C GLU H 122 9.84 29.80 -60.86
N ASN H 123 9.26 30.96 -60.56
CA ASN H 123 8.32 31.15 -59.48
C ASN H 123 6.99 31.68 -60.03
N PHE H 124 6.08 32.01 -59.13
CA PHE H 124 4.79 32.58 -59.51
C PHE H 124 4.57 33.88 -58.75
N THR H 125 3.82 34.78 -59.39
CA THR H 125 3.45 36.06 -58.80
C THR H 125 1.96 36.05 -58.49
N THR H 126 1.57 36.77 -57.44
CA THR H 126 0.17 36.84 -57.06
C THR H 126 -0.30 38.29 -56.95
N UNK H 127 -1.15 38.70 -57.88
CA UNK H 127 -1.74 40.03 -57.85
C UNK H 127 -3.21 39.93 -57.42
N SER H 128 -3.74 40.99 -56.85
CA SER H 128 -5.09 40.97 -56.32
C SER H 128 -6.12 41.40 -57.37
N ILE H 129 -7.26 40.71 -57.37
CA ILE H 129 -8.39 41.05 -58.23
C ILE H 129 -9.49 41.73 -57.44
N LYS H 130 -9.83 41.18 -56.27
CA LYS H 130 -10.82 41.78 -55.37
C LYS H 130 -10.41 41.44 -53.95
N GLY H 131 -10.37 42.44 -53.09
CA GLY H 131 -9.98 42.23 -51.71
C GLY H 131 -8.92 43.21 -51.28
N UNK H 132 -8.31 42.93 -50.12
CA UNK H 132 -7.31 43.83 -49.56
C UNK H 132 -5.91 43.54 -50.09
N UNK H 133 -5.40 42.36 -49.75
CA UNK H 133 -4.04 41.97 -50.14
C UNK H 133 -4.03 41.13 -51.41
N UNK H 134 -2.81 40.77 -51.85
CA UNK H 134 -2.64 39.98 -53.05
C UNK H 134 -1.85 38.71 -52.75
N UNK H 135 -1.98 38.21 -51.53
CA UNK H 135 -1.24 37.04 -51.10
C UNK H 135 -2.03 36.20 -50.09
N VAL H 136 -2.99 36.83 -49.43
CA VAL H 136 -3.78 36.14 -48.42
C VAL H 136 -5.28 36.25 -48.71
N LEU H 137 -5.92 35.11 -48.95
CA LEU H 137 -7.38 35.06 -49.06
C LEU H 137 -7.99 35.02 -47.67
N VAL H 138 -8.83 35.99 -47.34
CA VAL H 138 -9.44 36.06 -46.03
C VAL H 138 -10.94 35.80 -46.04
N ASP H 139 -11.67 36.28 -47.04
CA ASP H 139 -13.11 36.06 -47.13
C ASP H 139 -13.44 35.31 -48.41
N GLN H 140 -14.69 34.82 -48.46
CA GLN H 140 -15.14 34.10 -49.64
C GLN H 140 -15.06 34.96 -50.89
N SER H 141 -15.24 36.27 -50.75
CA SER H 141 -15.31 37.18 -51.89
C SER H 141 -13.95 37.43 -52.51
N ASP H 142 -12.86 37.23 -51.78
CA ASP H 142 -11.53 37.58 -52.27
C ASP H 142 -11.15 36.71 -53.46
N ARG H 143 -10.64 37.36 -54.52
CA ARG H 143 -10.12 36.68 -55.69
C ARG H 143 -8.70 37.15 -55.94
N ILE H 144 -7.76 36.23 -56.00
CA ILE H 144 -6.35 36.53 -56.21
C ILE H 144 -5.93 35.92 -57.54
N LYS H 145 -5.00 36.59 -58.23
CA LYS H 145 -4.60 36.23 -59.59
C LYS H 145 -3.21 35.62 -59.53
N VAL H 146 -3.14 34.29 -59.58
CA VAL H 146 -1.85 33.60 -59.63
C VAL H 146 -1.28 33.76 -61.03
N ILE H 147 -0.03 34.19 -61.10
CA ILE H 147 0.55 34.73 -62.32
C ILE H 147 1.81 33.93 -62.64
N MET H 148 1.88 33.39 -63.85
CA MET H 148 3.00 32.55 -64.27
C MET H 148 3.47 32.99 -65.63
N TYR H 149 4.77 33.23 -65.76
CA TYR H 149 5.36 33.70 -67.02
C TYR H 149 5.93 32.49 -67.75
N ALA H 150 5.17 32.00 -68.73
CA ALA H 150 5.42 30.70 -69.34
C ALA H 150 6.71 30.59 -70.15
N UNK H 151 7.32 31.72 -70.49
CA UNK H 151 8.48 31.71 -71.37
C UNK H 151 9.79 31.65 -70.59
N UNK H 152 9.72 31.20 -69.34
CA UNK H 152 10.90 31.07 -68.48
C UNK H 152 10.91 29.74 -67.73
N VAL H 153 9.71 29.25 -67.39
CA VAL H 153 9.59 27.97 -66.71
C VAL H 153 9.79 26.86 -67.71
N UNK H 154 9.75 27.21 -69.00
CA UNK H 154 9.96 26.28 -70.09
C UNK H 154 10.14 27.06 -71.38
N UNK H 155 9.03 27.31 -72.07
CA UNK H 155 9.06 28.09 -73.31
C UNK H 155 7.66 28.60 -73.62
N UNK H 156 7.56 29.45 -74.65
CA UNK H 156 6.28 29.99 -75.06
C UNK H 156 5.33 28.89 -75.50
N LEU H 157 4.25 28.72 -74.75
CA LEU H 157 3.28 27.66 -75.02
C LEU H 157 2.59 27.85 -76.36
N UNK H 158 2.83 26.93 -77.28
CA UNK H 158 2.17 26.96 -78.59
C UNK H 158 0.77 26.35 -78.48
N UNK H 159 0.08 26.28 -79.60
CA UNK H 159 -1.27 25.74 -79.64
C UNK H 159 -1.28 24.23 -79.39
N GLY H 160 -2.18 23.77 -78.54
CA GLY H 160 -2.32 22.35 -78.26
C GLY H 160 -1.49 21.86 -77.09
N UNK H 161 -0.65 22.74 -76.55
CA UNK H 161 0.18 22.40 -75.41
C UNK H 161 -0.66 22.26 -74.14
N GLU H 162 -0.37 21.24 -73.34
CA GLU H 162 -1.13 20.99 -72.12
C GLU H 162 -0.21 20.94 -70.91
N VAL H 163 -0.48 21.82 -69.94
CA VAL H 163 0.30 21.93 -68.71
C VAL H 163 -0.59 21.54 -67.54
N GLN H 164 -0.08 20.66 -66.68
CA GLN H 164 -0.79 20.22 -65.49
C GLN H 164 -0.24 20.96 -64.27
N LEU H 165 -1.10 21.73 -63.62
CA LEU H 165 -0.72 22.55 -62.48
C LEU H 165 -1.41 22.03 -61.23
N THR H 166 -0.64 21.83 -60.16
CA THR H 166 -1.16 21.39 -58.87
C THR H 166 -0.78 22.42 -57.83
N VAL H 167 -1.74 23.23 -57.40
CA VAL H 167 -1.49 24.22 -56.36
C VAL H 167 -1.61 23.54 -55.01
N THR H 168 -0.52 23.52 -54.25
CA THR H 168 -0.48 22.86 -52.95
C THR H 168 -0.48 23.91 -51.85
N THR H 169 -1.52 23.87 -51.02
CA THR H 169 -1.61 24.76 -49.87
C THR H 169 -0.53 24.38 -48.85
N GLN H 170 -0.26 25.33 -47.93
CA GLN H 170 0.73 25.08 -46.88
C GLN H 170 0.39 23.83 -46.09
N TYR H 171 -0.90 23.58 -45.87
CA TYR H 171 -1.33 22.42 -45.10
C TYR H 171 -1.43 21.15 -45.93
N GLY H 172 -1.11 21.21 -47.22
CA GLY H 172 -1.08 20.02 -48.06
C GLY H 172 -2.26 19.86 -48.98
N SER H 173 -3.29 20.70 -48.86
CA SER H 173 -4.44 20.61 -49.76
C SER H 173 -4.00 20.88 -51.19
N LYS H 174 -4.25 19.90 -52.07
CA LYS H 174 -3.82 19.97 -53.47
C LYS H 174 -5.03 20.25 -54.36
N THR H 175 -4.84 21.17 -55.31
CA THR H 175 -5.87 21.50 -56.30
C THR H 175 -5.24 21.37 -57.68
N THR H 176 -5.68 20.37 -58.44
CA THR H 176 -5.11 20.09 -59.75
C THR H 176 -5.91 20.77 -60.84
N TYR H 177 -5.21 21.46 -61.73
CA TYR H 177 -5.82 22.10 -62.90
C TYR H 177 -4.97 21.80 -64.12
N TRP H 178 -5.63 21.39 -65.21
CA TRP H 178 -4.95 21.01 -66.44
C TRP H 178 -5.20 22.11 -67.47
N ALA H 179 -4.24 23.02 -67.62
CA ALA H 179 -4.36 24.08 -68.60
C ALA H 179 -4.22 23.52 -70.01
N GLN H 180 -5.18 23.83 -70.87
CA GLN H 180 -5.20 23.33 -72.24
C GLN H 180 -5.23 24.52 -73.19
N VAL H 181 -4.09 24.79 -73.83
CA VAL H 181 -4.04 25.86 -74.83
C VAL H 181 -4.96 25.50 -75.98
N PRO H 182 -5.76 26.44 -76.50
CA PRO H 182 -6.67 26.12 -77.61
C PRO H 182 -5.91 25.53 -78.80
N GLU H 183 -6.53 24.55 -79.45
CA GLU H 183 -5.90 23.90 -80.60
C GLU H 183 -5.69 24.91 -81.73
N SER H 184 -6.62 25.84 -81.91
CA SER H 184 -6.48 26.92 -82.87
C SER H 184 -6.27 28.23 -82.13
N LEU H 185 -5.29 29.00 -82.58
CA LEU H 185 -4.89 30.24 -81.89
C LEU H 185 -4.99 31.45 -82.81
N LYS H 186 -5.36 31.26 -84.07
CA LYS H 186 -5.40 32.36 -85.03
C LYS H 186 -6.45 33.40 -84.64
N ASP H 187 -6.06 34.67 -84.72
CA ASP H 187 -6.96 35.80 -84.50
C ASP H 187 -7.58 35.76 -83.10
N LYS H 188 -6.75 35.45 -82.10
CA LYS H 188 -7.19 35.42 -80.71
C LYS H 188 -6.13 36.15 -79.88
N ASN H 189 -6.42 37.42 -79.53
CA ASN H 189 -5.47 38.21 -78.76
C ASN H 189 -5.23 37.58 -77.40
N ALA H 190 -6.29 37.14 -76.72
CA ALA H 190 -6.18 36.47 -75.43
C ALA H 190 -7.06 35.24 -75.43
N VAL H 191 -6.50 34.11 -74.99
CA VAL H 191 -7.28 32.88 -74.95
C VAL H 191 -7.69 32.52 -73.52
N UNK H 192 -8.63 31.58 -73.40
CA UNK H 192 -9.02 31.05 -72.09
C UNK H 192 -8.48 29.63 -71.92
N LEU H 193 -7.36 29.52 -71.22
CA LEU H 193 -6.73 28.23 -70.99
C LEU H 193 -7.60 27.33 -70.12
N GLN I 13 17.23 -4.45 32.47
CA GLN I 13 17.94 -3.74 31.42
C GLN I 13 17.15 -3.79 30.12
N VAL I 14 15.83 -3.87 30.23
CA VAL I 14 14.98 -3.91 29.05
C VAL I 14 15.05 -2.58 28.30
N GLY I 15 15.42 -1.50 28.99
CA GLY I 15 15.56 -0.22 28.32
C GLY I 15 16.66 -0.23 27.27
N ILE I 16 17.78 -0.89 27.56
CA ILE I 16 18.89 -0.95 26.61
C ILE I 16 18.48 -1.73 25.38
N GLY I 17 17.85 -2.90 25.57
CA GLY I 17 17.42 -3.69 24.43
C GLY I 17 16.42 -2.97 23.55
N THR I 18 15.54 -2.18 24.17
CA THR I 18 14.57 -1.41 23.40
C THR I 18 15.25 -0.36 22.54
N LEU I 19 16.28 0.30 23.08
CA LEU I 19 16.93 1.38 22.35
C LEU I 19 17.75 0.86 21.18
N ILE I 20 18.50 -0.23 21.39
CA ILE I 20 19.34 -0.76 20.32
C ILE I 20 18.50 -1.28 19.18
N VAL I 21 17.41 -1.99 19.49
CA VAL I 21 16.50 -2.46 18.45
C VAL I 21 15.84 -1.28 17.75
N PHE I 22 15.51 -0.23 18.50
CA PHE I 22 14.86 0.95 17.92
C PHE I 22 15.71 1.53 16.80
N ILE I 23 17.03 1.51 16.96
CA ILE I 23 17.91 1.99 15.89
C ILE I 23 17.81 1.08 14.67
N ALA I 24 17.63 -0.22 14.88
CA ALA I 24 17.58 -1.15 13.77
C ALA I 24 16.31 -0.98 12.94
N MET I 25 15.16 -0.89 13.61
CA MET I 25 13.90 -0.71 12.88
C MET I 25 13.85 0.61 12.14
N VAL I 26 14.52 1.64 12.66
CA VAL I 26 14.61 2.91 11.94
C VAL I 26 15.41 2.72 10.65
N LEU I 27 16.55 2.04 10.74
CA LEU I 27 17.40 1.86 9.57
C LEU I 27 16.74 0.96 8.54
N VAL I 28 16.06 -0.10 8.98
CA VAL I 28 15.38 -1.00 8.05
C VAL I 28 14.29 -0.26 7.30
N ALA I 29 13.51 0.58 8.01
CA ALA I 29 12.46 1.35 7.36
C ALA I 29 13.04 2.31 6.34
N ALA I 30 14.21 2.90 6.62
CA ALA I 30 14.87 3.76 5.65
C ALA I 30 15.31 2.98 4.42
N ILE I 31 15.83 1.76 4.63
CA ILE I 31 16.26 0.92 3.50
C ILE I 31 15.06 0.57 2.63
N ALA I 32 13.93 0.20 3.25
CA ALA I 32 12.74 -0.11 2.48
C ALA I 32 12.22 1.13 1.74
N ALA I 33 12.29 2.30 2.39
CA ALA I 33 11.85 3.53 1.74
C ALA I 33 12.69 3.84 0.52
N GLY I 34 14.00 3.61 0.59
CA GLY I 34 14.87 3.89 -0.55
C GLY I 34 14.50 3.08 -1.77
N VAL I 35 14.28 1.78 -1.59
CA VAL I 35 13.98 0.91 -2.72
C VAL I 35 12.68 1.33 -3.40
N LEU I 36 11.65 1.62 -2.61
CA LEU I 36 10.37 2.01 -3.17
C LEU I 36 10.48 3.32 -3.95
N ILE I 37 11.17 4.31 -3.38
CA ILE I 37 11.29 5.60 -4.04
C ILE I 37 12.20 5.51 -5.26
N ASN I 38 13.34 4.83 -5.13
CA ASN I 38 14.28 4.73 -6.25
C ASN I 38 13.66 3.96 -7.42
N THR I 39 12.95 2.88 -7.14
CA THR I 39 12.29 2.12 -8.20
C THR I 39 11.24 2.98 -8.90
N ALA I 40 10.47 3.74 -8.13
CA ALA I 40 9.51 4.67 -8.73
C ALA I 40 10.22 5.74 -9.54
N GLY I 41 11.38 6.20 -9.06
CA GLY I 41 12.14 7.17 -9.83
C GLY I 41 12.64 6.61 -11.15
N TYR I 42 13.10 5.36 -11.14
CA TYR I 42 13.52 4.71 -12.38
C TYR I 42 12.33 4.50 -13.31
N LEU I 43 11.19 4.08 -12.77
CA LEU I 43 9.98 3.94 -13.56
C LEU I 43 9.45 5.30 -14.00
N GLN I 44 9.75 6.35 -13.25
CA GLN I 44 9.36 7.70 -13.65
C GLN I 44 10.00 8.09 -14.97
N SER I 45 11.30 7.81 -15.11
CA SER I 45 12.00 8.15 -16.34
C SER I 45 11.57 7.25 -17.50
N LYS I 46 11.40 5.95 -17.23
CA LYS I 46 10.98 5.03 -18.28
C LYS I 46 9.58 5.34 -18.78
N GLY I 47 8.67 5.66 -17.85
CA GLY I 47 7.31 6.00 -18.25
C GLY I 47 7.23 7.29 -19.02
N SER I 48 7.99 8.31 -18.59
CA SER I 48 8.02 9.58 -19.30
C SER I 48 8.63 9.41 -20.69
N ALA I 49 9.71 8.63 -20.79
CA ALA I 49 10.34 8.40 -22.09
C ALA I 49 9.42 7.64 -23.03
N THR I 50 8.70 6.64 -22.51
CA THR I 50 7.82 5.85 -23.35
C THR I 50 6.72 6.70 -23.97
N GLY I 51 6.14 7.62 -23.20
CA GLY I 51 5.05 8.43 -23.71
C GLY I 51 5.46 9.31 -24.87
N GLU I 52 6.67 9.85 -24.83
CA GLU I 52 7.10 10.74 -25.89
C GLU I 52 7.44 9.98 -27.17
N GLU I 53 8.11 8.83 -27.04
CA GLU I 53 8.47 8.07 -28.23
C GLU I 53 7.29 7.31 -28.82
N ALA I 54 6.34 6.87 -27.99
CA ALA I 54 5.16 6.21 -28.52
C ALA I 54 4.29 7.18 -29.31
N SER I 55 4.13 8.41 -28.81
CA SER I 55 3.38 9.42 -29.54
C SER I 55 4.12 9.85 -30.81
N ALA I 56 5.46 9.87 -30.76
CA ALA I 56 6.24 10.22 -31.93
C ALA I 56 6.04 9.23 -33.07
N GLN I 57 5.95 7.94 -32.73
CA GLN I 57 5.73 6.93 -33.76
C GLN I 57 4.37 7.11 -34.43
N VAL I 58 3.35 7.48 -33.65
CA VAL I 58 2.02 7.65 -34.21
C VAL I 58 1.87 8.98 -34.95
N SER I 59 2.57 10.02 -34.49
CA SER I 59 2.34 11.38 -34.99
C SER I 59 3.38 11.82 -36.01
N ASN I 60 4.66 11.62 -35.73
CA ASN I 60 5.70 12.05 -36.65
C ASN I 60 5.73 11.16 -37.88
N ARG I 61 5.03 11.57 -38.94
CA ARG I 61 4.86 10.75 -40.12
C ARG I 61 5.00 11.62 -41.36
N ILE I 62 5.46 11.01 -42.45
CA ILE I 62 5.73 11.71 -43.70
C ILE I 62 4.52 11.56 -44.61
N ASN I 63 4.11 12.67 -45.23
CA ASN I 63 3.10 12.66 -46.27
C ASN I 63 3.79 13.00 -47.59
N ILE I 64 3.38 12.31 -48.66
CA ILE I 64 3.98 12.49 -49.98
C ILE I 64 3.02 13.35 -50.81
N VAL I 65 3.47 14.54 -51.17
CA VAL I 65 2.64 15.44 -51.97
C VAL I 65 2.38 14.86 -53.35
N SER I 66 3.46 14.46 -54.04
CA SER I 66 3.36 13.94 -55.40
C SER I 66 4.69 13.30 -55.76
N ALA I 67 4.67 12.53 -56.85
CA ALA I 67 5.86 11.88 -57.37
C ALA I 67 5.90 12.07 -58.88
N TYR I 68 7.11 12.25 -59.42
CA TYR I 68 7.30 12.36 -60.85
C TYR I 68 8.71 11.88 -61.19
N GLY I 69 8.91 11.54 -62.45
CA GLY I 69 10.18 11.00 -62.88
C GLY I 69 10.67 11.51 -64.21
N ASN I 70 11.97 11.78 -64.31
CA ASN I 70 12.56 12.26 -65.55
C ASN I 70 12.68 11.12 -66.55
N VAL I 71 12.12 11.30 -67.75
CA VAL I 71 12.23 10.31 -68.80
C VAL I 71 13.48 10.56 -69.63
N UNK I 72 14.46 9.66 -69.52
CA UNK I 72 15.67 9.72 -70.33
C UNK I 72 15.55 8.73 -71.47
N UNK I 73 15.88 9.18 -72.68
CA UNK I 73 15.76 8.35 -73.89
C UNK I 73 14.33 7.85 -74.06
N UNK I 74 13.96 6.84 -73.28
CA UNK I 74 12.61 6.28 -73.33
C UNK I 74 12.30 5.46 -72.08
N UNK I 75 12.96 5.79 -70.97
CA UNK I 75 12.76 5.09 -69.71
C UNK I 75 12.97 6.00 -68.51
N VAL I 76 12.09 5.89 -67.51
CA VAL I 76 12.15 6.73 -66.32
C VAL I 76 13.40 6.37 -65.50
N ASP I 77 14.45 7.18 -65.63
CA ASP I 77 15.72 6.90 -65.00
C ASP I 77 15.85 7.51 -63.60
N TYR I 78 15.10 8.56 -63.30
CA TYR I 78 15.10 9.20 -62.00
C TYR I 78 13.71 9.16 -61.39
N VAL I 79 13.66 8.91 -60.08
CA VAL I 79 12.42 8.92 -59.32
C VAL I 79 12.52 10.02 -58.27
N ASN I 80 11.58 10.96 -58.30
CA ASN I 80 11.56 12.08 -57.38
C ASN I 80 10.31 12.01 -56.50
N LEU I 81 10.48 12.19 -55.20
CA LEU I 81 9.39 12.14 -54.24
C LEU I 81 9.35 13.45 -53.46
N THR I 82 8.26 14.20 -53.59
CA THR I 82 8.06 15.43 -52.83
C THR I 82 7.33 15.09 -51.53
N VAL I 83 7.98 15.34 -50.40
CA VAL I 83 7.45 14.94 -49.10
C VAL I 83 7.14 16.19 -48.27
N ARG I 84 6.30 15.99 -47.24
CA ARG I 84 5.90 17.05 -46.34
C ARG I 84 5.61 16.45 -44.97
N GLN I 85 5.43 17.33 -44.00
CA GLN I 85 5.04 16.90 -42.66
C GLN I 85 3.57 16.48 -42.64
N ALA I 86 3.22 15.65 -41.66
CA ALA I 86 1.84 15.27 -41.44
C ALA I 86 1.18 16.24 -40.45
N ALA I 87 -0.08 15.97 -40.12
CA ALA I 87 -0.81 16.80 -39.20
C ALA I 87 -0.26 16.63 -37.79
N GLY I 88 0.18 17.73 -37.18
CA GLY I 88 0.68 17.70 -35.82
C GLY I 88 1.90 16.84 -35.63
N ALA I 89 2.88 16.99 -36.51
CA ALA I 89 4.12 16.22 -36.46
C ALA I 89 5.28 17.14 -36.09
N ASP I 90 6.22 16.61 -35.31
CA ASP I 90 7.40 17.36 -34.90
C ASP I 90 8.40 17.34 -36.04
N ASN I 91 9.63 17.79 -35.78
CA ASN I 91 10.66 17.78 -36.81
C ASN I 91 10.93 16.35 -37.27
N ILE I 92 10.99 16.17 -38.58
CA ILE I 92 11.20 14.85 -39.19
C ILE I 92 12.51 14.90 -39.97
N ASN I 93 13.53 14.22 -39.45
CA ASN I 93 14.81 14.16 -40.14
C ASN I 93 14.74 13.10 -41.25
N LEU I 94 14.88 13.55 -42.49
CA LEU I 94 14.84 12.62 -43.62
C LEU I 94 16.18 11.95 -43.84
N UNK I 95 17.06 12.08 -42.85
CA UNK I 95 18.39 11.50 -42.91
C UNK I 95 18.46 10.23 -42.09
N LYS I 96 17.55 10.13 -41.12
CA LYS I 96 17.49 8.96 -40.27
C LYS I 96 16.30 8.10 -40.68
N SER I 97 15.90 8.25 -41.94
CA SER I 97 14.78 7.50 -42.51
C SER I 97 15.29 6.61 -43.63
N THR I 98 14.54 5.54 -43.88
CA THR I 98 14.90 4.55 -44.88
C THR I 98 13.72 4.33 -45.83
N ILE I 99 14.05 4.01 -47.09
CA ILE I 99 13.06 3.75 -48.12
C ILE I 99 13.26 2.33 -48.63
N GLN I 100 12.18 1.55 -48.68
CA GLN I 100 12.23 0.17 -49.11
C GLN I 100 11.72 0.09 -50.54
N TRP I 101 12.61 -0.26 -51.47
CA TRP I 101 12.32 -0.29 -52.90
C TRP I 101 12.01 -1.75 -53.30
N ILE I 102 10.73 -2.08 -53.37
CA ILE I 102 10.30 -3.36 -53.92
C ILE I 102 9.84 -3.08 -55.35
N GLY I 103 10.77 -3.24 -56.29
CA GLY I 103 10.49 -3.00 -57.68
C GLY I 103 10.33 -4.27 -58.47
N PRO I 104 10.20 -4.14 -59.80
CA PRO I 104 10.06 -5.34 -60.63
C PRO I 104 11.26 -6.27 -60.59
N ASP I 105 12.47 -5.73 -60.40
CA ASP I 105 13.67 -6.54 -60.47
C ASP I 105 14.31 -6.79 -59.11
N UNK I 106 14.45 -5.73 -58.31
CA UNK I 106 15.13 -5.84 -57.03
C UNK I 106 14.22 -5.57 -55.84
N ALA I 107 14.79 -5.70 -54.65
CA ALA I 107 14.06 -5.45 -53.40
C ALA I 107 15.04 -5.12 -52.29
N THR I 108 15.37 -3.83 -52.14
CA THR I 108 16.38 -3.39 -51.19
C THR I 108 15.85 -2.20 -50.40
N THR I 109 16.55 -1.89 -49.31
CA THR I 109 16.24 -0.76 -48.45
C THR I 109 17.28 0.34 -48.66
N LEU I 110 16.81 1.53 -49.03
CA LEU I 110 17.69 2.64 -49.38
C LEU I 110 17.97 3.53 -48.17
N THR I 111 19.24 3.91 -48.00
CA THR I 111 19.66 4.85 -46.98
C THR I 111 19.92 6.22 -47.62
N TYR I 112 20.43 7.16 -46.84
CA TYR I 112 20.69 8.52 -47.33
C TYR I 112 22.18 8.64 -47.66
N UNK I 113 22.50 9.12 -48.87
CA UNK I 113 23.89 9.37 -49.25
C UNK I 113 24.19 10.86 -49.36
N UNK I 114 24.73 11.28 -50.51
CA UNK I 114 25.04 12.69 -50.78
C UNK I 114 25.49 12.89 -52.23
N UNK I 115 24.61 13.47 -53.05
CA UNK I 115 24.87 13.74 -54.47
C UNK I 115 25.34 12.50 -55.24
N UNK I 120 21.30 9.42 -55.46
CA UNK I 120 22.68 8.96 -55.51
C UNK I 120 22.80 7.68 -56.33
N UNK I 121 23.40 6.66 -55.74
CA UNK I 121 23.58 5.37 -56.42
C UNK I 121 22.60 4.34 -55.87
N GLU I 122 23.00 3.69 -54.77
CA GLU I 122 22.16 2.69 -54.13
C GLU I 122 21.32 3.33 -53.03
N ASN I 123 21.75 4.50 -52.57
CA ASN I 123 21.07 5.25 -51.53
C ASN I 123 20.15 6.29 -52.15
N PHE I 124 19.57 7.15 -51.31
CA PHE I 124 18.74 8.27 -51.77
C PHE I 124 19.29 9.57 -51.20
N THR I 125 19.16 10.64 -51.97
CA THR I 125 19.52 11.97 -51.51
C THR I 125 18.29 12.87 -51.56
N THR I 126 18.34 13.96 -50.80
CA THR I 126 17.20 14.85 -50.68
C THR I 126 17.56 16.30 -51.01
N UNK I 127 17.03 16.79 -52.13
CA UNK I 127 17.18 18.19 -52.50
C UNK I 127 15.97 18.96 -51.98
N SER I 128 16.20 20.17 -51.49
CA SER I 128 15.15 20.97 -50.89
C SER I 128 14.33 21.74 -51.93
N ILE I 129 13.05 21.93 -51.63
CA ILE I 129 12.14 22.70 -52.48
C ILE I 129 11.68 23.97 -51.78
N LYS I 130 11.17 23.83 -50.55
CA LYS I 130 10.80 24.96 -49.72
C LYS I 130 11.53 24.85 -48.38
N GLY I 131 11.21 25.76 -47.48
CA GLY I 131 11.86 25.81 -46.17
C GLY I 131 13.31 26.23 -46.28
N UNK I 132 14.07 26.02 -45.21
CA UNK I 132 15.48 26.38 -45.19
C UNK I 132 16.36 25.14 -45.24
N UNK I 133 15.91 24.08 -44.58
CA UNK I 133 16.67 22.83 -44.51
C UNK I 133 16.57 22.04 -45.81
N UNK I 134 17.44 21.04 -45.95
CA UNK I 134 17.44 20.19 -47.13
C UNK I 134 17.44 18.73 -46.72
N UNK I 135 17.10 18.46 -45.46
CA UNK I 135 17.08 17.11 -44.93
C UNK I 135 16.14 16.99 -43.74
N VAL I 136 15.66 18.12 -43.24
CA VAL I 136 14.77 18.15 -42.09
C VAL I 136 13.51 18.94 -42.39
N LEU I 137 12.36 18.44 -41.93
CA LEU I 137 11.08 19.13 -42.07
C LEU I 137 10.76 19.75 -40.72
N VAL I 138 10.84 21.08 -40.63
CA VAL I 138 10.68 21.79 -39.37
C VAL I 138 9.25 22.33 -39.21
N ASP I 139 8.72 23.00 -40.22
CA ASP I 139 7.40 23.60 -40.17
C ASP I 139 6.44 22.81 -41.08
N GLN I 140 5.18 23.24 -41.08
CA GLN I 140 4.19 22.59 -41.92
C GLN I 140 4.32 22.98 -43.40
N SER I 141 5.06 24.04 -43.69
CA SER I 141 5.13 24.57 -45.05
C SER I 141 6.34 24.09 -45.85
N ASP I 142 7.27 23.36 -45.24
CA ASP I 142 8.46 22.92 -45.96
C ASP I 142 8.13 21.74 -46.88
N ARG I 143 8.73 21.76 -48.06
CA ARG I 143 8.62 20.66 -49.02
C ARG I 143 10.03 20.25 -49.43
N ILE I 144 10.31 18.95 -49.34
CA ILE I 144 11.61 18.39 -49.68
C ILE I 144 11.42 17.31 -50.74
N LYS I 145 12.32 17.27 -51.71
CA LYS I 145 12.26 16.29 -52.79
C LYS I 145 13.24 15.16 -52.50
N VAL I 146 12.72 13.94 -52.43
CA VAL I 146 13.54 12.74 -52.23
C VAL I 146 13.96 12.20 -53.58
N ILE I 147 15.26 11.95 -53.75
CA ILE I 147 15.85 11.60 -55.03
C ILE I 147 16.29 10.14 -54.98
N MET I 148 15.84 9.36 -55.96
CA MET I 148 16.26 7.97 -56.13
C MET I 148 16.65 7.76 -57.58
N TYR I 149 17.82 7.16 -57.81
CA TYR I 149 18.31 6.88 -59.15
C TYR I 149 17.80 5.50 -59.56
N ALA I 150 16.87 5.46 -60.51
CA ALA I 150 16.24 4.21 -60.91
C ALA I 150 17.23 3.26 -61.57
N UNK I 151 18.05 3.78 -62.47
CA UNK I 151 19.04 2.98 -63.17
C UNK I 151 20.29 2.78 -62.32
N UNK I 152 20.10 2.46 -61.04
CA UNK I 152 21.20 2.20 -60.13
C UNK I 152 20.73 1.34 -58.96
N VAL I 153 19.52 1.61 -58.48
CA VAL I 153 18.93 0.81 -57.43
C VAL I 153 18.35 -0.47 -58.03
N UNK I 154 18.12 -0.42 -59.34
CA UNK I 154 17.59 -1.57 -60.08
C UNK I 154 17.85 -1.39 -61.56
N UNK I 155 16.80 -1.02 -62.29
CA UNK I 155 16.91 -0.74 -63.72
C UNK I 155 15.89 0.32 -64.09
N UNK I 156 16.17 1.06 -65.16
CA UNK I 156 15.28 2.11 -65.64
C UNK I 156 13.92 1.53 -65.98
N LEU I 157 12.90 1.97 -65.25
CA LEU I 157 11.55 1.42 -65.41
C LEU I 157 10.99 1.68 -66.81
N UNK I 158 10.39 0.65 -67.39
CA UNK I 158 9.70 0.80 -68.67
C UNK I 158 8.25 1.18 -68.39
N UNK I 159 7.47 1.36 -69.45
CA UNK I 159 6.08 1.76 -69.30
C UNK I 159 5.26 0.66 -68.63
N GLY I 160 4.46 1.04 -67.65
CA GLY I 160 3.58 0.11 -66.96
C GLY I 160 4.16 -0.49 -65.69
N UNK I 161 5.43 -0.25 -65.45
CA UNK I 161 6.12 -0.81 -64.28
C UNK I 161 5.63 -0.17 -62.99
N GLU I 162 5.53 -0.97 -61.94
CA GLU I 162 5.09 -0.49 -60.64
C GLU I 162 6.16 -0.73 -59.57
N VAL I 163 6.40 0.27 -58.74
CA VAL I 163 7.36 0.19 -57.64
C VAL I 163 6.63 0.47 -56.34
N GLN I 164 6.79 -0.43 -55.37
CA GLN I 164 6.20 -0.27 -54.04
C GLN I 164 7.25 0.33 -53.12
N LEU I 165 7.10 1.62 -52.80
CA LEU I 165 7.98 2.31 -51.88
C LEU I 165 7.29 2.49 -50.54
N THR I 166 8.07 2.44 -49.47
CA THR I 166 7.59 2.79 -48.14
C THR I 166 8.68 3.60 -47.43
N VAL I 167 8.35 4.83 -47.07
CA VAL I 167 9.27 5.71 -46.38
C VAL I 167 9.06 5.53 -44.89
N THR I 168 10.05 4.95 -44.22
CA THR I 168 9.97 4.70 -42.78
C THR I 168 10.72 5.80 -42.05
N THR I 169 10.01 6.56 -41.23
CA THR I 169 10.64 7.57 -40.40
C THR I 169 11.54 6.90 -39.37
N GLN I 170 12.43 7.70 -38.78
CA GLN I 170 13.30 7.19 -37.72
C GLN I 170 12.49 6.57 -36.59
N TYR I 171 11.38 7.19 -36.23
CA TYR I 171 10.59 6.78 -35.09
C TYR I 171 9.69 5.59 -35.37
N GLY I 172 9.60 5.15 -36.63
CA GLY I 172 8.84 3.98 -37.00
C GLY I 172 7.55 4.23 -37.74
N SER I 173 7.33 5.42 -38.28
CA SER I 173 6.11 5.74 -39.01
C SER I 173 6.34 5.45 -40.49
N LYS I 174 5.57 4.51 -41.04
CA LYS I 174 5.73 4.06 -42.40
C LYS I 174 4.67 4.68 -43.30
N THR I 175 5.10 5.34 -44.36
CA THR I 175 4.21 5.85 -45.40
C THR I 175 4.54 5.13 -46.70
N THR I 176 3.52 4.53 -47.31
CA THR I 176 3.71 3.71 -48.50
C THR I 176 3.14 4.42 -49.72
N TYR I 177 3.86 4.29 -50.84
CA TYR I 177 3.45 4.87 -52.11
C TYR I 177 3.68 3.86 -53.22
N TRP I 178 2.75 3.79 -54.17
CA TRP I 178 2.86 2.87 -55.30
C TRP I 178 3.09 3.72 -56.55
N ALA I 179 4.36 3.78 -56.98
CA ALA I 179 4.75 4.56 -58.15
C ALA I 179 4.42 3.75 -59.40
N GLN I 180 3.34 4.13 -60.08
CA GLN I 180 2.86 3.41 -61.26
C GLN I 180 3.27 4.20 -62.50
N VAL I 181 4.28 3.69 -63.21
CA VAL I 181 4.65 4.29 -64.50
C VAL I 181 3.49 4.13 -65.46
N PRO I 182 3.15 5.16 -66.26
CA PRO I 182 2.02 5.02 -67.18
C PRO I 182 2.25 3.92 -68.21
N GLU I 183 1.15 3.30 -68.63
CA GLU I 183 1.22 2.22 -69.61
C GLU I 183 1.80 2.71 -70.94
N SER I 184 1.64 3.99 -71.25
CA SER I 184 2.18 4.60 -72.44
C SER I 184 3.20 5.66 -72.06
N LEU I 185 4.20 5.85 -72.92
CA LEU I 185 5.28 6.79 -72.65
C LEU I 185 5.67 7.60 -73.88
N LYS I 186 4.90 7.53 -74.96
CA LYS I 186 5.27 8.19 -76.20
C LYS I 186 5.27 9.71 -76.02
N ASP I 187 6.42 10.33 -76.29
CA ASP I 187 6.58 11.78 -76.31
C ASP I 187 6.14 12.41 -74.98
N LYS I 188 6.82 11.98 -73.92
CA LYS I 188 6.58 12.52 -72.58
C LYS I 188 7.94 12.68 -71.90
N ASN I 189 8.45 13.93 -71.89
CA ASN I 189 9.77 14.18 -71.32
C ASN I 189 9.80 13.88 -69.83
N ALA I 190 8.72 14.19 -69.12
CA ALA I 190 8.62 13.90 -67.69
C ALA I 190 7.22 13.38 -67.40
N VAL I 191 7.14 12.31 -66.62
CA VAL I 191 5.86 11.67 -66.36
C VAL I 191 5.48 11.81 -64.89
N UNK I 192 4.21 11.56 -64.59
CA UNK I 192 3.72 11.63 -63.22
C UNK I 192 3.45 10.23 -62.68
N LEU I 193 4.41 9.68 -61.95
CA LEU I 193 4.27 8.36 -61.35
C LEU I 193 3.26 8.39 -60.21
N GLN J 13 26.60 -7.44 45.45
CA GLN J 13 26.28 -8.73 44.85
C GLN J 13 25.20 -8.59 43.78
N VAL J 14 24.10 -7.93 44.14
CA VAL J 14 23.02 -7.70 43.18
C VAL J 14 23.49 -6.81 42.04
N GLY J 15 24.31 -5.81 42.36
CA GLY J 15 24.84 -4.95 41.31
C GLY J 15 25.76 -5.69 40.37
N ILE J 16 26.61 -6.57 40.90
CA ILE J 16 27.53 -7.33 40.07
C ILE J 16 26.78 -8.26 39.13
N GLY J 17 25.73 -8.93 39.63
CA GLY J 17 24.90 -9.74 38.77
C GLY J 17 24.20 -8.93 37.68
N THR J 18 23.83 -7.69 38.01
CA THR J 18 23.15 -6.84 37.03
C THR J 18 24.04 -6.54 35.83
N LEU J 19 25.33 -6.28 36.08
CA LEU J 19 26.22 -5.89 34.99
C LEU J 19 26.44 -7.03 33.99
N ILE J 20 26.60 -8.26 34.49
CA ILE J 20 26.82 -9.39 33.57
C ILE J 20 25.59 -9.60 32.69
N VAL J 21 24.40 -9.54 33.28
CA VAL J 21 23.18 -9.65 32.49
C VAL J 21 23.04 -8.46 31.56
N PHE J 22 23.49 -7.28 31.99
CA PHE J 22 23.45 -6.10 31.12
C PHE J 22 24.24 -6.31 29.84
N ILE J 23 25.40 -6.95 29.95
CA ILE J 23 26.21 -7.25 28.77
C ILE J 23 25.45 -8.18 27.83
N ALA J 24 24.74 -9.16 28.40
CA ALA J 24 24.03 -10.13 27.57
C ALA J 24 22.95 -9.46 26.72
N MET J 25 22.14 -8.59 27.33
CA MET J 25 21.05 -7.95 26.60
C MET J 25 21.56 -7.02 25.52
N VAL J 26 22.73 -6.41 25.74
CA VAL J 26 23.34 -5.60 24.70
C VAL J 26 23.73 -6.46 23.51
N LEU J 27 24.36 -7.62 23.79
CA LEU J 27 24.79 -8.50 22.71
C LEU J 27 23.60 -9.11 21.97
N VAL J 28 22.58 -9.54 22.72
CA VAL J 28 21.41 -10.16 22.08
C VAL J 28 20.69 -9.16 21.19
N ALA J 29 20.53 -7.91 21.66
CA ALA J 29 19.89 -6.89 20.84
C ALA J 29 20.72 -6.55 19.62
N ALA J 30 22.05 -6.73 19.70
CA ALA J 30 22.89 -6.51 18.54
C ALA J 30 22.72 -7.62 17.51
N ILE J 31 22.51 -8.85 17.96
CA ILE J 31 22.28 -9.97 17.04
C ILE J 31 20.96 -9.76 16.29
N ALA J 32 19.91 -9.37 17.02
CA ALA J 32 18.62 -9.12 16.37
C ALA J 32 18.70 -7.94 15.41
N ALA J 33 19.44 -6.89 15.78
CA ALA J 33 19.60 -5.75 14.90
C ALA J 33 20.30 -6.15 13.60
N GLY J 34 21.29 -7.04 13.69
CA GLY J 34 21.95 -7.51 12.49
C GLY J 34 21.01 -8.25 11.56
N VAL J 35 20.18 -9.15 12.10
CA VAL J 35 19.28 -9.94 11.27
C VAL J 35 18.30 -9.04 10.53
N LEU J 36 17.76 -8.03 11.21
CA LEU J 36 16.78 -7.15 10.58
C LEU J 36 17.37 -6.39 9.41
N ILE J 37 18.60 -5.89 9.56
CA ILE J 37 19.18 -5.06 8.52
C ILE J 37 19.79 -5.92 7.41
N ASN J 38 20.47 -7.02 7.77
CA ASN J 38 21.08 -7.86 6.75
C ASN J 38 20.01 -8.51 5.86
N THR J 39 18.89 -8.90 6.44
CA THR J 39 17.77 -9.38 5.62
C THR J 39 17.22 -8.25 4.76
N ALA J 40 17.16 -7.03 5.29
CA ALA J 40 16.72 -5.89 4.49
C ALA J 40 17.70 -5.61 3.35
N GLY J 41 18.99 -5.79 3.59
CA GLY J 41 19.96 -5.61 2.53
C GLY J 41 19.80 -6.64 1.42
N TYR J 42 19.49 -7.89 1.80
CA TYR J 42 19.25 -8.92 0.79
C TYR J 42 17.98 -8.60 0.00
N LEU J 43 16.91 -8.17 0.68
CA LEU J 43 15.66 -7.88 0.00
C LEU J 43 15.75 -6.60 -0.83
N GLN J 44 16.57 -5.64 -0.41
CA GLN J 44 16.72 -4.42 -1.19
C GLN J 44 17.40 -4.68 -2.52
N SER J 45 18.30 -5.66 -2.57
CA SER J 45 18.93 -6.04 -3.84
C SER J 45 17.97 -6.82 -4.72
N LYS J 46 17.21 -7.76 -4.12
CA LYS J 46 16.22 -8.51 -4.88
C LYS J 46 15.13 -7.60 -5.42
N GLY J 47 14.70 -6.64 -4.62
CA GLY J 47 13.67 -5.71 -5.07
C GLY J 47 14.13 -4.83 -6.21
N SER J 48 15.36 -4.33 -6.13
CA SER J 48 15.90 -3.49 -7.20
C SER J 48 16.04 -4.28 -8.49
N ALA J 49 16.57 -5.50 -8.41
CA ALA J 49 16.74 -6.33 -9.60
C ALA J 49 15.39 -6.69 -10.22
N THR J 50 14.39 -6.96 -9.37
CA THR J 50 13.07 -7.29 -9.88
C THR J 50 12.46 -6.12 -10.63
N GLY J 51 12.65 -4.90 -10.12
CA GLY J 51 12.07 -3.74 -10.79
C GLY J 51 12.65 -3.48 -12.16
N GLU J 52 13.97 -3.63 -12.31
CA GLU J 52 14.58 -3.39 -13.60
C GLU J 52 14.24 -4.49 -14.61
N GLU J 53 14.25 -5.75 -14.17
CA GLU J 53 14.00 -6.85 -15.09
C GLU J 53 12.52 -6.94 -15.47
N ALA J 54 11.62 -6.62 -14.55
CA ALA J 54 10.20 -6.57 -14.90
C ALA J 54 9.92 -5.45 -15.88
N SER J 55 10.56 -4.29 -15.70
CA SER J 55 10.41 -3.20 -16.65
C SER J 55 10.96 -3.57 -18.02
N ALA J 56 12.09 -4.30 -18.04
CA ALA J 56 12.68 -4.70 -19.32
C ALA J 56 11.75 -5.65 -20.07
N GLN J 57 11.04 -6.51 -19.36
CA GLN J 57 10.10 -7.42 -20.01
C GLN J 57 8.98 -6.65 -20.70
N VAL J 58 8.50 -5.59 -20.05
CA VAL J 58 7.38 -4.83 -20.62
C VAL J 58 7.85 -3.83 -21.68
N SER J 59 9.06 -3.29 -21.53
CA SER J 59 9.53 -2.19 -22.37
C SER J 59 10.42 -2.64 -23.52
N ASN J 60 11.41 -3.50 -23.24
CA ASN J 60 12.33 -3.92 -24.28
C ASN J 60 11.66 -4.90 -25.24
N ARG J 61 10.98 -4.38 -26.27
CA ARG J 61 10.27 -5.20 -27.23
C ARG J 61 10.71 -4.85 -28.65
N ILE J 62 10.47 -5.78 -29.56
CA ILE J 62 10.89 -5.67 -30.95
C ILE J 62 9.68 -5.33 -31.79
N ASN J 63 9.83 -4.35 -32.68
CA ASN J 63 8.82 -3.99 -33.65
C ASN J 63 9.32 -4.37 -35.04
N ILE J 64 8.49 -5.09 -35.80
CA ILE J 64 8.87 -5.56 -37.13
C ILE J 64 8.38 -4.53 -38.14
N VAL J 65 9.33 -3.88 -38.82
CA VAL J 65 8.98 -2.83 -39.78
C VAL J 65 8.29 -3.43 -41.01
N SER J 66 8.86 -4.49 -41.56
CA SER J 66 8.35 -5.09 -42.78
C SER J 66 8.87 -6.52 -42.89
N ALA J 67 8.44 -7.22 -43.93
CA ALA J 67 8.84 -8.60 -44.15
C ALA J 67 8.67 -8.93 -45.62
N TYR J 68 9.76 -9.27 -46.29
CA TYR J 68 9.74 -9.66 -47.69
C TYR J 68 10.58 -10.91 -47.87
N GLY J 69 10.54 -11.46 -49.09
CA GLY J 69 11.29 -12.68 -49.37
C GLY J 69 11.64 -12.86 -50.83
N ASN J 70 12.81 -13.42 -51.09
CA ASN J 70 13.22 -13.71 -52.45
C ASN J 70 12.35 -14.80 -53.05
N VAL J 71 12.22 -14.79 -54.38
CA VAL J 71 11.36 -15.74 -55.07
C VAL J 71 12.12 -16.48 -56.17
N UNK J 72 12.17 -17.81 -56.05
CA UNK J 72 12.78 -18.65 -57.07
C UNK J 72 11.70 -19.53 -57.71
N UNK J 73 11.61 -19.46 -59.04
CA UNK J 73 10.57 -20.19 -59.79
C UNK J 73 9.18 -19.84 -59.30
N UNK J 74 8.80 -20.39 -58.15
CA UNK J 74 7.51 -20.09 -57.53
C UNK J 74 7.58 -20.37 -56.03
N UNK J 75 8.79 -20.28 -55.48
CA UNK J 75 8.99 -20.59 -54.07
C UNK J 75 9.76 -19.49 -53.35
N VAL J 76 9.28 -19.11 -52.17
CA VAL J 76 9.94 -18.10 -51.36
C VAL J 76 11.05 -18.75 -50.54
N ASP J 77 12.28 -18.70 -51.07
CA ASP J 77 13.37 -19.43 -50.45
C ASP J 77 13.81 -18.80 -49.13
N TYR J 78 13.96 -17.48 -49.10
CA TYR J 78 14.33 -16.77 -47.87
C TYR J 78 13.16 -15.99 -47.32
N VAL J 79 13.16 -15.81 -46.00
CA VAL J 79 12.20 -14.98 -45.28
C VAL J 79 12.99 -13.88 -44.59
N ASN J 80 12.86 -12.65 -45.08
CA ASN J 80 13.63 -11.52 -44.59
C ASN J 80 12.77 -10.77 -43.56
N LEU J 81 13.41 -10.28 -42.50
CA LEU J 81 12.70 -9.55 -41.45
C LEU J 81 13.50 -8.32 -41.05
N THR J 82 12.99 -7.14 -41.37
CA THR J 82 13.57 -5.89 -40.88
C THR J 82 12.90 -5.53 -39.56
N VAL J 83 13.71 -5.31 -38.52
CA VAL J 83 13.19 -5.08 -37.19
C VAL J 83 13.78 -3.80 -36.63
N ARG J 84 13.07 -3.22 -35.66
CA ARG J 84 13.46 -1.99 -35.00
C ARG J 84 13.13 -2.12 -33.51
N GLN J 85 13.46 -1.07 -32.75
CA GLN J 85 13.19 -1.05 -31.32
C GLN J 85 11.72 -0.74 -31.07
N ALA J 86 11.37 -0.47 -29.82
CA ALA J 86 10.03 -0.07 -29.43
C ALA J 86 10.12 1.24 -28.67
N ALA J 87 8.95 1.79 -28.34
CA ALA J 87 8.90 3.04 -27.60
C ALA J 87 9.57 2.89 -26.24
N GLY J 88 10.67 3.61 -26.04
CA GLY J 88 11.38 3.58 -24.77
C GLY J 88 11.97 2.23 -24.43
N ALA J 89 12.65 1.60 -25.39
CA ALA J 89 13.26 0.30 -25.20
C ALA J 89 14.78 0.44 -25.17
N ASP J 90 15.43 -0.31 -24.29
CA ASP J 90 16.88 -0.27 -24.16
C ASP J 90 17.51 -1.10 -25.27
N ASN J 91 18.83 -1.32 -25.19
CA ASN J 91 19.53 -2.08 -26.20
C ASN J 91 18.97 -3.49 -26.30
N ILE J 92 18.76 -3.96 -27.53
CA ILE J 92 18.18 -5.27 -27.79
C ILE J 92 19.19 -6.09 -28.58
N ASN J 93 19.54 -7.26 -28.06
CA ASN J 93 20.49 -8.15 -28.71
C ASN J 93 19.73 -9.19 -29.51
N LEU J 94 20.01 -9.28 -30.81
CA LEU J 94 19.32 -10.23 -31.67
C LEU J 94 20.01 -11.59 -31.67
N UNK J 95 21.05 -11.72 -30.85
CA UNK J 95 21.80 -12.97 -30.75
C UNK J 95 21.33 -13.76 -29.54
N LYS J 96 20.64 -13.07 -28.63
CA LYS J 96 20.05 -13.69 -27.46
C LYS J 96 18.53 -13.77 -27.61
N SER J 97 18.08 -13.93 -28.85
CA SER J 97 16.65 -13.96 -29.16
C SER J 97 16.34 -15.23 -29.94
N THR J 98 15.11 -15.69 -29.81
CA THR J 98 14.63 -16.90 -30.46
C THR J 98 13.39 -16.60 -31.27
N ILE J 99 13.32 -17.15 -32.48
CA ILE J 99 12.17 -16.97 -33.36
C ILE J 99 11.50 -18.32 -33.55
N GLN J 100 10.26 -18.43 -33.10
CA GLN J 100 9.49 -19.66 -33.25
C GLN J 100 8.87 -19.70 -34.64
N TRP J 101 9.25 -20.69 -35.43
CA TRP J 101 8.74 -20.88 -36.79
C TRP J 101 7.61 -21.90 -36.72
N ILE J 102 6.38 -21.43 -36.92
CA ILE J 102 5.23 -22.33 -37.03
C ILE J 102 4.72 -22.24 -38.47
N GLY J 103 5.23 -23.12 -39.33
CA GLY J 103 4.92 -23.07 -40.73
C GLY J 103 3.97 -24.18 -41.16
N PRO J 104 3.79 -24.32 -42.48
CA PRO J 104 2.86 -25.37 -42.96
C PRO J 104 3.31 -26.77 -42.61
N ASP J 105 4.61 -27.05 -42.66
CA ASP J 105 5.12 -28.38 -42.35
C ASP J 105 5.75 -28.43 -40.97
N UNK J 106 7.00 -27.99 -40.87
CA UNK J 106 7.73 -28.05 -39.61
C UNK J 106 7.24 -27.01 -38.61
N ALA J 107 7.67 -27.16 -37.37
CA ALA J 107 7.36 -26.20 -36.31
C ALA J 107 8.42 -26.27 -35.22
N THR J 108 9.43 -25.42 -35.33
CA THR J 108 10.57 -25.47 -34.43
C THR J 108 10.94 -24.04 -34.03
N THR J 109 11.94 -23.92 -33.16
CA THR J 109 12.41 -22.64 -32.65
C THR J 109 13.82 -22.39 -33.19
N LEU J 110 14.03 -21.22 -33.76
CA LEU J 110 15.28 -20.86 -34.42
C LEU J 110 16.14 -20.00 -33.50
N THR J 111 17.43 -20.29 -33.48
CA THR J 111 18.40 -19.54 -32.70
C THR J 111 19.35 -18.79 -33.64
N TYR J 112 20.29 -18.06 -33.05
CA TYR J 112 21.20 -17.23 -33.82
C TYR J 112 22.38 -18.02 -34.38
N UNK J 113 22.94 -17.53 -35.48
CA UNK J 113 24.12 -18.15 -36.08
C UNK J 113 24.99 -17.09 -36.75
N UNK J 114 25.74 -17.50 -37.78
CA UNK J 114 26.60 -16.58 -38.51
C UNK J 114 26.84 -17.09 -39.93
N UNK J 115 26.27 -16.38 -40.90
CA UNK J 115 26.40 -16.73 -42.31
C UNK J 115 25.94 -18.15 -42.59
N UNK J 120 20.64 -19.01 -42.08
CA UNK J 120 21.59 -20.11 -42.09
C UNK J 120 20.94 -21.40 -42.60
N UNK J 121 20.60 -22.30 -41.68
CA UNK J 121 19.98 -23.57 -42.03
C UNK J 121 18.79 -23.88 -41.13
N GLU J 122 19.04 -23.95 -39.83
CA GLU J 122 17.99 -24.26 -38.87
C GLU J 122 18.11 -23.10 -37.87
N ASN J 123 18.79 -22.04 -38.31
CA ASN J 123 19.03 -20.86 -37.50
C ASN J 123 18.65 -19.62 -38.32
N PHE J 124 18.87 -18.45 -37.74
CA PHE J 124 18.62 -17.19 -38.41
C PHE J 124 19.86 -16.30 -38.32
N THR J 125 20.11 -15.54 -39.38
CA THR J 125 21.26 -14.67 -39.48
C THR J 125 20.78 -13.23 -39.57
N THR J 126 21.48 -12.34 -38.89
CA THR J 126 21.08 -10.93 -38.84
C THR J 126 22.10 -10.02 -39.53
N UNK J 127 21.77 -9.54 -40.72
CA UNK J 127 22.57 -8.52 -41.38
C UNK J 127 21.95 -7.16 -41.11
N SER J 128 22.79 -6.14 -40.99
CA SER J 128 22.32 -4.82 -40.61
C SER J 128 21.90 -3.99 -41.84
N ILE J 129 20.95 -3.08 -41.62
CA ILE J 129 20.49 -2.14 -42.63
C ILE J 129 20.93 -0.73 -42.31
N LYS J 130 20.68 -0.27 -41.09
CA LYS J 130 21.09 1.05 -40.63
C LYS J 130 21.66 0.93 -39.22
N GLY J 131 22.81 1.56 -39.00
CA GLY J 131 23.44 1.52 -37.69
C GLY J 131 24.85 0.95 -37.73
N UNK J 132 25.46 0.82 -36.54
CA UNK J 132 26.81 0.32 -36.43
C UNK J 132 26.82 -1.19 -36.22
N UNK J 133 26.27 -1.64 -35.11
CA UNK J 133 26.23 -3.06 -34.78
C UNK J 133 25.28 -3.81 -35.71
N UNK J 134 25.61 -5.07 -35.99
CA UNK J 134 24.80 -5.89 -36.88
C UNK J 134 24.07 -6.98 -36.11
N UNK J 135 23.85 -6.75 -34.82
CA UNK J 135 23.18 -7.74 -33.97
C UNK J 135 22.51 -7.06 -32.78
N VAL J 136 22.84 -5.79 -32.55
CA VAL J 136 22.29 -5.05 -31.42
C VAL J 136 21.58 -3.79 -31.89
N LEU J 137 20.37 -3.57 -31.38
CA LEU J 137 19.61 -2.35 -31.68
C LEU J 137 19.91 -1.34 -30.58
N VAL J 138 20.75 -0.35 -30.90
CA VAL J 138 21.19 0.61 -29.89
C VAL J 138 20.23 1.79 -29.78
N ASP J 139 19.97 2.47 -30.90
CA ASP J 139 19.13 3.66 -30.92
C ASP J 139 17.80 3.34 -31.59
N GLN J 140 16.99 4.37 -31.79
CA GLN J 140 15.67 4.19 -32.41
C GLN J 140 15.73 4.15 -33.94
N SER J 141 16.86 4.52 -34.53
CA SER J 141 16.99 4.59 -36.00
C SER J 141 17.71 3.39 -36.60
N ASP J 142 18.03 2.37 -35.80
CA ASP J 142 18.74 1.20 -36.31
C ASP J 142 17.78 0.17 -36.88
N ARG J 143 18.07 -0.33 -38.06
CA ARG J 143 17.30 -1.37 -38.72
C ARG J 143 18.22 -2.55 -39.01
N ILE J 144 17.81 -3.74 -38.60
CA ILE J 144 18.59 -4.96 -38.83
C ILE J 144 17.70 -5.98 -39.53
N LYS J 145 18.26 -6.63 -40.55
CA LYS J 145 17.53 -7.61 -41.36
C LYS J 145 17.80 -9.00 -40.82
N VAL J 146 16.73 -9.70 -40.45
CA VAL J 146 16.82 -11.08 -39.97
C VAL J 146 16.65 -12.00 -41.18
N ILE J 147 17.67 -12.80 -41.47
CA ILE J 147 17.68 -13.67 -42.64
C ILE J 147 17.32 -15.08 -42.20
N MET J 148 16.27 -15.64 -42.79
CA MET J 148 15.74 -16.94 -42.42
C MET J 148 15.53 -17.76 -43.68
N TYR J 149 16.25 -18.87 -43.80
CA TYR J 149 16.17 -19.73 -44.98
C TYR J 149 14.93 -20.60 -44.86
N ALA J 150 13.91 -20.28 -45.64
CA ALA J 150 12.65 -21.02 -45.56
C ALA J 150 12.80 -22.42 -46.16
N UNK J 151 13.72 -22.56 -47.11
CA UNK J 151 13.95 -23.85 -47.76
C UNK J 151 14.99 -24.67 -47.01
N UNK J 152 15.09 -24.44 -45.70
CA UNK J 152 16.05 -25.15 -44.87
C UNK J 152 15.47 -25.40 -43.48
N VAL J 153 14.69 -24.45 -42.99
CA VAL J 153 14.04 -24.60 -41.68
C VAL J 153 12.85 -25.54 -41.81
N UNK J 154 12.38 -25.72 -43.04
CA UNK J 154 11.25 -26.61 -43.29
C UNK J 154 11.25 -27.03 -44.76
N UNK J 155 10.62 -26.21 -45.60
CA UNK J 155 10.57 -26.45 -47.03
C UNK J 155 10.23 -25.14 -47.75
N UNK J 156 10.55 -25.08 -49.04
CA UNK J 156 10.30 -23.88 -49.83
C UNK J 156 8.81 -23.55 -49.85
N LEU J 157 8.46 -22.36 -49.39
CA LEU J 157 7.07 -21.94 -49.29
C LEU J 157 6.44 -21.73 -50.67
N UNK J 158 5.32 -22.40 -50.90
CA UNK J 158 4.57 -22.21 -52.14
C UNK J 158 3.55 -21.09 -51.93
N UNK J 159 2.78 -20.78 -52.97
CA UNK J 159 1.80 -19.71 -52.91
C UNK J 159 0.69 -20.04 -51.92
N GLY J 160 0.56 -19.20 -50.89
CA GLY J 160 -0.50 -19.37 -49.92
C GLY J 160 -0.03 -19.83 -48.55
N UNK J 161 1.25 -20.18 -48.45
CA UNK J 161 1.82 -20.63 -47.19
C UNK J 161 1.76 -19.51 -46.16
N GLU J 162 1.39 -19.85 -44.93
CA GLU J 162 1.20 -18.85 -43.89
C GLU J 162 2.04 -19.15 -42.65
N VAL J 163 3.29 -18.72 -42.66
CA VAL J 163 4.19 -18.93 -41.53
C VAL J 163 3.85 -17.95 -40.42
N GLN J 164 3.85 -18.43 -39.19
CA GLN J 164 3.57 -17.61 -38.02
C GLN J 164 4.86 -17.46 -37.22
N LEU J 165 5.41 -16.25 -37.20
CA LEU J 165 6.68 -15.98 -36.55
C LEU J 165 6.47 -15.23 -35.24
N THR J 166 7.23 -15.62 -34.22
CA THR J 166 7.18 -14.97 -32.91
C THR J 166 8.60 -14.68 -32.47
N VAL J 167 9.04 -13.43 -32.65
CA VAL J 167 10.38 -13.00 -32.25
C VAL J 167 10.34 -12.66 -30.77
N THR J 168 10.99 -13.49 -29.96
CA THR J 168 11.00 -13.33 -28.51
C THR J 168 12.36 -12.79 -28.08
N THR J 169 12.35 -11.61 -27.46
CA THR J 169 13.58 -11.05 -26.92
C THR J 169 14.02 -11.84 -25.69
N GLN J 170 15.25 -11.58 -25.25
CA GLN J 170 15.79 -12.30 -24.10
C GLN J 170 14.93 -12.07 -22.86
N TYR J 171 14.50 -10.84 -22.63
CA TYR J 171 13.74 -10.51 -21.43
C TYR J 171 12.34 -11.14 -21.43
N GLY J 172 11.81 -11.47 -22.60
CA GLY J 172 10.53 -12.14 -22.67
C GLY J 172 9.46 -11.37 -23.40
N SER J 173 9.87 -10.46 -24.28
CA SER J 173 8.93 -9.67 -25.07
C SER J 173 8.68 -10.38 -26.39
N LYS J 174 7.45 -10.84 -26.59
CA LYS J 174 7.09 -11.62 -27.77
C LYS J 174 6.40 -10.71 -28.79
N THR J 175 6.98 -10.63 -29.99
CA THR J 175 6.37 -9.93 -31.11
C THR J 175 5.92 -10.98 -32.12
N THR J 176 4.61 -11.16 -32.23
CA THR J 176 4.05 -12.16 -33.14
C THR J 176 3.78 -11.51 -34.50
N TYR J 177 4.27 -12.16 -35.55
CA TYR J 177 4.06 -11.71 -36.92
C TYR J 177 3.56 -12.88 -37.75
N TRP J 178 2.47 -12.68 -38.47
CA TRP J 178 1.90 -13.72 -39.33
C TRP J 178 2.33 -13.43 -40.76
N ALA J 179 3.37 -14.13 -41.20
CA ALA J 179 3.87 -13.95 -42.56
C ALA J 179 3.04 -14.76 -43.54
N GLN J 180 2.50 -14.07 -44.55
CA GLN J 180 1.61 -14.69 -45.53
C GLN J 180 2.24 -14.56 -46.91
N VAL J 181 2.56 -15.69 -47.53
CA VAL J 181 3.05 -15.69 -48.91
C VAL J 181 1.93 -15.27 -49.84
N PRO J 182 2.19 -14.49 -50.89
CA PRO J 182 1.11 -14.08 -51.79
C PRO J 182 0.41 -15.28 -52.41
N GLU J 183 -0.91 -15.13 -52.62
CA GLU J 183 -1.72 -16.22 -53.16
C GLU J 183 -1.25 -16.61 -54.56
N SER J 184 -0.64 -15.69 -55.30
CA SER J 184 -0.09 -15.98 -56.62
C SER J 184 1.32 -15.41 -56.69
N LEU J 185 2.25 -16.20 -57.26
CA LEU J 185 3.64 -15.79 -57.40
C LEU J 185 4.06 -15.68 -58.86
N LYS J 186 3.12 -15.43 -59.76
CA LYS J 186 3.43 -15.35 -61.18
C LYS J 186 4.11 -14.02 -61.50
N ASP J 187 5.31 -14.09 -62.07
CA ASP J 187 6.07 -12.92 -62.51
C ASP J 187 6.31 -11.95 -61.35
N LYS J 188 6.97 -12.48 -60.31
CA LYS J 188 7.36 -11.69 -59.15
C LYS J 188 8.76 -12.10 -58.74
N ASN J 189 9.76 -11.24 -59.01
CA ASN J 189 11.12 -11.52 -58.58
C ASN J 189 11.21 -11.56 -57.06
N ALA J 190 10.56 -10.62 -56.37
CA ALA J 190 10.53 -10.60 -54.92
C ALA J 190 9.15 -10.14 -54.47
N VAL J 191 8.68 -10.74 -53.38
CA VAL J 191 7.35 -10.44 -52.87
C VAL J 191 7.42 -9.88 -51.46
N UNK J 192 6.28 -9.41 -50.95
CA UNK J 192 6.21 -8.88 -49.60
C UNK J 192 5.31 -9.77 -48.73
N LEU J 193 5.92 -10.53 -47.85
CA LEU J 193 5.18 -11.44 -46.98
C LEU J 193 4.38 -10.67 -45.94
N GLN K 13 33.42 -13.67 59.14
CA GLN K 13 32.22 -14.47 58.95
C GLN K 13 31.31 -13.85 57.91
N VAL K 14 30.96 -12.57 58.11
CA VAL K 14 30.13 -11.86 57.15
C VAL K 14 30.89 -11.66 55.85
N GLY K 15 32.20 -11.42 55.94
CA GLY K 15 33.01 -11.34 54.73
C GLY K 15 33.10 -12.67 54.00
N ILE K 16 33.25 -13.76 54.74
CA ILE K 16 33.35 -15.08 54.12
C ILE K 16 32.06 -15.44 53.41
N GLY K 17 30.93 -15.20 54.07
CA GLY K 17 29.64 -15.48 53.45
C GLY K 17 29.39 -14.62 52.22
N THR K 18 29.86 -13.38 52.24
CA THR K 18 29.68 -12.49 51.10
C THR K 18 30.38 -13.02 49.85
N LEU K 19 31.59 -13.54 50.02
CA LEU K 19 32.38 -13.97 48.86
C LEU K 19 31.76 -15.18 48.18
N ILE K 20 31.33 -16.18 48.96
CA ILE K 20 30.78 -17.40 48.36
C ILE K 20 29.51 -17.09 47.60
N VAL K 21 28.64 -16.26 48.18
CA VAL K 21 27.41 -15.87 47.49
C VAL K 21 27.73 -15.03 46.27
N PHE K 22 28.77 -14.19 46.34
CA PHE K 22 29.16 -13.37 45.21
C PHE K 22 29.54 -14.25 44.02
N ILE K 23 30.25 -15.35 44.27
CA ILE K 23 30.55 -16.31 43.20
C ILE K 23 29.26 -16.89 42.63
N ALA K 24 28.29 -17.19 43.49
CA ALA K 24 27.03 -17.76 43.02
C ALA K 24 26.30 -16.81 42.08
N MET K 25 26.26 -15.52 42.41
CA MET K 25 25.63 -14.55 41.53
C MET K 25 26.38 -14.44 40.21
N VAL K 26 27.70 -14.54 40.23
CA VAL K 26 28.49 -14.44 39.00
C VAL K 26 28.16 -15.61 38.07
N LEU K 27 28.10 -16.82 38.60
CA LEU K 27 27.83 -17.99 37.76
C LEU K 27 26.37 -18.01 37.31
N VAL K 28 25.44 -17.56 38.15
CA VAL K 28 24.04 -17.54 37.77
C VAL K 28 23.80 -16.54 36.63
N ALA K 29 24.40 -15.36 36.72
CA ALA K 29 24.28 -14.39 35.65
C ALA K 29 24.93 -14.89 34.36
N ALA K 30 25.99 -15.71 34.48
CA ALA K 30 26.57 -16.33 33.30
C ALA K 30 25.59 -17.32 32.67
N ILE K 31 24.87 -18.08 33.49
CA ILE K 31 23.88 -19.02 32.98
C ILE K 31 22.77 -18.27 32.24
N ALA K 32 22.29 -17.17 32.83
CA ALA K 32 21.25 -16.38 32.19
C ALA K 32 21.74 -15.79 30.88
N ALA K 33 23.00 -15.34 30.84
CA ALA K 33 23.56 -14.83 29.59
C ALA K 33 23.63 -15.91 28.52
N GLY K 34 24.01 -17.12 28.91
CA GLY K 34 24.11 -18.21 27.95
C GLY K 34 22.78 -18.52 27.29
N VAL K 35 21.71 -18.59 28.08
CA VAL K 35 20.40 -18.90 27.52
C VAL K 35 19.96 -17.80 26.56
N LEU K 36 20.19 -16.54 26.92
CA LEU K 36 19.75 -15.43 26.08
C LEU K 36 20.47 -15.43 24.74
N ILE K 37 21.81 -15.52 24.77
CA ILE K 37 22.58 -15.39 23.54
C ILE K 37 22.40 -16.61 22.63
N ASN K 38 22.46 -17.81 23.20
CA ASN K 38 22.32 -19.01 22.38
C ASN K 38 20.93 -19.13 21.77
N THR K 39 19.89 -18.69 22.48
CA THR K 39 18.56 -18.66 21.88
C THR K 39 18.48 -17.63 20.77
N ALA K 40 19.17 -16.50 20.93
CA ALA K 40 19.23 -15.52 19.85
C ALA K 40 19.97 -16.07 18.65
N GLY K 41 20.96 -16.94 18.88
CA GLY K 41 21.67 -17.56 17.78
C GLY K 41 20.77 -18.47 16.95
N TYR K 42 19.95 -19.27 17.62
CA TYR K 42 19.04 -20.16 16.90
C TYR K 42 18.02 -19.34 16.10
N LEU K 43 17.47 -18.30 16.72
CA LEU K 43 16.49 -17.46 16.03
C LEU K 43 17.14 -16.66 14.90
N GLN K 44 18.42 -16.30 15.05
CA GLN K 44 19.12 -15.63 13.97
C GLN K 44 19.23 -16.53 12.74
N SER K 45 19.58 -17.80 12.95
CA SER K 45 19.67 -18.73 11.84
C SER K 45 18.30 -19.04 11.25
N LYS K 46 17.29 -19.19 12.12
CA LYS K 46 15.93 -19.42 11.63
C LYS K 46 15.41 -18.21 10.86
N GLY K 47 15.68 -17.00 11.38
CA GLY K 47 15.22 -15.80 10.69
C GLY K 47 15.94 -15.58 9.37
N SER K 48 17.24 -15.86 9.33
CA SER K 48 17.98 -15.70 8.08
C SER K 48 17.49 -16.67 7.02
N ALA K 49 17.23 -17.91 7.41
CA ALA K 49 16.70 -18.89 6.46
C ALA K 49 15.32 -18.51 5.98
N THR K 50 14.45 -18.06 6.89
CA THR K 50 13.08 -17.75 6.53
C THR K 50 13.00 -16.64 5.49
N GLY K 51 13.83 -15.61 5.64
CA GLY K 51 13.81 -14.51 4.70
C GLY K 51 14.20 -14.93 3.29
N GLU K 52 15.19 -15.83 3.18
CA GLU K 52 15.66 -16.24 1.86
C GLU K 52 14.64 -17.12 1.14
N GLU K 53 14.08 -18.12 1.84
CA GLU K 53 13.15 -19.04 1.18
C GLU K 53 11.83 -18.36 0.87
N ALA K 54 11.36 -17.46 1.75
CA ALA K 54 10.12 -16.75 1.46
C ALA K 54 10.27 -15.84 0.26
N SER K 55 11.38 -15.13 0.15
CA SER K 55 11.67 -14.39 -1.06
C SER K 55 11.85 -15.34 -2.25
N ALA K 56 12.40 -16.53 -1.99
CA ALA K 56 12.53 -17.53 -3.05
C ALA K 56 11.17 -18.04 -3.49
N GLN K 57 10.23 -18.20 -2.55
CA GLN K 57 8.89 -18.63 -2.92
C GLN K 57 8.19 -17.61 -3.81
N VAL K 58 8.51 -16.33 -3.66
CA VAL K 58 7.82 -15.27 -4.40
C VAL K 58 8.49 -14.96 -5.72
N SER K 59 9.83 -14.95 -5.76
CA SER K 59 10.54 -14.45 -6.93
C SER K 59 10.75 -15.52 -8.00
N ASN K 60 11.36 -16.64 -7.63
CA ASN K 60 11.75 -17.67 -8.60
C ASN K 60 10.50 -18.43 -9.05
N ARG K 61 9.85 -17.91 -10.08
CA ARG K 61 8.78 -18.59 -10.77
C ARG K 61 9.13 -18.68 -12.25
N ILE K 62 8.50 -19.62 -12.95
CA ILE K 62 8.78 -19.84 -14.36
C ILE K 62 7.71 -19.14 -15.18
N ASN K 63 8.10 -18.71 -16.38
CA ASN K 63 7.20 -18.06 -17.32
C ASN K 63 7.17 -18.88 -18.60
N ILE K 64 5.96 -19.16 -19.09
CA ILE K 64 5.76 -20.02 -20.25
C ILE K 64 5.69 -19.12 -21.48
N VAL K 65 6.77 -19.12 -22.26
CA VAL K 65 6.85 -18.25 -23.43
C VAL K 65 5.82 -18.67 -24.47
N SER K 66 5.80 -19.95 -24.83
CA SER K 66 4.90 -20.45 -25.86
C SER K 66 4.56 -21.90 -25.57
N ALA K 67 3.54 -22.41 -26.26
CA ALA K 67 3.09 -23.78 -26.05
C ALA K 67 2.54 -24.31 -27.38
N TYR K 68 3.37 -25.03 -28.12
CA TYR K 68 2.94 -25.69 -29.33
C TYR K 68 2.82 -27.20 -29.08
N GLY K 69 2.50 -27.95 -30.13
CA GLY K 69 2.34 -29.38 -29.99
C GLY K 69 2.11 -30.11 -31.30
N ASN K 70 2.76 -31.26 -31.46
CA ASN K 70 2.60 -32.06 -32.66
C ASN K 70 1.21 -32.70 -32.70
N VAL K 71 0.79 -33.07 -33.90
CA VAL K 71 -0.49 -33.73 -34.09
C VAL K 71 -0.43 -34.80 -35.17
N UNK K 72 -0.74 -36.03 -34.78
CA UNK K 72 -0.78 -37.14 -35.71
C UNK K 72 -2.22 -37.48 -36.06
N UNK K 73 -2.44 -37.91 -37.31
CA UNK K 73 -3.78 -38.22 -37.81
C UNK K 73 -4.72 -37.04 -37.62
N UNK K 74 -5.28 -36.91 -36.42
CA UNK K 74 -6.17 -35.80 -36.09
C UNK K 74 -6.19 -35.57 -34.59
N UNK K 75 -5.12 -35.98 -33.92
CA UNK K 75 -5.04 -35.86 -32.46
C UNK K 75 -3.67 -35.36 -32.02
N VAL K 76 -3.66 -34.44 -31.07
CA VAL K 76 -2.41 -33.91 -30.52
C VAL K 76 -1.78 -34.95 -29.60
N ASP K 77 -0.63 -35.48 -30.01
CA ASP K 77 0.05 -36.50 -29.23
C ASP K 77 1.09 -35.93 -28.27
N TYR K 78 1.66 -34.77 -28.61
CA TYR K 78 2.73 -34.18 -27.82
C TYR K 78 2.34 -32.77 -27.40
N VAL K 79 2.66 -32.42 -26.16
CA VAL K 79 2.40 -31.09 -25.61
C VAL K 79 3.74 -30.54 -25.15
N ASN K 80 4.35 -29.66 -25.95
CA ASN K 80 5.63 -29.07 -25.63
C ASN K 80 5.43 -27.68 -25.04
N LEU K 81 6.30 -27.32 -24.10
CA LEU K 81 6.15 -26.10 -23.32
C LEU K 81 7.51 -25.40 -23.24
N THR K 82 7.63 -24.25 -23.88
CA THR K 82 8.84 -23.43 -23.77
C THR K 82 8.71 -22.53 -22.55
N VAL K 83 9.69 -22.62 -21.65
CA VAL K 83 9.63 -21.93 -20.37
C VAL K 83 10.90 -21.13 -20.16
N ARG K 84 10.81 -20.10 -19.31
CA ARG K 84 11.93 -19.22 -19.02
C ARG K 84 11.79 -18.71 -17.60
N GLN K 85 12.88 -18.10 -17.11
CA GLN K 85 12.85 -17.48 -15.80
C GLN K 85 11.95 -16.25 -15.80
N ALA K 86 11.42 -15.91 -14.63
CA ALA K 86 10.68 -14.67 -14.46
C ALA K 86 11.64 -13.53 -14.15
N ALA K 87 11.09 -12.36 -13.86
CA ALA K 87 11.92 -11.21 -13.51
C ALA K 87 12.55 -11.42 -12.14
N GLY K 88 13.87 -11.24 -12.08
CA GLY K 88 14.58 -11.32 -10.82
C GLY K 88 14.56 -12.68 -10.15
N ALA K 89 14.74 -13.75 -10.92
CA ALA K 89 14.79 -15.10 -10.38
C ALA K 89 16.22 -15.63 -10.42
N ASP K 90 16.45 -16.66 -9.59
CA ASP K 90 17.73 -17.35 -9.56
C ASP K 90 17.61 -18.64 -10.36
N ASN K 91 18.61 -19.51 -10.25
CA ASN K 91 18.58 -20.78 -10.97
C ASN K 91 17.33 -21.57 -10.60
N ILE K 92 16.67 -22.11 -11.61
CA ILE K 92 15.45 -22.90 -11.44
C ILE K 92 15.72 -24.28 -12.02
N ASN K 93 15.79 -25.29 -11.16
CA ASN K 93 15.99 -26.65 -11.61
C ASN K 93 14.63 -27.27 -11.96
N LEU K 94 14.44 -27.59 -13.23
CA LEU K 94 13.17 -28.15 -13.69
C LEU K 94 13.07 -29.63 -13.34
N UNK K 95 14.04 -30.12 -12.59
CA UNK K 95 14.09 -31.51 -12.20
C UNK K 95 13.38 -31.74 -10.88
N LYS K 96 13.52 -30.76 -9.98
CA LYS K 96 12.88 -30.82 -8.68
C LYS K 96 11.56 -30.06 -8.70
N SER K 97 10.90 -30.10 -9.85
CA SER K 97 9.63 -29.42 -10.05
C SER K 97 8.60 -30.41 -10.57
N THR K 98 7.32 -30.08 -10.36
CA THR K 98 6.21 -30.93 -10.75
C THR K 98 5.20 -30.11 -11.56
N ILE K 99 4.47 -30.81 -12.42
CA ILE K 99 3.44 -30.21 -13.26
C ILE K 99 2.12 -30.93 -13.02
N GLN K 100 1.08 -30.16 -12.75
CA GLN K 100 -0.26 -30.72 -12.52
C GLN K 100 -1.03 -30.76 -13.84
N TRP K 101 -1.35 -31.96 -14.29
CA TRP K 101 -2.08 -32.16 -15.55
C TRP K 101 -3.52 -32.47 -15.21
N ILE K 102 -4.36 -31.44 -15.21
CA ILE K 102 -5.81 -31.62 -15.06
C ILE K 102 -6.37 -31.63 -16.48
N GLY K 103 -6.37 -32.83 -17.09
CA GLY K 103 -6.82 -32.98 -18.45
C GLY K 103 -8.31 -33.21 -18.54
N PRO K 104 -8.79 -33.57 -19.72
CA PRO K 104 -10.23 -33.82 -19.89
C PRO K 104 -10.67 -35.14 -19.27
N ASP K 105 -9.80 -36.15 -19.33
CA ASP K 105 -10.14 -37.48 -18.84
C ASP K 105 -9.40 -37.84 -17.55
N UNK K 106 -8.26 -37.20 -17.31
CA UNK K 106 -7.43 -37.55 -16.16
C UNK K 106 -7.06 -36.32 -15.32
N ALA K 107 -6.36 -36.58 -14.23
CA ALA K 107 -5.89 -35.52 -13.33
C ALA K 107 -4.75 -36.06 -12.48
N THR K 108 -3.51 -35.74 -12.86
CA THR K 108 -2.33 -36.27 -12.18
C THR K 108 -1.24 -35.21 -12.15
N THR K 109 -0.27 -35.42 -11.25
CA THR K 109 0.86 -34.52 -11.07
C THR K 109 2.09 -35.16 -11.71
N LEU K 110 2.57 -34.57 -12.80
CA LEU K 110 3.67 -35.14 -13.56
C LEU K 110 5.00 -34.75 -12.93
N THR K 111 5.90 -35.72 -12.80
CA THR K 111 7.27 -35.48 -12.37
C THR K 111 8.20 -35.52 -13.58
N TYR K 112 9.49 -35.33 -13.34
CA TYR K 112 10.50 -35.35 -14.40
C TYR K 112 10.89 -36.80 -14.73
N UNK K 113 11.00 -37.13 -16.01
CA UNK K 113 11.55 -38.43 -16.41
C UNK K 113 12.99 -38.29 -16.91
N UNK K 114 13.32 -39.03 -17.97
CA UNK K 114 14.64 -38.97 -18.59
C UNK K 114 14.62 -39.71 -19.92
N UNK K 115 14.30 -38.98 -20.99
CA UNK K 115 14.16 -39.55 -22.33
C UNK K 115 13.12 -40.67 -22.35
N UNK K 120 7.52 -38.49 -21.74
CA UNK K 120 7.78 -39.87 -21.35
C UNK K 120 6.48 -40.66 -21.30
N UNK K 121 5.97 -40.87 -20.09
CA UNK K 121 4.76 -41.66 -19.90
C UNK K 121 3.79 -40.90 -18.98
N GLU K 122 3.88 -41.09 -17.66
CA GLU K 122 3.16 -40.23 -16.72
C GLU K 122 4.12 -39.19 -16.14
N ASN K 123 5.19 -38.91 -16.87
CA ASN K 123 6.20 -37.95 -16.47
C ASN K 123 6.50 -37.01 -17.63
N PHE K 124 7.09 -35.87 -17.31
CA PHE K 124 7.49 -34.89 -18.32
C PHE K 124 9.01 -34.91 -18.50
N THR K 125 9.45 -34.59 -19.71
CA THR K 125 10.86 -34.53 -20.04
C THR K 125 11.20 -33.11 -20.48
N THR K 126 12.44 -32.70 -20.23
CA THR K 126 12.89 -31.36 -20.60
C THR K 126 14.06 -31.41 -21.58
N UNK K 127 13.96 -30.64 -22.66
CA UNK K 127 15.04 -30.51 -23.63
C UNK K 127 15.42 -29.03 -23.78
N SER K 128 16.70 -28.76 -23.97
CA SER K 128 17.20 -27.39 -24.03
C SER K 128 16.99 -26.76 -25.40
N ILE K 129 16.35 -25.59 -25.42
CA ILE K 129 16.16 -24.84 -26.66
C ILE K 129 17.31 -23.86 -26.89
N LYS K 130 17.69 -23.13 -25.87
CA LYS K 130 18.81 -22.18 -25.96
C LYS K 130 19.44 -22.07 -24.58
N GLY K 131 20.63 -22.62 -24.43
CA GLY K 131 21.33 -22.57 -23.17
C GLY K 131 22.34 -23.69 -22.97
N UNK K 132 22.87 -23.79 -21.76
CA UNK K 132 23.87 -24.81 -21.44
C UNK K 132 23.22 -26.05 -20.84
N UNK K 133 22.46 -25.85 -19.78
CA UNK K 133 21.79 -26.95 -19.10
C UNK K 133 20.44 -27.25 -19.75
N UNK K 134 20.04 -28.52 -19.72
CA UNK K 134 18.79 -28.95 -20.32
C UNK K 134 17.75 -29.26 -19.25
N UNK K 135 18.03 -28.87 -18.02
CA UNK K 135 17.12 -29.10 -16.91
C UNK K 135 17.15 -27.93 -15.94
N VAL K 136 18.09 -27.02 -16.12
CA VAL K 136 18.25 -25.87 -15.24
C VAL K 136 18.22 -24.55 -16.03
N LEU K 137 17.42 -23.60 -15.56
CA LEU K 137 17.40 -22.25 -16.12
C LEU K 137 18.36 -21.39 -15.30
N VAL K 138 19.46 -20.97 -15.92
CA VAL K 138 20.51 -20.25 -15.21
C VAL K 138 20.42 -18.75 -15.46
N ASP K 139 20.47 -18.33 -16.72
CA ASP K 139 20.39 -16.92 -17.08
C ASP K 139 19.00 -16.59 -17.62
N GLN K 140 18.78 -15.29 -17.82
CA GLN K 140 17.47 -14.81 -18.27
C GLN K 140 17.16 -15.28 -19.68
N SER K 141 18.19 -15.59 -20.47
CA SER K 141 18.04 -15.91 -21.89
C SER K 141 18.04 -17.42 -22.15
N ASP K 142 17.64 -18.23 -21.19
CA ASP K 142 17.53 -19.67 -21.37
C ASP K 142 16.08 -20.07 -21.63
N ARG K 143 15.88 -20.90 -22.66
CA ARG K 143 14.58 -21.47 -22.95
C ARG K 143 14.71 -22.99 -22.93
N ILE K 144 13.80 -23.64 -22.24
CA ILE K 144 13.78 -25.10 -22.10
C ILE K 144 12.41 -25.59 -22.48
N LYS K 145 12.36 -26.66 -23.28
CA LYS K 145 11.11 -27.22 -23.76
C LYS K 145 10.67 -28.35 -22.85
N VAL K 146 9.51 -28.19 -22.22
CA VAL K 146 8.96 -29.21 -21.34
C VAL K 146 8.11 -30.14 -22.19
N ILE K 147 8.55 -31.38 -22.31
CA ILE K 147 7.94 -32.36 -23.20
C ILE K 147 6.93 -33.17 -22.42
N MET K 148 5.73 -33.33 -22.99
CA MET K 148 4.68 -34.13 -22.38
C MET K 148 4.06 -35.01 -23.45
N TYR K 149 3.97 -36.30 -23.18
CA TYR K 149 3.41 -37.26 -24.12
C TYR K 149 1.93 -37.40 -23.82
N ALA K 150 1.10 -36.68 -24.56
CA ALA K 150 -0.34 -36.63 -24.28
C ALA K 150 -1.04 -37.95 -24.61
N UNK K 151 -0.33 -38.89 -25.20
CA UNK K 151 -0.91 -40.18 -25.55
C UNK K 151 -0.73 -41.19 -24.44
N UNK K 152 0.07 -40.83 -23.43
CA UNK K 152 0.32 -41.73 -22.31
C UNK K 152 -0.22 -41.15 -21.01
N VAL K 153 -0.16 -39.83 -20.88
CA VAL K 153 -0.73 -39.15 -19.72
C VAL K 153 -2.23 -39.40 -19.70
N UNK K 154 -2.87 -39.12 -20.82
CA UNK K 154 -4.27 -39.42 -21.02
C UNK K 154 -4.44 -39.93 -22.45
N UNK K 155 -5.63 -39.78 -23.00
CA UNK K 155 -5.84 -40.10 -24.41
C UNK K 155 -5.28 -38.96 -25.25
N UNK K 156 -5.01 -39.23 -26.53
CA UNK K 156 -4.50 -38.20 -27.42
C UNK K 156 -5.52 -37.07 -27.56
N LEU K 157 -5.09 -35.85 -27.28
CA LEU K 157 -5.98 -34.69 -27.27
C LEU K 157 -6.61 -34.43 -28.64
N UNK K 158 -7.94 -34.37 -28.66
CA UNK K 158 -8.67 -34.05 -29.88
C UNK K 158 -8.90 -32.55 -29.95
N UNK K 159 -9.64 -32.11 -30.97
CA UNK K 159 -9.89 -30.69 -31.17
C UNK K 159 -10.82 -30.13 -30.10
N GLY K 160 -10.50 -28.93 -29.61
CA GLY K 160 -11.34 -28.26 -28.63
C GLY K 160 -11.05 -28.63 -27.19
N UNK K 161 -10.33 -29.72 -26.99
CA UNK K 161 -10.01 -30.20 -25.65
C UNK K 161 -9.06 -29.24 -24.93
N GLU K 162 -9.38 -28.93 -23.68
CA GLU K 162 -8.56 -28.03 -22.88
C GLU K 162 -7.87 -28.77 -21.75
N VAL K 163 -6.58 -28.52 -21.58
CA VAL K 163 -5.79 -29.11 -20.50
C VAL K 163 -5.26 -27.97 -19.64
N GLN K 164 -5.49 -28.06 -18.33
CA GLN K 164 -5.00 -27.07 -17.39
C GLN K 164 -3.67 -27.54 -16.82
N LEU K 165 -2.63 -26.71 -16.97
CA LEU K 165 -1.28 -27.04 -16.53
C LEU K 165 -0.85 -26.04 -15.47
N THR K 166 -0.33 -26.55 -14.36
CA THR K 166 0.21 -25.73 -13.28
C THR K 166 1.62 -26.23 -13.01
N VAL K 167 2.63 -25.48 -13.45
CA VAL K 167 4.02 -25.83 -13.20
C VAL K 167 4.43 -25.20 -11.89
N THR K 168 4.80 -26.04 -10.93
CA THR K 168 5.15 -25.59 -9.58
C THR K 168 6.64 -25.74 -9.36
N THR K 169 7.30 -24.62 -9.07
CA THR K 169 8.72 -24.64 -8.79
C THR K 169 8.98 -25.32 -7.43
N GLN K 170 10.23 -25.70 -7.20
CA GLN K 170 10.61 -26.35 -5.95
C GLN K 170 10.22 -25.51 -4.74
N TYR K 171 10.45 -24.19 -4.81
CA TYR K 171 10.18 -23.32 -3.68
C TYR K 171 8.69 -23.11 -3.45
N GLY K 172 7.84 -23.37 -4.45
CA GLY K 172 6.40 -23.26 -4.29
C GLY K 172 5.73 -22.32 -5.26
N SER K 173 6.47 -21.60 -6.11
CA SER K 173 5.85 -20.69 -7.05
C SER K 173 5.13 -21.48 -8.15
N LYS K 174 3.88 -21.10 -8.41
CA LYS K 174 3.03 -21.81 -9.36
C LYS K 174 2.71 -20.91 -10.55
N THR K 175 2.86 -21.47 -11.75
CA THR K 175 2.45 -20.80 -12.98
C THR K 175 1.39 -21.65 -13.66
N THR K 176 0.22 -21.07 -13.88
CA THR K 176 -0.92 -21.79 -14.45
C THR K 176 -1.07 -21.43 -15.92
N TYR K 177 -1.20 -22.44 -16.76
CA TYR K 177 -1.39 -22.26 -18.20
C TYR K 177 -2.54 -23.11 -18.66
N TRP K 178 -3.47 -22.51 -19.42
CA TRP K 178 -4.60 -23.22 -19.99
C TRP K 178 -4.28 -23.51 -21.45
N ALA K 179 -3.89 -24.75 -21.74
CA ALA K 179 -3.55 -25.17 -23.10
C ALA K 179 -4.81 -25.71 -23.77
N GLN K 180 -5.28 -25.01 -24.80
CA GLN K 180 -6.49 -25.37 -25.52
C GLN K 180 -6.13 -25.81 -26.92
N VAL K 181 -6.52 -27.02 -27.29
CA VAL K 181 -6.28 -27.52 -28.65
C VAL K 181 -7.11 -26.69 -29.63
N PRO K 182 -6.60 -26.38 -30.82
CA PRO K 182 -7.39 -25.63 -31.79
C PRO K 182 -8.71 -26.35 -32.09
N GLU K 183 -9.77 -25.55 -32.26
CA GLU K 183 -11.11 -26.11 -32.40
C GLU K 183 -11.24 -26.98 -33.66
N SER K 184 -10.39 -26.77 -34.65
CA SER K 184 -10.36 -27.60 -35.85
C SER K 184 -8.94 -28.03 -36.11
N LEU K 185 -8.74 -29.34 -36.30
CA LEU K 185 -7.41 -29.93 -36.46
C LEU K 185 -7.17 -30.43 -37.88
N LYS K 186 -7.77 -29.77 -38.88
CA LYS K 186 -7.68 -30.20 -40.26
C LYS K 186 -6.57 -29.45 -40.98
N ASP K 187 -5.69 -30.19 -41.65
CA ASP K 187 -4.61 -29.65 -42.46
C ASP K 187 -3.66 -28.78 -41.63
N LYS K 188 -3.06 -29.40 -40.62
CA LYS K 188 -2.03 -28.75 -39.82
C LYS K 188 -1.10 -29.83 -39.27
N ASN K 189 0.17 -29.78 -39.69
CA ASN K 189 1.14 -30.74 -39.16
C ASN K 189 1.43 -30.45 -37.69
N ALA K 190 1.43 -29.19 -37.28
CA ALA K 190 1.62 -28.83 -35.89
C ALA K 190 0.75 -27.61 -35.57
N VAL K 191 0.34 -27.52 -34.31
CA VAL K 191 -0.56 -26.46 -33.87
C VAL K 191 0.04 -25.66 -32.74
N UNK K 192 -0.65 -24.59 -32.35
CA UNK K 192 -0.21 -23.75 -31.24
C UNK K 192 -1.22 -23.78 -30.11
N LEU K 193 -0.96 -24.63 -29.12
CA LEU K 193 -1.85 -24.76 -27.96
C LEU K 193 -1.88 -23.48 -27.13
N GLN L 13 38.25 -18.14 74.78
CA GLN L 13 37.21 -18.97 74.20
C GLN L 13 36.46 -18.21 73.11
N VAL L 14 36.81 -16.94 72.95
CA VAL L 14 36.18 -16.11 71.93
C VAL L 14 36.55 -16.61 70.54
N GLY L 15 37.79 -17.04 70.35
CA GLY L 15 38.20 -17.59 69.07
C GLY L 15 37.51 -18.89 68.72
N ILE L 16 37.28 -19.75 69.72
CA ILE L 16 36.64 -21.04 69.47
C ILE L 16 35.21 -20.83 68.96
N GLY L 17 34.48 -19.91 69.58
CA GLY L 17 33.13 -19.61 69.09
C GLY L 17 33.14 -19.07 67.68
N THR L 18 34.17 -18.31 67.31
CA THR L 18 34.29 -17.81 65.94
C THR L 18 34.42 -18.96 64.95
N LEU L 19 35.24 -19.96 65.29
CA LEU L 19 35.51 -21.05 64.36
C LEU L 19 34.26 -21.85 64.03
N ILE L 20 33.45 -22.17 65.05
CA ILE L 20 32.24 -22.95 64.80
C ILE L 20 31.24 -22.15 63.99
N VAL L 21 31.07 -20.86 64.32
CA VAL L 21 30.20 -20.00 63.52
C VAL L 21 30.78 -19.79 62.13
N PHE L 22 32.12 -19.74 62.02
CA PHE L 22 32.75 -19.65 60.71
C PHE L 22 32.32 -20.83 59.84
N ILE L 23 32.40 -22.04 60.38
CA ILE L 23 31.97 -23.23 59.63
C ILE L 23 30.50 -23.11 59.26
N ALA L 24 29.65 -22.69 60.20
CA ALA L 24 28.22 -22.58 59.90
C ALA L 24 27.97 -21.58 58.78
N MET L 25 28.70 -20.47 58.76
CA MET L 25 28.51 -19.48 57.71
C MET L 25 28.89 -20.04 56.34
N VAL L 26 29.86 -20.94 56.30
CA VAL L 26 30.32 -21.48 55.03
C VAL L 26 29.24 -22.35 54.37
N LEU L 27 28.66 -23.29 55.13
CA LEU L 27 27.61 -24.12 54.55
C LEU L 27 26.35 -23.31 54.23
N VAL L 28 25.98 -22.38 55.11
CA VAL L 28 24.77 -21.59 54.88
C VAL L 28 24.88 -20.82 53.58
N ALA L 29 26.06 -20.27 53.29
CA ALA L 29 26.30 -19.69 51.97
C ALA L 29 26.25 -20.77 50.90
N ALA L 30 26.87 -21.93 51.17
CA ALA L 30 26.87 -23.01 50.19
C ALA L 30 25.46 -23.54 49.95
N ILE L 31 24.66 -23.69 51.02
CA ILE L 31 23.26 -24.08 50.84
C ILE L 31 22.52 -23.03 50.01
N ALA L 32 22.68 -21.76 50.36
CA ALA L 32 22.04 -20.70 49.60
C ALA L 32 22.58 -20.65 48.17
N ALA L 33 23.89 -20.87 48.01
CA ALA L 33 24.51 -20.77 46.69
C ALA L 33 23.89 -21.75 45.71
N GLY L 34 23.61 -22.97 46.16
CA GLY L 34 23.06 -23.97 45.26
C GLY L 34 21.73 -23.58 44.66
N VAL L 35 20.84 -22.99 45.47
CA VAL L 35 19.45 -22.82 45.07
C VAL L 35 19.34 -22.00 43.79
N LEU L 36 20.11 -20.92 43.69
CA LEU L 36 20.07 -20.09 42.47
C LEU L 36 20.58 -20.87 41.26
N ILE L 37 21.66 -21.62 41.43
CA ILE L 37 22.27 -22.30 40.28
C ILE L 37 21.37 -23.43 39.79
N ASN L 38 20.87 -24.26 40.71
CA ASN L 38 19.98 -25.34 40.30
C ASN L 38 18.63 -24.81 39.80
N THR L 39 18.17 -23.67 40.32
CA THR L 39 16.97 -23.06 39.76
C THR L 39 17.23 -22.48 38.39
N ALA L 40 18.39 -21.82 38.21
CA ALA L 40 18.78 -21.35 36.89
C ALA L 40 18.95 -22.51 35.92
N GLY L 41 19.42 -23.66 36.43
CA GLY L 41 19.51 -24.84 35.60
C GLY L 41 18.15 -25.31 35.10
N TYR L 42 17.14 -25.28 35.97
CA TYR L 42 15.81 -25.68 35.55
C TYR L 42 15.24 -24.70 34.53
N LEU L 43 15.44 -23.40 34.75
CA LEU L 43 14.90 -22.41 33.82
C LEU L 43 15.69 -22.34 32.52
N GLN L 44 16.98 -22.69 32.56
CA GLN L 44 17.76 -22.70 31.33
C GLN L 44 17.23 -23.75 30.36
N SER L 45 16.79 -24.89 30.90
CA SER L 45 16.17 -25.92 30.06
C SER L 45 14.75 -25.55 29.67
N LYS L 46 14.01 -24.90 30.58
CA LYS L 46 12.64 -24.50 30.27
C LYS L 46 12.62 -23.37 29.26
N GLY L 47 13.54 -22.42 29.38
CA GLY L 47 13.61 -21.33 28.41
C GLY L 47 14.08 -21.80 27.04
N SER L 48 15.06 -22.71 27.01
CA SER L 48 15.58 -23.21 25.74
C SER L 48 14.49 -23.94 24.95
N ALA L 49 13.73 -24.82 25.64
CA ALA L 49 12.64 -25.52 24.97
C ALA L 49 11.59 -24.56 24.46
N THR L 50 11.27 -23.53 25.25
CA THR L 50 10.22 -22.58 24.88
C THR L 50 10.56 -21.87 23.58
N GLY L 51 11.82 -21.43 23.44
CA GLY L 51 12.21 -20.76 22.22
C GLY L 51 12.13 -21.65 21.00
N GLU L 52 12.51 -22.91 21.14
CA GLU L 52 12.52 -23.81 19.99
C GLU L 52 11.12 -24.17 19.52
N GLU L 53 10.22 -24.53 20.44
CA GLU L 53 8.88 -24.92 20.03
C GLU L 53 8.04 -23.72 19.60
N ALA L 54 8.30 -22.54 20.16
CA ALA L 54 7.61 -21.34 19.69
C ALA L 54 8.02 -21.02 18.26
N SER L 55 9.30 -21.16 17.93
CA SER L 55 9.74 -20.99 16.56
C SER L 55 9.17 -22.09 15.68
N ALA L 56 9.07 -23.31 16.20
CA ALA L 56 8.44 -24.40 15.45
C ALA L 56 6.96 -24.12 15.22
N GLN L 57 6.28 -23.51 16.21
CA GLN L 57 4.89 -23.14 16.02
C GLN L 57 4.73 -22.12 14.91
N VAL L 58 5.64 -21.14 14.84
CA VAL L 58 5.54 -20.08 13.83
C VAL L 58 6.10 -20.54 12.49
N SER L 59 7.23 -21.25 12.48
CA SER L 59 7.89 -21.58 11.23
C SER L 59 7.34 -22.84 10.56
N ASN L 60 7.19 -23.92 11.32
CA ASN L 60 6.80 -25.21 10.74
C ASN L 60 5.33 -25.22 10.36
N ARG L 61 5.02 -24.82 9.12
CA ARG L 61 3.63 -24.76 8.65
C ARG L 61 3.48 -25.50 7.33
N ILE L 62 2.24 -25.90 7.05
CA ILE L 62 1.87 -26.57 5.82
C ILE L 62 1.36 -25.53 4.82
N ASN L 63 1.83 -25.64 3.57
CA ASN L 63 1.29 -24.86 2.47
C ASN L 63 0.67 -25.78 1.44
N ILE L 64 -0.47 -25.38 0.89
CA ILE L 64 -1.25 -26.20 -0.02
C ILE L 64 -1.00 -25.75 -1.45
N VAL L 65 -0.45 -26.63 -2.28
CA VAL L 65 -0.21 -26.31 -3.68
C VAL L 65 -1.54 -26.11 -4.41
N SER L 66 -2.36 -27.16 -4.46
CA SER L 66 -3.64 -27.10 -5.16
C SER L 66 -4.55 -28.17 -4.59
N ALA L 67 -5.84 -28.03 -4.89
CA ALA L 67 -6.86 -28.99 -4.49
C ALA L 67 -7.59 -29.50 -5.72
N TYR L 68 -7.87 -30.80 -5.73
CA TYR L 68 -8.61 -31.42 -6.82
C TYR L 68 -9.36 -32.62 -6.28
N GLY L 69 -10.36 -33.06 -7.01
CA GLY L 69 -11.19 -34.16 -6.57
C GLY L 69 -11.75 -34.94 -7.74
N ASN L 70 -11.89 -36.25 -7.54
CA ASN L 70 -12.42 -37.12 -8.57
C ASN L 70 -13.95 -37.09 -8.55
N VAL L 71 -14.54 -37.10 -9.74
CA VAL L 71 -15.99 -37.01 -9.88
C VAL L 71 -16.60 -38.33 -10.31
N UNK L 72 -17.52 -38.85 -9.49
CA UNK L 72 -18.26 -40.06 -9.84
C UNK L 72 -19.72 -39.70 -10.09
N UNK L 73 -20.29 -40.24 -11.16
CA UNK L 73 -21.66 -39.94 -11.57
C UNK L 73 -21.86 -38.44 -11.76
N UNK L 74 -22.04 -37.74 -10.65
CA UNK L 74 -22.22 -36.29 -10.68
C UNK L 74 -21.89 -35.65 -9.34
N UNK L 75 -21.03 -36.30 -8.57
CA UNK L 75 -20.66 -35.81 -7.25
C UNK L 75 -19.20 -36.11 -6.92
N VAL L 76 -18.56 -35.19 -6.20
CA VAL L 76 -17.16 -35.36 -5.81
C VAL L 76 -17.07 -36.32 -4.64
N ASP L 77 -16.46 -37.48 -4.88
CA ASP L 77 -16.34 -38.52 -3.86
C ASP L 77 -14.93 -38.62 -3.28
N TYR L 78 -14.05 -37.68 -3.59
CA TYR L 78 -12.68 -37.72 -3.11
C TYR L 78 -12.13 -36.31 -3.10
N VAL L 79 -11.50 -35.92 -1.99
CA VAL L 79 -10.90 -34.60 -1.84
C VAL L 79 -9.41 -34.79 -1.61
N ASN L 80 -8.59 -34.35 -2.56
CA ASN L 80 -7.15 -34.54 -2.52
C ASN L 80 -6.46 -33.18 -2.44
N LEU L 81 -5.53 -33.04 -1.49
CA LEU L 81 -4.75 -31.83 -1.30
C LEU L 81 -3.28 -32.13 -1.51
N THR L 82 -2.60 -31.27 -2.27
CA THR L 82 -1.15 -31.34 -2.43
C THR L 82 -0.52 -30.31 -1.51
N VAL L 83 0.34 -30.77 -0.60
CA VAL L 83 0.87 -29.93 0.45
C VAL L 83 2.39 -29.84 0.33
N ARG L 84 2.95 -28.78 0.91
CA ARG L 84 4.39 -28.55 0.90
C ARG L 84 4.78 -27.87 2.20
N GLN L 85 6.09 -27.88 2.47
CA GLN L 85 6.61 -27.13 3.60
C GLN L 85 6.47 -25.63 3.36
N ALA L 86 6.28 -24.89 4.46
CA ALA L 86 6.26 -23.43 4.37
C ALA L 86 7.68 -22.90 4.22
N ALA L 87 7.80 -21.58 4.12
CA ALA L 87 9.12 -20.97 3.98
C ALA L 87 9.92 -21.14 5.25
N GLY L 88 11.11 -21.72 5.12
CA GLY L 88 11.98 -21.91 6.27
C GLY L 88 11.42 -22.82 7.33
N ALA L 89 10.84 -23.96 6.94
CA ALA L 89 10.25 -24.90 7.86
C ALA L 89 11.21 -26.06 8.12
N ASP L 90 10.77 -27.00 8.94
CA ASP L 90 11.52 -28.20 9.27
C ASP L 90 10.71 -29.42 8.84
N ASN L 91 11.17 -30.61 9.23
CA ASN L 91 10.44 -31.83 8.91
C ASN L 91 9.04 -31.78 9.52
N ILE L 92 8.04 -32.10 8.69
CA ILE L 92 6.64 -32.01 9.08
C ILE L 92 6.03 -33.40 8.91
N ASN L 93 5.77 -34.07 10.02
CA ASN L 93 5.13 -35.38 9.98
C ASN L 93 3.62 -35.20 9.84
N LEU L 94 3.05 -35.76 8.77
CA LEU L 94 1.62 -35.60 8.50
C LEU L 94 0.79 -36.64 9.22
N UNK L 95 1.45 -37.55 9.93
CA UNK L 95 0.76 -38.58 10.69
C UNK L 95 0.40 -38.05 12.08
N LYS L 96 1.15 -37.05 12.52
CA LYS L 96 0.90 -36.41 13.81
C LYS L 96 0.09 -35.13 13.62
N SER L 97 -0.52 -35.00 12.46
CA SER L 97 -1.31 -33.82 12.11
C SER L 97 -2.78 -34.18 11.99
N THR L 98 -3.63 -33.17 12.17
CA THR L 98 -5.07 -33.34 12.09
C THR L 98 -5.65 -32.29 11.15
N ILE L 99 -6.75 -32.65 10.49
CA ILE L 99 -7.46 -31.77 9.57
C ILE L 99 -8.89 -31.61 10.05
N GLN L 100 -9.34 -30.37 10.14
CA GLN L 100 -10.71 -30.08 10.54
C GLN L 100 -11.60 -29.93 9.32
N TRP L 101 -12.70 -30.67 9.30
CA TRP L 101 -13.62 -30.71 8.17
C TRP L 101 -14.93 -30.05 8.58
N ILE L 102 -15.05 -28.75 8.30
CA ILE L 102 -16.31 -28.03 8.51
C ILE L 102 -17.06 -28.11 7.19
N GLY L 103 -17.80 -29.19 7.00
CA GLY L 103 -18.50 -29.44 5.76
C GLY L 103 -19.93 -28.96 5.80
N PRO L 104 -20.64 -29.11 4.68
CA PRO L 104 -22.06 -28.72 4.65
C PRO L 104 -22.92 -29.47 5.64
N ASP L 105 -22.62 -30.75 5.89
CA ASP L 105 -23.43 -31.56 6.78
C ASP L 105 -22.73 -31.83 8.10
N UNK L 106 -21.56 -32.46 8.03
CA UNK L 106 -20.83 -32.84 9.24
C UNK L 106 -19.80 -31.80 9.63
N ALA L 107 -19.18 -32.00 10.79
CA ALA L 107 -18.14 -31.12 11.29
C ALA L 107 -17.26 -31.84 12.29
N THR L 108 -16.25 -32.54 11.80
CA THR L 108 -15.37 -33.36 12.62
C THR L 108 -13.92 -33.04 12.29
N THR L 109 -13.02 -33.59 13.10
CA THR L 109 -11.58 -33.46 12.92
C THR L 109 -11.04 -34.80 12.44
N LEU L 110 -10.35 -34.78 11.31
CA LEU L 110 -9.85 -35.99 10.67
C LEU L 110 -8.46 -36.33 11.19
N THR L 111 -8.25 -37.59 11.52
CA THR L 111 -6.95 -38.08 11.95
C THR L 111 -6.29 -38.89 10.83
N TYR L 112 -5.12 -39.43 11.12
CA TYR L 112 -4.34 -40.15 10.12
C TYR L 112 -4.59 -41.65 10.18
N UNK L 113 -4.69 -42.27 9.00
CA UNK L 113 -4.86 -43.72 8.89
C UNK L 113 -4.03 -44.28 7.74
N UNK L 114 -4.28 -45.52 7.38
CA UNK L 114 -3.54 -46.17 6.31
C UNK L 114 -4.47 -46.94 5.37
N UNK L 115 -4.68 -46.38 4.18
CA UNK L 115 -5.53 -46.98 3.16
C UNK L 115 -6.93 -47.29 3.67
N UNK L 120 -10.06 -42.42 3.49
CA UNK L 120 -10.24 -43.72 4.12
C UNK L 120 -11.67 -43.90 4.61
N UNK L 121 -12.02 -43.18 5.68
CA UNK L 121 -13.36 -43.24 6.26
C UNK L 121 -13.66 -41.96 7.01
N GLU L 122 -13.25 -41.91 8.27
CA GLU L 122 -13.37 -40.69 9.08
C GLU L 122 -11.99 -40.08 9.25
N ASN L 123 -11.00 -40.72 8.63
CA ASN L 123 -9.60 -40.33 8.68
C ASN L 123 -9.16 -39.85 7.29
N PHE L 124 -7.88 -39.54 7.16
CA PHE L 124 -7.29 -39.16 5.88
C PHE L 124 -6.01 -39.95 5.64
N THR L 125 -5.75 -40.24 4.38
CA THR L 125 -4.58 -41.00 3.96
C THR L 125 -3.67 -40.12 3.13
N THR L 126 -2.36 -40.30 3.29
CA THR L 126 -1.40 -39.47 2.56
C THR L 126 -0.53 -40.32 1.63
N UNK L 127 -0.57 -40.00 0.34
CA UNK L 127 0.26 -40.67 -0.64
C UNK L 127 1.29 -39.69 -1.21
N SER L 128 2.52 -40.16 -1.40
CA SER L 128 3.61 -39.29 -1.83
C SER L 128 3.56 -39.01 -3.32
N ILE L 129 3.61 -37.72 -3.68
CA ILE L 129 3.70 -37.30 -5.07
C ILE L 129 5.17 -37.23 -5.45
N LYS L 130 5.95 -36.46 -4.70
CA LYS L 130 7.38 -36.33 -4.92
C LYS L 130 8.10 -36.47 -3.58
N GLY L 131 9.14 -37.29 -3.56
CA GLY L 131 9.92 -37.49 -2.34
C GLY L 131 10.06 -38.95 -1.95
N UNK L 132 10.83 -39.21 -0.92
CA UNK L 132 11.05 -40.57 -0.45
C UNK L 132 9.93 -41.03 0.47
N UNK L 133 9.72 -40.30 1.56
CA UNK L 133 8.69 -40.64 2.52
C UNK L 133 7.31 -40.23 2.04
N UNK L 134 6.28 -40.88 2.55
CA UNK L 134 4.90 -40.61 2.15
C UNK L 134 4.08 -40.08 3.32
N UNK L 135 4.77 -39.65 4.36
CA UNK L 135 4.11 -39.17 5.56
C UNK L 135 4.85 -37.98 6.17
N VAL L 136 6.07 -37.73 5.68
CA VAL L 136 6.89 -36.63 6.21
C VAL L 136 7.42 -35.76 5.07
N LEU L 137 7.48 -34.45 5.32
CA LEU L 137 8.08 -33.50 4.39
C LEU L 137 9.51 -33.21 4.86
N VAL L 138 10.47 -33.85 4.20
CA VAL L 138 11.87 -33.71 4.63
C VAL L 138 12.48 -32.44 4.04
N ASP L 139 12.58 -32.37 2.71
CA ASP L 139 13.18 -31.22 2.04
C ASP L 139 12.08 -30.25 1.60
N GLN L 140 12.50 -29.20 0.88
CA GLN L 140 11.54 -28.21 0.40
C GLN L 140 10.75 -28.71 -0.80
N SER L 141 11.30 -29.64 -1.57
CA SER L 141 10.71 -30.07 -2.83
C SER L 141 9.70 -31.20 -2.69
N ASP L 142 9.59 -31.84 -1.52
CA ASP L 142 8.67 -32.96 -1.37
C ASP L 142 7.22 -32.48 -1.43
N ARG L 143 6.40 -33.24 -2.16
CA ARG L 143 4.97 -33.00 -2.27
C ARG L 143 4.24 -34.28 -1.89
N ILE L 144 3.23 -34.15 -1.03
CA ILE L 144 2.44 -35.28 -0.56
C ILE L 144 0.97 -34.99 -0.80
N LYS L 145 0.25 -35.95 -1.36
CA LYS L 145 -1.16 -35.81 -1.65
C LYS L 145 -1.98 -36.35 -0.48
N VAL L 146 -2.79 -35.49 0.12
CA VAL L 146 -3.63 -35.85 1.26
C VAL L 146 -4.99 -36.28 0.74
N ILE L 147 -5.33 -37.54 0.97
CA ILE L 147 -6.54 -38.14 0.41
C ILE L 147 -7.61 -38.21 1.48
N MET L 148 -8.78 -37.66 1.18
CA MET L 148 -9.93 -37.71 2.08
C MET L 148 -11.13 -38.26 1.32
N TYR L 149 -11.80 -39.23 1.92
CA TYR L 149 -12.99 -39.85 1.33
C TYR L 149 -14.18 -38.96 1.64
N ALA L 150 -14.54 -38.11 0.69
CA ALA L 150 -15.63 -37.15 0.87
C ALA L 150 -16.98 -37.85 1.04
N UNK L 151 -17.09 -39.07 0.53
CA UNK L 151 -18.32 -39.83 0.64
C UNK L 151 -18.34 -40.69 1.90
N UNK L 152 -17.56 -40.29 2.89
CA UNK L 152 -17.49 -41.03 4.15
C UNK L 152 -17.39 -40.08 5.34
N VAL L 153 -16.71 -38.97 5.14
CA VAL L 153 -16.56 -37.97 6.21
C VAL L 153 -17.89 -37.24 6.42
N UNK L 154 -18.74 -37.28 5.42
CA UNK L 154 -20.05 -36.64 5.49
C UNK L 154 -20.97 -37.21 4.42
N UNK L 155 -20.87 -36.65 3.22
CA UNK L 155 -21.64 -37.12 2.08
C UNK L 155 -20.97 -36.68 0.78
N UNK L 156 -21.32 -37.34 -0.31
CA UNK L 156 -20.76 -37.01 -1.62
C UNK L 156 -21.07 -35.57 -1.98
N LEU L 157 -20.03 -34.74 -2.02
CA LEU L 157 -20.19 -33.31 -2.28
C LEU L 157 -20.80 -33.05 -3.65
N UNK L 158 -21.95 -32.38 -3.66
CA UNK L 158 -22.63 -32.05 -4.91
C UNK L 158 -22.07 -30.76 -5.48
N UNK L 159 -22.83 -30.13 -6.38
CA UNK L 159 -22.38 -28.90 -7.02
C UNK L 159 -22.60 -27.69 -6.11
N GLY L 160 -21.58 -26.85 -6.03
CA GLY L 160 -21.64 -25.63 -5.25
C GLY L 160 -21.34 -25.80 -3.77
N UNK L 161 -21.15 -27.04 -3.34
CA UNK L 161 -20.87 -27.34 -1.94
C UNK L 161 -19.54 -26.74 -1.53
N GLU L 162 -19.42 -26.40 -0.26
CA GLU L 162 -18.22 -25.73 0.26
C GLU L 162 -17.77 -26.33 1.59
N VAL L 163 -16.50 -26.66 1.69
CA VAL L 163 -15.91 -27.26 2.89
C VAL L 163 -14.73 -26.40 3.33
N GLN L 164 -14.69 -26.07 4.61
CA GLN L 164 -13.59 -25.30 5.20
C GLN L 164 -12.60 -26.29 5.81
N LEU L 165 -11.38 -26.31 5.27
CA LEU L 165 -10.35 -27.24 5.71
C LEU L 165 -9.26 -26.49 6.46
N THR L 166 -8.90 -26.99 7.64
CA THR L 166 -7.84 -26.41 8.45
C THR L 166 -6.85 -27.51 8.80
N VAL L 167 -5.74 -27.58 8.07
CA VAL L 167 -4.69 -28.56 8.33
C VAL L 167 -3.82 -28.03 9.48
N THR L 168 -3.90 -28.68 10.63
CA THR L 168 -3.17 -28.26 11.82
C THR L 168 -1.95 -29.15 12.02
N THR L 169 -0.76 -28.55 11.97
CA THR L 169 0.47 -29.25 12.24
C THR L 169 0.55 -29.62 13.72
N GLN L 170 1.47 -30.54 14.04
CA GLN L 170 1.62 -31.01 15.41
C GLN L 170 1.96 -29.87 16.36
N TYR L 171 2.86 -28.97 15.94
CA TYR L 171 3.31 -27.90 16.83
C TYR L 171 2.26 -26.83 17.06
N GLY L 172 1.25 -26.72 16.19
CA GLY L 172 0.21 -25.74 16.38
C GLY L 172 -0.16 -24.95 15.15
N SER L 173 0.78 -24.85 14.21
CA SER L 173 0.56 -24.06 13.00
C SER L 173 -0.61 -24.60 12.19
N LYS L 174 -1.49 -23.69 11.77
CA LYS L 174 -2.70 -24.05 11.05
C LYS L 174 -2.70 -23.42 9.68
N THR L 175 -3.10 -24.20 8.67
CA THR L 175 -3.30 -23.71 7.31
C THR L 175 -4.75 -23.92 6.94
N THR L 176 -5.44 -22.84 6.60
CA THR L 176 -6.86 -22.86 6.27
C THR L 176 -7.05 -22.79 4.76
N TYR L 177 -7.90 -23.66 4.22
CA TYR L 177 -8.23 -23.66 2.80
C TYR L 177 -9.73 -23.87 2.65
N TRP L 178 -10.40 -22.91 2.01
CA TRP L 178 -11.83 -23.02 1.72
C TRP L 178 -12.02 -23.74 0.40
N ALA L 179 -12.29 -25.04 0.47
CA ALA L 179 -12.53 -25.84 -0.73
C ALA L 179 -13.95 -25.58 -1.23
N GLN L 180 -14.07 -25.11 -2.47
CA GLN L 180 -15.36 -24.81 -3.09
C GLN L 180 -15.54 -25.71 -4.30
N VAL L 181 -16.52 -26.60 -4.22
CA VAL L 181 -16.83 -27.44 -5.39
C VAL L 181 -17.35 -26.55 -6.51
N PRO L 182 -16.97 -26.78 -7.77
CA PRO L 182 -17.49 -25.95 -8.86
C PRO L 182 -19.01 -25.99 -8.92
N GLU L 183 -19.60 -24.86 -9.33
CA GLU L 183 -21.05 -24.73 -9.37
C GLU L 183 -21.69 -25.75 -10.31
N SER L 184 -20.97 -26.20 -11.33
CA SER L 184 -21.46 -27.17 -12.29
C SER L 184 -20.42 -28.27 -12.47
N LEU L 185 -20.88 -29.51 -12.47
CA LEU L 185 -20.02 -30.67 -12.74
C LEU L 185 -20.45 -31.41 -14.00
N LYS L 186 -21.02 -30.69 -14.96
CA LYS L 186 -21.53 -31.32 -16.17
C LYS L 186 -20.39 -31.79 -17.06
N ASP L 187 -20.29 -33.11 -17.24
CA ASP L 187 -19.30 -33.75 -18.09
C ASP L 187 -17.89 -33.32 -17.72
N LYS L 188 -17.54 -33.52 -16.45
CA LYS L 188 -16.20 -33.25 -15.94
C LYS L 188 -15.76 -34.46 -15.12
N ASN L 189 -14.83 -35.24 -15.68
CA ASN L 189 -14.35 -36.43 -14.97
C ASN L 189 -13.62 -36.06 -13.69
N ALA L 190 -12.82 -35.00 -13.71
CA ALA L 190 -12.12 -34.53 -12.53
C ALA L 190 -12.13 -33.00 -12.52
N VAL L 191 -12.43 -32.41 -11.38
CA VAL L 191 -12.51 -30.96 -11.26
C VAL L 191 -11.46 -30.43 -10.29
N UNK L 192 -11.30 -29.12 -10.26
CA UNK L 192 -10.33 -28.48 -9.37
C UNK L 192 -11.04 -27.72 -8.25
N LEU L 193 -11.07 -28.31 -7.07
CA LEU L 193 -11.72 -27.70 -5.91
C LEU L 193 -11.01 -26.41 -5.50
N GLN M 13 20.66 -13.56 41.37
CA GLN M 13 19.21 -13.52 41.52
C GLN M 13 18.60 -12.66 40.43
N VAL M 14 19.40 -11.75 39.88
CA VAL M 14 18.96 -10.97 38.72
C VAL M 14 18.83 -11.87 37.50
N GLY M 15 19.64 -12.92 37.42
CA GLY M 15 19.56 -13.83 36.29
C GLY M 15 18.24 -14.60 36.25
N ILE M 16 17.70 -14.93 37.41
CA ILE M 16 16.44 -15.67 37.46
C ILE M 16 15.32 -14.85 36.84
N GLY M 17 15.26 -13.56 37.17
CA GLY M 17 14.21 -12.72 36.62
C GLY M 17 14.30 -12.62 35.11
N THR M 18 15.51 -12.61 34.56
CA THR M 18 15.68 -12.53 33.12
C THR M 18 15.10 -13.75 32.42
N LEU M 19 15.32 -14.94 32.99
CA LEU M 19 14.87 -16.16 32.34
C LEU M 19 13.34 -16.23 32.25
N ILE M 20 12.64 -15.85 33.32
CA ILE M 20 11.18 -15.94 33.31
C ILE M 20 10.58 -14.91 32.36
N VAL M 21 11.12 -13.69 32.37
CA VAL M 21 10.65 -12.68 31.42
C VAL M 21 11.02 -13.08 30.00
N PHE M 22 12.13 -13.79 29.83
CA PHE M 22 12.49 -14.31 28.51
C PHE M 22 11.44 -15.25 27.97
N ILE M 23 10.89 -16.11 28.83
CA ILE M 23 9.83 -17.03 28.41
C ILE M 23 8.59 -16.26 27.98
N ALA M 24 8.21 -15.24 28.75
CA ALA M 24 6.97 -14.52 28.47
C ALA M 24 7.01 -13.84 27.12
N MET M 25 8.10 -13.13 26.82
CA MET M 25 8.18 -12.38 25.57
C MET M 25 8.30 -13.32 24.36
N VAL M 26 8.80 -14.53 24.57
CA VAL M 26 8.77 -15.53 23.50
C VAL M 26 7.32 -15.91 23.17
N LEU M 27 6.51 -16.14 24.20
CA LEU M 27 5.11 -16.51 23.99
C LEU M 27 4.31 -15.35 23.41
N VAL M 28 4.59 -14.13 23.88
CA VAL M 28 3.85 -12.96 23.39
C VAL M 28 4.11 -12.77 21.89
N ALA M 29 5.36 -12.90 21.47
CA ALA M 29 5.66 -12.84 20.05
C ALA M 29 4.98 -13.97 19.29
N ALA M 30 4.93 -15.15 19.89
CA ALA M 30 4.24 -16.28 19.25
C ALA M 30 2.75 -16.00 19.10
N ILE M 31 2.13 -15.40 20.12
CA ILE M 31 0.71 -15.04 20.03
C ILE M 31 0.51 -14.00 18.94
N ALA M 32 1.37 -12.98 18.92
CA ALA M 32 1.27 -11.95 17.89
C ALA M 32 1.53 -12.54 16.51
N ALA M 33 2.49 -13.45 16.41
CA ALA M 33 2.76 -14.09 15.12
C ALA M 33 1.56 -14.87 14.63
N GLY M 34 0.91 -15.62 15.53
CA GLY M 34 -0.25 -16.41 15.14
C GLY M 34 -1.37 -15.57 14.54
N VAL M 35 -1.62 -14.40 15.12
CA VAL M 35 -2.72 -13.55 14.66
C VAL M 35 -2.46 -13.09 13.24
N LEU M 36 -1.23 -12.65 12.95
CA LEU M 36 -0.93 -12.11 11.63
C LEU M 36 -1.10 -13.16 10.54
N ILE M 37 -0.60 -14.38 10.77
CA ILE M 37 -0.72 -15.41 9.75
C ILE M 37 -2.16 -15.88 9.60
N ASN M 38 -2.87 -16.08 10.72
CA ASN M 38 -4.25 -16.55 10.66
C ASN M 38 -5.15 -15.53 9.98
N THR M 39 -4.99 -14.25 10.31
CA THR M 39 -5.80 -13.22 9.66
C THR M 39 -5.49 -13.15 8.17
N ALA M 40 -4.22 -13.23 7.81
CA ALA M 40 -3.86 -13.38 6.40
C ALA M 40 -4.37 -14.71 5.84
N GLY M 41 -4.48 -15.72 6.69
CA GLY M 41 -5.05 -16.99 6.24
C GLY M 41 -6.52 -16.85 5.85
N TYR M 42 -7.30 -16.15 6.67
CA TYR M 42 -8.69 -15.88 6.32
C TYR M 42 -8.79 -14.99 5.09
N LEU M 43 -7.96 -13.94 5.04
CA LEU M 43 -8.06 -12.97 3.94
C LEU M 43 -7.62 -13.56 2.62
N GLN M 44 -6.72 -14.54 2.64
CA GLN M 44 -6.26 -15.13 1.37
C GLN M 44 -7.39 -15.82 0.64
N SER M 45 -8.29 -16.48 1.38
CA SER M 45 -9.41 -17.16 0.75
C SER M 45 -10.47 -16.17 0.27
N LYS M 46 -10.71 -15.10 1.04
CA LYS M 46 -11.63 -14.07 0.60
C LYS M 46 -11.15 -13.40 -0.67
N GLY M 47 -9.85 -13.09 -0.75
CA GLY M 47 -9.31 -12.52 -1.97
C GLY M 47 -9.33 -13.51 -3.12
N SER M 48 -9.00 -14.78 -2.84
CA SER M 48 -9.00 -15.79 -3.88
C SER M 48 -10.40 -16.01 -4.44
N ALA M 49 -11.39 -16.13 -3.56
CA ALA M 49 -12.77 -16.31 -4.02
C ALA M 49 -13.27 -15.10 -4.78
N THR M 50 -12.98 -13.90 -4.29
CA THR M 50 -13.53 -12.68 -4.89
C THR M 50 -13.14 -12.55 -6.35
N GLY M 51 -11.89 -12.90 -6.68
CA GLY M 51 -11.46 -12.82 -8.07
C GLY M 51 -12.26 -13.70 -9.00
N GLU M 52 -12.59 -14.92 -8.55
CA GLU M 52 -13.28 -15.86 -9.43
C GLU M 52 -14.71 -15.41 -9.72
N GLU M 53 -15.47 -15.05 -8.67
CA GLU M 53 -16.86 -14.66 -8.89
C GLU M 53 -16.95 -13.31 -9.61
N ALA M 54 -16.04 -12.39 -9.31
CA ALA M 54 -16.03 -11.11 -10.02
C ALA M 54 -15.74 -11.32 -11.50
N SER M 55 -14.78 -12.20 -11.82
CA SER M 55 -14.54 -12.53 -13.22
C SER M 55 -15.72 -13.30 -13.80
N ALA M 56 -16.33 -14.19 -13.01
CA ALA M 56 -17.49 -14.93 -13.49
C ALA M 56 -18.68 -14.03 -13.73
N GLN M 57 -18.82 -12.95 -12.96
CA GLN M 57 -19.91 -12.01 -13.18
C GLN M 57 -19.75 -11.27 -14.50
N VAL M 58 -18.51 -11.03 -14.93
CA VAL M 58 -18.25 -10.28 -16.15
C VAL M 58 -18.15 -11.19 -17.37
N SER M 59 -17.59 -12.39 -17.21
CA SER M 59 -17.32 -13.28 -18.34
C SER M 59 -18.43 -14.28 -18.60
N ASN M 60 -18.92 -14.95 -17.56
CA ASN M 60 -19.94 -15.98 -17.72
C ASN M 60 -21.29 -15.31 -17.95
N ARG M 61 -21.58 -15.03 -19.22
CA ARG M 61 -22.83 -14.39 -19.60
C ARG M 61 -23.45 -15.11 -20.79
N ILE M 62 -24.72 -14.82 -21.03
CA ILE M 62 -25.51 -15.46 -22.08
C ILE M 62 -25.57 -14.55 -23.29
N ASN M 63 -25.46 -15.13 -24.47
CA ASN M 63 -25.68 -14.44 -25.73
C ASN M 63 -26.90 -15.05 -26.41
N ILE M 64 -27.75 -14.19 -26.97
CA ILE M 64 -28.99 -14.60 -27.59
C ILE M 64 -28.81 -14.61 -29.10
N VAL M 65 -28.92 -15.78 -29.71
CA VAL M 65 -28.72 -15.89 -31.16
C VAL M 65 -29.88 -15.25 -31.90
N SER M 66 -31.09 -15.76 -31.70
CA SER M 66 -32.25 -15.25 -32.39
C SER M 66 -33.51 -15.66 -31.63
N ALA M 67 -34.55 -14.84 -31.71
CA ALA M 67 -35.82 -15.12 -31.09
C ALA M 67 -36.90 -15.30 -32.15
N TYR M 68 -37.83 -16.21 -31.89
CA TYR M 68 -38.97 -16.45 -32.77
C TYR M 68 -40.12 -16.99 -31.93
N GLY M 69 -41.31 -16.98 -32.51
CA GLY M 69 -42.48 -17.42 -31.77
C GLY M 69 -43.51 -18.06 -32.68
N ASN M 70 -44.27 -19.00 -32.12
CA ASN M 70 -45.37 -19.62 -32.84
C ASN M 70 -46.57 -18.70 -32.84
N VAL M 71 -47.31 -18.71 -33.96
CA VAL M 71 -48.48 -17.84 -34.09
C VAL M 71 -49.75 -18.63 -34.38
N UNK M 72 -50.66 -18.61 -33.42
CA UNK M 72 -51.99 -19.20 -33.58
C UNK M 72 -53.02 -18.08 -33.68
N UNK M 73 -54.04 -18.29 -34.51
CA UNK M 73 -55.07 -17.27 -34.75
C UNK M 73 -54.47 -15.97 -35.27
N UNK M 74 -53.95 -15.15 -34.36
CA UNK M 74 -53.34 -13.87 -34.71
C UNK M 74 -52.49 -13.31 -33.58
N UNK M 75 -51.98 -14.20 -32.72
CA UNK M 75 -51.19 -13.79 -31.57
C UNK M 75 -50.03 -14.75 -31.31
N VAL M 76 -48.90 -14.20 -30.88
CA VAL M 76 -47.71 -14.99 -30.58
C VAL M 76 -47.86 -15.67 -29.22
N ASP M 77 -48.48 -16.85 -29.20
CA ASP M 77 -48.70 -17.54 -27.94
C ASP M 77 -47.39 -17.98 -27.30
N TYR M 78 -46.45 -18.48 -28.09
CA TYR M 78 -45.16 -18.93 -27.60
C TYR M 78 -44.06 -17.96 -28.01
N VAL M 79 -43.08 -17.80 -27.14
CA VAL M 79 -41.90 -16.98 -27.43
C VAL M 79 -40.68 -17.86 -27.17
N ASN M 80 -39.85 -18.04 -28.20
CA ASN M 80 -38.72 -18.95 -28.15
C ASN M 80 -37.44 -18.16 -28.40
N LEU M 81 -36.41 -18.45 -27.62
CA LEU M 81 -35.11 -17.79 -27.76
C LEU M 81 -34.00 -18.82 -27.75
N THR M 82 -33.10 -18.73 -28.73
CA THR M 82 -31.92 -19.58 -28.79
C THR M 82 -30.76 -18.86 -28.12
N VAL M 83 -30.26 -19.43 -27.02
CA VAL M 83 -29.20 -18.81 -26.24
C VAL M 83 -27.92 -19.61 -26.42
N ARG M 84 -26.80 -18.94 -26.19
CA ARG M 84 -25.49 -19.53 -26.37
C ARG M 84 -24.52 -18.90 -25.38
N GLN M 85 -23.39 -19.57 -25.17
CA GLN M 85 -22.35 -19.03 -24.31
C GLN M 85 -21.69 -17.82 -24.97
N ALA M 86 -21.25 -16.88 -24.12
CA ALA M 86 -20.54 -15.70 -24.59
C ALA M 86 -19.07 -16.03 -24.83
N ALA M 87 -18.32 -15.02 -25.26
CA ALA M 87 -16.89 -15.22 -25.50
C ALA M 87 -16.16 -15.43 -24.19
N GLY M 88 -15.38 -16.51 -24.12
CA GLY M 88 -14.64 -16.82 -22.90
C GLY M 88 -15.51 -17.06 -21.69
N ALA M 89 -16.61 -17.79 -21.86
CA ALA M 89 -17.53 -18.08 -20.79
C ALA M 89 -17.20 -19.44 -20.17
N ASP M 90 -18.09 -19.93 -19.33
CA ASP M 90 -17.93 -21.23 -18.68
C ASP M 90 -19.29 -21.91 -18.67
N ASN M 91 -19.43 -22.98 -17.90
CA ASN M 91 -20.68 -23.71 -17.83
C ASN M 91 -21.78 -22.82 -17.26
N ILE M 92 -22.83 -22.63 -18.05
CA ILE M 92 -23.95 -21.76 -17.69
C ILE M 92 -25.17 -22.63 -17.46
N ASN M 93 -25.65 -22.67 -16.22
CA ASN M 93 -26.84 -23.43 -15.87
C ASN M 93 -28.08 -22.56 -16.05
N LEU M 94 -28.97 -22.98 -16.94
CA LEU M 94 -30.20 -22.24 -17.19
C LEU M 94 -31.30 -22.58 -16.18
N UNK M 95 -30.95 -23.38 -15.18
CA UNK M 95 -31.91 -23.75 -14.15
C UNK M 95 -31.81 -22.80 -12.97
N LYS M 96 -30.63 -22.24 -12.77
CA LYS M 96 -30.39 -21.32 -11.68
C LYS M 96 -30.31 -19.90 -12.23
N SER M 97 -31.12 -19.62 -13.24
CA SER M 97 -31.16 -18.32 -13.89
C SER M 97 -32.60 -17.83 -13.94
N THR M 98 -32.75 -16.50 -13.98
CA THR M 98 -34.06 -15.86 -13.95
C THR M 98 -34.23 -14.94 -15.14
N ILE M 99 -35.43 -14.88 -15.67
CA ILE M 99 -35.77 -14.02 -16.80
C ILE M 99 -36.85 -13.06 -16.34
N GLN M 100 -36.60 -11.77 -16.49
CA GLN M 100 -37.56 -10.75 -16.11
C GLN M 100 -38.37 -10.33 -17.33
N TRP M 101 -39.69 -10.43 -17.22
CA TRP M 101 -40.62 -10.13 -18.31
C TRP M 101 -41.28 -8.79 -18.02
N ILE M 102 -41.13 -7.84 -18.94
CA ILE M 102 -41.80 -6.54 -18.86
C ILE M 102 -42.52 -6.36 -20.20
N GLY M 103 -43.80 -6.73 -20.23
CA GLY M 103 -44.57 -6.63 -21.43
C GLY M 103 -45.64 -5.55 -21.34
N PRO M 104 -46.57 -5.54 -22.31
CA PRO M 104 -47.64 -4.55 -22.28
C PRO M 104 -48.67 -4.79 -21.17
N ASP M 105 -48.60 -5.91 -20.47
CA ASP M 105 -49.57 -6.23 -19.43
C ASP M 105 -48.91 -6.38 -18.07
N UNK M 106 -48.27 -7.53 -17.85
CA UNK M 106 -47.69 -7.86 -16.55
C UNK M 106 -46.20 -7.53 -16.49
N ALA M 107 -45.60 -7.77 -15.33
CA ALA M 107 -44.19 -7.54 -15.11
C ALA M 107 -43.67 -8.40 -13.96
N THR M 108 -43.18 -9.59 -14.30
CA THR M 108 -42.74 -10.57 -13.31
C THR M 108 -41.36 -11.09 -13.68
N THR M 109 -40.81 -11.90 -12.78
CA THR M 109 -39.53 -12.56 -12.98
C THR M 109 -39.79 -14.06 -13.13
N LEU M 110 -39.29 -14.64 -14.22
CA LEU M 110 -39.56 -16.03 -14.57
C LEU M 110 -38.41 -16.92 -14.13
N THR M 111 -38.76 -18.11 -13.64
CA THR M 111 -37.80 -19.12 -13.24
C THR M 111 -38.04 -20.41 -14.01
N TYR M 112 -37.14 -21.37 -13.84
CA TYR M 112 -37.24 -22.65 -14.56
C TYR M 112 -38.26 -23.54 -13.86
N UNK M 113 -39.23 -24.04 -14.63
CA UNK M 113 -40.18 -25.03 -14.14
C UNK M 113 -39.79 -26.43 -14.61
N UNK M 114 -40.73 -27.09 -15.29
CA UNK M 114 -40.49 -28.43 -15.84
C UNK M 114 -41.58 -28.80 -16.83
N UNK M 115 -41.58 -28.13 -17.99
CA UNK M 115 -42.57 -28.36 -19.03
C UNK M 115 -43.99 -28.18 -18.52
N UNK M 120 -43.47 -23.12 -19.99
CA UNK M 120 -44.36 -23.48 -18.89
C UNK M 120 -45.41 -22.40 -18.67
N UNK M 121 -46.00 -22.40 -17.49
CA UNK M 121 -47.03 -21.42 -17.13
C UNK M 121 -46.42 -20.03 -16.95
N GLU M 122 -46.30 -19.58 -15.72
CA GLU M 122 -45.62 -18.31 -15.44
C GLU M 122 -44.13 -18.53 -15.23
N ASN M 123 -43.57 -19.48 -15.97
CA ASN M 123 -42.16 -19.83 -15.87
C ASN M 123 -41.54 -19.94 -17.26
N PHE M 124 -40.30 -20.42 -17.33
CA PHE M 124 -39.65 -20.65 -18.61
C PHE M 124 -39.06 -22.06 -18.63
N THR M 125 -39.09 -22.67 -19.82
CA THR M 125 -38.60 -24.01 -20.03
C THR M 125 -37.51 -23.99 -21.09
N THR M 126 -36.58 -24.94 -20.98
CA THR M 126 -35.45 -24.99 -21.91
C THR M 126 -35.38 -26.32 -22.65
N UNK M 127 -35.30 -26.24 -23.98
CA UNK M 127 -35.12 -27.43 -24.80
C UNK M 127 -33.79 -27.38 -25.54
N SER M 128 -33.16 -28.54 -25.72
CA SER M 128 -31.84 -28.59 -26.32
C SER M 128 -31.90 -28.66 -27.85
N ILE M 129 -31.31 -27.66 -28.50
CA ILE M 129 -31.23 -27.64 -29.95
C ILE M 129 -30.00 -28.40 -30.44
N LYS M 130 -28.85 -28.17 -29.80
CA LYS M 130 -27.61 -28.85 -30.18
C LYS M 130 -26.79 -29.05 -28.92
N GLY M 131 -26.48 -30.30 -28.60
CA GLY M 131 -25.69 -30.62 -27.43
C GLY M 131 -26.25 -31.72 -26.58
N UNK M 132 -25.56 -32.03 -25.48
CA UNK M 132 -25.97 -33.12 -24.59
C UNK M 132 -26.97 -32.63 -23.54
N UNK M 133 -26.54 -31.68 -22.72
CA UNK M 133 -27.39 -31.15 -21.65
C UNK M 133 -28.46 -30.21 -22.21
N UNK M 134 -29.65 -30.30 -21.66
CA UNK M 134 -30.77 -29.48 -22.11
C UNK M 134 -31.05 -28.33 -21.14
N UNK M 135 -30.06 -27.97 -20.34
CA UNK M 135 -30.21 -26.92 -19.36
C UNK M 135 -28.87 -26.27 -19.03
N VAL M 136 -27.78 -26.90 -19.45
CA VAL M 136 -26.45 -26.40 -19.16
C VAL M 136 -25.64 -26.22 -20.44
N LEU M 137 -25.32 -24.96 -20.76
CA LEU M 137 -24.40 -24.68 -21.86
C LEU M 137 -22.98 -25.01 -21.42
N VAL M 138 -22.45 -26.12 -21.90
CA VAL M 138 -21.14 -26.61 -21.48
C VAL M 138 -20.04 -26.26 -22.48
N ASP M 139 -20.29 -26.49 -23.76
CA ASP M 139 -19.33 -26.15 -24.81
C ASP M 139 -19.80 -24.90 -25.56
N GLN M 140 -18.87 -24.29 -26.29
CA GLN M 140 -19.15 -23.08 -27.06
C GLN M 140 -20.25 -23.28 -28.11
N SER M 141 -20.50 -24.51 -28.52
CA SER M 141 -21.37 -24.80 -29.66
C SER M 141 -22.74 -25.31 -29.28
N ASP M 142 -23.11 -25.29 -27.99
CA ASP M 142 -24.44 -25.70 -27.58
C ASP M 142 -25.42 -24.56 -27.77
N ARG M 143 -26.56 -24.86 -28.39
CA ARG M 143 -27.67 -23.93 -28.52
C ARG M 143 -28.86 -24.51 -27.77
N ILE M 144 -29.48 -23.69 -26.92
CA ILE M 144 -30.62 -24.12 -26.12
C ILE M 144 -31.75 -23.14 -26.35
N LYS M 145 -32.98 -23.66 -26.47
CA LYS M 145 -34.14 -22.85 -26.78
C LYS M 145 -34.94 -22.58 -25.51
N VAL M 146 -35.03 -21.30 -25.13
CA VAL M 146 -35.76 -20.89 -23.95
C VAL M 146 -37.22 -20.70 -24.31
N ILE M 147 -38.12 -21.29 -23.54
CA ILE M 147 -39.52 -21.40 -23.90
C ILE M 147 -40.35 -20.77 -22.80
N MET M 148 -41.12 -19.75 -23.15
CA MET M 148 -42.12 -19.20 -22.25
C MET M 148 -43.44 -19.03 -23.00
N TYR M 149 -44.53 -19.28 -22.30
CA TYR M 149 -45.88 -19.20 -22.86
C TYR M 149 -46.38 -17.78 -22.66
N ALA M 150 -46.49 -17.03 -23.76
CA ALA M 150 -46.89 -15.63 -23.70
C ALA M 150 -48.39 -15.48 -23.41
N UNK M 151 -49.08 -16.62 -23.26
CA UNK M 151 -50.49 -16.61 -22.89
C UNK M 151 -50.65 -16.99 -21.43
N UNK M 152 -49.53 -17.28 -20.78
CA UNK M 152 -49.54 -17.67 -19.37
C UNK M 152 -48.73 -16.69 -18.53
N VAL M 153 -47.82 -15.96 -19.19
CA VAL M 153 -47.04 -14.94 -18.50
C VAL M 153 -47.67 -13.58 -18.74
N UNK M 154 -48.57 -13.51 -19.72
CA UNK M 154 -49.26 -12.27 -20.04
C UNK M 154 -50.68 -12.56 -20.53
N UNK M 155 -50.93 -12.27 -21.80
CA UNK M 155 -52.25 -12.49 -22.39
C UNK M 155 -52.18 -12.55 -23.91
N UNK M 156 -51.33 -13.44 -24.43
CA UNK M 156 -51.15 -13.64 -25.87
C UNK M 156 -50.70 -12.37 -26.58
N LEU M 157 -49.41 -12.32 -26.89
CA LEU M 157 -48.80 -11.17 -27.55
C LEU M 157 -49.49 -10.85 -28.88
N UNK M 158 -50.14 -9.69 -28.95
CA UNK M 158 -50.82 -9.27 -30.17
C UNK M 158 -49.83 -8.65 -31.15
N UNK M 159 -50.30 -8.36 -32.36
CA UNK M 159 -49.45 -7.81 -33.41
C UNK M 159 -48.99 -6.39 -33.09
N GLY M 160 -47.68 -6.23 -32.93
CA GLY M 160 -47.10 -4.91 -32.70
C GLY M 160 -46.60 -4.70 -31.28
N UNK M 161 -46.96 -5.62 -30.39
CA UNK M 161 -46.58 -5.52 -28.99
C UNK M 161 -45.07 -5.73 -28.80
N GLU M 162 -44.54 -5.20 -27.71
CA GLU M 162 -43.12 -5.30 -27.42
C GLU M 162 -42.89 -5.73 -25.98
N VAL M 163 -41.95 -6.66 -25.77
CA VAL M 163 -41.63 -7.19 -24.45
C VAL M 163 -40.14 -7.04 -24.23
N GLN M 164 -39.77 -6.50 -23.06
CA GLN M 164 -38.37 -6.38 -22.68
C GLN M 164 -37.98 -7.60 -21.86
N LEU M 165 -37.01 -8.36 -22.34
CA LEU M 165 -36.56 -9.59 -21.70
C LEU M 165 -35.09 -9.45 -21.32
N THR M 166 -34.79 -9.66 -20.05
CA THR M 166 -33.41 -9.72 -19.56
C THR M 166 -33.18 -11.08 -18.94
N VAL M 167 -32.09 -11.73 -19.36
CA VAL M 167 -31.70 -13.03 -18.85
C VAL M 167 -30.53 -12.84 -17.91
N THR M 168 -30.74 -13.14 -16.63
CA THR M 168 -29.73 -12.94 -15.60
C THR M 168 -29.14 -14.29 -15.19
N THR M 169 -27.85 -14.47 -15.42
CA THR M 169 -27.16 -15.66 -14.98
C THR M 169 -26.98 -15.62 -13.46
N GLN M 170 -26.72 -16.79 -12.88
CA GLN M 170 -26.61 -16.90 -11.43
C GLN M 170 -25.48 -16.02 -10.88
N TYR M 171 -24.48 -15.69 -11.68
CA TYR M 171 -23.40 -14.81 -11.24
C TYR M 171 -23.73 -13.33 -11.41
N GLY M 172 -24.91 -13.00 -11.94
CA GLY M 172 -25.33 -11.63 -12.08
C GLY M 172 -25.22 -11.04 -13.47
N SER M 173 -24.69 -11.79 -14.43
CA SER M 173 -24.57 -11.28 -15.79
C SER M 173 -25.94 -11.13 -16.44
N LYS M 174 -26.21 -9.95 -16.98
CA LYS M 174 -27.52 -9.63 -17.55
C LYS M 174 -27.40 -9.43 -19.05
N THR M 175 -28.28 -10.09 -19.80
CA THR M 175 -28.38 -9.93 -21.26
C THR M 175 -29.81 -9.52 -21.57
N THR M 176 -29.99 -8.26 -21.94
CA THR M 176 -31.32 -7.73 -22.25
C THR M 176 -31.63 -7.89 -23.73
N TYR M 177 -32.87 -8.27 -24.02
CA TYR M 177 -33.34 -8.43 -25.39
C TYR M 177 -34.75 -7.87 -25.49
N TRP M 178 -34.95 -6.92 -26.39
CA TRP M 178 -36.26 -6.30 -26.59
C TRP M 178 -36.99 -7.06 -27.68
N ALA M 179 -37.87 -7.98 -27.28
CA ALA M 179 -38.70 -8.68 -28.24
C ALA M 179 -39.75 -7.74 -28.81
N GLN M 180 -39.88 -7.70 -30.12
CA GLN M 180 -40.80 -6.79 -30.81
C GLN M 180 -41.61 -7.61 -31.81
N VAL M 181 -42.86 -7.90 -31.46
CA VAL M 181 -43.71 -8.65 -32.38
C VAL M 181 -43.95 -7.79 -33.62
N PRO M 182 -43.89 -8.35 -34.82
CA PRO M 182 -44.14 -7.56 -36.04
C PRO M 182 -45.53 -6.90 -35.99
N GLU M 183 -45.62 -5.72 -36.60
CA GLU M 183 -46.86 -4.96 -36.56
C GLU M 183 -48.03 -5.72 -37.18
N SER M 184 -47.74 -6.65 -38.08
CA SER M 184 -48.77 -7.45 -38.74
C SER M 184 -48.40 -8.92 -38.66
N LEU M 185 -49.36 -9.74 -38.26
CA LEU M 185 -49.19 -11.19 -38.16
C LEU M 185 -50.00 -11.93 -39.22
N LYS M 186 -50.16 -11.33 -40.40
CA LYS M 186 -51.04 -11.89 -41.41
C LYS M 186 -50.35 -13.00 -42.19
N ASP M 187 -50.97 -14.17 -42.20
CA ASP M 187 -50.49 -15.33 -42.94
C ASP M 187 -49.04 -15.66 -42.59
N LYS M 188 -48.78 -15.82 -41.30
CA LYS M 188 -47.45 -16.16 -40.79
C LYS M 188 -47.63 -17.13 -39.63
N ASN M 189 -47.36 -18.41 -39.87
CA ASN M 189 -47.48 -19.40 -38.82
C ASN M 189 -46.44 -19.18 -37.73
N ALA M 190 -45.29 -18.60 -38.07
CA ALA M 190 -44.26 -18.30 -37.09
C ALA M 190 -43.48 -17.08 -37.55
N VAL M 191 -43.37 -16.09 -36.66
CA VAL M 191 -42.67 -14.85 -36.99
C VAL M 191 -41.34 -14.80 -36.24
N UNK M 192 -40.55 -13.76 -36.54
CA UNK M 192 -39.26 -13.58 -35.89
C UNK M 192 -39.27 -12.33 -35.03
N LEU M 193 -39.32 -12.50 -33.72
CA LEU M 193 -39.35 -11.38 -32.79
C LEU M 193 -37.99 -10.68 -32.73
N GLN N 13 24.32 -15.66 57.19
CA GLN N 13 23.42 -14.52 57.26
C GLN N 13 23.20 -13.91 55.89
N VAL N 14 24.28 -13.76 55.13
CA VAL N 14 24.16 -13.21 53.78
C VAL N 14 23.40 -14.16 52.88
N GLY N 15 23.56 -15.47 53.09
CA GLY N 15 22.81 -16.43 52.29
C GLY N 15 21.32 -16.37 52.54
N ILE N 16 20.91 -16.14 53.79
CA ILE N 16 19.49 -16.07 54.12
C ILE N 16 18.81 -14.94 53.34
N GLY N 17 19.45 -13.78 53.29
CA GLY N 17 18.87 -12.65 52.57
C GLY N 17 18.65 -12.93 51.10
N THR N 18 19.62 -13.60 50.47
CA THR N 18 19.51 -13.88 49.03
C THR N 18 18.30 -14.76 48.72
N LEU N 19 18.04 -15.75 49.57
CA LEU N 19 16.94 -16.67 49.31
C LEU N 19 15.59 -15.95 49.31
N ILE N 20 15.37 -15.08 50.29
CA ILE N 20 14.10 -14.36 50.36
C ILE N 20 13.92 -13.43 49.17
N VAL N 21 14.98 -12.72 48.79
CA VAL N 21 14.90 -11.82 47.64
C VAL N 21 14.74 -12.61 46.35
N PHE N 22 15.37 -13.79 46.27
CA PHE N 22 15.22 -14.65 45.11
C PHE N 22 13.75 -14.97 44.85
N ILE N 23 13.01 -15.29 45.90
CA ILE N 23 11.58 -15.52 45.78
C ILE N 23 10.88 -14.29 45.24
N ALA N 24 11.30 -13.10 45.71
CA ALA N 24 10.61 -11.87 45.33
C ALA N 24 10.72 -11.60 43.83
N MET N 25 11.92 -11.75 43.27
CA MET N 25 12.08 -11.50 41.83
C MET N 25 11.40 -12.57 41.00
N VAL N 26 11.24 -13.78 41.55
CA VAL N 26 10.50 -14.81 40.84
C VAL N 26 9.05 -14.40 40.63
N LEU N 27 8.41 -13.88 41.70
CA LEU N 27 7.03 -13.44 41.58
C LEU N 27 6.90 -12.19 40.72
N VAL N 28 7.86 -11.26 40.85
CA VAL N 28 7.82 -10.04 40.05
C VAL N 28 7.91 -10.36 38.57
N ALA N 29 8.81 -11.26 38.19
CA ALA N 29 8.90 -11.71 36.80
C ALA N 29 7.62 -12.43 36.39
N ALA N 30 7.03 -13.19 37.32
CA ALA N 30 5.75 -13.85 37.02
C ALA N 30 4.64 -12.83 36.81
N ILE N 31 4.63 -11.76 37.62
CA ILE N 31 3.62 -10.72 37.47
C ILE N 31 3.80 -9.99 36.15
N ALA N 32 5.03 -9.62 35.81
CA ALA N 32 5.30 -8.97 34.54
C ALA N 32 4.97 -9.90 33.38
N ALA N 33 5.23 -11.20 33.55
CA ALA N 33 4.82 -12.17 32.54
C ALA N 33 3.31 -12.17 32.36
N GLY N 34 2.57 -12.06 33.46
CA GLY N 34 1.12 -12.16 33.39
C GLY N 34 0.49 -11.09 32.52
N VAL N 35 0.94 -9.84 32.67
CA VAL N 35 0.34 -8.74 31.91
C VAL N 35 0.59 -8.92 30.43
N LEU N 36 1.81 -9.32 30.06
CA LEU N 36 2.19 -9.35 28.65
C LEU N 36 1.35 -10.35 27.85
N ILE N 37 1.16 -11.55 28.40
CA ILE N 37 0.34 -12.55 27.72
C ILE N 37 -1.13 -12.16 27.74
N ASN N 38 -1.62 -11.70 28.90
CA ASN N 38 -3.02 -11.34 29.01
C ASN N 38 -3.39 -10.17 28.10
N THR N 39 -2.52 -9.15 28.06
CA THR N 39 -2.76 -8.04 27.14
C THR N 39 -2.71 -8.50 25.69
N ALA N 40 -1.74 -9.37 25.36
CA ALA N 40 -1.72 -9.98 24.03
C ALA N 40 -2.94 -10.88 23.84
N GLY N 41 -3.40 -11.52 24.92
CA GLY N 41 -4.64 -12.29 24.84
C GLY N 41 -5.85 -11.42 24.55
N TYR N 42 -5.91 -10.24 25.17
CA TYR N 42 -6.97 -9.28 24.81
C TYR N 42 -6.84 -8.84 23.36
N LEU N 43 -5.64 -8.45 22.94
CA LEU N 43 -5.49 -7.83 21.63
C LEU N 43 -5.68 -8.81 20.49
N GLN N 44 -5.36 -10.09 20.70
CA GLN N 44 -5.50 -11.06 19.63
C GLN N 44 -6.96 -11.25 19.26
N SER N 45 -7.86 -11.25 20.24
CA SER N 45 -9.28 -11.30 19.93
C SER N 45 -9.76 -9.97 19.36
N LYS N 46 -9.18 -8.86 19.79
CA LYS N 46 -9.51 -7.56 19.21
C LYS N 46 -9.11 -7.49 17.75
N GLY N 47 -7.90 -7.98 17.43
CA GLY N 47 -7.47 -8.00 16.04
C GLY N 47 -8.28 -8.95 15.19
N SER N 48 -8.55 -10.15 15.71
CA SER N 48 -9.29 -11.16 14.95
C SER N 48 -10.64 -10.63 14.51
N ALA N 49 -11.39 -10.01 15.43
CA ALA N 49 -12.69 -9.47 15.08
C ALA N 49 -12.58 -8.33 14.09
N THR N 50 -11.59 -7.45 14.28
CA THR N 50 -11.42 -6.32 13.37
C THR N 50 -11.26 -6.78 11.93
N GLY N 51 -10.39 -7.78 11.71
CA GLY N 51 -10.15 -8.24 10.34
C GLY N 51 -11.40 -8.79 9.68
N GLU N 52 -12.15 -9.62 10.41
CA GLU N 52 -13.35 -10.23 9.83
C GLU N 52 -14.42 -9.20 9.54
N GLU N 53 -14.68 -8.29 10.50
CA GLU N 53 -15.72 -7.29 10.32
C GLU N 53 -15.36 -6.31 9.20
N ALA N 54 -14.09 -5.89 9.15
CA ALA N 54 -13.68 -4.96 8.09
C ALA N 54 -13.77 -5.63 6.72
N SER N 55 -13.44 -6.91 6.63
CA SER N 55 -13.61 -7.64 5.37
C SER N 55 -15.07 -7.67 4.95
N ALA N 56 -15.98 -7.93 5.91
CA ALA N 56 -17.40 -7.92 5.61
C ALA N 56 -17.85 -6.53 5.12
N GLN N 57 -17.32 -5.48 5.75
CA GLN N 57 -17.61 -4.13 5.30
C GLN N 57 -17.25 -3.93 3.83
N VAL N 58 -16.17 -4.58 3.38
CA VAL N 58 -15.68 -4.39 2.02
C VAL N 58 -16.22 -5.47 1.07
N SER N 59 -16.26 -6.72 1.51
CA SER N 59 -16.66 -7.83 0.64
C SER N 59 -18.17 -8.05 0.68
N ASN N 60 -18.73 -8.18 1.88
CA ASN N 60 -20.17 -8.42 2.02
C ASN N 60 -20.90 -7.17 1.56
N ARG N 61 -21.48 -7.24 0.37
CA ARG N 61 -22.16 -6.11 -0.25
C ARG N 61 -23.29 -6.63 -1.10
N ILE N 62 -24.23 -5.75 -1.44
CA ILE N 62 -25.40 -6.11 -2.23
C ILE N 62 -25.33 -5.43 -3.59
N ASN N 63 -25.90 -6.10 -4.58
CA ASN N 63 -26.02 -5.57 -5.94
C ASN N 63 -27.47 -5.61 -6.36
N ILE N 64 -27.87 -4.62 -7.15
CA ILE N 64 -29.25 -4.45 -7.59
C ILE N 64 -29.34 -4.86 -9.05
N VAL N 65 -30.19 -5.86 -9.33
CA VAL N 65 -30.35 -6.35 -10.70
C VAL N 65 -31.20 -5.39 -11.52
N SER N 66 -32.42 -5.12 -11.06
CA SER N 66 -33.36 -4.26 -11.79
C SER N 66 -34.21 -3.52 -10.78
N ALA N 67 -34.73 -2.37 -11.21
CA ALA N 67 -35.53 -1.53 -10.32
C ALA N 67 -36.88 -1.20 -10.94
N TYR N 68 -37.57 -2.19 -11.49
CA TYR N 68 -38.87 -1.96 -12.09
C TYR N 68 -39.88 -1.55 -11.03
N GLY N 69 -40.93 -0.85 -11.48
CA GLY N 69 -41.95 -0.37 -10.57
C GLY N 69 -43.31 -0.40 -11.23
N ASN N 70 -44.34 -0.55 -10.40
CA ASN N 70 -45.71 -0.61 -10.87
C ASN N 70 -46.21 0.78 -11.28
N VAL N 71 -47.29 0.79 -12.05
CA VAL N 71 -47.90 2.04 -12.49
C VAL N 71 -49.42 2.00 -12.28
N UNK N 72 -49.94 2.98 -11.56
CA UNK N 72 -51.38 3.09 -11.34
C UNK N 72 -51.87 4.44 -11.84
N UNK N 73 -52.97 4.42 -12.60
CA UNK N 73 -53.55 5.62 -13.20
C UNK N 73 -52.51 6.36 -14.06
N UNK N 74 -51.68 7.16 -13.39
CA UNK N 74 -50.62 7.89 -14.07
C UNK N 74 -49.47 8.18 -13.10
N UNK N 75 -49.36 7.34 -12.07
CA UNK N 75 -48.34 7.53 -11.05
C UNK N 75 -47.79 6.19 -10.57
N VAL N 76 -46.49 6.14 -10.32
CA VAL N 76 -45.84 4.94 -9.82
C VAL N 76 -46.09 4.78 -8.33
N ASP N 77 -46.79 3.72 -7.95
CA ASP N 77 -47.14 3.50 -6.55
C ASP N 77 -46.16 2.59 -5.83
N TYR N 78 -45.53 1.65 -6.52
CA TYR N 78 -44.57 0.74 -5.91
C TYR N 78 -43.22 0.89 -6.59
N VAL N 79 -42.16 0.83 -5.79
CA VAL N 79 -40.79 0.79 -6.28
C VAL N 79 -40.17 -0.52 -5.78
N ASN N 80 -39.83 -1.39 -6.72
CA ASN N 80 -39.28 -2.71 -6.40
C ASN N 80 -37.84 -2.81 -6.89
N LEU N 81 -37.05 -3.62 -6.18
CA LEU N 81 -35.63 -3.76 -6.49
C LEU N 81 -35.24 -5.21 -6.28
N THR N 82 -34.80 -5.87 -7.37
CA THR N 82 -34.29 -7.23 -7.28
C THR N 82 -32.83 -7.17 -6.88
N VAL N 83 -32.53 -7.62 -5.66
CA VAL N 83 -31.19 -7.51 -5.11
C VAL N 83 -30.49 -8.86 -5.18
N ARG N 84 -29.17 -8.83 -5.20
CA ARG N 84 -28.36 -10.03 -5.26
C ARG N 84 -27.05 -9.79 -4.53
N GLN N 85 -26.37 -10.88 -4.20
CA GLN N 85 -25.08 -10.79 -3.54
C GLN N 85 -24.02 -10.24 -4.49
N ALA N 86 -22.97 -9.68 -3.91
CA ALA N 86 -21.83 -9.21 -4.69
C ALA N 86 -20.86 -10.37 -4.89
N ALA N 87 -19.67 -10.08 -5.42
CA ALA N 87 -18.67 -11.11 -5.64
C ALA N 87 -18.04 -11.54 -4.33
N GLY N 88 -18.09 -12.84 -4.04
CA GLY N 88 -17.46 -13.35 -2.83
C GLY N 88 -18.16 -12.99 -1.54
N ALA N 89 -19.46 -12.66 -1.60
CA ALA N 89 -20.18 -12.25 -0.41
C ALA N 89 -20.72 -13.46 0.35
N ASP N 90 -20.97 -13.26 1.64
CA ASP N 90 -21.57 -14.22 2.55
C ASP N 90 -23.05 -13.87 2.75
N ASN N 91 -23.69 -14.54 3.70
CA ASN N 91 -25.13 -14.37 3.90
C ASN N 91 -25.45 -12.91 4.18
N ILE N 92 -26.41 -12.38 3.43
CA ILE N 92 -26.83 -10.98 3.51
C ILE N 92 -28.22 -10.96 4.12
N ASN N 93 -28.35 -10.38 5.31
CA ASN N 93 -29.63 -10.32 5.98
C ASN N 93 -30.33 -9.02 5.61
N LEU N 94 -31.52 -9.11 5.03
CA LEU N 94 -32.24 -7.93 4.59
C LEU N 94 -33.16 -7.36 5.67
N UNK N 95 -32.98 -7.82 6.89
CA UNK N 95 -33.76 -7.29 8.01
C UNK N 95 -32.93 -6.27 8.77
N LYS N 96 -31.64 -6.55 8.92
CA LYS N 96 -30.72 -5.62 9.54
C LYS N 96 -30.15 -4.66 8.50
N SER N 97 -31.00 -4.21 7.59
CA SER N 97 -30.58 -3.29 6.54
C SER N 97 -31.60 -2.16 6.45
N THR N 98 -31.11 -0.99 6.02
CA THR N 98 -31.91 0.21 5.92
C THR N 98 -31.69 0.87 4.57
N ILE N 99 -32.75 1.46 4.02
CA ILE N 99 -32.70 2.13 2.73
C ILE N 99 -33.01 3.61 2.94
N GLN N 100 -32.11 4.47 2.48
CA GLN N 100 -32.29 5.91 2.63
C GLN N 100 -32.97 6.45 1.39
N TRP N 101 -34.18 6.98 1.57
CA TRP N 101 -34.98 7.53 0.48
C TRP N 101 -34.79 9.04 0.46
N ILE N 102 -34.12 9.54 -0.56
CA ILE N 102 -34.00 10.97 -0.80
C ILE N 102 -34.68 11.23 -2.14
N GLY N 103 -35.97 11.55 -2.10
CA GLY N 103 -36.73 11.77 -3.30
C GLY N 103 -37.05 13.24 -3.51
N PRO N 104 -38.07 13.52 -4.31
CA PRO N 104 -38.44 14.93 -4.54
C PRO N 104 -39.10 15.58 -3.34
N ASP N 105 -39.85 14.82 -2.55
CA ASP N 105 -40.57 15.37 -1.41
C ASP N 105 -39.90 15.06 -0.08
N UNK N 106 -39.77 13.77 0.23
CA UNK N 106 -39.23 13.35 1.51
C UNK N 106 -37.73 13.11 1.46
N ALA N 107 -37.14 12.85 2.63
CA ALA N 107 -35.72 12.55 2.75
C ALA N 107 -35.49 11.70 3.99
N THR N 108 -36.00 10.48 3.98
CA THR N 108 -36.00 9.61 5.14
C THR N 108 -35.10 8.40 4.92
N THR N 109 -34.98 7.60 5.98
CA THR N 109 -34.25 6.34 5.97
C THR N 109 -35.24 5.23 6.28
N LEU N 110 -35.61 4.45 5.26
CA LEU N 110 -36.54 3.36 5.44
C LEU N 110 -35.87 2.19 6.14
N THR N 111 -36.59 1.57 7.07
CA THR N 111 -36.13 0.38 7.77
C THR N 111 -37.00 -0.81 7.39
N TYR N 112 -36.52 -2.00 7.71
CA TYR N 112 -37.23 -3.22 7.37
C TYR N 112 -38.51 -3.39 8.20
N UNK N 113 -39.51 -4.02 7.60
CA UNK N 113 -40.76 -4.33 8.29
C UNK N 113 -41.29 -5.69 7.86
N UNK N 114 -42.61 -5.83 7.87
CA UNK N 114 -43.23 -7.08 7.46
C UNK N 114 -44.67 -6.83 7.01
N UNK N 115 -45.06 -7.48 5.92
CA UNK N 115 -46.41 -7.35 5.36
C UNK N 115 -46.75 -5.90 5.06
N UNK N 120 -44.82 -1.43 2.78
CA UNK N 120 -45.57 -1.04 3.96
C UNK N 120 -45.93 0.45 3.92
N UNK N 121 -45.53 1.17 4.96
CA UNK N 121 -45.78 2.61 5.04
C UNK N 121 -44.49 3.38 4.85
N GLU N 122 -43.82 3.70 5.95
CA GLU N 122 -42.53 4.36 5.91
C GLU N 122 -41.39 3.35 5.98
N ASN N 123 -41.71 2.08 5.74
CA ASN N 123 -40.75 0.99 5.79
C ASN N 123 -40.65 0.32 4.42
N PHE N 124 -39.88 -0.77 4.36
CA PHE N 124 -39.74 -1.55 3.15
C PHE N 124 -39.94 -3.03 3.48
N THR N 125 -40.37 -3.79 2.48
CA THR N 125 -40.65 -5.22 2.63
C THR N 125 -39.83 -6.00 1.62
N THR N 126 -39.55 -7.26 1.93
CA THR N 126 -38.79 -8.12 1.03
C THR N 126 -39.53 -9.40 0.70
N UNK N 127 -39.74 -9.65 -0.59
CA UNK N 127 -40.37 -10.87 -1.06
C UNK N 127 -39.37 -11.68 -1.88
N SER N 128 -39.44 -13.01 -1.75
CA SER N 128 -38.46 -13.88 -2.40
C SER N 128 -38.84 -14.21 -3.83
N ILE N 129 -37.89 -14.04 -4.74
CA ILE N 129 -38.06 -14.38 -6.13
C ILE N 129 -37.51 -15.77 -6.43
N LYS N 130 -36.29 -16.04 -6.00
CA LYS N 130 -35.66 -17.34 -6.19
C LYS N 130 -34.99 -17.75 -4.89
N GLY N 131 -35.29 -18.96 -4.42
CA GLY N 131 -34.66 -19.48 -3.22
C GLY N 131 -35.64 -19.88 -2.12
N UNK N 132 -35.10 -20.00 -0.90
CA UNK N 132 -35.90 -20.41 0.25
C UNK N 132 -36.20 -19.24 1.16
N UNK N 133 -35.14 -18.57 1.61
CA UNK N 133 -35.27 -17.44 2.54
C UNK N 133 -35.80 -16.20 1.85
N UNK N 134 -36.64 -15.45 2.55
CA UNK N 134 -37.24 -14.23 2.01
C UNK N 134 -36.72 -12.99 2.71
N UNK N 135 -35.55 -13.11 3.32
CA UNK N 135 -34.93 -12.00 4.02
C UNK N 135 -33.41 -12.18 4.05
N VAL N 136 -32.97 -13.39 3.77
CA VAL N 136 -31.54 -13.69 3.78
C VAL N 136 -31.09 -14.30 2.47
N LEU N 137 -30.27 -13.55 1.73
CA LEU N 137 -29.64 -14.10 0.54
C LEU N 137 -28.49 -15.03 0.97
N VAL N 138 -28.59 -16.29 0.59
CA VAL N 138 -27.61 -17.30 1.01
C VAL N 138 -26.62 -17.56 -0.13
N ASP N 139 -27.13 -17.96 -1.28
CA ASP N 139 -26.28 -18.39 -2.37
C ASP N 139 -26.06 -17.27 -3.38
N GLN N 140 -25.21 -17.53 -4.37
CA GLN N 140 -24.92 -16.53 -5.39
C GLN N 140 -26.06 -16.37 -6.38
N SER N 141 -26.95 -17.35 -6.48
CA SER N 141 -28.12 -17.28 -7.33
C SER N 141 -29.35 -16.74 -6.62
N ASP N 142 -29.25 -16.42 -5.34
CA ASP N 142 -30.39 -15.92 -4.60
C ASP N 142 -30.83 -14.57 -5.14
N ARG N 143 -32.13 -14.42 -5.32
CA ARG N 143 -32.74 -13.16 -5.73
C ARG N 143 -33.88 -12.83 -4.79
N ILE N 144 -33.88 -11.60 -4.27
CA ILE N 144 -34.95 -11.12 -3.40
C ILE N 144 -35.40 -9.76 -3.93
N LYS N 145 -36.70 -9.50 -3.88
CA LYS N 145 -37.28 -8.25 -4.35
C LYS N 145 -37.66 -7.38 -3.15
N VAL N 146 -37.23 -6.12 -3.18
CA VAL N 146 -37.49 -5.19 -2.09
C VAL N 146 -38.76 -4.40 -2.41
N ILE N 147 -39.74 -4.47 -1.51
CA ILE N 147 -41.02 -3.80 -1.69
C ILE N 147 -40.97 -2.46 -0.96
N MET N 148 -41.20 -1.37 -1.69
CA MET N 148 -41.25 -0.03 -1.11
C MET N 148 -42.47 0.69 -1.66
N TYR N 149 -43.41 1.03 -0.78
CA TYR N 149 -44.63 1.72 -1.18
C TYR N 149 -44.31 3.20 -1.36
N ALA N 150 -44.42 3.69 -2.60
CA ALA N 150 -44.03 5.05 -2.92
C ALA N 150 -45.02 6.08 -2.37
N UNK N 151 -46.29 5.73 -2.34
CA UNK N 151 -47.34 6.66 -1.94
C UNK N 151 -47.29 6.97 -0.45
N UNK N 152 -46.59 6.16 0.32
CA UNK N 152 -46.56 6.31 1.76
C UNK N 152 -45.27 6.97 2.25
N VAL N 153 -44.14 6.63 1.64
CA VAL N 153 -42.86 7.20 2.03
C VAL N 153 -42.87 8.70 1.78
N UNK N 154 -43.46 9.10 0.66
CA UNK N 154 -43.59 10.51 0.31
C UNK N 154 -44.89 10.71 -0.45
N UNK N 155 -44.88 10.32 -1.72
CA UNK N 155 -46.06 10.36 -2.56
C UNK N 155 -45.80 9.53 -3.81
N UNK N 156 -46.86 9.05 -4.43
CA UNK N 156 -46.74 8.28 -5.67
C UNK N 156 -46.05 9.13 -6.73
N LEU N 157 -44.87 8.71 -7.16
CA LEU N 157 -44.05 9.50 -8.06
C LEU N 157 -44.77 9.81 -9.36
N UNK N 158 -44.35 10.89 -10.00
CA UNK N 158 -44.92 11.28 -11.29
C UNK N 158 -43.85 11.14 -12.37
N UNK N 159 -44.27 11.22 -13.62
CA UNK N 159 -43.38 11.04 -14.75
C UNK N 159 -42.24 12.06 -14.73
N GLY N 160 -41.01 11.56 -14.63
CA GLY N 160 -39.85 12.42 -14.62
C GLY N 160 -39.18 12.56 -13.26
N UNK N 161 -39.73 11.88 -12.26
CA UNK N 161 -39.21 11.94 -10.91
C UNK N 161 -37.90 11.17 -10.77
N GLU N 162 -37.21 11.37 -9.65
CA GLU N 162 -35.94 10.69 -9.40
C GLU N 162 -35.70 10.51 -7.91
N VAL N 163 -35.34 9.29 -7.52
CA VAL N 163 -35.08 8.96 -6.12
C VAL N 163 -33.69 8.36 -6.03
N GLN N 164 -32.92 8.83 -5.05
CA GLN N 164 -31.59 8.29 -4.76
C GLN N 164 -31.73 7.30 -3.61
N LEU N 165 -31.50 6.02 -3.91
CA LEU N 165 -31.61 4.95 -2.93
C LEU N 165 -30.23 4.38 -2.65
N THR N 166 -29.85 4.38 -1.38
CA THR N 166 -28.64 3.72 -0.91
C THR N 166 -29.05 2.58 0.02
N VAL N 167 -28.94 1.36 -0.47
CA VAL N 167 -29.26 0.17 0.32
C VAL N 167 -27.99 -0.23 1.06
N THR N 168 -27.92 0.10 2.35
CA THR N 168 -26.75 -0.19 3.18
C THR N 168 -27.04 -1.43 4.02
N THR N 169 -26.07 -2.34 4.04
CA THR N 169 -26.23 -3.59 4.78
C THR N 169 -25.95 -3.35 6.27
N GLN N 170 -25.98 -4.45 7.03
CA GLN N 170 -25.67 -4.37 8.45
C GLN N 170 -24.24 -3.90 8.69
N TYR N 171 -23.32 -4.33 7.83
CA TYR N 171 -21.90 -4.05 8.02
C TYR N 171 -21.44 -2.76 7.37
N GLY N 172 -22.35 -2.00 6.78
CA GLY N 172 -22.02 -0.69 6.25
C GLY N 172 -21.72 -0.63 4.77
N SER N 173 -21.89 -1.71 4.03
CA SER N 173 -21.66 -1.68 2.60
C SER N 173 -22.81 -0.97 1.90
N LYS N 174 -22.50 0.14 1.25
CA LYS N 174 -23.51 1.00 0.64
C LYS N 174 -23.61 0.72 -0.86
N THR N 175 -24.85 0.68 -1.36
CA THR N 175 -25.12 0.50 -2.77
C THR N 175 -26.11 1.56 -3.21
N THR N 176 -25.68 2.48 -4.07
CA THR N 176 -26.48 3.62 -4.48
C THR N 176 -27.12 3.35 -5.82
N TYR N 177 -28.44 3.56 -5.91
CA TYR N 177 -29.19 3.41 -7.15
C TYR N 177 -30.09 4.64 -7.32
N TRP N 178 -29.98 5.30 -8.46
CA TRP N 178 -30.83 6.45 -8.78
C TRP N 178 -31.99 5.95 -9.62
N ALA N 179 -33.12 5.66 -8.97
CA ALA N 179 -34.32 5.27 -9.70
C ALA N 179 -34.88 6.50 -10.42
N GLN N 180 -35.14 6.35 -11.72
CA GLN N 180 -35.64 7.44 -12.55
C GLN N 180 -36.92 6.99 -13.21
N VAL N 181 -38.04 7.58 -12.80
CA VAL N 181 -39.32 7.28 -13.44
C VAL N 181 -39.27 7.74 -14.89
N PRO N 182 -39.82 6.99 -15.84
CA PRO N 182 -39.80 7.44 -17.23
C PRO N 182 -40.51 8.78 -17.39
N GLU N 183 -40.00 9.60 -18.31
CA GLU N 183 -40.54 10.93 -18.53
C GLU N 183 -42.00 10.89 -19.01
N SER N 184 -42.42 9.79 -19.60
CA SER N 184 -43.79 9.63 -20.06
C SER N 184 -44.34 8.31 -19.55
N LEU N 185 -45.52 8.35 -18.91
CA LEU N 185 -46.17 7.16 -18.39
C LEU N 185 -47.43 6.81 -19.17
N LYS N 186 -47.51 7.21 -20.43
CA LYS N 186 -48.70 6.99 -21.24
C LYS N 186 -48.74 5.54 -21.71
N ASP N 187 -49.79 4.82 -21.34
CA ASP N 187 -50.07 3.46 -21.80
C ASP N 187 -48.90 2.52 -21.48
N LYS N 188 -48.66 2.37 -20.18
CA LYS N 188 -47.68 1.40 -19.69
C LYS N 188 -48.14 0.93 -18.32
N ASN N 189 -48.56 -0.34 -18.23
CA ASN N 189 -49.03 -0.87 -16.96
C ASN N 189 -47.92 -0.93 -15.94
N ALA N 190 -46.69 -1.23 -16.37
CA ALA N 190 -45.53 -1.27 -15.48
C ALA N 190 -44.32 -0.73 -16.22
N VAL N 191 -43.53 0.08 -15.52
CA VAL N 191 -42.35 0.68 -16.13
C VAL N 191 -41.07 0.01 -15.64
N UNK N 192 -39.95 0.68 -15.85
CA UNK N 192 -38.65 0.17 -15.41
C UNK N 192 -37.75 1.33 -14.99
N LEU N 193 -37.74 1.63 -13.71
CA LEU N 193 -36.96 2.75 -13.17
C LEU N 193 -35.47 2.46 -13.25
N GLN O 13 28.70 -15.60 72.73
CA GLN O 13 28.87 -14.21 72.36
C GLN O 13 28.75 -14.01 70.86
N VAL O 14 29.71 -14.54 70.12
CA VAL O 14 29.72 -14.38 68.67
C VAL O 14 28.47 -15.01 68.05
N GLY O 15 28.03 -16.14 68.58
CA GLY O 15 26.77 -16.72 68.12
C GLY O 15 25.58 -15.84 68.41
N ILE O 16 25.55 -15.25 69.61
CA ILE O 16 24.39 -14.45 70.01
C ILE O 16 24.21 -13.25 69.09
N GLY O 17 25.31 -12.56 68.77
CA GLY O 17 25.23 -11.47 67.82
C GLY O 17 24.76 -11.91 66.45
N THR O 18 25.02 -13.17 66.09
CA THR O 18 24.62 -13.66 64.78
C THR O 18 23.10 -13.67 64.63
N LEU O 19 22.37 -14.15 65.64
CA LEU O 19 20.92 -14.27 65.54
C LEU O 19 20.26 -12.89 65.38
N ILE O 20 20.73 -11.91 66.16
CA ILE O 20 20.12 -10.58 66.11
C ILE O 20 20.33 -9.96 64.73
N VAL O 21 21.53 -10.10 64.17
CA VAL O 21 21.78 -9.65 62.81
C VAL O 21 21.02 -10.52 61.80
N PHE O 22 20.88 -11.82 62.12
CA PHE O 22 20.13 -12.73 61.25
C PHE O 22 18.70 -12.23 61.08
N ILE O 23 18.05 -11.87 62.19
CA ILE O 23 16.69 -11.35 62.13
C ILE O 23 16.65 -10.06 61.30
N ALA O 24 17.66 -9.20 61.46
CA ALA O 24 17.66 -7.92 60.76
C ALA O 24 17.66 -8.11 59.25
N MET O 25 18.48 -9.05 58.75
CA MET O 25 18.56 -9.31 57.32
C MET O 25 17.31 -10.00 56.79
N VAL O 26 16.57 -10.72 57.64
CA VAL O 26 15.30 -11.29 57.21
C VAL O 26 14.29 -10.19 56.93
N LEU O 27 14.16 -9.23 57.86
CA LEU O 27 13.21 -8.15 57.66
C LEU O 27 13.63 -7.25 56.50
N VAL O 28 14.92 -6.97 56.37
CA VAL O 28 15.39 -6.10 55.29
C VAL O 28 15.03 -6.69 53.93
N ALA O 29 15.22 -7.99 53.76
CA ALA O 29 14.78 -8.65 52.53
C ALA O 29 13.27 -8.66 52.41
N ALA O 30 12.56 -8.82 53.53
CA ALA O 30 11.10 -8.73 53.51
C ALA O 30 10.65 -7.33 53.13
N ILE O 31 11.30 -6.30 53.68
CA ILE O 31 10.98 -4.93 53.29
C ILE O 31 11.23 -4.73 51.80
N ALA O 32 12.39 -5.18 51.31
CA ALA O 32 12.69 -5.06 49.89
C ALA O 32 11.69 -5.86 49.05
N ALA O 33 11.35 -7.07 49.50
CA ALA O 33 10.45 -7.92 48.73
C ALA O 33 9.10 -7.25 48.51
N GLY O 34 8.58 -6.59 49.56
CA GLY O 34 7.32 -5.86 49.42
C GLY O 34 7.38 -4.79 48.35
N VAL O 35 8.49 -4.04 48.28
CA VAL O 35 8.60 -2.91 47.38
C VAL O 35 8.33 -3.33 45.94
N LEU O 36 9.11 -4.30 45.44
CA LEU O 36 8.98 -4.74 44.06
C LEU O 36 7.59 -5.33 43.79
N ILE O 37 7.13 -6.23 44.65
CA ILE O 37 5.84 -6.88 44.42
C ILE O 37 4.72 -5.84 44.45
N ASN O 38 4.77 -4.92 45.42
CA ASN O 38 3.75 -3.87 45.48
C ASN O 38 3.94 -2.86 44.36
N THR O 39 5.19 -2.62 43.94
CA THR O 39 5.40 -1.77 42.78
C THR O 39 4.86 -2.44 41.52
N ALA O 40 5.19 -3.70 41.30
CA ALA O 40 4.72 -4.39 40.10
C ALA O 40 3.20 -4.43 40.04
N GLY O 41 2.56 -4.52 41.21
CA GLY O 41 1.10 -4.43 41.26
C GLY O 41 0.58 -3.10 40.73
N TYR O 42 1.33 -2.02 40.95
CA TYR O 42 0.90 -0.72 40.45
C TYR O 42 0.93 -0.67 38.93
N LEU O 43 2.03 -1.13 38.33
CA LEU O 43 2.15 -1.04 36.87
C LEU O 43 1.28 -2.06 36.15
N GLN O 44 1.10 -3.25 36.73
CA GLN O 44 0.28 -4.26 36.08
C GLN O 44 -1.15 -3.79 35.91
N SER O 45 -1.65 -2.99 36.85
CA SER O 45 -2.95 -2.36 36.65
C SER O 45 -2.84 -1.17 35.71
N LYS O 46 -1.72 -0.44 35.77
CA LYS O 46 -1.53 0.68 34.85
C LYS O 46 -1.31 0.20 33.43
N GLY O 47 -0.53 -0.87 33.27
CA GLY O 47 -0.30 -1.43 31.94
C GLY O 47 -1.56 -2.05 31.35
N SER O 48 -2.37 -2.70 32.18
CA SER O 48 -3.64 -3.26 31.70
C SER O 48 -4.57 -2.16 31.24
N ALA O 49 -4.67 -1.07 32.01
CA ALA O 49 -5.53 0.04 31.62
C ALA O 49 -5.05 0.69 30.34
N THR O 50 -3.73 0.86 30.20
CA THR O 50 -3.18 1.53 29.02
C THR O 50 -3.51 0.77 27.75
N GLY O 51 -3.37 -0.56 27.78
CA GLY O 51 -3.64 -1.34 26.58
C GLY O 51 -5.08 -1.26 26.12
N GLU O 52 -6.02 -1.30 27.07
CA GLU O 52 -7.43 -1.33 26.71
C GLU O 52 -7.88 0.00 26.10
N GLU O 53 -7.51 1.11 26.74
CA GLU O 53 -7.90 2.43 26.24
C GLU O 53 -7.23 2.74 24.90
N ALA O 54 -5.95 2.37 24.77
CA ALA O 54 -5.26 2.60 23.50
C ALA O 54 -5.90 1.81 22.37
N SER O 55 -6.25 0.55 22.64
CA SER O 55 -7.04 -0.21 21.68
C SER O 55 -8.39 0.45 21.45
N ALA O 56 -8.98 1.00 22.52
CA ALA O 56 -10.25 1.72 22.38
C ALA O 56 -10.09 2.94 21.49
N GLN O 57 -8.98 3.66 21.63
CA GLN O 57 -8.73 4.83 20.78
C GLN O 57 -8.62 4.44 19.31
N VAL O 58 -8.00 3.28 19.04
CA VAL O 58 -7.78 2.89 17.65
C VAL O 58 -8.97 2.11 17.06
N SER O 59 -9.80 1.50 17.89
CA SER O 59 -10.89 0.65 17.42
C SER O 59 -12.26 1.32 17.53
N ASN O 60 -12.58 1.92 18.67
CA ASN O 60 -13.90 2.51 18.88
C ASN O 60 -14.01 3.83 18.12
N ARG O 61 -14.05 3.71 16.80
CA ARG O 61 -14.31 4.83 15.89
C ARG O 61 -15.71 4.67 15.32
N ILE O 62 -16.19 5.76 14.71
CA ILE O 62 -17.51 5.77 14.08
C ILE O 62 -17.34 6.07 12.60
N ASN O 63 -18.24 5.51 11.80
CA ASN O 63 -18.29 5.79 10.38
C ASN O 63 -19.61 6.48 10.06
N ILE O 64 -19.54 7.46 9.16
CA ILE O 64 -20.72 8.24 8.78
C ILE O 64 -21.31 7.62 7.53
N VAL O 65 -22.51 7.04 7.66
CA VAL O 65 -23.16 6.38 6.53
C VAL O 65 -23.42 7.38 5.41
N SER O 66 -24.01 8.53 5.76
CA SER O 66 -24.43 9.50 4.77
C SER O 66 -24.66 10.83 5.47
N ALA O 67 -24.93 11.86 4.66
CA ALA O 67 -25.22 13.19 5.18
C ALA O 67 -26.28 13.83 4.30
N TYR O 68 -27.37 14.29 4.93
CA TYR O 68 -28.43 14.99 4.24
C TYR O 68 -28.91 16.13 5.12
N GLY O 69 -29.38 17.18 4.48
CA GLY O 69 -29.86 18.36 5.20
C GLY O 69 -31.17 18.87 4.63
N ASN O 70 -32.04 19.33 5.53
CA ASN O 70 -33.30 19.93 5.12
C ASN O 70 -33.04 21.24 4.39
N VAL O 71 -33.97 21.58 3.49
CA VAL O 71 -33.86 22.82 2.73
C VAL O 71 -35.12 23.66 2.93
N UNK O 72 -34.95 24.79 3.61
CA UNK O 72 -36.05 25.73 3.80
C UNK O 72 -35.79 26.99 2.97
N UNK O 73 -36.82 27.46 2.28
CA UNK O 73 -36.71 28.62 1.39
C UNK O 73 -35.63 28.39 0.34
N UNK O 74 -34.38 28.63 0.70
CA UNK O 74 -33.25 28.42 -0.19
C UNK O 74 -31.96 28.22 0.58
N UNK O 75 -32.09 27.69 1.79
CA UNK O 75 -30.93 27.48 2.65
C UNK O 75 -31.06 26.17 3.42
N VAL O 76 -29.92 25.59 3.79
CA VAL O 76 -29.90 24.32 4.51
C VAL O 76 -29.94 24.60 6.01
N ASP O 77 -31.12 24.47 6.61
CA ASP O 77 -31.28 24.78 8.03
C ASP O 77 -30.70 23.69 8.92
N TYR O 78 -30.90 22.42 8.54
CA TYR O 78 -30.53 21.30 9.39
C TYR O 78 -29.38 20.51 8.75
N VAL O 79 -28.56 19.91 9.61
CA VAL O 79 -27.47 19.03 9.19
C VAL O 79 -27.59 17.74 9.98
N ASN O 80 -27.98 16.66 9.31
CA ASN O 80 -28.16 15.37 9.93
C ASN O 80 -27.03 14.43 9.52
N LEU O 81 -26.53 13.67 10.50
CA LEU O 81 -25.41 12.76 10.30
C LEU O 81 -25.82 11.38 10.77
N THR O 82 -25.92 10.45 9.83
CA THR O 82 -26.19 9.05 10.16
C THR O 82 -24.86 8.34 10.41
N VAL O 83 -24.67 7.82 11.61
CA VAL O 83 -23.40 7.25 12.02
C VAL O 83 -23.61 5.78 12.39
N ARG O 84 -22.54 5.02 12.26
CA ARG O 84 -22.53 3.59 12.57
C ARG O 84 -21.27 3.27 13.35
N GLN O 85 -21.06 1.98 13.58
CA GLN O 85 -19.85 1.50 14.25
C GLN O 85 -18.78 1.14 13.22
N ALA O 86 -17.53 1.32 13.61
CA ALA O 86 -16.41 0.88 12.80
C ALA O 86 -16.16 -0.61 13.02
N ALA O 87 -15.22 -1.16 12.25
CA ALA O 87 -14.87 -2.57 12.39
C ALA O 87 -14.38 -2.86 13.81
N GLY O 88 -15.04 -3.82 14.46
CA GLY O 88 -14.64 -4.19 15.81
C GLY O 88 -14.87 -3.14 16.86
N ALA O 89 -15.95 -2.37 16.75
CA ALA O 89 -16.26 -1.35 17.74
C ALA O 89 -16.85 -1.99 19.00
N ASP O 90 -16.98 -1.17 20.04
CA ASP O 90 -17.56 -1.62 21.31
C ASP O 90 -18.29 -0.45 21.95
N ASN O 91 -19.62 -0.45 21.87
CA ASN O 91 -20.50 0.45 22.61
C ASN O 91 -20.04 1.90 22.56
N ILE O 92 -20.10 2.47 21.35
CA ILE O 92 -19.83 3.89 21.19
C ILE O 92 -20.95 4.70 21.82
N ASN O 93 -20.58 5.64 22.68
CA ASN O 93 -21.55 6.54 23.32
C ASN O 93 -21.46 7.91 22.66
N LEU O 94 -22.57 8.38 22.11
CA LEU O 94 -22.61 9.65 21.40
C LEU O 94 -22.95 10.81 22.32
N UNK O 95 -23.27 10.51 23.57
CA UNK O 95 -23.60 11.53 24.55
C UNK O 95 -22.33 12.10 25.16
N LYS O 96 -21.24 11.34 25.04
CA LYS O 96 -19.95 11.76 25.57
C LYS O 96 -18.98 12.07 24.44
N SER O 97 -19.52 12.60 23.34
CA SER O 97 -18.73 12.91 22.16
C SER O 97 -18.96 14.36 21.76
N THR O 98 -17.97 14.92 21.06
CA THR O 98 -18.00 16.32 20.64
C THR O 98 -17.79 16.41 19.14
N ILE O 99 -18.42 17.41 18.54
CA ILE O 99 -18.31 17.67 17.11
C ILE O 99 -17.74 19.05 16.91
N GLN O 100 -16.63 19.14 16.18
CA GLN O 100 -16.00 20.42 15.86
C GLN O 100 -16.58 20.94 14.55
N TRP O 101 -17.29 22.05 14.63
CA TRP O 101 -17.96 22.64 13.47
C TRP O 101 -17.06 23.74 12.92
N ILE O 102 -16.40 23.46 11.81
CA ILE O 102 -15.61 24.44 11.08
C ILE O 102 -16.50 24.92 9.94
N GLY O 103 -17.23 26.00 10.18
CA GLY O 103 -18.17 26.51 9.21
C GLY O 103 -17.66 27.73 8.48
N PRO O 104 -18.44 28.23 7.51
CA PRO O 104 -18.03 29.44 6.79
C PRO O 104 -17.96 30.67 7.68
N ASP O 105 -18.76 30.74 8.73
CA ASP O 105 -18.79 31.92 9.59
C ASP O 105 -18.34 31.62 11.01
N UNK O 106 -18.77 30.48 11.54
CA UNK O 106 -18.41 30.11 12.90
C UNK O 106 -17.37 29.00 12.93
N ALA O 107 -16.88 28.70 14.12
CA ALA O 107 -15.89 27.64 14.32
C ALA O 107 -15.83 27.26 15.78
N THR O 108 -16.85 26.56 16.23
CA THR O 108 -16.96 26.10 17.61
C THR O 108 -17.05 24.58 17.64
N THR O 109 -17.08 24.04 18.86
CA THR O 109 -17.23 22.61 19.09
C THR O 109 -18.58 22.36 19.73
N LEU O 110 -19.33 21.42 19.18
CA LEU O 110 -20.69 21.13 19.62
C LEU O 110 -20.68 19.97 20.61
N THR O 111 -21.58 20.05 21.59
CA THR O 111 -21.69 19.03 22.62
C THR O 111 -23.12 18.50 22.64
N TYR O 112 -23.27 17.27 23.11
CA TYR O 112 -24.57 16.60 23.11
C TYR O 112 -25.57 17.30 24.01
N UNK O 113 -26.82 17.34 23.57
CA UNK O 113 -27.89 17.95 24.35
C UNK O 113 -29.12 17.04 24.36
N UNK O 114 -30.30 17.64 24.39
CA UNK O 114 -31.54 16.87 24.40
C UNK O 114 -32.71 17.71 23.88
N UNK O 115 -32.73 17.91 22.57
CA UNK O 115 -33.77 18.68 21.90
C UNK O 115 -33.89 20.09 22.48
N UNK O 120 -31.14 24.09 20.47
CA UNK O 120 -29.89 23.65 19.89
C UNK O 120 -29.22 24.78 19.11
N UNK O 121 -28.41 25.57 19.82
CA UNK O 121 -27.72 26.69 19.20
C UNK O 121 -26.24 26.36 19.00
N GLU O 122 -25.65 25.73 20.01
CA GLU O 122 -24.26 25.31 19.95
C GLU O 122 -24.14 23.84 20.35
N ASN O 123 -25.24 23.12 20.23
CA ASN O 123 -25.32 21.73 20.65
C ASN O 123 -25.91 20.88 19.54
N PHE O 124 -25.79 19.56 19.70
CA PHE O 124 -26.32 18.59 18.75
C PHE O 124 -27.17 17.57 19.48
N THR O 125 -28.16 17.03 18.78
CA THR O 125 -29.05 16.03 19.33
C THR O 125 -29.00 14.77 18.47
N THR O 126 -29.08 13.61 19.13
CA THR O 126 -28.98 12.34 18.43
C THR O 126 -30.27 11.53 18.53
N UNK O 127 -31.00 11.47 17.42
CA UNK O 127 -32.21 10.63 17.35
C UNK O 127 -31.86 9.30 16.71
N SER O 128 -32.66 8.28 17.01
CA SER O 128 -32.38 6.92 16.55
C SER O 128 -32.98 6.64 15.17
N ILE O 129 -32.33 5.75 14.42
CA ILE O 129 -32.84 5.31 13.13
C ILE O 129 -33.13 3.82 13.21
N LYS O 130 -32.13 3.03 13.59
CA LYS O 130 -32.28 1.59 13.73
C LYS O 130 -31.56 1.15 15.00
N GLY O 131 -32.27 0.42 15.85
CA GLY O 131 -31.69 -0.08 17.09
C GLY O 131 -32.53 0.19 18.31
N UNK O 132 -31.95 -0.03 19.49
CA UNK O 132 -32.66 0.14 20.75
C UNK O 132 -32.36 1.51 21.38
N UNK O 133 -31.10 1.71 21.75
CA UNK O 133 -30.69 2.97 22.38
C UNK O 133 -30.70 4.10 21.37
N UNK O 134 -30.87 5.32 21.86
CA UNK O 134 -30.90 6.51 21.00
C UNK O 134 -29.71 7.41 21.26
N UNK O 135 -28.69 6.87 21.94
CA UNK O 135 -27.50 7.64 22.25
C UNK O 135 -26.26 6.74 22.24
N VAL O 136 -26.49 5.43 22.27
CA VAL O 136 -25.38 4.48 22.31
C VAL O 136 -25.49 3.48 21.16
N LEU O 137 -24.43 3.37 20.37
CA LEU O 137 -24.33 2.38 19.31
C LEU O 137 -23.86 1.07 19.94
N VAL O 138 -24.74 0.08 19.96
CA VAL O 138 -24.45 -1.17 20.67
C VAL O 138 -23.88 -2.21 19.71
N ASP O 139 -24.65 -2.61 18.71
CA ASP O 139 -24.26 -3.63 17.76
C ASP O 139 -23.75 -2.98 16.48
N GLN O 140 -23.41 -3.82 15.49
CA GLN O 140 -22.91 -3.34 14.21
C GLN O 140 -24.02 -2.84 13.30
N SER O 141 -25.28 -3.15 13.61
CA SER O 141 -26.40 -2.79 12.75
C SER O 141 -27.15 -1.54 13.20
N ASP O 142 -26.73 -0.92 14.30
CA ASP O 142 -27.42 0.26 14.78
C ASP O 142 -27.04 1.50 13.98
N ARG O 143 -28.03 2.31 13.67
CA ARG O 143 -27.83 3.59 13.00
C ARG O 143 -28.47 4.68 13.85
N ILE O 144 -27.69 5.71 14.19
CA ILE O 144 -28.17 6.84 14.95
C ILE O 144 -27.89 8.11 14.16
N LYS O 145 -28.88 9.00 14.09
CA LYS O 145 -28.77 10.22 13.31
C LYS O 145 -28.47 11.39 14.24
N VAL O 146 -27.41 12.13 13.94
CA VAL O 146 -26.97 13.27 14.73
C VAL O 146 -27.52 14.53 14.09
N ILE O 147 -28.29 15.30 14.85
CA ILE O 147 -29.03 16.45 14.34
C ILE O 147 -28.34 17.72 14.79
N MET O 148 -28.00 18.58 13.83
CA MET O 148 -27.40 19.88 14.11
C MET O 148 -28.21 20.96 13.40
N TYR O 149 -28.56 22.01 14.13
CA TYR O 149 -29.31 23.14 13.57
C TYR O 149 -28.30 24.15 13.02
N ALA O 150 -28.09 24.11 11.70
CA ALA O 150 -27.09 24.96 11.07
C ALA O 150 -27.47 26.43 11.09
N UNK O 151 -28.75 26.70 11.33
CA UNK O 151 -29.24 28.08 11.34
C UNK O 151 -28.93 28.77 12.67
N UNK O 152 -28.41 28.01 13.62
CA UNK O 152 -28.11 28.56 14.94
C UNK O 152 -26.63 28.47 15.29
N VAL O 153 -25.96 27.47 14.74
CA VAL O 153 -24.52 27.30 14.97
C VAL O 153 -23.78 28.48 14.37
N UNK O 154 -24.18 28.88 13.17
CA UNK O 154 -23.61 30.03 12.49
C UNK O 154 -24.70 30.77 11.74
N UNK O 155 -25.08 30.22 10.60
CA UNK O 155 -26.16 30.76 9.79
C UNK O 155 -26.66 29.67 8.85
N UNK O 156 -27.87 29.84 8.33
CA UNK O 156 -28.43 28.87 7.39
C UNK O 156 -27.54 28.80 6.15
N LEU O 157 -26.89 27.66 5.96
CA LEU O 157 -25.91 27.49 4.88
C LEU O 157 -26.52 27.68 3.50
N UNK O 158 -25.84 28.46 2.67
CA UNK O 158 -26.28 28.68 1.29
C UNK O 158 -25.54 27.72 0.37
N UNK O 159 -25.84 27.79 -0.92
CA UNK O 159 -25.23 26.90 -1.90
C UNK O 159 -23.73 27.16 -2.03
N GLY O 160 -22.94 26.10 -2.00
CA GLY O 160 -21.50 26.21 -2.16
C GLY O 160 -20.74 26.26 -0.85
N UNK O 161 -21.45 26.49 0.24
CA UNK O 161 -20.83 26.57 1.56
C UNK O 161 -20.34 25.19 2.00
N GLU O 162 -19.16 25.15 2.60
CA GLU O 162 -18.57 23.89 3.05
C GLU O 162 -18.29 23.92 4.55
N VAL O 163 -18.56 22.81 5.22
CA VAL O 163 -18.35 22.67 6.65
C VAL O 163 -17.46 21.46 6.88
N GLN O 164 -16.48 21.60 7.76
CA GLN O 164 -15.60 20.50 8.16
C GLN O 164 -16.10 19.99 9.50
N LEU O 165 -16.75 18.83 9.49
CA LEU O 165 -17.24 18.19 10.70
C LEU O 165 -16.28 17.07 11.08
N THR O 166 -15.80 17.10 12.33
CA THR O 166 -15.01 16.00 12.88
C THR O 166 -15.70 15.56 14.18
N VAL O 167 -16.16 14.31 14.18
CA VAL O 167 -16.78 13.73 15.37
C VAL O 167 -15.71 13.01 16.16
N THR O 168 -15.50 13.42 17.41
CA THR O 168 -14.52 12.80 18.29
C THR O 168 -15.25 11.99 19.35
N THR O 169 -14.98 10.70 19.40
CA THR O 169 -15.55 9.83 20.41
C THR O 169 -14.85 10.05 21.74
N GLN O 170 -15.45 9.50 22.80
CA GLN O 170 -14.91 9.65 24.15
C GLN O 170 -13.44 9.26 24.23
N TYR O 171 -13.06 8.17 23.56
CA TYR O 171 -11.69 7.68 23.56
C TYR O 171 -10.81 8.40 22.55
N GLY O 172 -11.23 9.56 22.04
CA GLY O 172 -10.39 10.34 21.17
C GLY O 172 -10.36 9.90 19.72
N SER O 173 -11.11 8.87 19.35
CA SER O 173 -11.20 8.49 17.95
C SER O 173 -11.89 9.58 17.16
N LYS O 174 -11.30 9.94 16.02
CA LYS O 174 -11.73 11.10 15.24
C LYS O 174 -12.19 10.65 13.87
N THR O 175 -13.37 11.12 13.48
CA THR O 175 -13.92 10.87 12.14
C THR O 175 -14.25 12.20 11.51
N THR O 176 -13.48 12.60 10.51
CA THR O 176 -13.68 13.87 9.83
C THR O 176 -14.63 13.69 8.65
N TYR O 177 -15.30 14.78 8.29
CA TYR O 177 -16.25 14.77 7.18
C TYR O 177 -16.38 16.18 6.63
N TRP O 178 -16.14 16.33 5.33
CA TRP O 178 -16.31 17.62 4.66
C TRP O 178 -17.72 17.69 4.11
N ALA O 179 -18.62 18.35 4.83
CA ALA O 179 -20.00 18.51 4.38
C ALA O 179 -20.05 19.62 3.33
N GLN O 180 -20.35 19.26 2.09
CA GLN O 180 -20.38 20.19 0.98
C GLN O 180 -21.82 20.38 0.53
N VAL O 181 -22.35 21.58 0.76
CA VAL O 181 -23.69 21.91 0.27
C VAL O 181 -23.67 21.96 -1.25
N PRO O 182 -24.70 21.45 -1.93
CA PRO O 182 -24.72 21.53 -3.40
C PRO O 182 -24.64 22.96 -3.90
N GLU O 183 -23.96 23.15 -5.02
CA GLU O 183 -23.78 24.48 -5.59
C GLU O 183 -25.09 25.12 -6.06
N SER O 184 -26.16 24.34 -6.19
CA SER O 184 -27.47 24.87 -6.56
C SER O 184 -28.53 24.15 -5.76
N LEU O 185 -29.34 24.91 -5.02
CA LEU O 185 -30.42 24.36 -4.20
C LEU O 185 -31.79 24.62 -4.81
N LYS O 186 -31.85 24.94 -6.09
CA LYS O 186 -33.13 25.27 -6.72
C LYS O 186 -34.02 24.03 -6.81
N ASP O 187 -35.27 24.19 -6.38
CA ASP O 187 -36.29 23.14 -6.47
C ASP O 187 -35.82 21.84 -5.81
N LYS O 188 -35.35 21.96 -4.56
CA LYS O 188 -34.93 20.81 -3.78
C LYS O 188 -35.51 20.95 -2.38
N ASN O 189 -36.32 19.97 -1.97
CA ASN O 189 -36.86 19.98 -0.62
C ASN O 189 -35.83 19.54 0.40
N ALA O 190 -34.90 18.67 0.01
CA ALA O 190 -33.80 18.26 0.86
C ALA O 190 -32.67 17.73 -0.03
N VAL O 191 -31.44 17.99 0.38
CA VAL O 191 -30.28 17.63 -0.42
C VAL O 191 -29.41 16.61 0.29
N UNK O 192 -28.24 16.33 -0.29
CA UNK O 192 -27.29 15.39 0.28
C UNK O 192 -25.93 16.04 0.44
N LEU O 193 -25.64 16.53 1.64
CA LEU O 193 -24.38 17.22 1.91
C LEU O 193 -23.19 16.26 1.79
N GLN P 13 21.55 -6.67 53.82
CA GLN P 13 22.47 -6.11 52.84
C GLN P 13 21.99 -6.38 51.43
N VAL P 14 21.65 -7.64 51.17
CA VAL P 14 21.25 -8.05 49.82
C VAL P 14 20.00 -7.29 49.39
N GLY P 15 19.03 -7.17 50.29
CA GLY P 15 17.81 -6.45 49.97
C GLY P 15 18.04 -4.98 49.66
N ILE P 16 19.01 -4.36 50.34
CA ILE P 16 19.29 -2.95 50.12
C ILE P 16 19.82 -2.73 48.71
N GLY P 17 20.74 -3.58 48.26
CA GLY P 17 21.23 -3.47 46.89
C GLY P 17 20.15 -3.68 45.86
N THR P 18 19.14 -4.48 46.17
CA THR P 18 18.03 -4.70 45.26
C THR P 18 17.28 -3.41 44.96
N LEU P 19 17.01 -2.61 46.00
CA LEU P 19 16.24 -1.39 45.82
C LEU P 19 16.97 -0.40 44.91
N ILE P 20 18.26 -0.19 45.14
CA ILE P 20 18.99 0.84 44.37
C ILE P 20 19.01 0.49 42.90
N VAL P 21 19.27 -0.79 42.58
CA VAL P 21 19.26 -1.23 41.19
C VAL P 21 17.84 -1.14 40.61
N PHE P 22 16.83 -1.45 41.43
CA PHE P 22 15.44 -1.38 40.98
C PHE P 22 15.08 0.05 40.58
N ILE P 23 15.51 1.03 41.39
CA ILE P 23 15.27 2.44 41.03
C ILE P 23 15.93 2.76 39.71
N ALA P 24 17.18 2.30 39.53
CA ALA P 24 17.91 2.58 38.29
C ALA P 24 17.22 1.98 37.08
N MET P 25 16.71 0.75 37.20
CA MET P 25 16.03 0.10 36.08
C MET P 25 14.76 0.82 35.68
N VAL P 26 14.03 1.39 36.66
CA VAL P 26 12.86 2.19 36.36
C VAL P 26 13.26 3.43 35.56
N LEU P 27 14.30 4.13 36.02
CA LEU P 27 14.73 5.34 35.34
C LEU P 27 15.23 5.04 33.93
N VAL P 28 15.98 3.95 33.77
CA VAL P 28 16.44 3.55 32.45
C VAL P 28 15.27 3.29 31.53
N ALA P 29 14.24 2.59 32.03
CA ALA P 29 13.07 2.30 31.22
C ALA P 29 12.30 3.56 30.85
N ALA P 30 12.30 4.56 31.74
CA ALA P 30 11.69 5.84 31.40
C ALA P 30 12.46 6.55 30.31
N ILE P 31 13.79 6.44 30.33
CA ILE P 31 14.61 7.03 29.27
C ILE P 31 14.30 6.37 27.93
N ALA P 32 14.23 5.05 27.90
CA ALA P 32 13.91 4.34 26.67
C ALA P 32 12.48 4.63 26.23
N ALA P 33 11.55 4.75 27.18
CA ALA P 33 10.18 5.08 26.85
C ALA P 33 10.08 6.47 26.24
N GLY P 34 10.83 7.42 26.79
CA GLY P 34 10.79 8.78 26.26
C GLY P 34 11.26 8.87 24.82
N VAL P 35 12.34 8.16 24.49
CA VAL P 35 12.89 8.20 23.13
C VAL P 35 11.86 7.70 22.13
N LEU P 36 11.20 6.59 22.45
CA LEU P 36 10.23 6.01 21.53
C LEU P 36 9.06 6.96 21.29
N ILE P 37 8.52 7.56 22.35
CA ILE P 37 7.34 8.40 22.22
C ILE P 37 7.69 9.72 21.53
N ASN P 38 8.79 10.35 21.93
CA ASN P 38 9.16 11.62 21.32
C ASN P 38 9.50 11.45 19.84
N THR P 39 10.20 10.37 19.49
CA THR P 39 10.51 10.12 18.08
C THR P 39 9.24 9.86 17.29
N ALA P 40 8.27 9.16 17.89
CA ALA P 40 6.98 8.98 17.23
C ALA P 40 6.27 10.31 17.02
N GLY P 41 6.41 11.23 17.98
CA GLY P 41 5.82 12.55 17.82
C GLY P 41 6.44 13.31 16.67
N TYR P 42 7.77 13.21 16.51
CA TYR P 42 8.43 13.86 15.38
C TYR P 42 7.94 13.28 14.06
N LEU P 43 7.88 11.95 13.96
CA LEU P 43 7.42 11.31 12.73
C LEU P 43 5.93 11.53 12.52
N GLN P 44 5.15 11.66 13.59
CA GLN P 44 3.72 11.93 13.43
C GLN P 44 3.47 13.28 12.76
N SER P 45 4.17 14.32 13.22
CA SER P 45 4.03 15.63 12.59
C SER P 45 4.67 15.66 11.21
N LYS P 46 5.79 14.97 11.04
CA LYS P 46 6.44 14.92 9.74
C LYS P 46 5.60 14.13 8.74
N GLY P 47 5.02 13.01 9.19
CA GLY P 47 4.17 12.24 8.30
C GLY P 47 2.87 12.94 7.96
N SER P 48 2.26 13.61 8.95
CA SER P 48 1.01 14.31 8.70
C SER P 48 1.19 15.44 7.70
N ALA P 49 2.32 16.16 7.79
CA ALA P 49 2.60 17.21 6.81
C ALA P 49 2.80 16.62 5.42
N THR P 50 3.56 15.53 5.32
CA THR P 50 3.87 14.93 4.03
C THR P 50 2.61 14.57 3.26
N GLY P 51 1.63 13.99 3.95
CA GLY P 51 0.38 13.62 3.29
C GLY P 51 -0.33 14.81 2.66
N GLU P 52 -0.35 15.93 3.38
CA GLU P 52 -1.11 17.09 2.90
C GLU P 52 -0.45 17.74 1.68
N GLU P 53 0.86 17.97 1.73
CA GLU P 53 1.54 18.60 0.61
C GLU P 53 1.56 17.70 -0.62
N ALA P 54 1.74 16.39 -0.43
CA ALA P 54 1.72 15.47 -1.56
C ALA P 54 0.35 15.46 -2.24
N SER P 55 -0.72 15.49 -1.45
CA SER P 55 -2.06 15.59 -2.03
C SER P 55 -2.25 16.92 -2.74
N ALA P 56 -1.71 18.00 -2.19
CA ALA P 56 -1.81 19.31 -2.83
C ALA P 56 -1.03 19.34 -4.14
N GLN P 57 0.07 18.60 -4.22
CA GLN P 57 0.84 18.53 -5.46
C GLN P 57 0.01 17.94 -6.58
N VAL P 58 -0.83 16.94 -6.26
CA VAL P 58 -1.61 16.25 -7.27
C VAL P 58 -2.96 16.92 -7.50
N SER P 59 -3.62 17.39 -6.43
CA SER P 59 -4.99 17.87 -6.54
C SER P 59 -5.06 19.35 -6.92
N ASN P 60 -4.26 20.19 -6.26
CA ASN P 60 -4.28 21.62 -6.53
C ASN P 60 -3.59 21.91 -7.86
N ARG P 61 -4.36 22.03 -8.93
CA ARG P 61 -3.82 22.26 -10.25
C ARG P 61 -4.56 23.40 -10.95
N ILE P 62 -3.99 23.87 -12.04
CA ILE P 62 -4.49 25.01 -12.79
C ILE P 62 -4.95 24.52 -14.16
N ASN P 63 -6.14 24.95 -14.56
CA ASN P 63 -6.69 24.62 -15.87
C ASN P 63 -6.82 25.90 -16.70
N ILE P 64 -6.20 25.91 -17.87
CA ILE P 64 -6.22 27.07 -18.74
C ILE P 64 -7.47 26.98 -19.62
N VAL P 65 -8.45 27.83 -19.34
CA VAL P 65 -9.71 27.78 -20.06
C VAL P 65 -9.53 28.24 -21.51
N SER P 66 -8.79 29.33 -21.71
CA SER P 66 -8.64 29.90 -23.04
C SER P 66 -7.32 30.66 -23.11
N ALA P 67 -6.93 31.02 -24.32
CA ALA P 67 -5.69 31.76 -24.57
C ALA P 67 -5.92 32.70 -25.74
N TYR P 68 -6.20 33.97 -25.43
CA TYR P 68 -6.33 35.01 -26.44
C TYR P 68 -5.13 35.94 -26.37
N GLY P 69 -5.09 36.91 -27.28
CA GLY P 69 -4.00 37.87 -27.31
C GLY P 69 -4.34 39.07 -28.14
N ASN P 70 -3.68 40.19 -27.83
CA ASN P 70 -3.87 41.42 -28.57
C ASN P 70 -3.05 41.39 -29.87
N VAL P 71 -3.39 42.30 -30.77
CA VAL P 71 -2.67 42.42 -32.04
C VAL P 71 -2.31 43.88 -32.30
N UNK P 72 -1.02 44.13 -32.51
CA UNK P 72 -0.55 45.47 -32.86
C UNK P 72 0.13 45.44 -34.23
N UNK P 73 -0.31 46.33 -35.12
CA UNK P 73 0.22 46.39 -36.48
C UNK P 73 0.07 45.04 -37.19
N UNK P 74 0.97 44.11 -36.87
CA UNK P 74 0.92 42.77 -37.44
C UNK P 74 1.65 41.78 -36.54
N UNK P 75 1.65 42.07 -35.24
CA UNK P 75 2.35 41.22 -34.27
C UNK P 75 1.60 41.17 -32.93
N VAL P 76 1.57 39.98 -32.34
CA VAL P 76 0.91 39.78 -31.05
C VAL P 76 1.79 40.28 -29.92
N ASP P 77 1.39 41.38 -29.29
CA ASP P 77 2.16 42.00 -28.22
C ASP P 77 1.65 41.63 -26.83
N TYR P 78 0.64 40.76 -26.74
CA TYR P 78 0.08 40.38 -25.45
C TYR P 78 -0.36 38.93 -25.50
N VAL P 79 0.03 38.15 -24.49
CA VAL P 79 -0.41 36.79 -24.33
C VAL P 79 -1.18 36.72 -23.02
N ASN P 80 -2.50 36.51 -23.11
CA ASN P 80 -3.36 36.44 -21.94
C ASN P 80 -3.93 35.04 -21.79
N LEU P 81 -3.92 34.53 -20.57
CA LEU P 81 -4.44 33.20 -20.26
C LEU P 81 -5.53 33.32 -19.22
N THR P 82 -6.66 32.65 -19.47
CA THR P 82 -7.72 32.53 -18.47
C THR P 82 -7.52 31.21 -17.74
N VAL P 83 -7.35 31.27 -16.42
CA VAL P 83 -7.03 30.10 -15.62
C VAL P 83 -8.14 29.85 -14.60
N ARG P 84 -8.26 28.60 -14.19
CA ARG P 84 -9.26 28.19 -13.20
C ARG P 84 -8.72 26.98 -12.45
N GLN P 85 -9.34 26.68 -11.30
CA GLN P 85 -8.96 25.51 -10.53
C GLN P 85 -9.27 24.24 -11.29
N ALA P 86 -8.52 23.18 -10.99
CA ALA P 86 -8.83 21.85 -11.49
C ALA P 86 -9.91 21.25 -10.60
N ALA P 87 -10.25 19.98 -10.84
CA ALA P 87 -11.26 19.32 -10.02
C ALA P 87 -10.76 19.11 -8.59
N GLY P 88 -11.58 19.49 -7.63
CA GLY P 88 -11.26 19.29 -6.23
C GLY P 88 -9.97 19.94 -5.78
N ALA P 89 -9.79 21.22 -6.09
CA ALA P 89 -8.59 21.95 -5.74
C ALA P 89 -8.88 22.98 -4.66
N ASP P 90 -7.84 23.29 -3.88
CA ASP P 90 -7.93 24.27 -2.80
C ASP P 90 -7.64 25.67 -3.35
N ASN P 91 -7.43 26.63 -2.46
CA ASN P 91 -7.07 27.97 -2.89
C ASN P 91 -5.75 27.95 -3.64
N ILE P 92 -5.67 28.69 -4.74
CA ILE P 92 -4.49 28.72 -5.60
C ILE P 92 -4.04 30.17 -5.72
N ASN P 93 -3.06 30.56 -4.91
CA ASN P 93 -2.46 31.88 -5.04
C ASN P 93 -1.65 31.94 -6.32
N LEU P 94 -1.96 32.90 -7.18
CA LEU P 94 -1.27 33.04 -8.46
C LEU P 94 -0.06 33.96 -8.34
N UNK P 95 0.40 34.18 -7.11
CA UNK P 95 1.58 34.99 -6.88
C UNK P 95 2.77 34.10 -6.58
N LYS P 96 2.49 32.92 -6.01
CA LYS P 96 3.53 31.96 -5.69
C LYS P 96 3.70 30.94 -6.82
N SER P 97 3.14 31.25 -7.98
CA SER P 97 3.25 30.40 -9.16
C SER P 97 4.27 30.97 -10.13
N THR P 98 4.76 30.11 -11.01
CA THR P 98 5.75 30.48 -12.01
C THR P 98 5.31 29.96 -13.37
N ILE P 99 5.69 30.69 -14.42
CA ILE P 99 5.37 30.33 -15.79
C ILE P 99 6.68 30.28 -16.58
N GLN P 100 6.89 29.17 -17.29
CA GLN P 100 8.07 29.02 -18.12
C GLN P 100 7.73 29.39 -19.56
N TRP P 101 8.54 30.27 -20.15
CA TRP P 101 8.32 30.77 -21.51
C TRP P 101 9.42 30.22 -22.41
N ILE P 102 9.10 29.16 -23.14
CA ILE P 102 10.01 28.60 -24.14
C ILE P 102 9.50 29.11 -25.48
N GLY P 103 10.01 30.26 -25.90
CA GLY P 103 9.59 30.87 -27.15
C GLY P 103 10.57 30.62 -28.27
N PRO P 104 10.24 31.13 -29.47
CA PRO P 104 11.15 30.95 -30.61
C PRO P 104 12.51 31.60 -30.41
N ASP P 105 12.58 32.72 -29.69
CA ASP P 105 13.83 33.43 -29.50
C ASP P 105 14.45 33.21 -28.13
N UNK P 106 13.62 33.25 -27.09
CA UNK P 106 14.12 33.18 -25.73
C UNK P 106 13.57 32.00 -24.94
N ALA P 107 14.09 31.82 -23.73
CA ALA P 107 13.65 30.77 -22.82
C ALA P 107 13.92 31.19 -21.39
N THR P 108 12.84 31.48 -20.64
CA THR P 108 12.98 31.99 -19.29
C THR P 108 11.75 31.63 -18.48
N THR P 109 11.88 31.77 -17.16
CA THR P 109 10.79 31.54 -16.22
C THR P 109 10.23 32.88 -15.78
N LEU P 110 8.90 33.02 -15.85
CA LEU P 110 8.23 34.26 -15.52
C LEU P 110 7.69 34.20 -14.10
N THR P 111 7.96 35.24 -13.32
CA THR P 111 7.50 35.35 -11.95
C THR P 111 6.37 36.38 -11.89
N TYR P 112 5.87 36.65 -10.69
CA TYR P 112 4.79 37.61 -10.52
C TYR P 112 5.31 39.05 -10.41
N UNK P 113 4.49 39.99 -10.85
CA UNK P 113 4.80 41.41 -10.69
C UNK P 113 3.60 42.18 -10.16
N UNK P 114 3.49 43.45 -10.53
CA UNK P 114 2.37 44.27 -10.11
C UNK P 114 2.15 45.43 -11.07
N UNK P 115 1.16 45.29 -11.94
CA UNK P 115 0.82 46.30 -12.94
C UNK P 115 2.02 46.67 -13.82
N UNK P 120 4.01 42.59 -17.82
CA UNK P 120 5.08 43.45 -17.32
C UNK P 120 6.22 43.54 -18.33
N UNK P 121 7.37 42.99 -17.96
CA UNK P 121 8.54 42.99 -18.83
C UNK P 121 9.17 41.60 -18.87
N GLU P 122 9.53 41.08 -17.71
CA GLU P 122 10.09 39.74 -17.60
C GLU P 122 9.23 38.90 -16.66
N ASN P 123 8.17 39.51 -16.14
CA ASN P 123 7.22 38.87 -15.25
C ASN P 123 5.85 38.80 -15.93
N PHE P 124 4.85 38.35 -15.16
CA PHE P 124 3.48 38.30 -15.62
C PHE P 124 2.57 38.95 -14.60
N THR P 125 1.44 39.48 -15.08
CA THR P 125 0.45 40.15 -14.24
C THR P 125 -0.86 39.39 -14.32
N THR P 126 -1.54 39.27 -13.18
CA THR P 126 -2.81 38.55 -13.12
C THR P 126 -3.97 39.46 -12.75
N UNK P 127 -4.81 39.78 -13.74
CA UNK P 127 -6.00 40.58 -13.50
C UNK P 127 -7.22 39.67 -13.39
N SER P 128 -8.19 40.07 -12.57
CA SER P 128 -9.36 39.24 -12.31
C SER P 128 -10.40 39.33 -13.42
N ILE P 129 -10.97 38.19 -13.77
CA ILE P 129 -12.08 38.12 -14.74
C ILE P 129 -13.42 37.99 -14.04
N LYS P 130 -13.51 37.10 -13.05
CA LYS P 130 -14.75 36.90 -12.30
C LYS P 130 -14.39 36.42 -10.91
N GLY P 131 -14.76 37.18 -9.89
CA GLY P 131 -14.47 36.81 -8.52
C GLY P 131 -14.02 37.98 -7.66
N UNK P 132 -13.79 37.71 -6.38
CA UNK P 132 -13.37 38.75 -5.45
C UNK P 132 -11.85 38.99 -5.52
N UNK P 133 -11.08 37.96 -5.24
CA UNK P 133 -9.63 38.06 -5.27
C UNK P 133 -9.12 38.20 -6.70
N UNK P 134 -8.06 38.98 -6.87
CA UNK P 134 -7.49 39.20 -8.20
C UNK P 134 -6.16 38.47 -8.34
N UNK P 135 -5.85 37.62 -7.36
CA UNK P 135 -4.60 36.87 -7.38
C UNK P 135 -4.82 35.47 -6.82
N VAL P 136 -5.98 35.25 -6.21
CA VAL P 136 -6.28 33.97 -5.59
C VAL P 136 -7.53 33.35 -6.21
N LEU P 137 -7.49 32.05 -6.44
CA LEU P 137 -8.65 31.27 -6.90
C LEU P 137 -9.27 30.58 -5.68
N VAL P 138 -10.35 31.15 -5.18
CA VAL P 138 -10.97 30.65 -3.96
C VAL P 138 -11.92 29.51 -4.27
N ASP P 139 -12.94 29.79 -5.08
CA ASP P 139 -13.99 28.83 -5.39
C ASP P 139 -13.71 28.19 -6.76
N GLN P 140 -14.67 27.38 -7.22
CA GLN P 140 -14.54 26.72 -8.51
C GLN P 140 -14.95 27.61 -9.67
N SER P 141 -15.68 28.69 -9.40
CA SER P 141 -16.22 29.55 -10.44
C SER P 141 -15.53 30.92 -10.50
N ASP P 142 -14.22 30.96 -10.25
CA ASP P 142 -13.45 32.19 -10.38
C ASP P 142 -12.46 32.05 -11.53
N ARG P 143 -12.40 33.08 -12.37
CA ARG P 143 -11.49 33.12 -13.51
C ARG P 143 -10.56 34.32 -13.36
N ILE P 144 -9.27 34.10 -13.60
CA ILE P 144 -8.26 35.15 -13.52
C ILE P 144 -7.48 35.17 -14.82
N LYS P 145 -7.25 36.38 -15.34
CA LYS P 145 -6.53 36.57 -16.59
C LYS P 145 -5.06 36.84 -16.32
N VAL P 146 -4.19 35.97 -16.81
CA VAL P 146 -2.75 36.13 -16.62
C VAL P 146 -2.18 36.82 -17.86
N ILE P 147 -1.58 37.98 -17.67
CA ILE P 147 -1.11 38.83 -18.77
C ILE P 147 0.40 38.69 -18.90
N MET P 148 0.86 38.49 -20.13
CA MET P 148 2.29 38.46 -20.44
C MET P 148 2.54 39.41 -21.60
N TYR P 149 3.54 40.28 -21.46
CA TYR P 149 3.91 41.22 -22.52
C TYR P 149 4.91 40.52 -23.43
N ALA P 150 4.45 40.07 -24.59
CA ALA P 150 5.28 39.32 -25.52
C ALA P 150 6.38 40.18 -26.12
N UNK P 151 6.17 41.48 -26.16
CA UNK P 151 7.15 42.41 -26.72
C UNK P 151 8.14 42.88 -25.66
N UNK P 152 8.43 42.01 -24.69
CA UNK P 152 9.38 42.33 -23.64
C UNK P 152 10.07 41.07 -23.12
N VAL P 153 9.33 39.96 -23.10
CA VAL P 153 9.87 38.69 -22.66
C VAL P 153 10.87 38.17 -23.68
N UNK P 154 10.71 38.61 -24.92
CA UNK P 154 11.60 38.21 -26.01
C UNK P 154 11.46 39.16 -27.18
N UNK P 155 10.47 38.90 -28.02
CA UNK P 155 10.18 39.75 -29.17
C UNK P 155 8.71 39.60 -29.55
N UNK P 156 8.20 40.53 -30.34
CA UNK P 156 6.81 40.48 -30.78
C UNK P 156 6.55 39.23 -31.60
N LEU P 157 5.52 38.49 -31.23
CA LEU P 157 5.19 37.23 -31.88
C LEU P 157 4.69 37.46 -33.30
N UNK P 158 5.32 36.80 -34.27
CA UNK P 158 4.94 36.92 -35.66
C UNK P 158 3.88 35.88 -36.04
N UNK P 159 3.51 35.85 -37.32
CA UNK P 159 2.49 34.93 -37.80
C UNK P 159 3.03 33.51 -37.89
N GLY P 160 2.58 32.66 -36.99
CA GLY P 160 3.00 31.26 -36.98
C GLY P 160 3.93 30.91 -35.84
N UNK P 161 4.27 31.91 -35.04
CA UNK P 161 5.15 31.70 -33.90
C UNK P 161 4.45 30.84 -32.84
N GLU P 162 5.20 29.92 -32.24
CA GLU P 162 4.65 29.04 -31.23
C GLU P 162 5.45 29.16 -29.93
N VAL P 163 4.72 29.38 -28.83
CA VAL P 163 5.32 29.51 -27.50
C VAL P 163 4.73 28.43 -26.61
N GLN P 164 5.60 27.67 -25.96
CA GLN P 164 5.19 26.61 -25.04
C GLN P 164 5.20 27.18 -23.63
N LEU P 165 4.07 27.11 -22.95
CA LEU P 165 3.91 27.65 -21.61
C LEU P 165 3.54 26.54 -20.64
N THR P 166 4.29 26.43 -19.55
CA THR P 166 3.96 25.52 -18.45
C THR P 166 3.79 26.36 -17.18
N VAL P 167 2.62 26.25 -16.58
CA VAL P 167 2.32 26.98 -15.35
C VAL P 167 2.54 26.04 -14.17
N THR P 168 3.37 26.46 -13.23
CA THR P 168 3.72 25.62 -12.08
C THR P 168 3.10 26.23 -10.83
N THR P 169 2.23 25.47 -10.18
CA THR P 169 1.65 25.87 -8.91
C THR P 169 2.70 25.75 -7.81
N GLN P 170 2.49 26.51 -6.72
CA GLN P 170 3.46 26.56 -5.63
C GLN P 170 3.87 25.17 -5.16
N TYR P 171 2.90 24.27 -4.99
CA TYR P 171 3.21 22.92 -4.51
C TYR P 171 4.02 22.14 -5.53
N GLY P 172 3.96 22.51 -6.79
CA GLY P 172 4.78 21.86 -7.81
C GLY P 172 3.97 21.36 -8.98
N SER P 173 2.65 21.47 -8.89
CA SER P 173 1.79 21.00 -9.95
C SER P 173 2.01 21.80 -11.22
N LYS P 174 2.20 21.08 -12.33
CA LYS P 174 2.55 21.69 -13.60
C LYS P 174 1.41 21.51 -14.60
N THR P 175 1.08 22.58 -15.31
CA THR P 175 0.10 22.54 -16.39
C THR P 175 0.74 23.16 -17.62
N THR P 176 0.82 22.38 -18.69
CA THR P 176 1.50 22.81 -19.92
C THR P 176 0.46 23.20 -20.97
N TYR P 177 0.65 24.38 -21.56
CA TYR P 177 -0.20 24.86 -22.64
C TYR P 177 0.69 25.32 -23.78
N TRP P 178 0.48 24.73 -24.96
CA TRP P 178 1.23 25.11 -26.16
C TRP P 178 0.46 26.21 -26.88
N ALA P 179 0.98 27.44 -26.81
CA ALA P 179 0.34 28.58 -27.45
C ALA P 179 0.90 28.76 -28.86
N GLN P 180 0.02 28.81 -29.85
CA GLN P 180 0.40 28.95 -31.25
C GLN P 180 -0.31 30.14 -31.85
N VAL P 181 0.45 31.13 -32.27
CA VAL P 181 -0.12 32.31 -32.93
C VAL P 181 -0.71 31.89 -34.28
N PRO P 182 -1.85 32.43 -34.70
CA PRO P 182 -2.42 32.03 -35.99
C PRO P 182 -1.45 32.28 -37.14
N GLU P 183 -1.51 31.39 -38.14
CA GLU P 183 -0.59 31.46 -39.27
C GLU P 183 -0.74 32.76 -40.03
N SER P 184 -1.92 33.38 -40.00
CA SER P 184 -2.17 34.65 -40.67
C SER P 184 -2.86 35.59 -39.70
N LEU P 185 -2.34 36.82 -39.59
CA LEU P 185 -2.89 37.84 -38.71
C LEU P 185 -3.37 39.04 -39.52
N LYS P 186 -4.02 38.80 -40.65
CA LYS P 186 -4.50 39.87 -41.50
C LYS P 186 -5.72 40.54 -40.88
N ASP P 187 -5.54 41.79 -40.44
CA ASP P 187 -6.62 42.67 -40.01
C ASP P 187 -7.50 42.01 -38.95
N LYS P 188 -6.84 41.47 -37.93
CA LYS P 188 -7.51 40.88 -36.78
C LYS P 188 -7.15 41.68 -35.55
N ASN P 189 -8.17 42.27 -34.91
CA ASN P 189 -7.91 43.08 -33.72
C ASN P 189 -7.33 42.23 -32.59
N ALA P 190 -7.85 41.01 -32.41
CA ALA P 190 -7.31 40.09 -31.44
C ALA P 190 -7.43 38.67 -31.99
N VAL P 191 -6.56 37.80 -31.51
CA VAL P 191 -6.51 36.42 -32.01
C VAL P 191 -6.57 35.44 -30.85
N UNK P 192 -7.11 34.26 -31.13
CA UNK P 192 -7.18 33.19 -30.14
C UNK P 192 -5.95 32.30 -30.25
N LEU P 193 -4.98 32.53 -29.38
CA LEU P 193 -3.75 31.75 -29.38
C LEU P 193 -4.02 30.30 -29.03
N GLN Q 13 31.47 -8.54 67.11
CA GLN Q 13 32.21 -8.34 65.88
C GLN Q 13 31.31 -8.55 64.66
N VAL Q 14 30.24 -9.32 64.84
CA VAL Q 14 29.32 -9.58 63.73
C VAL Q 14 28.64 -8.30 63.30
N GLY Q 15 28.28 -7.45 64.26
CA GLY Q 15 27.70 -6.16 63.91
C GLY Q 15 28.68 -5.28 63.16
N ILE Q 16 29.96 -5.31 63.56
CA ILE Q 16 30.97 -4.52 62.88
C ILE Q 16 31.14 -4.99 61.44
N GLY Q 17 31.20 -6.30 61.23
CA GLY Q 17 31.38 -6.82 59.89
C GLY Q 17 30.21 -6.51 58.98
N THR Q 18 28.99 -6.54 59.53
CA THR Q 18 27.81 -6.25 58.73
C THR Q 18 27.83 -4.80 58.22
N LEU Q 19 28.24 -3.87 59.07
CA LEU Q 19 28.25 -2.46 58.69
C LEU Q 19 29.25 -2.18 57.58
N ILE Q 20 30.43 -2.81 57.64
CA ILE Q 20 31.46 -2.54 56.64
C ILE Q 20 31.05 -3.11 55.28
N VAL Q 21 30.50 -4.32 55.28
CA VAL Q 21 30.03 -4.92 54.03
C VAL Q 21 28.81 -4.17 53.50
N PHE Q 22 27.99 -3.63 54.40
CA PHE Q 22 26.84 -2.82 53.98
C PHE Q 22 27.28 -1.65 53.12
N ILE Q 23 28.35 -0.96 53.52
CA ILE Q 23 28.85 0.17 52.74
C ILE Q 23 29.31 -0.30 51.37
N ALA Q 24 29.97 -1.45 51.31
CA ALA Q 24 30.49 -1.96 50.03
C ALA Q 24 29.36 -2.29 49.06
N MET Q 25 28.30 -2.94 49.54
CA MET Q 25 27.20 -3.32 48.65
C MET Q 25 26.44 -2.10 48.16
N VAL Q 26 26.33 -1.06 48.99
CA VAL Q 26 25.69 0.18 48.55
C VAL Q 26 26.50 0.82 47.44
N LEU Q 27 27.84 0.85 47.60
CA LEU Q 27 28.69 1.45 46.58
C LEU Q 27 28.64 0.67 45.27
N VAL Q 28 28.63 -0.66 45.36
CA VAL Q 28 28.56 -1.48 44.15
C VAL Q 28 27.24 -1.28 43.43
N ALA Q 29 26.15 -1.14 44.18
CA ALA Q 29 24.85 -0.88 43.56
C ALA Q 29 24.85 0.45 42.83
N ALA Q 30 25.54 1.46 43.37
CA ALA Q 30 25.67 2.72 42.68
C ALA Q 30 26.47 2.58 41.38
N ILE Q 31 27.53 1.76 41.40
CA ILE Q 31 28.33 1.56 40.20
C ILE Q 31 27.50 0.91 39.11
N ALA Q 32 26.74 -0.14 39.47
CA ALA Q 32 25.87 -0.80 38.50
C ALA Q 32 24.77 0.15 38.03
N ALA Q 33 24.21 0.94 38.94
CA ALA Q 33 23.18 1.90 38.56
C ALA Q 33 23.73 2.94 37.60
N GLY Q 34 24.96 3.41 37.84
CA GLY Q 34 25.56 4.39 36.95
C GLY Q 34 25.72 3.86 35.54
N VAL Q 35 26.17 2.61 35.40
CA VAL Q 35 26.41 2.05 34.07
C VAL Q 35 25.11 1.95 33.27
N LEU Q 36 24.03 1.53 33.92
CA LEU Q 36 22.76 1.36 33.22
C LEU Q 36 22.25 2.69 32.66
N ILE Q 37 22.20 3.72 33.51
CA ILE Q 37 21.64 5.00 33.08
C ILE Q 37 22.58 5.70 32.11
N ASN Q 38 23.89 5.66 32.37
CA ASN Q 38 24.82 6.32 31.47
C ASN Q 38 24.84 5.69 30.10
N THR Q 39 24.76 4.36 30.03
CA THR Q 39 24.69 3.70 28.73
C THR Q 39 23.36 3.99 28.04
N ALA Q 40 22.27 4.04 28.82
CA ALA Q 40 20.98 4.39 28.24
C ALA Q 40 20.96 5.84 27.75
N GLY Q 41 21.67 6.73 28.44
CA GLY Q 41 21.76 8.10 27.97
C GLY Q 41 22.49 8.22 26.65
N TYR Q 42 23.53 7.40 26.45
CA TYR Q 42 24.24 7.41 25.18
C TYR Q 42 23.34 6.94 24.05
N LEU Q 43 22.57 5.88 24.29
CA LEU Q 43 21.65 5.40 23.27
C LEU Q 43 20.46 6.33 23.09
N GLN Q 44 20.13 7.12 24.12
CA GLN Q 44 19.05 8.10 23.97
C GLN Q 44 19.41 9.13 22.91
N SER Q 45 20.62 9.68 22.99
CA SER Q 45 21.06 10.63 21.98
C SER Q 45 21.35 9.94 20.65
N LYS Q 46 21.90 8.73 20.71
CA LYS Q 46 22.14 7.96 19.48
C LYS Q 46 20.84 7.59 18.80
N GLY Q 47 19.84 7.16 19.57
CA GLY Q 47 18.55 6.83 18.97
C GLY Q 47 17.82 8.04 18.44
N SER Q 48 17.85 9.16 19.18
CA SER Q 48 17.20 10.38 18.73
C SER Q 48 17.83 10.90 17.44
N ALA Q 49 19.15 10.90 17.38
CA ALA Q 49 19.85 11.36 16.19
C ALA Q 49 19.51 10.48 14.99
N THR Q 50 19.49 9.17 15.18
CA THR Q 50 19.21 8.25 14.08
C THR Q 50 17.83 8.51 13.47
N GLY Q 51 16.85 8.84 14.32
CA GLY Q 51 15.51 9.10 13.81
C GLY Q 51 15.44 10.32 12.92
N GLU Q 52 16.15 11.38 13.27
CA GLU Q 52 16.08 12.62 12.49
C GLU Q 52 16.72 12.45 11.13
N GLU Q 53 17.94 11.89 11.07
CA GLU Q 53 18.64 11.77 9.81
C GLU Q 53 17.95 10.76 8.88
N ALA Q 54 17.43 9.67 9.44
CA ALA Q 54 16.73 8.70 8.61
C ALA Q 54 15.48 9.31 7.99
N SER Q 55 14.73 10.09 8.76
CA SER Q 55 13.57 10.80 8.20
C SER Q 55 14.01 11.82 7.16
N ALA Q 56 15.13 12.50 7.41
CA ALA Q 56 15.65 13.46 6.44
C ALA Q 56 16.05 12.78 5.14
N GLN Q 57 16.64 11.59 5.23
CA GLN Q 57 17.04 10.88 4.03
C GLN Q 57 15.84 10.51 3.18
N VAL Q 58 14.70 10.19 3.81
CA VAL Q 58 13.53 9.75 3.07
C VAL Q 58 12.70 10.94 2.58
N SER Q 59 12.55 11.99 3.40
CA SER Q 59 11.67 13.10 3.08
C SER Q 59 12.39 14.25 2.37
N ASN Q 60 13.57 14.65 2.86
CA ASN Q 60 14.24 15.82 2.32
C ASN Q 60 14.87 15.51 0.96
N ARG Q 61 14.09 15.67 -0.10
CA ARG Q 61 14.55 15.44 -1.46
C ARG Q 61 14.05 16.53 -2.37
N ILE Q 62 14.74 16.71 -3.49
CA ILE Q 62 14.40 17.74 -4.47
C ILE Q 62 13.61 17.11 -5.60
N ASN Q 63 12.76 17.92 -6.22
CA ASN Q 63 12.00 17.53 -7.40
C ASN Q 63 12.39 18.43 -8.56
N ILE Q 64 12.70 17.83 -9.70
CA ILE Q 64 13.19 18.57 -10.87
C ILE Q 64 11.98 18.94 -11.71
N VAL Q 65 11.59 20.21 -11.64
CA VAL Q 65 10.40 20.67 -12.36
C VAL Q 65 10.62 20.58 -13.87
N SER Q 66 11.77 21.06 -14.35
CA SER Q 66 12.02 21.14 -15.77
C SER Q 66 13.52 21.15 -16.01
N ALA Q 67 13.89 20.95 -17.28
CA ALA Q 67 15.30 20.96 -17.66
C ALA Q 67 15.38 21.47 -19.10
N TYR Q 68 15.76 22.73 -19.26
CA TYR Q 68 15.96 23.35 -20.56
C TYR Q 68 17.43 23.72 -20.73
N GLY Q 69 17.84 23.91 -21.98
CA GLY Q 69 19.23 24.19 -22.28
C GLY Q 69 19.45 25.18 -23.40
N ASN Q 70 20.44 26.05 -23.24
CA ASN Q 70 20.80 27.00 -24.28
C ASN Q 70 21.45 26.29 -25.45
N VAL Q 71 21.25 26.83 -26.65
CA VAL Q 71 21.79 26.23 -27.86
C VAL Q 71 22.75 27.18 -28.56
N UNK Q 72 23.95 26.70 -28.86
CA UNK Q 72 24.93 27.47 -29.62
C UNK Q 72 25.29 26.73 -30.91
N UNK Q 73 25.33 27.45 -32.02
CA UNK Q 73 25.61 26.88 -33.33
C UNK Q 73 24.67 25.73 -33.67
N UNK Q 74 24.96 24.55 -33.13
CA UNK Q 74 24.12 23.37 -33.36
C UNK Q 74 24.35 22.32 -32.27
N UNK Q 75 24.63 22.80 -31.05
CA UNK Q 75 24.88 21.90 -29.93
C UNK Q 75 24.51 22.56 -28.61
N VAL Q 76 23.83 21.79 -27.75
CA VAL Q 76 23.41 22.30 -26.44
C VAL Q 76 24.62 22.42 -25.52
N ASP Q 77 24.96 23.65 -25.14
CA ASP Q 77 26.14 23.88 -24.31
C ASP Q 77 25.83 24.02 -22.83
N TYR Q 78 24.61 24.44 -22.47
CA TYR Q 78 24.22 24.61 -21.08
C TYR Q 78 23.07 23.67 -20.76
N VAL Q 79 23.08 23.14 -19.54
CA VAL Q 79 22.00 22.28 -19.06
C VAL Q 79 21.52 22.89 -17.75
N ASN Q 80 20.30 23.44 -17.76
CA ASN Q 80 19.73 24.12 -16.61
C ASN Q 80 18.55 23.31 -16.08
N LEU Q 81 18.61 22.96 -14.80
CA LEU Q 81 17.57 22.17 -14.14
C LEU Q 81 16.92 22.99 -13.04
N THR Q 82 15.60 23.13 -13.10
CA THR Q 82 14.84 23.84 -12.08
C THR Q 82 14.38 22.85 -11.02
N VAL Q 83 14.88 23.02 -9.79
CA VAL Q 83 14.61 22.07 -8.72
C VAL Q 83 13.78 22.76 -7.64
N ARG Q 84 13.03 21.96 -6.90
CA ARG Q 84 12.16 22.46 -5.85
C ARG Q 84 12.07 21.43 -4.73
N GLN Q 85 11.54 21.87 -3.59
CA GLN Q 85 11.31 20.95 -2.48
C GLN Q 85 10.23 19.94 -2.84
N ALA Q 86 10.36 18.75 -2.26
CA ALA Q 86 9.34 17.72 -2.40
C ALA Q 86 8.27 17.93 -1.33
N ALA Q 87 7.35 16.99 -1.20
CA ALA Q 87 6.30 17.12 -0.20
C ALA Q 87 6.84 16.86 1.20
N GLY Q 88 6.49 17.75 2.13
CA GLY Q 88 6.93 17.58 3.51
C GLY Q 88 8.43 17.54 3.69
N ALA Q 89 9.15 18.45 3.04
CA ALA Q 89 10.61 18.51 3.13
C ALA Q 89 11.04 19.74 3.91
N ASP Q 90 12.24 19.66 4.47
CA ASP Q 90 12.84 20.77 5.20
C ASP Q 90 13.86 21.47 4.29
N ASN Q 91 14.61 22.40 4.86
CA ASN Q 91 15.58 23.16 4.08
C ASN Q 91 16.58 22.23 3.41
N ILE Q 92 16.82 22.46 2.13
CA ILE Q 92 17.77 21.66 1.35
C ILE Q 92 18.84 22.62 0.83
N ASN Q 93 20.07 22.44 1.31
CA ASN Q 93 21.20 23.23 0.83
C ASN Q 93 21.78 22.54 -0.39
N LEU Q 94 21.65 23.18 -1.55
CA LEU Q 94 22.12 22.61 -2.80
C LEU Q 94 23.64 22.73 -2.91
N UNK Q 95 24.25 23.37 -1.93
CA UNK Q 95 25.69 23.50 -1.88
C UNK Q 95 26.32 22.21 -1.39
N LYS Q 96 25.61 21.51 -0.50
CA LYS Q 96 26.10 20.26 0.07
C LYS Q 96 25.61 19.07 -0.75
N SER Q 97 24.83 19.34 -1.79
CA SER Q 97 24.38 18.30 -2.69
C SER Q 97 25.41 18.04 -3.78
N THR Q 98 25.30 16.87 -4.41
CA THR Q 98 26.17 16.49 -5.52
C THR Q 98 25.32 15.94 -6.65
N ILE Q 99 25.81 16.10 -7.88
CA ILE Q 99 25.13 15.64 -9.07
C ILE Q 99 26.07 14.72 -9.83
N GLN Q 100 25.57 13.57 -10.25
CA GLN Q 100 26.36 12.59 -11.00
C GLN Q 100 25.98 12.67 -12.47
N TRP Q 101 26.96 12.97 -13.32
CA TRP Q 101 26.76 13.18 -14.75
C TRP Q 101 27.26 11.95 -15.49
N ILE Q 102 26.35 11.22 -16.13
CA ILE Q 102 26.70 10.10 -16.99
C ILE Q 102 26.20 10.44 -18.39
N GLY Q 103 27.11 10.82 -19.27
CA GLY Q 103 26.77 11.18 -20.62
C GLY Q 103 27.42 10.28 -21.65
N PRO Q 104 27.37 10.68 -22.93
CA PRO Q 104 27.95 9.84 -23.98
C PRO Q 104 29.47 9.76 -23.92
N ASP Q 105 30.14 10.77 -23.40
CA ASP Q 105 31.60 10.78 -23.37
C ASP Q 105 32.17 10.66 -21.96
N UNK Q 106 31.56 11.35 -21.01
CA UNK Q 106 32.08 11.39 -19.65
C UNK Q 106 31.17 10.71 -18.65
N ALA Q 107 31.68 10.51 -17.44
CA ALA Q 107 30.92 9.90 -16.36
C ALA Q 107 31.55 10.25 -15.01
N THR Q 108 31.32 11.47 -14.56
CA THR Q 108 31.90 11.99 -13.32
C THR Q 108 30.80 12.44 -12.37
N THR Q 109 31.21 13.04 -11.26
CA THR Q 109 30.30 13.57 -10.25
C THR Q 109 30.56 15.06 -10.09
N LEU Q 110 29.50 15.86 -10.20
CA LEU Q 110 29.61 17.31 -10.19
C LEU Q 110 29.33 17.84 -8.78
N THR Q 111 30.24 18.64 -8.26
CA THR Q 111 30.08 19.31 -6.97
C THR Q 111 29.73 20.77 -7.21
N TYR Q 112 29.66 21.54 -6.12
CA TYR Q 112 29.28 22.95 -6.19
C TYR Q 112 30.51 23.82 -6.44
N UNK Q 113 30.34 24.87 -7.25
CA UNK Q 113 31.40 25.86 -7.47
C UNK Q 113 30.87 27.27 -7.29
N UNK Q 114 31.40 28.20 -8.08
CA UNK Q 114 30.98 29.58 -8.03
C UNK Q 114 31.41 30.32 -9.30
N UNK Q 115 30.45 30.62 -10.17
CA UNK Q 115 30.70 31.30 -11.44
C UNK Q 115 31.76 30.59 -12.27
N UNK Q 120 30.03 25.86 -14.40
CA UNK Q 120 31.46 26.01 -14.22
C UNK Q 120 32.22 25.17 -15.25
N UNK Q 121 33.10 24.29 -14.79
CA UNK Q 121 33.87 23.42 -15.67
C UNK Q 121 33.49 21.96 -15.44
N GLU Q 122 33.80 21.47 -14.24
CA GLU Q 122 33.47 20.10 -13.87
C GLU Q 122 32.57 20.10 -12.63
N ASN Q 123 32.07 21.29 -12.28
CA ASN Q 123 31.15 21.49 -11.16
C ASN Q 123 29.83 22.03 -11.66
N PHE Q 124 28.92 22.37 -10.75
CA PHE Q 124 27.64 22.98 -11.12
C PHE Q 124 27.39 24.22 -10.26
N THR Q 125 26.69 25.17 -10.84
CA THR Q 125 26.33 26.41 -10.17
C THR Q 125 24.82 26.52 -10.04
N THR Q 126 24.38 27.19 -8.97
CA THR Q 126 22.95 27.35 -8.74
C THR Q 126 22.53 28.82 -8.74
N UNK Q 127 21.56 29.15 -9.59
CA UNK Q 127 21.02 30.50 -9.64
C UNK Q 127 19.55 30.47 -9.21
N SER Q 128 19.14 31.46 -8.44
CA SER Q 128 17.79 31.49 -7.89
C SER Q 128 16.75 32.02 -8.87
N ILE Q 129 15.65 31.30 -9.00
CA ILE Q 129 14.51 31.73 -9.81
C ILE Q 129 13.45 32.39 -8.96
N LYS Q 130 13.05 31.75 -7.87
CA LYS Q 130 12.11 32.33 -6.92
C LYS Q 130 12.59 32.04 -5.51
N GLY Q 131 12.39 33.02 -4.63
CA GLY Q 131 12.81 32.89 -3.25
C GLY Q 131 13.86 33.92 -2.85
N UNK Q 132 14.50 33.70 -1.71
CA UNK Q 132 15.51 34.61 -1.21
C UNK Q 132 16.92 34.04 -1.38
N UNK Q 133 17.12 32.82 -0.93
CA UNK Q 133 18.42 32.16 -1.03
C UNK Q 133 18.66 31.63 -2.43
N UNK Q 134 19.92 31.59 -2.84
CA UNK Q 134 20.29 31.11 -4.16
C UNK Q 134 21.00 29.77 -4.08
N UNK Q 135 20.90 29.12 -2.93
CA UNK Q 135 21.56 27.84 -2.71
C UNK Q 135 20.74 26.96 -1.78
N VAL Q 136 19.79 27.57 -1.08
CA VAL Q 136 18.98 26.85 -0.11
C VAL Q 136 17.49 27.03 -0.40
N LEU Q 137 16.76 25.93 -0.43
CA LEU Q 137 15.31 25.94 -0.59
C LEU Q 137 14.68 25.89 0.80
N VAL Q 138 14.05 27.00 1.21
CA VAL Q 138 13.51 27.09 2.56
C VAL Q 138 11.98 27.04 2.58
N ASP Q 139 11.30 27.65 1.61
CA ASP Q 139 9.85 27.56 1.48
C ASP Q 139 9.47 26.68 0.31
N GLN Q 140 8.25 26.16 0.33
CA GLN Q 140 7.77 25.26 -0.70
C GLN Q 140 7.79 25.87 -2.09
N SER Q 141 7.77 27.20 -2.19
CA SER Q 141 7.63 27.90 -3.46
C SER Q 141 8.96 28.33 -4.06
N ASP Q 142 10.08 27.98 -3.43
CA ASP Q 142 11.39 28.33 -3.96
C ASP Q 142 11.71 27.46 -5.17
N ARG Q 143 12.09 28.09 -6.27
CA ARG Q 143 12.60 27.41 -7.45
C ARG Q 143 14.02 27.86 -7.69
N ILE Q 144 14.93 26.89 -7.87
CA ILE Q 144 16.34 27.17 -8.11
C ILE Q 144 16.78 26.41 -9.34
N LYS Q 145 17.48 27.09 -10.25
CA LYS Q 145 17.97 26.47 -11.47
C LYS Q 145 19.44 26.13 -11.33
N VAL Q 146 19.81 24.92 -11.74
CA VAL Q 146 21.16 24.40 -11.58
C VAL Q 146 21.88 24.51 -12.91
N ILE Q 147 23.04 25.16 -12.90
CA ILE Q 147 23.81 25.44 -14.10
C ILE Q 147 24.86 24.36 -14.30
N MET Q 148 24.87 23.75 -15.47
CA MET Q 148 25.90 22.77 -15.84
C MET Q 148 26.39 23.10 -17.24
N TYR Q 149 27.70 23.36 -17.36
CA TYR Q 149 28.30 23.68 -18.65
C TYR Q 149 28.60 22.36 -19.38
N ALA Q 150 27.72 21.98 -20.29
CA ALA Q 150 27.84 20.71 -21.00
C ALA Q 150 29.08 20.68 -21.88
N UNK Q 151 29.49 21.84 -22.37
CA UNK Q 151 30.68 21.93 -23.22
C UNK Q 151 31.94 22.07 -22.40
N UNK Q 152 31.86 21.73 -21.11
CA UNK Q 152 33.00 21.81 -20.22
C UNK Q 152 33.14 20.52 -19.41
N VAL Q 153 32.02 19.91 -19.05
CA VAL Q 153 32.03 18.67 -18.30
C VAL Q 153 32.44 17.52 -19.20
N UNK Q 154 32.28 17.72 -20.51
CA UNK Q 154 32.62 16.70 -21.49
C UNK Q 154 32.75 17.33 -22.88
N UNK Q 155 31.62 17.41 -23.57
CA UNK Q 155 31.56 18.04 -24.88
C UNK Q 155 30.16 18.60 -25.11
N UNK Q 156 30.05 19.59 -25.98
CA UNK Q 156 28.77 20.21 -26.28
C UNK Q 156 27.76 19.16 -26.74
N LEU Q 157 26.68 19.01 -25.99
CA LEU Q 157 25.67 17.99 -26.27
C LEU Q 157 25.09 18.13 -27.66
N UNK Q 158 25.21 17.07 -28.45
CA UNK Q 158 24.67 17.05 -29.80
C UNK Q 158 23.22 16.59 -29.79
N UNK Q 159 22.58 16.62 -30.95
CA UNK Q 159 21.17 16.26 -31.06
C UNK Q 159 20.93 14.77 -30.78
N GLY Q 160 20.03 14.48 -29.85
CA GLY Q 160 19.66 13.12 -29.54
C GLY Q 160 20.50 12.48 -28.44
N UNK Q 161 21.48 13.22 -27.92
CA UNK Q 161 22.35 12.71 -26.87
C UNK Q 161 21.62 12.56 -25.55
N GLU Q 162 21.90 11.48 -24.83
CA GLU Q 162 21.26 11.22 -23.54
C GLU Q 162 22.23 11.45 -22.37
N VAL Q 163 21.76 12.17 -21.36
CA VAL Q 163 22.53 12.43 -20.15
C VAL Q 163 21.69 11.96 -18.96
N GLN Q 164 22.30 11.19 -18.08
CA GLN Q 164 21.65 10.72 -16.86
C GLN Q 164 22.15 11.53 -15.67
N LEU Q 165 21.22 12.21 -15.00
CA LEU Q 165 21.55 13.09 -13.88
C LEU Q 165 20.94 12.52 -12.61
N THR Q 166 21.74 12.44 -11.56
CA THR Q 166 21.30 11.95 -10.25
C THR Q 166 21.70 12.98 -9.20
N VAL Q 167 20.74 13.84 -8.83
CA VAL Q 167 20.99 14.88 -7.84
C VAL Q 167 20.82 14.25 -6.46
N THR Q 168 21.93 14.09 -5.73
CA THR Q 168 21.92 13.44 -4.43
C THR Q 168 21.91 14.50 -3.33
N THR Q 169 20.88 14.47 -2.51
CA THR Q 169 20.78 15.38 -1.37
C THR Q 169 21.88 15.03 -0.35
N GLN Q 170 22.23 16.02 0.47
CA GLN Q 170 23.23 15.81 1.51
C GLN Q 170 22.89 14.60 2.37
N TYR Q 171 21.62 14.43 2.71
CA TYR Q 171 21.19 13.36 3.60
C TYR Q 171 21.03 12.03 2.89
N GLY Q 172 21.22 11.97 1.58
CA GLY Q 172 21.21 10.72 0.84
C GLY Q 172 20.08 10.56 -0.15
N SER Q 173 19.05 11.40 -0.07
CA SER Q 173 17.95 11.30 -1.02
C SER Q 173 18.44 11.57 -2.44
N LYS Q 174 18.06 10.68 -3.36
CA LYS Q 174 18.53 10.74 -4.74
C LYS Q 174 17.34 10.96 -5.67
N THR Q 175 17.45 11.96 -6.54
CA THR Q 175 16.49 12.21 -7.60
C THR Q 175 17.20 12.04 -8.94
N THR Q 176 16.65 11.19 -9.80
CA THR Q 176 17.28 10.86 -11.07
C THR Q 176 16.49 11.48 -12.21
N TYR Q 177 17.21 12.13 -13.13
CA TYR Q 177 16.63 12.72 -14.33
C TYR Q 177 17.43 12.26 -15.54
N TRP Q 178 16.72 11.96 -16.62
CA TRP Q 178 17.34 11.55 -17.88
C TRP Q 178 17.16 12.68 -18.89
N ALA Q 179 18.18 13.52 -19.02
CA ALA Q 179 18.16 14.60 -20.00
C ALA Q 179 18.22 14.02 -21.41
N GLN Q 180 17.40 14.59 -22.30
CA GLN Q 180 17.29 14.10 -23.67
C GLN Q 180 17.32 15.31 -24.60
N VAL Q 181 18.49 15.58 -25.19
CA VAL Q 181 18.54 16.61 -26.24
C VAL Q 181 17.66 16.17 -27.40
N PRO Q 182 16.87 17.05 -28.01
CA PRO Q 182 16.00 16.62 -29.11
C PRO Q 182 16.79 15.96 -30.23
N GLU Q 183 16.20 14.91 -30.80
CA GLU Q 183 16.86 14.17 -31.87
C GLU Q 183 17.11 15.05 -33.08
N SER Q 184 16.27 16.08 -33.27
CA SER Q 184 16.43 17.05 -34.34
C SER Q 184 16.51 18.43 -33.71
N LEU Q 185 17.61 19.14 -33.99
CA LEU Q 185 17.84 20.48 -33.44
C LEU Q 185 18.21 21.36 -34.62
N LYS Q 186 17.24 22.12 -35.12
CA LYS Q 186 17.46 22.98 -36.28
C LYS Q 186 16.79 24.33 -36.03
N ASP Q 187 17.60 25.39 -35.95
CA ASP Q 187 17.12 26.76 -35.79
C ASP Q 187 16.26 26.90 -34.53
N LYS Q 188 16.80 26.46 -33.40
CA LYS Q 188 16.19 26.68 -32.10
C LYS Q 188 17.20 27.35 -31.19
N ASN Q 189 16.87 28.55 -30.71
CA ASN Q 189 17.78 29.25 -29.81
C ASN Q 189 17.95 28.51 -28.49
N ALA Q 190 16.86 27.95 -27.96
CA ALA Q 190 16.91 27.18 -26.73
C ALA Q 190 15.88 26.06 -26.79
N VAL Q 191 16.27 24.88 -26.32
CA VAL Q 191 15.40 23.72 -26.35
C VAL Q 191 15.09 23.23 -24.95
N UNK Q 192 14.21 22.24 -24.84
CA UNK Q 192 13.84 21.67 -23.56
C UNK Q 192 14.30 20.22 -23.46
N LEU Q 193 15.30 19.98 -22.62
CA LEU Q 193 15.83 18.63 -22.42
C LEU Q 193 14.85 17.77 -21.65
N GLN R 13 40.91 -11.08 80.24
CA GLN R 13 40.98 -12.37 79.59
C GLN R 13 40.11 -12.38 78.34
N VAL R 14 38.78 -12.36 78.55
CA VAL R 14 37.86 -12.27 77.43
C VAL R 14 38.01 -10.94 76.70
N GLY R 15 38.43 -9.90 77.42
CA GLY R 15 38.57 -8.59 76.79
C GLY R 15 39.63 -8.58 75.71
N ILE R 16 40.84 -9.06 76.03
CA ILE R 16 41.92 -9.04 75.04
C ILE R 16 41.60 -9.95 73.87
N GLY R 17 40.98 -11.11 74.13
CA GLY R 17 40.54 -11.96 73.05
C GLY R 17 39.49 -11.30 72.18
N THR R 18 38.70 -10.39 72.76
CA THR R 18 37.62 -9.76 71.99
C THR R 18 38.17 -8.85 70.89
N LEU R 19 39.14 -8.00 71.22
CA LEU R 19 39.63 -7.05 70.23
C LEU R 19 40.44 -7.72 69.14
N ILE R 20 41.23 -8.74 69.50
CA ILE R 20 42.10 -9.38 68.51
C ILE R 20 41.29 -10.00 67.39
N VAL R 21 40.21 -10.72 67.74
CA VAL R 21 39.30 -11.21 66.72
C VAL R 21 38.56 -10.05 66.05
N PHE R 22 38.26 -9.00 66.82
CA PHE R 22 37.58 -7.84 66.26
C PHE R 22 38.43 -7.18 65.17
N ILE R 23 39.75 -7.08 65.40
CA ILE R 23 40.63 -6.54 64.38
C ILE R 23 40.60 -7.41 63.13
N ALA R 24 40.63 -8.72 63.30
CA ALA R 24 40.59 -9.62 62.15
C ALA R 24 39.26 -9.52 61.42
N MET R 25 38.15 -9.42 62.17
CA MET R 25 36.84 -9.31 61.55
C MET R 25 36.74 -8.04 60.70
N VAL R 26 37.33 -6.95 61.17
CA VAL R 26 37.37 -5.72 60.38
C VAL R 26 38.16 -5.94 59.10
N LEU R 27 39.33 -6.59 59.22
CA LEU R 27 40.17 -6.80 58.06
C LEU R 27 39.52 -7.73 57.04
N VAL R 28 38.84 -8.78 57.49
CA VAL R 28 38.17 -9.69 56.58
C VAL R 28 37.08 -8.96 55.80
N ALA R 29 36.32 -8.10 56.48
CA ALA R 29 35.28 -7.33 55.80
C ALA R 29 35.90 -6.40 54.76
N ALA R 30 37.05 -5.80 55.08
CA ALA R 30 37.73 -4.94 54.12
C ALA R 30 38.18 -5.74 52.90
N ILE R 31 38.69 -6.95 53.11
CA ILE R 31 39.07 -7.80 51.99
C ILE R 31 37.85 -8.18 51.17
N ALA R 32 36.76 -8.53 51.83
CA ALA R 32 35.52 -8.84 51.10
C ALA R 32 34.99 -7.61 50.37
N ALA R 33 35.03 -6.45 51.03
CA ALA R 33 34.57 -5.22 50.38
C ALA R 33 35.37 -4.92 49.13
N GLY R 34 36.66 -5.24 49.14
CA GLY R 34 37.49 -5.00 47.96
C GLY R 34 37.04 -5.82 46.76
N VAL R 35 36.73 -7.10 46.97
CA VAL R 35 36.43 -7.98 45.85
C VAL R 35 35.19 -7.51 45.10
N LEU R 36 34.13 -7.16 45.82
CA LEU R 36 32.90 -6.71 45.17
C LEU R 36 33.13 -5.41 44.40
N ILE R 37 33.84 -4.46 44.99
CA ILE R 37 34.00 -3.15 44.36
C ILE R 37 34.88 -3.25 43.12
N ASN R 38 36.03 -3.90 43.24
CA ASN R 38 36.93 -4.02 42.09
C ASN R 38 36.33 -4.85 40.97
N THR R 39 35.58 -5.91 41.31
CA THR R 39 34.87 -6.66 40.29
C THR R 39 33.83 -5.78 39.61
N ALA R 40 33.13 -4.96 40.38
CA ALA R 40 32.17 -4.03 39.79
C ALA R 40 32.88 -3.00 38.92
N GLY R 41 34.05 -2.53 39.35
CA GLY R 41 34.81 -1.59 38.54
C GLY R 41 35.25 -2.19 37.21
N TYR R 42 35.77 -3.42 37.25
CA TYR R 42 36.16 -4.09 36.01
C TYR R 42 34.94 -4.37 35.15
N LEU R 43 33.84 -4.80 35.78
CA LEU R 43 32.60 -5.03 35.05
C LEU R 43 32.05 -3.73 34.46
N GLN R 44 32.20 -2.62 35.19
CA GLN R 44 31.78 -1.32 34.67
C GLN R 44 32.52 -0.99 33.38
N SER R 45 33.83 -1.21 33.35
CA SER R 45 34.60 -0.96 32.14
C SER R 45 34.16 -1.88 31.00
N LYS R 46 33.96 -3.16 31.30
CA LYS R 46 33.48 -4.09 30.28
C LYS R 46 32.09 -3.73 29.79
N GLY R 47 31.21 -3.32 30.72
CA GLY R 47 29.86 -2.94 30.32
C GLY R 47 29.83 -1.68 29.47
N SER R 48 30.61 -0.66 29.85
CA SER R 48 30.65 0.57 29.08
C SER R 48 31.20 0.31 27.68
N ALA R 49 32.26 -0.48 27.57
CA ALA R 49 32.85 -0.78 26.28
C ALA R 49 31.87 -1.52 25.38
N THR R 50 31.17 -2.51 25.94
CA THR R 50 30.21 -3.29 25.14
C THR R 50 29.14 -2.40 24.54
N GLY R 51 28.58 -1.48 25.33
CA GLY R 51 27.53 -0.61 24.83
C GLY R 51 27.99 0.26 23.68
N GLU R 52 29.23 0.76 23.76
CA GLU R 52 29.74 1.66 22.73
C GLU R 52 29.89 0.95 21.39
N GLU R 53 30.56 -0.22 21.39
CA GLU R 53 30.84 -0.90 20.12
C GLU R 53 29.63 -1.61 19.56
N ALA R 54 28.74 -2.12 20.41
CA ALA R 54 27.54 -2.77 19.90
C ALA R 54 26.64 -1.80 19.15
N SER R 55 26.48 -0.60 19.70
CA SER R 55 25.75 0.44 18.97
C SER R 55 26.48 0.86 17.72
N ALA R 56 27.82 0.81 17.74
CA ALA R 56 28.59 1.10 16.52
C ALA R 56 28.28 0.08 15.43
N GLN R 57 28.17 -1.18 15.80
CA GLN R 57 27.84 -2.22 14.82
C GLN R 57 26.48 -1.95 14.19
N VAL R 58 25.52 -1.48 14.98
CA VAL R 58 24.18 -1.25 14.45
C VAL R 58 24.09 0.09 13.71
N SER R 59 24.82 1.11 14.17
CA SER R 59 24.65 2.46 13.64
C SER R 59 25.70 2.82 12.60
N ASN R 60 26.97 2.45 12.82
CA ASN R 60 28.04 2.85 11.92
C ASN R 60 28.02 2.01 10.65
N ARG R 61 27.07 2.26 9.76
CA ARG R 61 26.89 1.51 8.53
C ARG R 61 27.26 2.35 7.31
N ILE R 62 27.54 1.66 6.22
CA ILE R 62 27.92 2.28 4.96
C ILE R 62 26.75 2.19 4.00
N ASN R 63 26.39 3.30 3.38
CA ASN R 63 25.35 3.34 2.36
C ASN R 63 25.99 3.67 1.02
N ILE R 64 25.66 2.88 -0.01
CA ILE R 64 26.24 3.05 -1.33
C ILE R 64 25.32 3.96 -2.14
N VAL R 65 25.80 5.16 -2.47
CA VAL R 65 24.99 6.11 -3.21
C VAL R 65 24.72 5.61 -4.63
N SER R 66 25.77 5.17 -5.32
CA SER R 66 25.63 4.74 -6.70
C SER R 66 26.85 3.91 -7.07
N ALA R 67 26.77 3.28 -8.24
CA ALA R 67 27.87 2.48 -8.77
C ALA R 67 27.97 2.70 -10.27
N TYR R 68 29.19 2.62 -10.78
CA TYR R 68 29.46 2.73 -12.21
C TYR R 68 30.87 2.24 -12.46
N GLY R 69 31.20 2.06 -13.74
CA GLY R 69 32.52 1.57 -14.09
C GLY R 69 32.87 1.94 -15.52
N ASN R 70 34.17 2.11 -15.76
CA ASN R 70 34.66 2.41 -17.09
C ASN R 70 34.52 1.21 -18.01
N VAL R 71 34.35 1.48 -19.29
CA VAL R 71 34.24 0.44 -20.30
C VAL R 71 35.39 0.53 -21.30
N UNK R 72 36.39 -0.32 -21.14
CA UNK R 72 37.51 -0.38 -22.07
C UNK R 72 37.20 -1.38 -23.17
N UNK R 73 37.33 -0.95 -24.43
CA UNK R 73 37.00 -1.77 -25.59
C UNK R 73 35.57 -2.29 -25.52
N UNK R 74 35.38 -3.39 -24.78
CA UNK R 74 34.06 -3.97 -24.60
C UNK R 74 33.98 -4.72 -23.27
N UNK R 75 34.71 -4.22 -22.28
CA UNK R 75 34.75 -4.87 -20.97
C UNK R 75 34.94 -3.85 -19.86
N VAL R 76 34.29 -4.10 -18.73
CA VAL R 76 34.40 -3.21 -17.57
C VAL R 76 35.68 -3.52 -16.79
N ASP R 77 36.60 -2.57 -16.77
CA ASP R 77 37.87 -2.78 -16.08
C ASP R 77 37.86 -2.27 -14.65
N TYR R 78 37.13 -1.19 -14.38
CA TYR R 78 37.08 -0.57 -13.05
C TYR R 78 35.66 -0.63 -12.53
N VAL R 79 35.53 -0.85 -11.22
CA VAL R 79 34.25 -0.82 -10.53
C VAL R 79 34.34 0.23 -9.43
N ASN R 80 33.62 1.33 -9.58
CA ASN R 80 33.67 2.45 -8.66
C ASN R 80 32.37 2.54 -7.88
N LEU R 81 32.48 2.65 -6.56
CA LEU R 81 31.33 2.80 -5.68
C LEU R 81 31.42 4.14 -4.96
N THR R 82 30.29 4.85 -4.87
CA THR R 82 30.19 6.06 -4.07
C THR R 82 29.48 5.72 -2.76
N VAL R 83 30.16 5.97 -1.65
CA VAL R 83 29.66 5.57 -0.34
C VAL R 83 29.40 6.79 0.52
N ARG R 84 28.46 6.65 1.45
CA ARG R 84 28.07 7.70 2.37
C ARG R 84 27.78 7.10 3.73
N GLN R 85 27.76 7.96 4.75
CA GLN R 85 27.40 7.52 6.09
C GLN R 85 25.92 7.17 6.15
N ALA R 86 25.60 6.20 7.00
CA ALA R 86 24.21 5.84 7.24
C ALA R 86 23.58 6.86 8.19
N ALA R 87 22.31 6.63 8.53
CA ALA R 87 21.60 7.54 9.41
C ALA R 87 22.15 7.43 10.82
N GLY R 88 22.77 8.51 11.31
CA GLY R 88 23.30 8.53 12.65
C GLY R 88 24.65 7.87 12.84
N ALA R 89 25.31 7.46 11.77
CA ALA R 89 26.60 6.79 11.88
C ALA R 89 27.68 7.78 12.32
N ASP R 90 28.64 7.27 13.10
CA ASP R 90 29.76 8.06 13.56
C ASP R 90 30.86 8.02 12.47
N ASN R 91 32.05 8.49 12.81
CA ASN R 91 33.16 8.47 11.86
C ASN R 91 33.44 7.04 11.40
N ILE R 92 33.59 6.88 10.08
CA ILE R 92 33.79 5.57 9.47
C ILE R 92 35.12 5.62 8.71
N ASN R 93 36.09 4.84 9.16
CA ASN R 93 37.37 4.71 8.48
C ASN R 93 37.24 3.65 7.40
N LEU R 94 37.55 4.02 6.15
CA LEU R 94 37.42 3.09 5.03
C LEU R 94 38.71 2.30 4.82
N UNK R 95 39.78 2.71 5.48
CA UNK R 95 41.05 2.01 5.36
C UNK R 95 41.08 0.82 6.31
N LYS R 96 40.13 0.78 7.22
CA LYS R 96 39.96 -0.34 8.13
C LYS R 96 38.69 -1.11 7.75
N SER R 97 38.50 -1.29 6.44
CA SER R 97 37.32 -1.94 5.91
C SER R 97 37.73 -2.99 4.89
N THR R 98 36.84 -3.96 4.68
CA THR R 98 37.07 -5.05 3.73
C THR R 98 35.86 -5.21 2.83
N ILE R 99 36.13 -5.58 1.57
CA ILE R 99 35.09 -5.80 0.58
C ILE R 99 35.22 -7.22 0.05
N GLN R 100 34.12 -7.97 0.09
CA GLN R 100 34.11 -9.35 -0.38
C GLN R 100 33.63 -9.38 -1.83
N TRP R 101 34.49 -9.88 -2.72
CA TRP R 101 34.22 -9.89 -4.16
C TRP R 101 33.83 -11.30 -4.56
N ILE R 102 32.54 -11.59 -4.54
CA ILE R 102 32.02 -12.88 -5.04
C ILE R 102 31.70 -12.65 -6.52
N GLY R 103 32.72 -12.81 -7.35
CA GLY R 103 32.59 -12.59 -8.76
C GLY R 103 32.35 -13.86 -9.54
N PRO R 104 32.13 -13.73 -10.84
CA PRO R 104 31.89 -14.94 -11.67
C PRO R 104 33.08 -15.88 -11.75
N ASP R 105 34.29 -15.39 -11.57
CA ASP R 105 35.48 -16.23 -11.74
C ASP R 105 36.27 -16.40 -10.45
N UNK R 106 36.05 -15.51 -9.49
CA UNK R 106 36.79 -15.58 -8.24
C UNK R 106 35.92 -15.24 -7.03
N ALA R 107 36.49 -15.44 -5.84
CA ALA R 107 35.80 -15.11 -4.60
C ALA R 107 36.82 -14.81 -3.51
N THR R 108 37.16 -13.53 -3.36
CA THR R 108 38.18 -13.11 -2.41
C THR R 108 37.68 -11.87 -1.68
N THR R 109 38.39 -11.54 -0.59
CA THR R 109 38.07 -10.38 0.23
C THR R 109 39.12 -9.30 -0.02
N LEU R 110 38.67 -8.12 -0.39
CA LEU R 110 39.56 -7.02 -0.77
C LEU R 110 39.87 -6.14 0.44
N THR R 111 41.11 -5.68 0.50
CA THR R 111 41.59 -4.81 1.56
C THR R 111 41.96 -3.44 0.99
N TYR R 112 42.45 -2.56 1.87
CA TYR R 112 42.76 -1.20 1.49
C TYR R 112 44.19 -1.03 0.99
N UNK R 113 44.37 -0.15 0.02
CA UNK R 113 45.69 0.15 -0.51
C UNK R 113 45.80 1.59 -0.97
N UNK R 114 46.86 1.91 -1.69
CA UNK R 114 47.09 3.27 -2.19
C UNK R 114 47.67 3.25 -3.59
N UNK R 115 46.80 3.14 -4.59
CA UNK R 115 47.19 3.15 -6.00
C UNK R 115 48.25 2.09 -6.30
N UNK R 120 43.23 -0.84 -7.39
CA UNK R 120 44.67 -1.03 -7.40
C UNK R 120 45.05 -2.34 -8.09
N UNK R 121 45.04 -3.43 -7.34
CA UNK R 121 45.42 -4.74 -7.87
C UNK R 121 44.55 -5.85 -7.30
N GLU R 122 44.87 -6.30 -6.09
CA GLU R 122 44.06 -7.31 -5.42
C GLU R 122 43.45 -6.65 -4.18
N ASN R 123 43.49 -5.32 -4.18
CA ASN R 123 42.97 -4.50 -3.09
C ASN R 123 42.04 -3.45 -3.68
N PHE R 124 41.54 -2.56 -2.83
CA PHE R 124 40.71 -1.44 -3.26
C PHE R 124 41.32 -0.13 -2.78
N THR R 125 41.08 0.93 -3.53
CA THR R 125 41.58 2.25 -3.22
C THR R 125 40.40 3.21 -3.13
N THR R 126 40.53 4.22 -2.27
CA THR R 126 39.49 5.21 -2.10
C THR R 126 39.96 6.61 -2.51
N UNK R 127 39.15 7.29 -3.31
CA UNK R 127 39.42 8.65 -3.71
C UNK R 127 38.25 9.54 -3.31
N SER R 128 38.55 10.71 -2.75
CA SER R 128 37.52 11.60 -2.23
C SER R 128 36.70 12.24 -3.34
N ILE R 129 35.43 12.52 -3.06
CA ILE R 129 34.53 13.19 -3.98
C ILE R 129 34.03 14.51 -3.41
N LYS R 130 33.45 14.47 -2.20
CA LYS R 130 32.90 15.66 -1.55
C LYS R 130 33.29 15.59 -0.07
N GLY R 131 34.38 16.27 0.28
CA GLY R 131 34.86 16.28 1.64
C GLY R 131 36.33 16.65 1.77
N UNK R 132 36.91 16.36 2.92
CA UNK R 132 38.31 16.68 3.19
C UNK R 132 39.17 15.42 3.24
N UNK R 133 38.67 14.40 3.92
CA UNK R 133 39.40 13.14 4.05
C UNK R 133 39.07 12.20 2.89
N UNK R 134 40.08 11.46 2.45
CA UNK R 134 39.90 10.51 1.34
C UNK R 134 39.93 9.07 1.87
N UNK R 135 39.62 8.90 3.15
CA UNK R 135 39.64 7.59 3.77
C UNK R 135 38.66 7.49 4.93
N VAL R 136 38.30 8.63 5.51
CA VAL R 136 37.39 8.64 6.65
C VAL R 136 36.14 9.46 6.33
N LEU R 137 34.98 8.89 6.61
CA LEU R 137 33.70 9.57 6.40
C LEU R 137 33.33 10.30 7.69
N VAL R 138 33.48 11.62 7.68
CA VAL R 138 33.30 12.43 8.88
C VAL R 138 31.90 13.03 8.93
N ASP R 139 31.49 13.73 7.87
CA ASP R 139 30.23 14.43 7.84
C ASP R 139 29.16 13.63 7.11
N GLN R 140 27.91 14.01 7.32
CA GLN R 140 26.79 13.35 6.64
C GLN R 140 26.80 13.62 5.14
N SER R 141 27.42 14.71 4.70
CA SER R 141 27.50 15.05 3.29
C SER R 141 28.77 14.55 2.62
N ASP R 142 29.60 13.78 3.35
CA ASP R 142 30.85 13.29 2.80
C ASP R 142 30.60 12.16 1.81
N ARG R 143 31.27 12.21 0.66
CA ARG R 143 31.23 11.17 -0.34
C ARG R 143 32.65 10.75 -0.68
N ILE R 144 32.86 9.44 -0.77
CA ILE R 144 34.17 8.87 -1.12
C ILE R 144 33.94 7.78 -2.15
N LYS R 145 34.81 7.74 -3.17
CA LYS R 145 34.69 6.77 -4.26
C LYS R 145 35.69 5.64 -4.05
N VAL R 146 35.19 4.41 -4.13
CA VAL R 146 35.99 3.22 -3.90
C VAL R 146 36.37 2.62 -5.25
N ILE R 147 37.66 2.54 -5.54
CA ILE R 147 38.15 2.07 -6.83
C ILE R 147 38.59 0.61 -6.70
N MET R 148 38.09 -0.23 -7.60
CA MET R 148 38.46 -1.65 -7.65
C MET R 148 38.79 -2.00 -9.10
N TYR R 149 40.04 -2.34 -9.35
CA TYR R 149 40.48 -2.78 -10.68
C TYR R 149 39.93 -4.17 -10.94
N ALA R 150 38.85 -4.26 -11.71
CA ALA R 150 38.19 -5.54 -11.94
C ALA R 150 39.03 -6.48 -12.81
N UNK R 151 39.96 -5.91 -13.57
CA UNK R 151 40.81 -6.71 -14.44
C UNK R 151 42.03 -7.24 -13.69
N UNK R 152 42.11 -6.92 -12.40
CA UNK R 152 43.23 -7.33 -11.58
C UNK R 152 42.78 -8.23 -10.43
N VAL R 153 41.54 -8.06 -9.99
CA VAL R 153 40.99 -8.88 -8.93
C VAL R 153 40.57 -10.23 -9.50
N UNK R 154 40.32 -10.26 -10.81
CA UNK R 154 39.92 -11.47 -11.50
C UNK R 154 40.12 -11.32 -13.00
N UNK R 155 39.10 -10.77 -13.66
CA UNK R 155 39.16 -10.53 -15.09
C UNK R 155 38.16 -9.43 -15.47
N UNK R 156 38.41 -8.75 -16.58
CA UNK R 156 37.55 -7.67 -17.04
C UNK R 156 36.14 -8.19 -17.29
N LEU R 157 35.18 -7.71 -16.50
CA LEU R 157 33.81 -8.20 -16.55
C LEU R 157 33.14 -7.91 -17.89
N UNK R 158 32.44 -8.90 -18.41
CA UNK R 158 31.77 -8.78 -19.70
C UNK R 158 30.29 -8.46 -19.51
N UNK R 159 29.58 -8.24 -20.62
CA UNK R 159 28.18 -7.85 -20.58
C UNK R 159 27.29 -8.95 -20.01
N GLY R 160 26.70 -8.68 -18.85
CA GLY R 160 25.80 -9.62 -18.21
C GLY R 160 26.35 -10.23 -16.93
N UNK R 161 27.60 -9.93 -16.62
CA UNK R 161 28.26 -10.49 -15.45
C UNK R 161 27.76 -9.86 -14.16
N GLU R 162 27.76 -10.64 -13.08
CA GLU R 162 27.29 -10.17 -11.78
C GLU R 162 28.36 -10.35 -10.71
N VAL R 163 28.58 -9.31 -9.91
CA VAL R 163 29.51 -9.36 -8.79
C VAL R 163 28.74 -8.97 -7.53
N GLN R 164 28.89 -9.79 -6.48
CA GLN R 164 28.25 -9.52 -5.19
C GLN R 164 29.26 -8.85 -4.29
N LEU R 165 29.04 -7.57 -4.01
CA LEU R 165 29.95 -6.80 -3.17
C LEU R 165 29.36 -6.62 -1.79
N THR R 166 30.19 -6.85 -0.77
CA THR R 166 29.78 -6.71 0.63
C THR R 166 30.85 -5.90 1.35
N VAL R 167 30.58 -4.62 1.55
CA VAL R 167 31.50 -3.73 2.25
C VAL R 167 31.27 -3.86 3.74
N THR R 168 32.30 -4.28 4.48
CA THR R 168 32.22 -4.48 5.92
C THR R 168 33.07 -3.44 6.62
N THR R 169 32.45 -2.67 7.52
CA THR R 169 33.15 -1.66 8.29
C THR R 169 34.04 -2.33 9.34
N GLN R 170 34.90 -1.53 9.96
CA GLN R 170 35.74 -2.02 11.07
C GLN R 170 34.90 -2.68 12.15
N TYR R 171 33.73 -2.12 12.43
CA TYR R 171 32.90 -2.56 13.55
C TYR R 171 31.92 -3.66 13.17
N GLY R 172 32.01 -4.21 11.97
CA GLY R 172 31.23 -5.38 11.59
C GLY R 172 29.89 -5.09 10.96
N SER R 173 29.66 -3.87 10.47
CA SER R 173 28.40 -3.50 9.83
C SER R 173 28.54 -3.72 8.33
N LYS R 174 27.82 -4.70 7.79
CA LYS R 174 27.96 -5.09 6.40
C LYS R 174 26.91 -4.41 5.53
N THR R 175 27.32 -4.02 4.32
CA THR R 175 26.42 -3.50 3.30
C THR R 175 26.62 -4.30 2.03
N THR R 176 25.55 -4.95 1.57
CA THR R 176 25.61 -5.81 0.40
C THR R 176 25.12 -5.07 -0.83
N TYR R 177 25.87 -5.16 -1.93
CA TYR R 177 25.50 -4.56 -3.20
C TYR R 177 25.68 -5.58 -4.31
N TRP R 178 24.66 -5.75 -5.14
CA TRP R 178 24.70 -6.64 -6.30
C TRP R 178 25.02 -5.81 -7.54
N ALA R 179 26.29 -5.83 -7.95
CA ALA R 179 26.72 -5.09 -9.12
C ALA R 179 26.40 -5.89 -10.37
N GLN R 180 25.51 -5.35 -11.22
CA GLN R 180 25.06 -6.02 -12.44
C GLN R 180 25.58 -5.24 -13.64
N VAL R 181 26.51 -5.86 -14.37
CA VAL R 181 27.00 -5.26 -15.61
C VAL R 181 25.88 -5.22 -16.63
N PRO R 182 25.72 -4.13 -17.39
CA PRO R 182 24.67 -4.09 -18.41
C PRO R 182 24.83 -5.22 -19.41
N GLU R 183 23.69 -5.79 -19.83
CA GLU R 183 23.72 -6.91 -20.75
C GLU R 183 24.24 -6.53 -22.13
N SER R 184 24.28 -5.24 -22.45
CA SER R 184 24.85 -4.75 -23.70
C SER R 184 25.83 -3.63 -23.39
N LEU R 185 27.06 -3.77 -23.87
CA LEU R 185 28.10 -2.76 -23.70
C LEU R 185 28.42 -2.03 -24.99
N LYS R 186 27.55 -2.13 -25.98
CA LYS R 186 27.83 -1.55 -27.29
C LYS R 186 27.75 -0.02 -27.24
N ASP R 187 28.82 0.63 -27.72
CA ASP R 187 28.88 2.08 -27.85
C ASP R 187 28.56 2.77 -26.51
N LYS R 188 29.32 2.39 -25.49
CA LYS R 188 29.19 2.99 -24.16
C LYS R 188 30.58 3.22 -23.60
N ASN R 189 30.92 4.49 -23.35
CA ASN R 189 32.20 4.81 -22.74
C ASN R 189 32.24 4.33 -21.29
N ALA R 190 31.16 4.58 -20.55
CA ALA R 190 31.06 4.13 -19.17
C ALA R 190 29.63 3.77 -18.87
N VAL R 191 29.44 2.71 -18.09
CA VAL R 191 28.11 2.22 -17.79
C VAL R 191 27.75 2.46 -16.33
N UNK R 192 26.58 1.97 -15.92
CA UNK R 192 26.13 2.11 -14.55
C UNK R 192 25.81 0.75 -13.96
N LEU R 193 26.73 0.23 -13.15
CA LEU R 193 26.58 -1.09 -12.54
C LEU R 193 25.47 -1.08 -11.49
N GLN S 13 35.59 -14.63 87.55
CA GLN S 13 36.33 -13.65 86.75
C GLN S 13 36.13 -13.91 85.27
N VAL S 14 36.30 -15.17 84.87
CA VAL S 14 36.03 -15.54 83.48
C VAL S 14 34.56 -15.31 83.16
N GLY S 15 33.67 -15.73 84.06
CA GLY S 15 32.26 -15.47 83.87
C GLY S 15 31.92 -14.00 83.89
N ILE S 16 32.51 -13.25 84.84
CA ILE S 16 32.17 -11.84 85.02
C ILE S 16 32.45 -11.05 83.75
N GLY S 17 33.60 -11.28 83.13
CA GLY S 17 33.91 -10.61 81.88
C GLY S 17 33.03 -11.04 80.74
N THR S 18 32.45 -12.24 80.82
CA THR S 18 31.67 -12.78 79.71
C THR S 18 30.40 -11.97 79.47
N LEU S 19 29.63 -11.70 80.53
CA LEU S 19 28.36 -10.98 80.32
C LEU S 19 28.59 -9.54 79.90
N ILE S 20 29.62 -8.88 80.45
CA ILE S 20 29.82 -7.46 80.13
C ILE S 20 30.11 -7.29 78.64
N VAL S 21 30.94 -8.17 78.10
CA VAL S 21 31.13 -8.20 76.64
C VAL S 21 29.83 -8.62 75.96
N PHE S 22 29.09 -9.56 76.58
CA PHE S 22 27.85 -10.04 76.00
C PHE S 22 26.84 -8.91 75.84
N ILE S 23 26.71 -8.05 76.87
CA ILE S 23 25.86 -6.86 76.72
C ILE S 23 26.38 -5.97 75.60
N ALA S 24 27.70 -5.87 75.45
CA ALA S 24 28.26 -5.11 74.33
C ALA S 24 27.89 -5.74 73.00
N MET S 25 27.90 -7.08 72.93
CA MET S 25 27.47 -7.75 71.71
C MET S 25 26.02 -7.44 71.39
N VAL S 26 25.17 -7.37 72.41
CA VAL S 26 23.74 -7.18 72.18
C VAL S 26 23.48 -5.81 71.56
N LEU S 27 24.11 -4.76 72.09
CA LEU S 27 23.86 -3.41 71.60
C LEU S 27 24.50 -3.18 70.23
N VAL S 28 25.69 -3.72 69.99
CA VAL S 28 26.34 -3.56 68.69
C VAL S 28 25.50 -4.20 67.59
N ALA S 29 24.97 -5.39 67.84
CA ALA S 29 24.11 -6.04 66.86
C ALA S 29 22.86 -5.22 66.60
N ALA S 30 22.31 -4.60 67.65
CA ALA S 30 21.15 -3.73 67.47
C ALA S 30 21.48 -2.51 66.63
N ILE S 31 22.66 -1.92 66.84
CA ILE S 31 23.07 -0.76 66.06
C ILE S 31 23.18 -1.12 64.59
N ALA S 32 23.83 -2.25 64.29
CA ALA S 32 23.91 -2.71 62.90
C ALA S 32 22.52 -3.03 62.36
N ALA S 33 21.67 -3.64 63.19
CA ALA S 33 20.29 -3.91 62.77
C ALA S 33 19.55 -2.61 62.48
N GLY S 34 19.70 -1.61 63.34
CA GLY S 34 19.00 -0.36 63.13
C GLY S 34 19.39 0.32 61.84
N VAL S 35 20.69 0.36 61.55
CA VAL S 35 21.17 1.01 60.33
C VAL S 35 20.60 0.32 59.09
N LEU S 36 20.55 -1.02 59.11
CA LEU S 36 20.04 -1.76 57.97
C LEU S 36 18.57 -1.45 57.71
N ILE S 37 17.76 -1.47 58.77
CA ILE S 37 16.31 -1.33 58.60
C ILE S 37 15.94 0.08 58.16
N ASN S 38 16.49 1.10 58.82
CA ASN S 38 16.12 2.48 58.48
C ASN S 38 16.61 2.86 57.10
N THR S 39 17.80 2.38 56.70
CA THR S 39 18.28 2.62 55.35
C THR S 39 17.37 1.96 54.33
N ALA S 40 16.89 0.74 54.63
CA ALA S 40 15.89 0.10 53.78
C ALA S 40 14.59 0.90 53.78
N GLY S 41 14.18 1.37 54.96
CA GLY S 41 12.96 2.17 55.05
C GLY S 41 13.06 3.46 54.25
N TYR S 42 14.20 4.15 54.35
CA TYR S 42 14.43 5.32 53.52
C TYR S 42 14.39 4.96 52.05
N LEU S 43 15.02 3.84 51.68
CA LEU S 43 15.04 3.41 50.29
C LEU S 43 13.69 2.87 49.84
N GLN S 44 12.88 2.36 50.78
CA GLN S 44 11.55 1.87 50.41
C GLN S 44 10.69 3.01 49.89
N SER S 45 10.64 4.12 50.62
CA SER S 45 9.86 5.27 50.17
C SER S 45 10.49 5.91 48.93
N LYS S 46 11.83 5.96 48.89
CA LYS S 46 12.50 6.56 47.74
C LYS S 46 12.22 5.78 46.47
N GLY S 47 12.25 4.45 46.54
CA GLY S 47 11.95 3.64 45.37
C GLY S 47 10.48 3.72 44.97
N SER S 48 9.59 3.68 45.96
CA SER S 48 8.15 3.72 45.68
C SER S 48 7.76 5.00 44.96
N ALA S 49 8.27 6.14 45.43
CA ALA S 49 8.00 7.41 44.77
C ALA S 49 8.52 7.41 43.34
N THR S 50 9.75 6.90 43.14
CA THR S 50 10.33 6.83 41.81
C THR S 50 9.43 6.08 40.84
N GLY S 51 8.83 4.98 41.28
CA GLY S 51 8.02 4.18 40.38
C GLY S 51 6.80 4.92 39.86
N GLU S 52 6.11 5.64 40.75
CA GLU S 52 4.89 6.34 40.34
C GLU S 52 5.19 7.51 39.42
N GLU S 53 6.19 8.33 39.77
CA GLU S 53 6.48 9.52 38.97
C GLU S 53 7.01 9.15 37.60
N ALA S 54 7.88 8.12 37.52
CA ALA S 54 8.38 7.68 36.23
C ALA S 54 7.27 7.09 35.38
N SER S 55 6.36 6.34 35.99
CA SER S 55 5.20 5.84 35.25
C SER S 55 4.30 6.99 34.81
N ALA S 56 4.16 8.01 35.65
CA ALA S 56 3.39 9.19 35.27
C ALA S 56 4.07 9.95 34.13
N GLN S 57 5.40 9.98 34.13
CA GLN S 57 6.12 10.64 33.05
C GLN S 57 5.85 9.98 31.71
N VAL S 58 5.65 8.66 31.71
CA VAL S 58 5.42 7.94 30.47
C VAL S 58 3.93 7.89 30.11
N SER S 59 3.05 7.82 31.11
CA SER S 59 1.62 7.62 30.86
C SER S 59 0.82 8.91 30.88
N ASN S 60 1.03 9.77 31.87
CA ASN S 60 0.25 10.99 32.02
C ASN S 60 0.74 12.00 30.97
N ARG S 61 0.15 11.92 29.78
CA ARG S 61 0.55 12.72 28.64
C ARG S 61 -0.66 13.45 28.06
N ILE S 62 -0.40 14.36 27.12
CA ILE S 62 -1.42 15.17 26.50
C ILE S 62 -1.50 14.82 25.03
N ASN S 63 -2.72 14.60 24.54
CA ASN S 63 -2.99 14.49 23.12
C ASN S 63 -3.87 15.65 22.68
N ILE S 64 -3.45 16.34 21.62
CA ILE S 64 -4.17 17.47 21.10
C ILE S 64 -5.13 16.98 20.03
N VAL S 65 -6.43 17.14 20.28
CA VAL S 65 -7.44 16.70 19.31
C VAL S 65 -7.35 17.54 18.04
N SER S 66 -7.56 18.85 18.17
CA SER S 66 -7.53 19.73 17.01
C SER S 66 -6.88 21.05 17.40
N ALA S 67 -6.69 21.90 16.40
CA ALA S 67 -6.08 23.21 16.61
C ALA S 67 -6.57 24.12 15.49
N TYR S 68 -7.46 25.06 15.83
CA TYR S 68 -8.00 25.98 14.85
C TYR S 68 -7.50 27.40 15.11
N GLY S 69 -7.67 28.25 14.10
CA GLY S 69 -7.17 29.60 14.15
C GLY S 69 -8.27 30.61 13.97
N ASN S 70 -8.22 31.68 14.78
CA ASN S 70 -9.23 32.71 14.79
C ASN S 70 -8.68 33.95 14.10
N VAL S 71 -9.44 34.48 13.14
CA VAL S 71 -8.85 35.35 12.13
C VAL S 71 -9.39 36.77 12.19
N UNK S 72 -8.48 37.73 12.05
CA UNK S 72 -8.83 39.14 11.90
C UNK S 72 -8.08 39.72 10.71
N UNK S 73 -8.77 40.54 9.91
CA UNK S 73 -8.16 41.18 8.74
C UNK S 73 -7.59 40.16 7.76
N UNK S 74 -6.36 39.73 8.00
CA UNK S 74 -5.71 38.74 7.16
C UNK S 74 -4.64 37.99 7.95
N UNK S 75 -4.72 38.10 9.26
CA UNK S 75 -3.76 37.46 10.14
C UNK S 75 -4.46 36.52 11.12
N VAL S 76 -3.68 35.90 12.01
CA VAL S 76 -4.23 34.98 13.00
C VAL S 76 -3.76 35.40 14.39
N ASP S 77 -4.64 36.10 15.12
CA ASP S 77 -4.26 36.62 16.43
C ASP S 77 -4.28 35.54 17.50
N TYR S 78 -5.22 34.59 17.41
CA TYR S 78 -5.36 33.55 18.42
C TYR S 78 -5.07 32.18 17.83
N VAL S 79 -4.43 31.33 18.63
CA VAL S 79 -4.19 29.94 18.29
C VAL S 79 -4.73 29.09 19.44
N ASN S 80 -5.72 28.27 19.15
CA ASN S 80 -6.38 27.46 20.17
C ASN S 80 -5.95 26.00 20.05
N LEU S 81 -6.15 25.27 21.14
CA LEU S 81 -5.63 23.90 21.26
C LEU S 81 -6.60 23.11 22.13
N THR S 82 -7.32 22.16 21.53
CA THR S 82 -8.18 21.26 22.27
C THR S 82 -7.39 20.04 22.68
N VAL S 83 -7.34 19.77 23.99
CA VAL S 83 -6.50 18.71 24.53
C VAL S 83 -7.37 17.63 25.17
N ARG S 84 -6.80 16.43 25.26
CA ARG S 84 -7.46 15.29 25.87
C ARG S 84 -6.40 14.40 26.50
N GLN S 85 -6.84 13.55 27.43
CA GLN S 85 -5.92 12.64 28.08
C GLN S 85 -5.36 11.64 27.09
N ALA S 86 -4.11 11.22 27.32
CA ALA S 86 -3.56 10.11 26.58
C ALA S 86 -4.05 8.78 27.15
N ALA S 87 -3.72 7.70 26.46
CA ALA S 87 -4.16 6.38 26.89
C ALA S 87 -3.53 6.02 28.23
N GLY S 88 -4.37 5.80 29.23
CA GLY S 88 -3.88 5.46 30.55
C GLY S 88 -3.44 6.63 31.39
N ALA S 89 -3.72 7.86 30.98
CA ALA S 89 -3.36 9.01 31.78
C ALA S 89 -4.23 9.10 33.03
N ASP S 90 -3.66 9.61 34.11
CA ASP S 90 -4.38 9.65 35.37
C ASP S 90 -5.08 11.00 35.61
N ASN S 91 -4.30 12.08 35.72
CA ASN S 91 -4.87 13.40 35.97
C ASN S 91 -3.86 14.44 35.48
N ILE S 92 -4.15 15.06 34.34
CA ILE S 92 -3.31 16.11 33.78
C ILE S 92 -3.85 17.46 34.24
N ASN S 93 -3.02 18.20 34.98
CA ASN S 93 -3.35 19.55 35.41
C ASN S 93 -2.74 20.54 34.42
N LEU S 94 -3.56 21.44 33.90
CA LEU S 94 -3.13 22.40 32.91
C LEU S 94 -2.63 23.70 33.53
N UNK S 95 -2.62 23.74 34.86
CA UNK S 95 -2.13 24.90 35.58
C UNK S 95 -0.65 24.78 35.86
N LYS S 96 -0.16 23.54 35.84
CA LYS S 96 1.25 23.26 36.08
C LYS S 96 1.92 22.72 34.83
N SER S 97 1.54 23.26 33.67
CA SER S 97 2.10 22.86 32.39
C SER S 97 2.72 24.06 31.71
N THR S 98 3.72 23.79 30.87
CA THR S 98 4.38 24.82 30.07
C THR S 98 4.34 24.42 28.61
N ILE S 99 4.15 25.41 27.74
CA ILE S 99 4.07 25.21 26.30
C ILE S 99 5.20 26.00 25.66
N GLN S 100 6.02 25.32 24.86
CA GLN S 100 7.13 25.96 24.19
C GLN S 100 6.66 26.48 22.84
N TRP S 101 6.88 27.78 22.59
CA TRP S 101 6.45 28.46 21.37
C TRP S 101 7.68 28.79 20.55
N ILE S 102 8.05 27.89 19.64
CA ILE S 102 9.11 28.13 18.67
C ILE S 102 8.43 28.75 17.45
N GLY S 103 8.25 30.07 17.48
CA GLY S 103 7.59 30.76 16.40
C GLY S 103 8.56 31.23 15.33
N PRO S 104 8.03 31.92 14.31
CA PRO S 104 8.92 32.41 13.25
C PRO S 104 9.83 33.53 13.70
N ASP S 105 9.34 34.43 14.55
CA ASP S 105 10.12 35.58 14.98
C ASP S 105 10.52 35.50 16.45
N UNK S 106 9.91 34.56 17.18
CA UNK S 106 10.16 34.44 18.61
C UNK S 106 10.42 33.00 19.03
N ALA S 107 10.80 32.82 20.29
CA ALA S 107 11.05 31.50 20.84
C ALA S 107 11.03 31.56 22.37
N THR S 108 9.85 31.37 22.94
CA THR S 108 9.67 31.40 24.39
C THR S 108 8.80 30.23 24.81
N THR S 109 8.84 29.93 26.11
CA THR S 109 8.06 28.85 26.70
C THR S 109 6.88 29.46 27.45
N LEU S 110 5.68 29.20 26.96
CA LEU S 110 4.48 29.79 27.54
C LEU S 110 4.18 29.17 28.90
N THR S 111 3.60 29.98 29.79
CA THR S 111 3.19 29.53 31.11
C THR S 111 1.71 29.81 31.29
N TYR S 112 1.16 29.34 32.41
CA TYR S 112 -0.28 29.44 32.63
C TYR S 112 -0.69 30.78 33.23
N UNK S 113 -1.86 31.26 32.80
CA UNK S 113 -2.41 32.52 33.32
C UNK S 113 -3.82 32.31 33.86
N UNK S 114 -4.63 33.36 33.79
CA UNK S 114 -6.01 33.29 34.24
C UNK S 114 -6.84 34.40 33.61
N UNK S 115 -7.30 34.14 32.39
CA UNK S 115 -8.09 35.12 31.62
C UNK S 115 -7.32 36.44 31.46
N UNK S 120 -3.39 35.15 26.61
CA UNK S 120 -3.34 36.39 27.37
C UNK S 120 -2.26 37.31 26.82
N UNK S 121 -1.05 37.20 27.38
CA UNK S 121 0.07 38.01 26.94
C UNK S 121 1.23 37.12 26.50
N GLU S 122 2.08 36.76 27.44
CA GLU S 122 3.18 35.84 27.16
C GLU S 122 2.83 34.51 27.84
N ASN S 123 1.62 34.46 28.38
CA ASN S 123 1.09 33.27 29.03
C ASN S 123 -0.06 32.67 28.21
N PHE S 124 -0.50 31.49 28.63
CA PHE S 124 -1.61 30.78 28.00
C PHE S 124 -2.75 30.59 29.00
N THR S 125 -3.97 30.52 28.47
CA THR S 125 -5.18 30.41 29.27
C THR S 125 -5.99 29.20 28.80
N THR S 126 -6.65 28.53 29.74
CA THR S 126 -7.46 27.36 29.41
C THR S 126 -8.95 27.60 29.67
N UNK S 127 -9.76 27.40 28.63
CA UNK S 127 -11.21 27.45 28.78
C UNK S 127 -11.79 26.06 28.56
N SER S 128 -12.88 25.75 29.25
CA SER S 128 -13.46 24.41 29.20
C SER S 128 -14.33 24.18 27.98
N ILE S 129 -14.33 22.95 27.49
CA ILE S 129 -15.19 22.53 26.38
C ILE S 129 -16.22 21.51 26.84
N LYS S 130 -15.80 20.47 27.55
CA LYS S 130 -16.70 19.45 28.06
C LYS S 130 -16.16 18.94 29.39
N GLY S 131 -16.95 19.08 30.45
CA GLY S 131 -16.53 18.66 31.77
C GLY S 131 -16.71 19.71 32.83
N UNK S 132 -16.42 19.35 34.08
CA UNK S 132 -16.59 20.27 35.20
C UNK S 132 -15.42 21.27 35.29
N UNK S 133 -14.24 20.75 35.58
CA UNK S 133 -13.06 21.60 35.74
C UNK S 133 -12.60 22.20 34.41
N UNK S 134 -11.98 23.36 34.49
CA UNK S 134 -11.50 24.05 33.30
C UNK S 134 -9.98 24.22 33.34
N UNK S 135 -9.33 23.46 34.20
CA UNK S 135 -7.89 23.56 34.37
C UNK S 135 -7.24 22.20 34.57
N VAL S 136 -8.06 21.15 34.63
CA VAL S 136 -7.54 19.80 34.82
C VAL S 136 -8.44 18.74 34.18
N LEU S 137 -7.83 17.88 33.37
CA LEU S 137 -8.54 16.79 32.73
C LEU S 137 -8.71 15.65 33.73
N VAL S 138 -9.95 15.31 34.05
CA VAL S 138 -10.25 14.30 35.06
C VAL S 138 -10.49 12.93 34.44
N ASP S 139 -11.41 12.84 33.49
CA ASP S 139 -11.76 11.58 32.84
C ASP S 139 -11.33 11.61 31.38
N GLN S 140 -11.60 10.51 30.68
CA GLN S 140 -11.16 10.37 29.29
C GLN S 140 -12.01 11.21 28.34
N SER S 141 -13.19 11.66 28.77
CA SER S 141 -14.13 12.34 27.90
C SER S 141 -14.10 13.87 28.03
N ASP S 142 -13.28 14.42 28.92
CA ASP S 142 -13.21 15.86 29.09
C ASP S 142 -12.28 16.50 28.08
N ARG S 143 -12.68 17.67 27.57
CA ARG S 143 -11.89 18.45 26.63
C ARG S 143 -11.75 19.86 27.15
N ILE S 144 -10.55 20.42 27.03
CA ILE S 144 -10.25 21.79 27.45
C ILE S 144 -9.53 22.49 26.30
N LYS S 145 -9.88 23.76 26.08
CA LYS S 145 -9.30 24.53 24.99
C LYS S 145 -8.20 25.43 25.55
N VAL S 146 -7.02 25.35 24.95
CA VAL S 146 -5.87 26.16 25.34
C VAL S 146 -5.79 27.34 24.39
N ILE S 147 -5.89 28.56 24.92
CA ILE S 147 -5.96 29.77 24.13
C ILE S 147 -4.63 30.52 24.24
N MET S 148 -4.05 30.86 23.08
CA MET S 148 -2.82 31.64 23.04
C MET S 148 -3.02 32.83 22.10
N TYR S 149 -2.53 33.99 22.52
CA TYR S 149 -2.59 35.21 21.71
C TYR S 149 -1.34 35.26 20.85
N ALA S 150 -1.47 34.89 19.57
CA ALA S 150 -0.34 34.84 18.65
C ALA S 150 0.20 36.22 18.34
N UNK S 151 -0.66 37.24 18.44
CA UNK S 151 -0.25 38.61 18.15
C UNK S 151 0.28 39.29 19.40
N UNK S 152 0.42 38.53 20.48
CA UNK S 152 0.95 39.07 21.73
C UNK S 152 2.24 38.37 22.12
N VAL S 153 2.33 37.08 21.81
CA VAL S 153 3.53 36.31 22.10
C VAL S 153 4.65 36.68 21.12
N UNK S 154 4.24 37.19 19.96
CA UNK S 154 5.20 37.61 18.94
C UNK S 154 4.51 38.54 17.95
N UNK S 155 4.39 38.07 16.71
CA UNK S 155 3.68 38.82 15.68
C UNK S 155 2.53 37.97 15.17
N UNK S 156 1.46 38.62 14.70
CA UNK S 156 0.31 37.91 14.16
C UNK S 156 0.73 37.08 12.95
N LEU S 157 0.49 35.77 13.02
CA LEU S 157 0.94 34.86 11.99
C LEU S 157 0.18 35.07 10.68
N UNK S 158 0.94 35.27 9.60
CA UNK S 158 0.35 35.45 8.29
C UNK S 158 0.27 34.11 7.56
N UNK S 159 -0.29 34.14 6.35
CA UNK S 159 -0.45 32.93 5.55
C UNK S 159 0.90 32.29 5.22
N GLY S 160 1.23 31.21 5.94
CA GLY S 160 2.45 30.47 5.68
C GLY S 160 3.33 30.28 6.89
N UNK S 161 3.15 31.11 7.90
CA UNK S 161 3.94 31.03 9.13
C UNK S 161 3.70 29.73 9.86
N GLU S 162 4.76 29.14 10.39
CA GLU S 162 4.67 27.87 11.10
C GLU S 162 5.18 28.00 12.52
N VAL S 163 4.42 27.45 13.46
CA VAL S 163 4.78 27.45 14.88
C VAL S 163 4.92 26.00 15.34
N GLN S 164 6.00 25.72 16.05
CA GLN S 164 6.22 24.40 16.63
C GLN S 164 5.80 24.48 18.09
N LEU S 165 4.79 23.70 18.47
CA LEU S 165 4.19 23.77 19.79
C LEU S 165 4.44 22.45 20.51
N THR S 166 5.04 22.51 21.69
CA THR S 166 5.33 21.33 22.50
C THR S 166 4.75 21.54 23.89
N VAL S 167 3.60 20.92 24.16
CA VAL S 167 2.99 21.00 25.48
C VAL S 167 3.69 20.02 26.41
N THR S 168 4.18 20.52 27.55
CA THR S 168 4.90 19.71 28.52
C THR S 168 4.13 19.72 29.84
N THR S 169 3.85 18.53 30.36
CA THR S 169 3.15 18.36 31.62
C THR S 169 4.10 18.60 32.80
N GLN S 170 3.53 18.58 34.00
CA GLN S 170 4.34 18.74 35.21
C GLN S 170 5.36 17.63 35.36
N TYR S 171 4.96 16.40 35.04
CA TYR S 171 5.88 15.26 35.14
C TYR S 171 6.91 15.22 34.02
N GLY S 172 6.73 15.99 32.96
CA GLY S 172 7.70 16.08 31.89
C GLY S 172 7.35 15.38 30.60
N SER S 173 6.09 15.05 30.37
CA SER S 173 5.66 14.37 29.16
C SER S 173 5.42 15.41 28.07
N LYS S 174 6.25 15.37 27.03
CA LYS S 174 6.20 16.37 25.97
C LYS S 174 5.39 15.85 24.79
N THR S 175 4.53 16.71 24.27
CA THR S 175 3.74 16.43 23.07
C THR S 175 3.96 17.55 22.08
N THR S 176 4.65 17.26 20.98
CA THR S 176 5.01 18.27 20.00
C THR S 176 3.96 18.33 18.90
N TYR S 177 3.50 19.55 18.60
CA TYR S 177 2.51 19.79 17.55
C TYR S 177 3.06 20.84 16.62
N TRP S 178 3.18 20.51 15.33
CA TRP S 178 3.60 21.47 14.31
C TRP S 178 2.35 22.13 13.73
N ALA S 179 2.12 23.38 14.12
CA ALA S 179 0.96 24.13 13.65
C ALA S 179 1.33 24.89 12.38
N GLN S 180 0.66 24.55 11.28
CA GLN S 180 0.89 25.20 9.98
C GLN S 180 -0.28 26.11 9.67
N VAL S 181 -0.01 27.41 9.55
CA VAL S 181 -1.03 28.35 9.09
C VAL S 181 -1.24 28.14 7.60
N PRO S 182 -2.48 28.11 7.11
CA PRO S 182 -2.72 27.84 5.69
C PRO S 182 -2.00 28.81 4.78
N GLU S 183 -1.54 28.31 3.63
CA GLU S 183 -0.77 29.12 2.69
C GLU S 183 -1.58 30.29 2.14
N SER S 184 -2.90 30.23 2.23
CA SER S 184 -3.78 31.31 1.77
C SER S 184 -4.78 31.62 2.87
N LEU S 185 -4.93 32.92 3.19
CA LEU S 185 -5.82 33.41 4.23
C LEU S 185 -7.01 34.20 3.66
N LYS S 186 -7.23 34.13 2.36
CA LYS S 186 -8.27 34.92 1.72
C LYS S 186 -9.63 34.26 1.88
N ASP S 187 -10.64 35.06 2.19
CA ASP S 187 -12.03 34.62 2.32
C ASP S 187 -12.18 33.51 3.36
N LYS S 188 -11.52 33.69 4.50
CA LYS S 188 -11.63 32.77 5.63
C LYS S 188 -11.88 33.55 6.90
N ASN S 189 -12.65 32.95 7.81
CA ASN S 189 -12.96 33.58 9.09
C ASN S 189 -12.31 32.85 10.25
N ALA S 190 -12.15 31.53 10.16
CA ALA S 190 -11.47 30.77 11.21
C ALA S 190 -10.87 29.52 10.58
N VAL S 191 -9.56 29.52 10.38
CA VAL S 191 -8.87 28.41 9.76
C VAL S 191 -8.47 27.37 10.79
N UNK S 192 -7.80 26.31 10.33
CA UNK S 192 -7.36 25.24 11.21
C UNK S 192 -5.91 24.88 10.97
N LEU S 193 -5.04 25.21 11.92
CA LEU S 193 -3.63 24.85 11.84
C LEU S 193 -3.45 23.37 12.07
N GLN T 13 44.83 -13.99 101.84
CA GLN T 13 45.67 -13.71 100.68
C GLN T 13 44.92 -13.99 99.40
N VAL T 14 44.44 -15.24 99.28
CA VAL T 14 43.72 -15.65 98.08
C VAL T 14 42.45 -14.81 97.89
N GLY T 15 41.73 -14.55 98.98
CA GLY T 15 40.52 -13.75 98.89
C GLY T 15 40.79 -12.34 98.40
N ILE T 16 41.82 -11.69 98.96
CA ILE T 16 42.18 -10.34 98.53
C ILE T 16 42.68 -10.37 97.09
N GLY T 17 43.52 -11.35 96.75
CA GLY T 17 43.99 -11.47 95.38
C GLY T 17 42.86 -11.70 94.39
N THR T 18 41.86 -12.49 94.80
CA THR T 18 40.70 -12.70 93.94
C THR T 18 39.93 -11.41 93.72
N LEU T 19 39.72 -10.62 94.78
CA LEU T 19 38.99 -9.36 94.63
C LEU T 19 39.75 -8.36 93.76
N ILE T 20 41.06 -8.29 93.93
CA ILE T 20 41.87 -7.35 93.14
C ILE T 20 41.76 -7.69 91.66
N VAL T 21 41.88 -8.96 91.32
CA VAL T 21 41.75 -9.36 89.93
C VAL T 21 40.28 -9.35 89.50
N PHE T 22 39.35 -9.51 90.44
CA PHE T 22 37.94 -9.32 90.11
C PHE T 22 37.67 -7.88 89.68
N ILE T 23 38.19 -6.92 90.42
CA ILE T 23 38.02 -5.52 90.06
C ILE T 23 38.63 -5.25 88.69
N ALA T 24 39.83 -5.81 88.44
CA ALA T 24 40.48 -5.60 87.15
C ALA T 24 39.62 -6.13 86.01
N MET T 25 38.93 -7.25 86.20
CA MET T 25 38.06 -7.78 85.16
C MET T 25 36.95 -6.81 84.79
N VAL T 26 36.51 -5.99 85.74
CA VAL T 26 35.46 -5.02 85.47
C VAL T 26 35.93 -4.00 84.42
N LEU T 27 37.15 -3.50 84.58
CA LEU T 27 37.64 -2.50 83.63
C LEU T 27 37.90 -3.11 82.26
N VAL T 28 38.72 -4.16 82.18
CA VAL T 28 39.12 -4.70 80.89
C VAL T 28 37.90 -5.06 80.05
N ALA T 29 36.78 -5.39 80.69
CA ALA T 29 35.53 -5.53 79.94
C ALA T 29 35.07 -4.18 79.39
N ALA T 30 35.23 -3.11 80.17
CA ALA T 30 34.75 -1.80 79.75
C ALA T 30 35.48 -1.28 78.52
N ILE T 31 36.82 -1.39 78.50
CA ILE T 31 37.55 -1.00 77.30
C ILE T 31 37.17 -1.90 76.13
N ALA T 32 37.04 -3.21 76.37
CA ALA T 32 36.61 -4.11 75.30
C ALA T 32 35.22 -3.75 74.81
N ALA T 33 34.29 -3.46 75.73
CA ALA T 33 32.96 -3.04 75.34
C ALA T 33 32.99 -1.67 74.66
N GLY T 34 33.80 -0.75 75.18
CA GLY T 34 33.81 0.61 74.65
C GLY T 34 34.24 0.68 73.21
N VAL T 35 35.29 -0.07 72.84
CA VAL T 35 35.79 -0.03 71.47
C VAL T 35 34.74 -0.56 70.50
N LEU T 36 34.08 -1.67 70.86
CA LEU T 36 33.08 -2.26 69.97
C LEU T 36 31.90 -1.31 69.75
N ILE T 37 31.41 -0.70 70.82
CA ILE T 37 30.26 0.18 70.71
C ILE T 37 30.61 1.44 69.94
N ASN T 38 31.73 2.07 70.29
CA ASN T 38 32.11 3.33 69.65
C ASN T 38 32.43 3.13 68.18
N THR T 39 33.08 2.02 67.83
CA THR T 39 33.35 1.74 66.42
C THR T 39 32.06 1.49 65.66
N ALA T 40 31.09 0.83 66.29
CA ALA T 40 29.79 0.65 65.68
C ALA T 40 29.10 2.00 65.47
N GLY T 41 29.22 2.89 66.44
CA GLY T 41 28.64 4.22 66.28
C GLY T 41 29.30 4.99 65.15
N TYR T 42 30.63 4.88 65.03
CA TYR T 42 31.31 5.52 63.91
C TYR T 42 30.86 4.95 62.58
N LEU T 43 30.73 3.62 62.49
CA LEU T 43 30.27 3.01 61.26
C LEU T 43 28.78 3.25 61.03
N GLN T 44 28.01 3.45 62.10
CA GLN T 44 26.60 3.76 61.95
C GLN T 44 26.40 5.06 61.18
N SER T 45 27.14 6.11 61.56
CA SER T 45 27.03 7.38 60.86
C SER T 45 27.63 7.29 59.46
N LYS T 46 28.75 6.57 59.32
CA LYS T 46 29.36 6.40 58.00
C LYS T 46 28.45 5.63 57.07
N GLY T 47 27.83 4.56 57.56
CA GLY T 47 26.93 3.78 56.72
C GLY T 47 25.68 4.53 56.32
N SER T 48 25.08 5.27 57.27
CA SER T 48 23.87 6.03 56.98
C SER T 48 24.12 7.11 55.94
N ALA T 49 25.23 7.84 56.09
CA ALA T 49 25.57 8.87 55.12
C ALA T 49 25.84 8.27 53.74
N THR T 50 26.49 7.10 53.70
CA THR T 50 26.77 6.46 52.43
C THR T 50 25.48 6.09 51.70
N GLY T 51 24.50 5.57 52.43
CA GLY T 51 23.25 5.16 51.79
C GLY T 51 22.50 6.34 51.19
N GLU T 52 22.42 7.44 51.92
CA GLU T 52 21.64 8.59 51.48
C GLU T 52 22.25 9.23 50.23
N GLU T 53 23.55 9.50 50.25
CA GLU T 53 24.17 10.18 49.12
C GLU T 53 24.26 9.26 47.90
N ALA T 54 24.39 7.95 48.12
CA ALA T 54 24.36 7.01 47.01
C ALA T 54 23.00 7.01 46.33
N SER T 55 21.92 7.08 47.12
CA SER T 55 20.60 7.22 46.55
C SER T 55 20.45 8.54 45.80
N ALA T 56 21.00 9.62 46.37
CA ALA T 56 20.93 10.93 45.72
C ALA T 56 21.65 10.92 44.40
N GLN T 57 22.76 10.17 44.30
CA GLN T 57 23.49 10.07 43.05
C GLN T 57 22.62 9.44 41.95
N VAL T 58 21.84 8.44 42.31
CA VAL T 58 21.04 7.71 41.31
C VAL T 58 19.69 8.40 41.08
N SER T 59 19.02 8.82 42.14
CA SER T 59 17.68 9.37 42.02
C SER T 59 17.69 10.84 41.59
N ASN T 60 18.37 11.69 42.36
CA ASN T 60 18.41 13.12 42.07
C ASN T 60 19.20 13.38 40.80
N ARG T 61 18.51 13.71 39.70
CA ARG T 61 19.16 13.90 38.42
C ARG T 61 18.36 14.93 37.62
N ILE T 62 19.04 15.52 36.63
CA ILE T 62 18.48 16.57 35.78
C ILE T 62 17.96 15.95 34.50
N ASN T 63 16.77 16.36 34.09
CA ASN T 63 16.20 15.98 32.81
C ASN T 63 16.02 17.22 31.96
N ILE T 64 16.56 17.19 30.74
CA ILE T 64 16.57 18.34 29.86
C ILE T 64 15.32 18.27 29.00
N VAL T 65 14.36 19.16 29.27
CA VAL T 65 13.11 19.17 28.52
C VAL T 65 13.36 19.51 27.06
N SER T 66 14.09 20.59 26.81
CA SER T 66 14.32 21.06 25.45
C SER T 66 15.48 22.04 25.45
N ALA T 67 16.00 22.31 24.26
CA ALA T 67 17.08 23.26 24.07
C ALA T 67 16.76 24.17 22.88
N TYR T 68 17.23 25.41 22.97
CA TYR T 68 17.05 26.38 21.90
C TYR T 68 18.09 27.48 22.08
N GLY T 69 18.24 28.29 21.04
CA GLY T 69 19.20 29.39 21.08
C GLY T 69 18.82 30.49 20.13
N ASN T 70 19.18 31.72 20.51
CA ASN T 70 18.95 32.86 19.63
C ASN T 70 19.96 32.85 18.49
N VAL T 71 19.59 33.49 17.39
CA VAL T 71 20.44 33.54 16.21
C VAL T 71 20.69 34.97 15.77
N UNK T 72 21.94 35.40 15.88
CA UNK T 72 22.34 36.72 15.43
C UNK T 72 23.10 36.62 14.12
N UNK T 73 22.82 37.54 13.19
CA UNK T 73 23.43 37.53 11.87
C UNK T 73 23.19 36.20 11.15
N UNK T 74 24.03 35.22 11.46
CA UNK T 74 23.90 33.89 10.86
C UNK T 74 24.57 32.84 11.72
N UNK T 75 24.63 33.10 13.02
CA UNK T 75 25.26 32.17 13.96
C UNK T 75 24.54 32.19 15.31
N VAL T 76 24.57 31.05 16.00
CA VAL T 76 23.92 30.91 17.29
C VAL T 76 24.82 31.43 18.41
N ASP T 77 24.42 32.54 19.02
CA ASP T 77 25.25 33.16 20.06
C ASP T 77 24.97 32.57 21.44
N TYR T 78 23.71 32.36 21.78
CA TYR T 78 23.31 31.82 23.08
C TYR T 78 22.83 30.38 22.93
N VAL T 79 23.19 29.55 23.90
CA VAL T 79 22.71 28.18 23.99
C VAL T 79 21.90 28.08 25.26
N ASN T 80 20.58 28.03 25.13
CA ASN T 80 19.69 27.98 26.28
C ASN T 80 19.15 26.57 26.47
N LEU T 81 19.03 26.16 27.73
CA LEU T 81 18.74 24.78 28.07
C LEU T 81 17.71 24.75 29.20
N THR T 82 16.55 24.15 28.94
CA THR T 82 15.52 23.98 29.95
C THR T 82 15.73 22.65 30.67
N VAL T 83 15.65 22.69 32.00
CA VAL T 83 15.90 21.51 32.81
C VAL T 83 14.78 21.34 33.82
N ARG T 84 14.61 20.10 34.28
CA ARG T 84 13.59 19.76 35.25
C ARG T 84 14.10 18.60 36.09
N GLN T 85 13.39 18.32 37.18
CA GLN T 85 13.75 17.19 38.02
C GLN T 85 13.48 15.88 37.31
N ALA T 86 14.24 14.86 37.69
CA ALA T 86 13.98 13.51 37.23
C ALA T 86 12.86 12.91 38.07
N ALA T 87 12.47 11.68 37.75
CA ALA T 87 11.42 11.01 38.50
C ALA T 87 11.88 10.73 39.92
N GLY T 88 11.03 11.08 40.90
CA GLY T 88 11.33 10.81 42.29
C GLY T 88 12.60 11.46 42.81
N ALA T 89 12.81 12.73 42.46
CA ALA T 89 14.02 13.44 42.85
C ALA T 89 13.76 14.34 44.05
N ASP T 90 14.85 14.97 44.51
CA ASP T 90 14.80 15.93 45.61
C ASP T 90 15.26 17.30 45.12
N ASN T 91 15.45 18.24 46.04
CA ASN T 91 15.91 19.57 45.65
C ASN T 91 17.27 19.49 44.96
N ILE T 92 17.38 20.19 43.84
CA ILE T 92 18.59 20.18 43.01
C ILE T 92 19.10 21.61 42.91
N ASN T 93 20.06 21.97 43.74
CA ASN T 93 20.69 23.28 43.66
C ASN T 93 21.53 23.33 42.39
N LEU T 94 21.16 24.19 41.46
CA LEU T 94 21.85 24.27 40.17
C LEU T 94 23.07 25.17 40.23
N UNK T 95 23.43 25.60 41.44
CA UNK T 95 24.61 26.42 41.63
C UNK T 95 25.83 25.53 41.90
N LYS T 96 25.57 24.34 42.40
CA LYS T 96 26.64 23.40 42.73
C LYS T 96 26.85 22.37 41.62
N SER T 97 26.21 22.60 40.47
CA SER T 97 26.32 21.72 39.33
C SER T 97 27.29 22.30 38.30
N THR T 98 27.81 21.42 37.45
CA THR T 98 28.73 21.82 36.40
C THR T 98 28.28 21.21 35.08
N ILE T 99 28.64 21.87 33.98
CA ILE T 99 28.32 21.44 32.64
C ILE T 99 29.60 21.35 31.84
N GLN T 100 29.84 20.20 31.22
CA GLN T 100 31.03 19.98 30.40
C GLN T 100 30.71 20.30 28.95
N TRP T 101 31.46 21.23 28.37
CA TRP T 101 31.24 21.72 27.01
C TRP T 101 32.32 21.14 26.11
N ILE T 102 31.99 20.08 25.38
CA ILE T 102 32.88 19.52 24.36
C ILE T 102 32.32 19.95 23.01
N GLY T 103 32.79 21.10 22.53
CA GLY T 103 32.32 21.65 21.29
C GLY T 103 33.27 21.36 20.14
N PRO T 104 32.98 21.93 18.96
CA PRO T 104 33.86 21.73 17.81
C PRO T 104 35.27 22.26 18.03
N ASP T 105 35.44 23.31 18.82
CA ASP T 105 36.76 23.90 19.03
C ASP T 105 37.27 23.65 20.45
N UNK T 106 36.71 24.37 21.41
CA UNK T 106 37.17 24.29 22.79
C UNK T 106 36.58 23.10 23.54
N ALA T 107 37.07 22.87 24.75
CA ALA T 107 36.58 21.81 25.61
C ALA T 107 36.85 22.14 27.07
N THR T 108 35.82 22.58 27.77
CA THR T 108 35.97 23.02 29.16
C THR T 108 34.70 22.71 29.93
N THR T 109 34.83 22.74 31.25
CA THR T 109 33.71 22.49 32.17
C THR T 109 33.18 23.83 32.67
N LEU T 110 31.88 24.07 32.47
CA LEU T 110 31.27 25.34 32.82
C LEU T 110 30.72 25.29 34.23
N THR T 111 31.06 26.29 35.04
CA THR T 111 30.56 26.43 36.39
C THR T 111 29.48 27.51 36.43
N TYR T 112 28.94 27.75 37.62
CA TYR T 112 27.86 28.70 37.79
C TYR T 112 28.39 30.12 37.99
N UNK T 113 27.65 31.10 37.48
CA UNK T 113 28.00 32.50 37.67
C UNK T 113 26.78 33.30 38.13
N UNK T 114 26.70 34.55 37.70
CA UNK T 114 25.58 35.42 38.07
C UNK T 114 25.47 36.60 37.10
N UNK T 115 24.42 36.58 36.28
CA UNK T 115 24.16 37.64 35.30
C UNK T 115 25.35 37.87 34.38
N UNK T 120 27.46 33.66 30.52
CA UNK T 120 28.43 34.66 30.90
C UNK T 120 29.68 34.60 30.02
N UNK T 121 30.78 34.11 30.60
CA UNK T 121 32.02 33.93 29.84
C UNK T 121 32.33 32.44 29.72
N GLU T 122 33.14 31.96 30.66
CA GLU T 122 33.47 30.53 30.72
C GLU T 122 32.57 29.83 31.74
N ASN T 123 31.49 30.51 32.11
CA ASN T 123 30.54 30.03 33.12
C ASN T 123 29.14 29.98 32.52
N PHE T 124 28.20 29.47 33.29
CA PHE T 124 26.80 29.39 32.88
C PHE T 124 25.92 29.97 34.00
N THR T 125 24.82 30.59 33.59
CA THR T 125 23.87 31.19 34.52
C THR T 125 22.48 30.62 34.28
N THR T 126 21.65 30.65 35.31
CA THR T 126 20.31 30.09 35.25
C THR T 126 19.23 31.14 35.49
N UNK T 127 18.23 31.16 34.61
CA UNK T 127 17.07 32.02 34.81
C UNK T 127 15.97 31.24 35.53
N SER T 128 14.73 31.41 35.09
CA SER T 128 13.61 30.67 35.67
C SER T 128 12.39 30.68 34.76
N ILE T 129 11.91 29.49 34.40
CA ILE T 129 10.73 29.36 33.56
C ILE T 129 9.45 29.38 34.39
N LYS T 130 9.39 28.55 35.43
CA LYS T 130 8.28 28.59 36.37
C LYS T 130 8.76 28.07 37.71
N GLY T 131 8.13 28.55 38.78
CA GLY T 131 8.51 28.16 40.13
C GLY T 131 9.01 29.33 40.96
N UNK T 132 9.32 29.07 42.22
CA UNK T 132 9.79 30.10 43.13
C UNK T 132 11.25 30.43 42.91
N UNK T 133 12.13 29.50 43.27
CA UNK T 133 13.57 29.71 43.16
C UNK T 133 14.03 29.68 41.70
N UNK T 134 15.14 30.35 41.42
CA UNK T 134 15.68 30.41 40.07
C UNK T 134 17.01 29.68 39.98
N UNK T 135 17.35 28.95 41.04
CA UNK T 135 18.58 28.18 41.08
C UNK T 135 18.35 26.81 41.69
N VAL T 136 17.18 26.62 42.28
CA VAL T 136 16.84 25.35 42.94
C VAL T 136 15.53 24.78 42.41
N LEU T 137 15.57 23.53 41.97
CA LEU T 137 14.36 22.81 41.55
C LEU T 137 13.76 22.15 42.78
N VAL T 138 12.65 22.69 43.26
CA VAL T 138 12.04 22.19 44.49
C VAL T 138 11.05 21.08 44.21
N ASP T 139 10.13 21.30 43.27
CA ASP T 139 9.06 20.35 42.96
C ASP T 139 9.21 19.84 41.53
N GLN T 140 8.29 18.96 41.14
CA GLN T 140 8.34 18.36 39.82
C GLN T 140 7.99 19.35 38.71
N SER T 141 7.14 20.33 39.01
CA SER T 141 6.68 21.27 38.00
C SER T 141 7.71 22.35 37.66
N ASP T 142 8.66 22.61 38.57
CA ASP T 142 9.62 23.69 38.36
C ASP T 142 10.46 23.46 37.11
N ARG T 143 10.59 24.50 36.30
CA ARG T 143 11.45 24.49 35.12
C ARG T 143 12.43 25.66 35.22
N ILE T 144 13.70 25.37 34.96
CA ILE T 144 14.76 26.38 35.03
C ILE T 144 15.52 26.36 33.70
N LYS T 145 15.76 27.54 33.15
CA LYS T 145 16.47 27.68 31.88
C LYS T 145 17.94 27.92 32.15
N VAL T 146 18.79 27.07 31.56
CA VAL T 146 20.24 27.19 31.70
C VAL T 146 20.76 27.99 30.50
N ILE T 147 21.46 29.08 30.78
CA ILE T 147 21.91 30.02 29.76
C ILE T 147 23.41 29.86 29.58
N MET T 148 23.85 29.70 28.33
CA MET T 148 25.26 29.60 28.01
C MET T 148 25.57 30.48 26.81
N TYR T 149 26.62 31.30 26.93
CA TYR T 149 27.05 32.18 25.87
C TYR T 149 28.07 31.44 25.00
N ALA T 150 27.65 31.02 23.82
CA ALA T 150 28.51 30.25 22.93
C ALA T 150 29.64 31.10 22.36
N UNK T 151 29.44 32.41 22.32
CA UNK T 151 30.45 33.34 21.80
C UNK T 151 31.45 33.71 22.89
N UNK T 152 31.44 32.97 23.99
CA UNK T 152 32.34 33.23 25.09
C UNK T 152 33.05 31.95 25.53
N VAL T 153 32.34 30.83 25.46
CA VAL T 153 32.92 29.55 25.81
C VAL T 153 33.84 29.08 24.68
N UNK T 154 33.60 29.61 23.48
CA UNK T 154 34.40 29.27 22.32
C UNK T 154 34.17 30.30 21.21
N UNK T 155 33.40 29.89 20.21
CA UNK T 155 33.05 30.79 19.12
C UNK T 155 31.56 30.65 18.80
N UNK T 156 31.01 31.59 18.05
CA UNK T 156 29.61 31.54 17.66
C UNK T 156 29.35 30.28 16.84
N LEU T 157 28.40 29.47 17.29
CA LEU T 157 28.12 28.18 16.66
C LEU T 157 27.61 28.35 15.23
N UNK T 158 28.42 27.90 14.27
CA UNK T 158 28.04 27.98 12.87
C UNK T 158 27.01 26.91 12.53
N UNK T 159 26.59 26.87 11.27
CA UNK T 159 25.58 25.92 10.83
C UNK T 159 26.13 24.49 10.80
N GLY T 160 25.54 23.63 11.63
CA GLY T 160 25.91 22.23 11.64
C GLY T 160 26.86 21.84 12.77
N UNK T 161 27.23 22.82 13.60
CA UNK T 161 28.12 22.56 14.72
C UNK T 161 27.43 21.71 15.78
N GLU T 162 28.16 20.75 16.32
CA GLU T 162 27.62 19.85 17.34
C GLU T 162 28.37 20.01 18.66
N VAL T 163 27.61 20.21 19.74
CA VAL T 163 28.16 20.41 21.07
C VAL T 163 27.65 19.29 21.96
N GLN T 164 28.58 18.62 22.66
CA GLN T 164 28.24 17.57 23.60
C GLN T 164 28.20 18.19 24.99
N LEU T 165 27.02 18.19 25.60
CA LEU T 165 26.81 18.78 26.92
C LEU T 165 26.53 17.68 27.93
N THR T 166 27.25 17.72 29.05
CA THR T 166 27.06 16.78 30.14
C THR T 166 26.78 17.58 31.41
N VAL T 167 25.53 17.56 31.86
CA VAL T 167 25.12 18.29 33.05
C VAL T 167 25.30 17.38 34.25
N THR T 168 26.29 17.68 35.09
CA THR T 168 26.63 16.85 36.24
C THR T 168 26.08 17.50 37.49
N THR T 169 25.23 16.77 38.21
CA THR T 169 24.69 17.26 39.47
C THR T 169 25.75 17.17 40.56
N GLN T 170 25.50 17.86 41.67
CA GLN T 170 26.45 17.89 42.78
C GLN T 170 26.81 16.48 43.24
N TYR T 171 25.80 15.62 43.42
CA TYR T 171 26.03 14.29 43.95
C TYR T 171 26.64 13.32 42.95
N GLY T 172 26.71 13.70 41.67
CA GLY T 172 27.38 12.88 40.67
C GLY T 172 26.50 12.45 39.52
N SER T 173 25.19 12.68 39.57
CA SER T 173 24.31 12.30 38.48
C SER T 173 24.69 13.05 37.21
N LYS T 174 24.83 12.32 36.12
CA LYS T 174 25.27 12.88 34.85
C LYS T 174 24.16 12.74 33.81
N THR T 175 23.83 13.84 33.15
CA THR T 175 22.87 13.84 32.05
C THR T 175 23.57 14.43 30.83
N THR T 176 23.50 13.72 29.71
CA THR T 176 24.21 14.11 28.50
C THR T 176 23.22 14.55 27.44
N TYR T 177 23.52 15.66 26.77
CA TYR T 177 22.73 16.18 25.68
C TYR T 177 23.66 16.53 24.52
N TRP T 178 23.35 16.02 23.33
CA TRP T 178 24.11 16.34 22.12
C TRP T 178 23.39 17.48 21.41
N ALA T 179 23.82 18.71 21.68
CA ALA T 179 23.23 19.87 21.02
C ALA T 179 23.72 19.95 19.59
N GLN T 180 22.81 19.88 18.63
CA GLN T 180 23.15 19.90 17.22
C GLN T 180 22.52 21.13 16.58
N VAL T 181 23.35 22.09 16.20
CA VAL T 181 22.84 23.28 15.50
C VAL T 181 22.27 22.84 14.15
N PRO T 182 21.14 23.40 13.71
CA PRO T 182 20.56 22.97 12.43
C PRO T 182 21.53 23.14 11.27
N GLU T 183 21.39 22.28 10.28
CA GLU T 183 22.32 22.27 9.15
C GLU T 183 22.29 23.59 8.39
N SER T 184 21.10 24.17 8.22
CA SER T 184 20.94 25.44 7.52
C SER T 184 20.24 26.44 8.43
N LEU T 185 20.73 27.67 8.43
CA LEU T 185 20.20 28.75 9.25
C LEU T 185 19.77 29.93 8.39
N LYS T 186 19.12 29.65 7.26
CA LYS T 186 18.71 30.69 6.32
C LYS T 186 17.53 31.46 6.91
N ASP T 187 17.80 32.63 7.46
CA ASP T 187 16.79 33.52 8.02
C ASP T 187 15.92 32.80 9.05
N LYS T 188 16.57 32.36 10.12
CA LYS T 188 15.90 31.71 11.25
C LYS T 188 16.27 32.49 12.51
N ASN T 189 15.31 33.28 13.01
CA ASN T 189 15.59 34.18 14.13
C ASN T 189 16.03 33.40 15.36
N ALA T 190 15.35 32.30 15.67
CA ALA T 190 15.70 31.46 16.80
C ALA T 190 15.42 30.01 16.46
N VAL T 191 16.43 29.16 16.62
CA VAL T 191 16.32 27.75 16.25
C VAL T 191 16.23 26.87 17.49
N UNK T 192 16.03 25.57 17.27
CA UNK T 192 15.93 24.62 18.36
C UNK T 192 17.04 23.57 18.26
N LEU T 193 18.11 23.76 19.02
CA LEU T 193 19.22 22.81 19.04
C LEU T 193 18.79 21.47 19.61
N GLN U 13 41.56 -22.51 89.34
CA GLN U 13 40.33 -21.75 89.48
C GLN U 13 39.90 -21.17 88.14
N VAL U 14 40.68 -20.23 87.63
CA VAL U 14 40.42 -19.66 86.31
C VAL U 14 40.43 -20.75 85.26
N GLY U 15 41.39 -21.68 85.35
CA GLY U 15 41.48 -22.76 84.38
C GLY U 15 40.23 -23.61 84.33
N ILE U 16 39.69 -23.96 85.49
CA ILE U 16 38.40 -24.65 85.52
C ILE U 16 37.29 -23.69 85.09
N GLY U 17 37.31 -22.46 85.59
CA GLY U 17 36.29 -21.50 85.21
C GLY U 17 36.25 -21.21 83.72
N THR U 18 37.40 -21.31 83.06
CA THR U 18 37.42 -21.16 81.60
C THR U 18 36.65 -22.29 80.93
N LEU U 19 36.81 -23.52 81.43
CA LEU U 19 36.30 -24.70 80.70
C LEU U 19 34.78 -24.69 80.60
N ILE U 20 34.08 -24.45 81.72
CA ILE U 20 32.62 -24.41 81.67
C ILE U 20 32.16 -23.29 80.74
N VAL U 21 32.83 -22.13 80.79
CA VAL U 21 32.56 -21.08 79.81
C VAL U 21 32.98 -21.53 78.42
N PHE U 22 34.11 -22.23 78.32
CA PHE U 22 34.57 -22.73 77.03
C PHE U 22 33.53 -23.66 76.41
N ILE U 23 33.02 -24.61 77.21
CA ILE U 23 31.98 -25.51 76.71
C ILE U 23 30.74 -24.73 76.30
N ALA U 24 30.40 -23.68 77.06
CA ALA U 24 29.17 -22.95 76.79
C ALA U 24 29.15 -22.37 75.38
N MET U 25 30.29 -21.83 74.92
CA MET U 25 30.35 -21.29 73.56
C MET U 25 30.14 -22.38 72.52
N VAL U 26 30.53 -23.62 72.81
CA VAL U 26 30.33 -24.69 71.84
C VAL U 26 28.85 -24.90 71.57
N LEU U 27 28.05 -25.04 72.63
CA LEU U 27 26.61 -25.14 72.44
C LEU U 27 26.02 -23.83 71.92
N VAL U 28 26.42 -22.69 72.49
CA VAL U 28 25.89 -21.40 72.04
C VAL U 28 26.14 -21.23 70.55
N ALA U 29 27.31 -21.67 70.06
CA ALA U 29 27.53 -21.69 68.62
C ALA U 29 26.68 -22.76 67.95
N ALA U 30 26.39 -23.86 68.64
CA ALA U 30 25.63 -24.95 68.04
C ALA U 30 24.20 -24.53 67.72
N ILE U 31 23.50 -23.88 68.67
CA ILE U 31 22.18 -23.34 68.34
C ILE U 31 22.32 -22.26 67.27
N ALA U 32 23.32 -21.39 67.42
CA ALA U 32 23.55 -20.37 66.41
C ALA U 32 23.83 -21.00 65.05
N ALA U 33 24.65 -22.06 65.05
CA ALA U 33 24.81 -22.86 63.84
C ALA U 33 23.51 -23.56 63.48
N GLY U 34 22.75 -24.00 64.48
CA GLY U 34 21.53 -24.75 64.21
C GLY U 34 20.50 -23.95 63.44
N VAL U 35 20.22 -22.72 63.86
CA VAL U 35 19.14 -21.96 63.23
C VAL U 35 19.49 -21.58 61.80
N LEU U 36 20.75 -21.16 61.58
CA LEU U 36 21.14 -20.66 60.27
C LEU U 36 20.95 -21.72 59.18
N ILE U 37 21.31 -22.96 59.48
CA ILE U 37 21.17 -24.03 58.50
C ILE U 37 19.69 -24.36 58.27
N ASN U 38 18.92 -24.48 59.36
CA ASN U 38 17.56 -24.98 59.25
C ASN U 38 16.65 -24.00 58.50
N THR U 39 16.72 -22.71 58.83
CA THR U 39 15.95 -21.74 58.06
C THR U 39 16.44 -21.69 56.62
N ALA U 40 17.75 -21.85 56.41
CA ALA U 40 18.24 -22.07 55.06
C ALA U 40 17.66 -23.35 54.46
N GLY U 41 17.51 -24.39 55.28
CA GLY U 41 16.84 -25.60 54.82
C GLY U 41 15.38 -25.36 54.47
N TYR U 42 14.67 -24.62 55.32
CA TYR U 42 13.27 -24.29 55.03
C TYR U 42 13.16 -23.41 53.79
N LEU U 43 14.06 -22.43 53.65
CA LEU U 43 13.97 -21.49 52.55
C LEU U 43 14.36 -22.12 51.22
N GLN U 44 15.30 -23.07 51.22
CA GLN U 44 15.68 -23.71 49.96
C GLN U 44 14.52 -24.48 49.37
N SER U 45 13.69 -25.09 50.21
CA SER U 45 12.48 -25.74 49.71
C SER U 45 11.48 -24.71 49.18
N LYS U 46 11.33 -23.58 49.87
CA LYS U 46 10.41 -22.54 49.41
C LYS U 46 10.91 -21.92 48.10
N GLY U 47 12.21 -21.68 47.99
CA GLY U 47 12.76 -21.14 46.76
C GLY U 47 12.63 -22.12 45.59
N SER U 48 12.90 -23.40 45.84
CA SER U 48 12.77 -24.40 44.79
C SER U 48 11.31 -24.53 44.34
N ALA U 49 10.38 -24.56 45.30
CA ALA U 49 8.97 -24.66 44.94
C ALA U 49 8.49 -23.43 44.19
N THR U 50 8.93 -22.23 44.62
CA THR U 50 8.44 -21.00 44.00
C THR U 50 8.82 -20.91 42.53
N GLY U 51 10.05 -21.29 42.20
CA GLY U 51 10.48 -21.24 40.80
C GLY U 51 9.68 -22.18 39.91
N GLU U 52 9.37 -23.37 40.41
CA GLU U 52 8.68 -24.37 39.59
C GLU U 52 7.25 -23.94 39.29
N GLU U 53 6.50 -23.53 40.32
CA GLU U 53 5.11 -23.14 40.09
C GLU U 53 5.02 -21.86 39.28
N ALA U 54 5.90 -20.89 39.53
CA ALA U 54 5.88 -19.66 38.76
C ALA U 54 6.19 -19.91 37.29
N SER U 55 7.18 -20.77 37.02
CA SER U 55 7.45 -21.15 35.64
C SER U 55 6.27 -21.91 35.05
N ALA U 56 5.64 -22.78 35.84
CA ALA U 56 4.45 -23.47 35.37
C ALA U 56 3.30 -22.49 35.14
N GLN U 57 3.23 -21.43 35.95
CA GLN U 57 2.21 -20.42 35.75
C GLN U 57 2.40 -19.69 34.42
N VAL U 58 3.65 -19.47 34.01
CA VAL U 58 3.92 -18.72 32.79
C VAL U 58 3.91 -19.62 31.56
N SER U 59 4.40 -20.86 31.68
CA SER U 59 4.55 -21.73 30.53
C SER U 59 3.40 -22.71 30.34
N ASN U 60 2.94 -23.37 31.40
CA ASN U 60 1.91 -24.40 31.28
C ASN U 60 0.56 -23.74 31.02
N ARG U 61 0.38 -23.29 29.78
CA ARG U 61 -0.85 -22.69 29.30
C ARG U 61 -1.44 -23.55 28.19
N ILE U 62 -2.72 -23.35 27.90
CA ILE U 62 -3.37 -24.05 26.80
C ILE U 62 -3.57 -23.08 25.64
N ASN U 63 -3.69 -23.64 24.44
CA ASN U 63 -3.97 -22.87 23.23
C ASN U 63 -5.21 -23.45 22.57
N ILE U 64 -6.22 -22.62 22.38
CA ILE U 64 -7.47 -23.03 21.75
C ILE U 64 -7.25 -23.04 20.25
N VAL U 65 -7.08 -24.24 19.68
CA VAL U 65 -6.81 -24.37 18.25
C VAL U 65 -7.98 -23.84 17.43
N SER U 66 -9.19 -24.28 17.75
CA SER U 66 -10.36 -23.93 16.95
C SER U 66 -11.60 -24.06 17.83
N ALA U 67 -12.70 -23.48 17.35
CA ALA U 67 -13.97 -23.54 18.04
C ALA U 67 -15.09 -23.72 17.03
N TYR U 68 -16.07 -24.55 17.38
CA TYR U 68 -17.21 -24.81 16.52
C TYR U 68 -18.35 -25.31 17.39
N GLY U 69 -19.56 -25.27 16.84
CA GLY U 69 -20.73 -25.70 17.59
C GLY U 69 -21.83 -26.19 16.69
N ASN U 70 -22.61 -27.13 17.20
CA ASN U 70 -23.75 -27.65 16.47
C ASN U 70 -24.86 -26.62 16.38
N VAL U 71 -25.68 -26.73 15.34
CA VAL U 71 -26.81 -25.81 15.14
C VAL U 71 -28.12 -26.58 15.06
N UNK U 72 -28.90 -26.53 16.13
CA UNK U 72 -30.21 -27.15 16.15
C UNK U 72 -31.27 -26.10 15.90
N UNK U 73 -32.26 -26.43 15.07
CA UNK U 73 -33.32 -25.51 14.68
C UNK U 73 -32.73 -24.23 14.07
N UNK U 74 -32.34 -23.31 14.92
CA UNK U 74 -31.73 -22.06 14.47
C UNK U 74 -30.91 -21.41 15.58
N UNK U 75 -30.34 -22.25 16.45
CA UNK U 75 -29.56 -21.75 17.57
C UNK U 75 -28.44 -22.73 17.93
N VAL U 76 -27.28 -22.19 18.29
CA VAL U 76 -26.13 -23.00 18.67
C VAL U 76 -26.33 -23.59 20.06
N ASP U 77 -26.49 -24.92 20.13
CA ASP U 77 -26.75 -25.59 21.39
C ASP U 77 -25.46 -26.03 22.09
N TYR U 78 -24.50 -26.56 21.33
CA TYR U 78 -23.22 -27.01 21.88
C TYR U 78 -22.12 -26.04 21.46
N VAL U 79 -21.17 -25.82 22.36
CA VAL U 79 -19.96 -25.05 22.06
C VAL U 79 -18.77 -25.95 22.36
N ASN U 80 -18.01 -26.29 21.33
CA ASN U 80 -16.90 -27.23 21.43
C ASN U 80 -15.59 -26.48 21.22
N LEU U 81 -14.58 -26.81 22.03
CA LEU U 81 -13.30 -26.10 22.01
C LEU U 81 -12.17 -27.12 21.88
N THR U 82 -11.46 -27.08 20.75
CA THR U 82 -10.28 -27.93 20.56
C THR U 82 -9.05 -27.21 21.12
N VAL U 83 -8.45 -27.81 22.15
CA VAL U 83 -7.35 -27.18 22.87
C VAL U 83 -6.09 -28.00 22.69
N ARG U 84 -4.95 -27.36 22.92
CA ARG U 84 -3.65 -28.00 22.81
C ARG U 84 -2.68 -27.37 23.80
N GLN U 85 -1.55 -28.03 24.00
CA GLN U 85 -0.49 -27.49 24.83
C GLN U 85 0.14 -26.26 24.19
N ALA U 86 0.61 -25.35 25.03
CA ALA U 86 1.33 -24.18 24.56
C ALA U 86 2.80 -24.55 24.29
N ALA U 87 3.56 -23.57 23.81
CA ALA U 87 4.98 -23.78 23.55
C ALA U 87 5.72 -24.02 24.87
N GLY U 88 6.42 -25.14 24.96
CA GLY U 88 7.18 -25.47 26.14
C GLY U 88 6.33 -25.64 27.39
N ALA U 89 5.25 -26.39 27.28
CA ALA U 89 4.35 -26.65 28.39
C ALA U 89 4.64 -28.02 28.99
N ASP U 90 3.81 -28.42 29.95
CA ASP U 90 3.94 -29.74 30.59
C ASP U 90 2.59 -30.43 30.51
N ASN U 91 2.42 -31.54 31.23
CA ASN U 91 1.13 -32.22 31.25
C ASN U 91 0.06 -31.32 31.84
N ILE U 92 -0.96 -31.01 31.05
CA ILE U 92 -2.02 -30.09 31.46
C ILE U 92 -3.26 -30.94 31.74
N ASN U 93 -3.60 -31.08 33.01
CA ASN U 93 -4.83 -31.78 33.40
C ASN U 93 -6.03 -30.87 33.21
N LEU U 94 -6.95 -31.27 32.35
CA LEU U 94 -8.13 -30.46 32.06
C LEU U 94 -9.26 -30.73 33.04
N UNK U 95 -9.04 -31.67 33.95
CA UNK U 95 -10.03 -31.96 34.99
C UNK U 95 -9.78 -31.08 36.20
N LYS U 96 -8.63 -30.43 36.22
CA LYS U 96 -8.25 -29.53 37.30
C LYS U 96 -8.23 -28.09 36.82
N SER U 97 -9.07 -27.79 35.83
CA SER U 97 -9.12 -26.46 35.23
C SER U 97 -10.56 -25.96 35.21
N THR U 98 -10.70 -24.64 35.13
CA THR U 98 -11.99 -23.99 35.14
C THR U 98 -12.10 -23.06 33.94
N ILE U 99 -13.31 -22.94 33.40
CA ILE U 99 -13.60 -22.08 32.27
C ILE U 99 -14.64 -21.06 32.70
N GLN U 100 -14.29 -19.78 32.61
CA GLN U 100 -15.20 -18.70 32.96
C GLN U 100 -16.09 -18.37 31.76
N TRP U 101 -17.39 -18.42 31.96
CA TRP U 101 -18.37 -18.14 30.92
C TRP U 101 -19.01 -16.79 31.21
N ILE U 102 -18.79 -15.83 30.32
CA ILE U 102 -19.44 -14.52 30.40
C ILE U 102 -20.27 -14.40 29.12
N GLY U 103 -21.52 -14.84 29.19
CA GLY U 103 -22.40 -14.81 28.04
C GLY U 103 -23.32 -13.62 28.08
N PRO U 104 -24.15 -13.46 27.05
CA PRO U 104 -25.11 -12.34 27.04
C PRO U 104 -26.12 -12.41 28.18
N ASP U 105 -26.50 -13.61 28.61
CA ASP U 105 -27.52 -13.77 29.64
C ASP U 105 -26.94 -14.05 31.02
N UNK U 106 -25.89 -14.86 31.07
CA UNK U 106 -25.34 -15.28 32.36
C UNK U 106 -23.82 -15.13 32.44
N ALA U 107 -23.30 -15.21 33.66
CA ALA U 107 -21.87 -15.16 33.90
C ALA U 107 -21.50 -16.12 35.03
N THR U 108 -20.76 -17.17 34.70
CA THR U 108 -20.45 -18.22 35.66
C THR U 108 -19.14 -18.87 35.29
N THR U 109 -18.59 -19.64 36.24
CA THR U 109 -17.37 -20.40 36.06
C THR U 109 -17.72 -21.88 35.93
N LEU U 110 -17.20 -22.52 34.88
CA LEU U 110 -17.53 -23.90 34.57
C LEU U 110 -16.44 -24.83 35.08
N THR U 111 -16.84 -25.88 35.79
CA THR U 111 -15.93 -26.89 36.30
C THR U 111 -16.01 -28.13 35.42
N TYR U 112 -15.29 -29.18 35.82
CA TYR U 112 -15.26 -30.43 35.05
C TYR U 112 -16.34 -31.40 35.50
N UNK U 113 -16.88 -32.16 34.54
CA UNK U 113 -17.92 -33.14 34.84
C UNK U 113 -17.50 -34.53 34.39
N UNK U 114 -18.46 -35.33 33.94
CA UNK U 114 -18.18 -36.68 33.48
C UNK U 114 -19.29 -37.19 32.57
N UNK U 115 -20.27 -36.34 32.30
CA UNK U 115 -21.39 -36.70 31.43
C UNK U 115 -20.93 -36.91 30.00
N UNK U 120 -22.00 -30.85 29.42
CA UNK U 120 -22.78 -31.13 30.63
C UNK U 120 -23.67 -29.95 30.98
N UNK U 121 -24.16 -29.93 32.22
CA UNK U 121 -25.08 -28.89 32.66
C UNK U 121 -24.37 -27.56 32.88
N GLU U 122 -23.86 -27.34 34.09
CA GLU U 122 -23.17 -26.11 34.44
C GLU U 122 -21.66 -26.34 34.34
N ASN U 123 -21.28 -27.56 33.96
CA ASN U 123 -19.90 -27.97 33.86
C ASN U 123 -19.51 -28.14 32.40
N PHE U 124 -18.29 -28.63 32.17
CA PHE U 124 -17.82 -28.94 30.83
C PHE U 124 -17.24 -30.35 30.80
N THR U 125 -17.23 -30.95 29.61
CA THR U 125 -16.75 -32.31 29.40
C THR U 125 -15.63 -32.29 28.37
N THR U 126 -14.64 -33.16 28.56
CA THR U 126 -13.52 -33.24 27.62
C THR U 126 -13.50 -34.59 26.89
N UNK U 127 -13.47 -34.53 25.57
CA UNK U 127 -13.36 -35.72 24.74
C UNK U 127 -12.07 -35.67 23.93
N SER U 128 -11.41 -36.82 23.81
CA SER U 128 -10.12 -36.88 23.14
C SER U 128 -10.25 -36.89 21.63
N ILE U 129 -9.39 -36.14 20.96
CA ILE U 129 -9.32 -36.11 19.49
C ILE U 129 -8.10 -36.88 18.99
N LYS U 130 -6.93 -36.56 19.51
CA LYS U 130 -5.68 -37.23 19.13
C LYS U 130 -4.85 -37.43 20.38
N GLY U 131 -4.67 -38.67 20.79
CA GLY U 131 -3.90 -38.98 21.98
C GLY U 131 -4.44 -40.15 22.78
N UNK U 132 -3.78 -40.46 23.90
CA UNK U 132 -4.17 -41.59 24.73
C UNK U 132 -5.10 -41.16 25.85
N UNK U 133 -4.74 -40.07 26.53
CA UNK U 133 -5.54 -39.57 27.66
C UNK U 133 -6.61 -38.60 27.18
N UNK U 134 -7.81 -38.71 27.75
CA UNK U 134 -8.92 -37.85 27.37
C UNK U 134 -9.15 -36.76 28.40
N UNK U 135 -8.08 -36.35 29.08
CA UNK U 135 -8.18 -35.30 30.09
C UNK U 135 -6.82 -34.64 30.32
N VAL U 136 -5.75 -35.29 29.88
CA VAL U 136 -4.41 -34.76 30.07
C VAL U 136 -3.71 -34.60 28.73
N LEU U 137 -3.10 -33.42 28.52
CA LEU U 137 -2.31 -33.15 27.32
C LEU U 137 -0.87 -33.50 27.65
N VAL U 138 -0.46 -34.73 27.30
CA VAL U 138 0.86 -35.23 27.67
C VAL U 138 1.93 -34.80 26.69
N ASP U 139 1.67 -34.90 25.39
CA ASP U 139 2.64 -34.55 24.36
C ASP U 139 2.17 -33.30 23.61
N GLN U 140 3.06 -32.77 22.77
CA GLN U 140 2.75 -31.57 22.00
C GLN U 140 1.66 -31.81 20.97
N SER U 141 1.46 -33.05 20.54
CA SER U 141 0.53 -33.36 19.46
C SER U 141 -0.87 -33.71 19.95
N ASP U 142 -1.11 -33.74 21.25
CA ASP U 142 -2.43 -34.07 21.76
C ASP U 142 -3.41 -32.95 21.51
N ARG U 143 -4.62 -33.33 21.07
CA ARG U 143 -5.73 -32.41 20.92
C ARG U 143 -6.92 -32.96 21.70
N ILE U 144 -7.48 -32.13 22.57
CA ILE U 144 -8.63 -32.51 23.39
C ILE U 144 -9.73 -31.48 23.15
N LYS U 145 -10.96 -31.95 22.98
CA LYS U 145 -12.10 -31.09 22.69
C LYS U 145 -12.91 -30.88 23.96
N VAL U 146 -13.14 -29.62 24.31
CA VAL U 146 -13.89 -29.25 25.50
C VAL U 146 -15.36 -29.07 25.12
N ILE U 147 -16.25 -29.73 25.84
CA ILE U 147 -17.68 -29.76 25.52
C ILE U 147 -18.40 -28.89 26.52
N MET U 148 -19.06 -27.83 26.03
CA MET U 148 -19.96 -27.02 26.84
C MET U 148 -21.32 -26.96 26.17
N TYR U 149 -22.37 -27.22 26.94
CA TYR U 149 -23.74 -27.20 26.45
C TYR U 149 -24.31 -25.81 26.67
N ALA U 150 -24.49 -25.05 25.59
CA ALA U 150 -24.96 -23.67 25.70
C ALA U 150 -26.41 -23.60 26.17
N UNK U 151 -27.15 -24.68 25.96
CA UNK U 151 -28.55 -24.74 26.38
C UNK U 151 -28.67 -25.32 27.79
N UNK U 152 -27.59 -25.20 28.56
CA UNK U 152 -27.57 -25.70 29.93
C UNK U 152 -26.82 -24.73 30.84
N VAL U 153 -25.87 -24.01 30.27
CA VAL U 153 -25.12 -23.01 31.01
C VAL U 153 -25.89 -21.70 31.02
N UNK U 154 -26.84 -21.57 30.10
CA UNK U 154 -27.67 -20.37 29.99
C UNK U 154 -28.85 -20.65 29.07
N UNK U 155 -28.80 -20.09 27.87
CA UNK U 155 -29.82 -20.32 26.87
C UNK U 155 -29.14 -20.61 25.53
N UNK U 156 -29.91 -21.15 24.58
CA UNK U 156 -29.38 -21.45 23.26
C UNK U 156 -28.85 -20.19 22.60
N LEU U 157 -27.57 -20.23 22.22
CA LEU U 157 -26.91 -19.07 21.62
C LEU U 157 -27.61 -18.61 20.34
N UNK U 158 -28.04 -17.35 20.34
CA UNK U 158 -28.75 -16.80 19.19
C UNK U 158 -27.76 -16.33 18.12
N UNK U 159 -28.25 -16.16 16.89
CA UNK U 159 -27.41 -15.77 15.77
C UNK U 159 -26.90 -14.34 15.94
N GLY U 160 -25.74 -14.19 16.57
CA GLY U 160 -25.14 -12.89 16.76
C GLY U 160 -24.57 -12.68 18.16
N UNK U 161 -24.89 -13.60 19.06
CA UNK U 161 -24.43 -13.50 20.44
C UNK U 161 -22.92 -13.70 20.56
N GLU U 162 -22.32 -13.09 21.57
CA GLU U 162 -20.89 -13.24 21.81
C GLU U 162 -20.63 -13.66 23.25
N VAL U 163 -19.87 -14.75 23.41
CA VAL U 163 -19.53 -15.31 24.72
C VAL U 163 -18.04 -15.13 24.92
N GLN U 164 -17.66 -14.63 26.10
CA GLN U 164 -16.25 -14.45 26.46
C GLN U 164 -15.86 -15.62 27.34
N LEU U 165 -14.92 -16.43 26.85
CA LEU U 165 -14.45 -17.61 27.56
C LEU U 165 -13.04 -17.39 28.09
N THR U 166 -12.79 -17.90 29.29
CA THR U 166 -11.46 -17.81 29.91
C THR U 166 -11.17 -19.17 30.54
N VAL U 167 -10.32 -19.94 29.88
CA VAL U 167 -9.90 -21.24 30.38
C VAL U 167 -8.67 -21.04 31.26
N THR U 168 -8.78 -21.40 32.53
CA THR U 168 -7.72 -21.18 33.50
C THR U 168 -7.11 -22.52 33.89
N THR U 169 -5.80 -22.65 33.69
CA THR U 169 -5.07 -23.83 34.09
C THR U 169 -4.92 -23.86 35.61
N GLN U 170 -4.70 -25.06 36.15
CA GLN U 170 -4.53 -25.22 37.60
C GLN U 170 -3.49 -24.26 38.16
N TYR U 171 -2.39 -24.07 37.44
CA TYR U 171 -1.32 -23.19 37.88
C TYR U 171 -1.64 -21.71 37.68
N GLY U 172 -2.74 -21.38 37.03
CA GLY U 172 -3.15 -19.99 36.87
C GLY U 172 -2.94 -19.40 35.49
N SER U 173 -2.58 -20.19 34.49
CA SER U 173 -2.42 -19.69 33.14
C SER U 173 -3.81 -19.52 32.51
N LYS U 174 -4.13 -18.30 32.11
CA LYS U 174 -5.44 -17.96 31.59
C LYS U 174 -5.37 -17.80 30.08
N THR U 175 -6.28 -18.47 29.37
CA THR U 175 -6.40 -18.35 27.92
C THR U 175 -7.80 -17.83 27.60
N THR U 176 -7.86 -16.75 26.83
CA THR U 176 -9.10 -16.06 26.55
C THR U 176 -9.51 -16.28 25.11
N TYR U 177 -10.80 -16.50 24.89
CA TYR U 177 -11.36 -16.66 23.55
C TYR U 177 -12.73 -16.00 23.51
N TRP U 178 -12.91 -15.08 22.56
CA TRP U 178 -14.19 -14.41 22.33
C TRP U 178 -14.97 -15.22 21.32
N ALA U 179 -15.90 -16.04 21.80
CA ALA U 179 -16.72 -16.88 20.92
C ALA U 179 -17.86 -16.04 20.36
N GLN U 180 -17.79 -15.74 19.07
CA GLN U 180 -18.79 -14.92 18.39
C GLN U 180 -19.61 -15.80 17.46
N VAL U 181 -20.88 -15.97 17.77
CA VAL U 181 -21.77 -16.73 16.88
C VAL U 181 -21.89 -16.00 15.56
N PRO U 182 -21.92 -16.69 14.42
CA PRO U 182 -22.10 -16.01 13.14
C PRO U 182 -23.40 -15.23 13.11
N GLU U 183 -23.38 -14.09 12.41
CA GLU U 183 -24.52 -13.19 12.38
C GLU U 183 -25.79 -13.90 11.90
N SER U 184 -25.65 -14.80 10.93
CA SER U 184 -26.78 -15.55 10.40
C SER U 184 -26.50 -17.04 10.51
N LEU U 185 -27.44 -17.77 11.09
CA LEU U 185 -27.39 -19.22 11.17
C LEU U 185 -28.32 -19.89 10.18
N LYS U 186 -28.53 -19.26 9.01
CA LYS U 186 -29.52 -19.77 8.06
C LYS U 186 -28.99 -21.01 7.35
N ASP U 187 -29.68 -22.13 7.54
CA ASP U 187 -29.41 -23.37 6.84
C ASP U 187 -27.93 -23.77 6.93
N LYS U 188 -27.49 -23.99 8.17
CA LYS U 188 -26.12 -24.45 8.43
C LYS U 188 -26.17 -25.46 9.57
N ASN U 189 -25.69 -26.68 9.30
CA ASN U 189 -25.72 -27.72 10.32
C ASN U 189 -24.77 -27.38 11.47
N ALA U 190 -23.58 -26.87 11.15
CA ALA U 190 -22.61 -26.48 12.16
C ALA U 190 -21.94 -25.19 11.73
N VAL U 191 -21.41 -24.46 12.71
CA VAL U 191 -20.77 -23.18 12.45
C VAL U 191 -19.34 -23.17 12.94
N UNK U 192 -18.76 -21.98 13.00
CA UNK U 192 -17.39 -21.80 13.50
C UNK U 192 -17.32 -20.58 14.40
N LEU U 193 -17.66 -20.78 15.67
CA LEU U 193 -17.67 -19.69 16.64
C LEU U 193 -16.28 -19.11 16.85
N GLN V 13 43.17 -25.42 105.46
CA GLN V 13 43.64 -24.04 105.64
C GLN V 13 43.76 -23.34 104.30
N VAL V 14 44.97 -23.33 103.75
CA VAL V 14 45.21 -22.70 102.45
C VAL V 14 44.42 -23.42 101.36
N GLY V 15 44.44 -24.75 101.38
CA GLY V 15 43.66 -25.51 100.41
C GLY V 15 42.18 -25.29 100.56
N ILE V 16 41.70 -25.26 101.80
CA ILE V 16 40.27 -25.00 102.04
C ILE V 16 39.90 -23.61 101.56
N GLY V 17 40.72 -22.61 101.87
CA GLY V 17 40.49 -21.28 101.36
C GLY V 17 40.54 -21.22 99.84
N THR V 18 41.42 -22.02 99.24
CA THR V 18 41.44 -22.13 97.79
C THR V 18 40.12 -22.72 97.27
N LEU V 19 39.62 -23.75 97.95
CA LEU V 19 38.39 -24.41 97.51
C LEU V 19 37.22 -23.44 97.50
N ILE V 20 37.10 -22.60 98.53
CA ILE V 20 35.97 -21.68 98.64
C ILE V 20 35.91 -20.78 97.41
N VAL V 21 37.06 -20.25 96.98
CA VAL V 21 37.11 -19.51 95.73
C VAL V 21 36.74 -20.40 94.56
N PHE V 22 37.24 -21.64 94.57
CA PHE V 22 37.01 -22.55 93.44
C PHE V 22 35.53 -22.83 93.24
N ILE V 23 34.81 -23.10 94.33
CA ILE V 23 33.36 -23.30 94.23
C ILE V 23 32.69 -22.03 93.73
N ALA V 24 33.16 -20.87 94.18
CA ALA V 24 32.59 -19.62 93.69
C ALA V 24 32.76 -19.46 92.20
N MET V 25 33.97 -19.72 91.68
CA MET V 25 34.24 -19.54 90.26
C MET V 25 33.37 -20.44 89.39
N VAL V 26 33.26 -21.72 89.77
CA VAL V 26 32.47 -22.65 88.96
C VAL V 26 30.99 -22.28 89.03
N LEU V 27 30.51 -21.81 90.18
CA LEU V 27 29.16 -21.27 90.24
C LEU V 27 29.02 -20.02 89.37
N VAL V 28 30.02 -19.14 89.40
CA VAL V 28 30.00 -17.97 88.53
C VAL V 28 30.04 -18.39 87.07
N ALA V 29 30.85 -19.40 86.75
CA ALA V 29 30.87 -19.93 85.39
C ALA V 29 29.52 -20.52 85.01
N ALA V 30 28.88 -21.21 85.95
CA ALA V 30 27.59 -21.84 85.67
C ALA V 30 26.52 -20.81 85.37
N ILE V 31 26.40 -19.78 86.23
CA ILE V 31 25.36 -18.78 86.03
C ILE V 31 25.66 -17.96 84.77
N ALA V 32 26.92 -17.59 84.57
CA ALA V 32 27.28 -16.85 83.36
C ALA V 32 27.01 -17.67 82.11
N ALA V 33 27.32 -18.98 82.16
CA ALA V 33 27.01 -19.85 81.04
C ALA V 33 25.51 -19.90 80.78
N GLY V 34 24.72 -20.01 81.86
CA GLY V 34 23.27 -20.05 81.70
C GLY V 34 22.71 -18.83 80.99
N VAL V 35 23.29 -17.66 81.28
CA VAL V 35 22.82 -16.44 80.63
C VAL V 35 22.89 -16.58 79.11
N LEU V 36 23.96 -17.21 78.61
CA LEU V 36 24.14 -17.34 77.17
C LEU V 36 23.10 -18.28 76.55
N ILE V 37 22.89 -19.44 77.17
CA ILE V 37 22.14 -20.51 76.51
C ILE V 37 20.68 -20.13 76.35
N ASN V 38 20.01 -19.75 77.45
CA ASN V 38 18.60 -19.42 77.36
C ASN V 38 18.37 -18.14 76.57
N THR V 39 19.32 -17.21 76.61
CA THR V 39 19.25 -16.06 75.70
C THR V 39 19.38 -16.53 74.25
N ALA V 40 20.31 -17.46 73.98
CA ALA V 40 20.41 -18.05 72.65
C ALA V 40 19.15 -18.83 72.32
N GLY V 41 18.62 -19.58 73.30
CA GLY V 41 17.37 -20.30 73.07
C GLY V 41 16.21 -19.37 72.79
N TYR V 42 16.11 -18.27 73.53
CA TYR V 42 15.07 -17.28 73.26
C TYR V 42 15.27 -16.67 71.88
N LEU V 43 16.51 -16.34 71.53
CA LEU V 43 16.80 -15.82 70.20
C LEU V 43 16.55 -16.87 69.12
N GLN V 44 16.79 -18.15 69.46
CA GLN V 44 16.51 -19.22 68.50
C GLN V 44 15.04 -19.22 68.09
N SER V 45 14.13 -19.14 69.07
CA SER V 45 12.72 -19.11 68.76
C SER V 45 12.36 -17.83 68.00
N LYS V 46 12.90 -16.70 68.44
CA LYS V 46 12.60 -15.42 67.79
C LYS V 46 13.06 -15.43 66.33
N GLY V 47 14.28 -15.91 66.08
CA GLY V 47 14.76 -15.98 64.71
C GLY V 47 13.97 -16.94 63.85
N SER V 48 13.68 -18.13 64.39
CA SER V 48 12.92 -19.13 63.64
C SER V 48 11.54 -18.61 63.26
N ALA V 49 10.84 -18.02 64.22
CA ALA V 49 9.53 -17.45 63.94
C ALA V 49 9.62 -16.35 62.90
N THR V 50 10.67 -15.52 62.98
CA THR V 50 10.82 -14.43 62.01
C THR V 50 11.02 -14.97 60.59
N GLY V 51 11.84 -16.03 60.45
CA GLY V 51 12.11 -16.56 59.12
C GLY V 51 10.87 -17.13 58.45
N GLU V 52 10.09 -17.93 59.19
CA GLU V 52 8.89 -18.52 58.62
C GLU V 52 7.84 -17.47 58.30
N GLU V 53 7.64 -16.52 59.21
CA GLU V 53 6.55 -15.55 59.04
C GLU V 53 6.88 -14.52 57.97
N ALA V 54 8.15 -14.09 57.89
CA ALA V 54 8.53 -13.14 56.85
C ALA V 54 8.42 -13.77 55.47
N SER V 55 8.81 -15.04 55.33
CA SER V 55 8.61 -15.73 54.07
C SER V 55 7.12 -15.86 53.77
N ALA V 56 6.31 -16.09 54.80
CA ALA V 56 4.86 -16.12 54.61
C ALA V 56 4.35 -14.78 54.09
N GLN V 57 4.92 -13.68 54.58
CA GLN V 57 4.58 -12.36 54.06
C GLN V 57 4.93 -12.27 52.58
N VAL V 58 6.08 -12.82 52.18
CA VAL V 58 6.53 -12.70 50.80
C VAL V 58 5.88 -13.77 49.93
N SER V 59 5.88 -15.02 50.40
CA SER V 59 5.46 -16.14 49.55
C SER V 59 3.94 -16.30 49.55
N ASN V 60 3.32 -16.35 50.74
CA ASN V 60 1.90 -16.61 50.82
C ASN V 60 1.10 -15.39 50.37
N ARG V 61 0.73 -15.35 49.09
CA ARG V 61 0.06 -14.21 48.50
C ARG V 61 -1.11 -14.69 47.67
N ILE V 62 -2.05 -13.78 47.42
CA ILE V 62 -3.27 -14.07 46.69
C ILE V 62 -3.15 -13.50 45.28
N ASN V 63 -3.57 -14.27 44.29
CA ASN V 63 -3.69 -13.80 42.91
C ASN V 63 -5.15 -13.84 42.51
N ILE V 64 -5.60 -12.77 41.85
CA ILE V 64 -7.00 -12.65 41.45
C ILE V 64 -7.11 -13.12 40.00
N VAL V 65 -7.82 -14.24 39.80
CA VAL V 65 -7.95 -14.81 38.46
C VAL V 65 -8.72 -13.86 37.55
N SER V 66 -9.88 -13.39 38.01
CA SER V 66 -10.73 -12.53 37.20
C SER V 66 -11.71 -11.82 38.11
N ALA V 67 -12.38 -10.82 37.53
CA ALA V 67 -13.38 -10.03 38.25
C ALA V 67 -14.60 -9.84 37.37
N TYR V 68 -15.78 -10.01 37.97
CA TYR V 68 -17.02 -9.81 37.25
C TYR V 68 -18.09 -9.37 38.24
N GLY V 69 -19.13 -8.71 37.72
CA GLY V 69 -20.17 -8.17 38.56
C GLY V 69 -21.56 -8.22 37.96
N ASN V 70 -22.55 -8.52 38.80
CA ASN V 70 -23.93 -8.51 38.35
C ASN V 70 -24.39 -7.11 37.99
N VAL V 71 -25.34 -7.03 37.08
CA VAL V 71 -25.87 -5.74 36.64
C VAL V 71 -27.38 -5.65 36.85
N UNK V 72 -27.80 -4.74 37.70
CA UNK V 72 -29.20 -4.47 37.94
C UNK V 72 -29.59 -3.13 37.32
N UNK V 73 -30.67 -3.14 36.52
CA UNK V 73 -31.12 -1.96 35.80
C UNK V 73 -30.01 -1.37 34.93
N UNK V 74 -29.14 -0.58 35.54
CA UNK V 74 -28.02 0.03 34.84
C UNK V 74 -26.88 0.35 35.80
N UNK V 75 -26.76 -0.47 36.85
CA UNK V 75 -25.72 -0.26 37.86
C UNK V 75 -25.19 -1.59 38.39
N VAL V 76 -23.88 -1.68 38.53
CA VAL V 76 -23.25 -2.87 39.08
C VAL V 76 -23.47 -2.92 40.58
N ASP V 77 -24.23 -3.92 41.03
CA ASP V 77 -24.53 -4.06 42.45
C ASP V 77 -23.55 -4.96 43.19
N TYR V 78 -23.07 -6.02 42.55
CA TYR V 78 -22.15 -6.96 43.17
C TYR V 78 -20.78 -6.86 42.53
N VAL V 79 -19.73 -7.05 43.32
CA VAL V 79 -18.36 -7.13 42.83
C VAL V 79 -17.78 -8.46 43.32
N ASN V 80 -17.60 -9.40 42.40
CA ASN V 80 -17.09 -10.73 42.73
C ASN V 80 -15.69 -10.91 42.15
N LEU V 81 -14.79 -11.45 42.96
CA LEU V 81 -13.42 -11.73 42.54
C LEU V 81 -13.11 -13.20 42.76
N THR V 82 -12.52 -13.84 41.76
CA THR V 82 -12.04 -15.21 41.87
C THR V 82 -10.55 -15.16 42.21
N VAL V 83 -10.20 -15.74 43.36
CA VAL V 83 -8.83 -15.63 43.88
C VAL V 83 -8.18 -17.01 43.88
N ARG V 84 -6.85 -17.01 43.81
CA ARG V 84 -6.06 -18.23 43.78
C ARG V 84 -4.76 -17.99 44.54
N GLN V 85 -4.09 -19.08 44.88
CA GLN V 85 -2.82 -18.99 45.58
C GLN V 85 -1.71 -18.51 44.64
N ALA V 86 -0.67 -17.92 45.23
CA ALA V 86 0.49 -17.50 44.47
C ALA V 86 1.44 -18.68 44.25
N ALA V 87 2.54 -18.41 43.56
CA ALA V 87 3.52 -19.46 43.31
C ALA V 87 4.20 -19.87 44.62
N GLY V 88 4.21 -21.17 44.88
CA GLY V 88 4.82 -21.67 46.11
C GLY V 88 4.19 -21.13 47.37
N ALA V 89 2.88 -20.97 47.39
CA ALA V 89 2.17 -20.41 48.52
C ALA V 89 1.84 -21.50 49.53
N ASP V 90 0.99 -21.18 50.50
CA ASP V 90 0.56 -22.13 51.52
C ASP V 90 -0.93 -21.91 51.75
N ASN V 91 -1.45 -22.49 52.83
CA ASN V 91 -2.87 -22.33 53.16
C ASN V 91 -3.19 -20.86 53.43
N ILE V 92 -3.99 -20.26 52.55
CA ILE V 92 -4.37 -18.86 52.66
C ILE V 92 -5.79 -18.80 53.18
N ASN V 93 -5.97 -18.26 54.37
CA ASN V 93 -7.29 -18.14 54.99
C ASN V 93 -7.91 -16.81 54.58
N LEU V 94 -9.13 -16.85 54.05
CA LEU V 94 -9.80 -15.66 53.57
C LEU V 94 -10.69 -15.04 54.64
N UNK V 95 -10.89 -15.77 55.74
CA UNK V 95 -11.70 -15.28 56.85
C UNK V 95 -10.83 -14.48 57.81
N LYS V 96 -9.57 -14.28 57.43
CA LYS V 96 -8.64 -13.51 58.23
C LYS V 96 -7.98 -12.44 57.37
N SER V 97 -8.55 -12.22 56.19
CA SER V 97 -8.07 -11.24 55.24
C SER V 97 -9.05 -10.07 55.15
N THR V 98 -8.57 -8.96 54.59
CA THR V 98 -9.39 -7.76 54.43
C THR V 98 -9.09 -7.13 53.08
N ILE V 99 -10.13 -6.59 52.44
CA ILE V 99 -10.00 -5.86 51.20
C ILE V 99 -10.35 -4.40 51.44
N GLN V 100 -9.47 -3.52 50.98
CA GLN V 100 -9.64 -2.07 51.13
C GLN V 100 -10.47 -1.56 49.95
N TRP V 101 -11.67 -1.06 50.24
CA TRP V 101 -12.58 -0.57 49.21
C TRP V 101 -12.41 0.95 49.14
N ILE V 102 -11.47 1.40 48.31
CA ILE V 102 -11.31 2.82 48.02
C ILE V 102 -12.13 3.10 46.76
N GLY V 103 -13.44 3.27 46.95
CA GLY V 103 -14.33 3.48 45.83
C GLY V 103 -14.52 4.95 45.50
N PRO V 104 -15.39 5.24 44.54
CA PRO V 104 -15.64 6.64 44.18
C PRO V 104 -16.19 7.47 45.32
N ASP V 105 -16.98 6.86 46.21
CA ASP V 105 -17.56 7.59 47.34
C ASP V 105 -16.85 7.23 48.65
N UNK V 106 -17.24 6.10 49.24
CA UNK V 106 -16.69 5.69 50.53
C UNK V 106 -15.27 5.15 50.39
N ALA V 107 -14.64 4.87 51.54
CA ALA V 107 -13.30 4.33 51.57
C ALA V 107 -13.04 3.62 52.90
N THR V 108 -13.57 2.41 53.02
CA THR V 108 -13.48 1.62 54.24
C THR V 108 -12.62 0.37 54.01
N THR V 109 -12.51 -0.46 55.04
CA THR V 109 -11.82 -1.74 54.97
C THR V 109 -12.83 -2.85 55.25
N LEU V 110 -13.03 -3.72 54.26
CA LEU V 110 -14.03 -4.77 54.38
C LEU V 110 -13.48 -5.93 55.21
N THR V 111 -14.33 -6.50 56.05
CA THR V 111 -13.97 -7.63 56.90
C THR V 111 -14.90 -8.79 56.57
N TYR V 112 -14.43 -10.02 56.82
CA TYR V 112 -15.20 -11.20 56.47
C TYR V 112 -16.41 -11.36 57.37
N UNK V 113 -17.51 -11.85 56.78
CA UNK V 113 -18.68 -12.23 57.55
C UNK V 113 -19.36 -13.42 56.90
N UNK V 114 -19.70 -14.42 57.71
CA UNK V 114 -20.32 -15.64 57.21
C UNK V 114 -21.72 -15.37 56.67
N UNK V 115 -22.23 -16.32 55.90
CA UNK V 115 -23.57 -16.25 55.30
C UNK V 115 -23.74 -14.97 54.46
N UNK V 116 -24.63 -14.09 54.92
CA UNK V 116 -24.91 -12.83 54.25
C UNK V 116 -25.29 -13.04 52.78
N UNK V 120 -22.54 -9.17 51.32
CA UNK V 120 -22.81 -8.75 52.69
C UNK V 120 -23.19 -7.27 52.74
N UNK V 121 -22.91 -6.62 53.86
CA UNK V 121 -23.19 -5.20 54.02
C UNK V 121 -21.92 -4.40 53.83
N GLU V 122 -21.22 -4.12 54.93
CA GLU V 122 -19.92 -3.48 54.87
C GLU V 122 -18.87 -4.59 54.83
N ASN V 123 -19.33 -5.82 55.01
CA ASN V 123 -18.49 -7.00 55.04
C ASN V 123 -18.36 -7.61 53.65
N PHE V 124 -17.68 -8.76 53.59
CA PHE V 124 -17.58 -9.53 52.36
C PHE V 124 -17.79 -11.00 52.69
N THR V 125 -18.14 -11.77 51.66
CA THR V 125 -18.41 -13.19 51.81
C THR V 125 -17.62 -13.96 50.75
N THR V 126 -17.15 -15.15 51.13
CA THR V 126 -16.38 -15.98 50.21
C THR V 126 -17.13 -17.27 49.86
N UNK V 127 -17.59 -17.36 48.63
CA UNK V 127 -18.25 -18.56 48.14
C UNK V 127 -17.27 -19.37 47.28
N SER V 128 -17.28 -20.68 47.46
CA SER V 128 -16.32 -21.55 46.79
C SER V 128 -16.66 -21.80 45.33
N ILE V 129 -15.63 -21.98 44.50
CA ILE V 129 -15.77 -22.31 43.09
C ILE V 129 -15.21 -23.70 42.80
N LYS V 130 -13.98 -23.97 43.23
CA LYS V 130 -13.36 -25.28 43.05
C LYS V 130 -12.56 -25.60 44.30
N GLY V 131 -12.87 -26.73 44.93
CA GLY V 131 -12.17 -27.14 46.13
C GLY V 131 -13.09 -27.65 47.21
N UNK V 132 -12.58 -27.74 48.44
CA UNK V 132 -13.35 -28.25 49.56
C UNK V 132 -13.77 -27.10 50.49
N UNK V 133 -12.78 -26.42 51.04
CA UNK V 133 -13.03 -25.30 51.96
C UNK V 133 -13.49 -24.07 51.18
N UNK V 134 -14.37 -23.28 51.81
CA UNK V 134 -14.88 -22.07 51.19
C UNK V 134 -14.33 -20.83 51.88
N UNK V 135 -13.19 -21.00 52.54
CA UNK V 135 -12.56 -19.89 53.25
C UNK V 135 -11.04 -20.04 53.25
N VAL V 136 -10.58 -21.25 52.97
CA VAL V 136 -9.14 -21.53 52.96
C VAL V 136 -8.72 -22.11 51.61
N LEU V 137 -7.68 -21.52 51.03
CA LEU V 137 -7.12 -22.00 49.76
C LEU V 137 -6.02 -23.00 50.08
N VAL V 138 -6.31 -24.29 49.89
CA VAL V 138 -5.37 -25.34 50.28
C VAL V 138 -4.50 -25.77 49.10
N ASP V 139 -5.13 -26.07 47.96
CA ASP V 139 -4.41 -26.57 46.78
C ASP V 139 -4.18 -25.45 45.78
N GLN V 140 -3.22 -25.68 44.88
CA GLN V 140 -2.92 -24.71 43.85
C GLN V 140 -4.06 -24.53 42.86
N SER V 141 -4.92 -25.54 42.72
CA SER V 141 -6.08 -25.48 41.83
C SER V 141 -7.32 -24.92 42.50
N ASP V 142 -7.25 -24.59 43.80
CA ASP V 142 -8.40 -24.09 44.51
C ASP V 142 -8.76 -22.69 44.04
N ARG V 143 -10.04 -22.46 43.77
CA ARG V 143 -10.57 -21.15 43.40
C ARG V 143 -11.74 -20.81 44.32
N ILE V 144 -11.71 -19.62 44.90
CA ILE V 144 -12.77 -19.13 45.77
C ILE V 144 -13.21 -17.76 45.26
N LYS V 145 -14.51 -17.51 45.27
CA LYS V 145 -15.07 -16.26 44.79
C LYS V 145 -15.44 -15.38 45.98
N VAL V 146 -14.82 -14.22 46.06
CA VAL V 146 -15.09 -13.26 47.13
C VAL V 146 -16.25 -12.36 46.70
N ILE V 147 -17.25 -12.23 47.57
CA ILE V 147 -18.46 -11.49 47.27
C ILE V 147 -18.39 -10.14 47.96
N MET V 148 -18.58 -9.07 47.20
CA MET V 148 -18.65 -7.72 47.74
C MET V 148 -19.87 -7.02 47.17
N TYR V 149 -20.72 -6.52 48.06
CA TYR V 149 -21.97 -5.86 47.67
C TYR V 149 -21.70 -4.37 47.55
N ALA V 150 -21.75 -3.85 46.33
CA ALA V 150 -21.41 -2.45 46.08
C ALA V 150 -22.49 -1.50 46.60
N UNK V 151 -23.74 -1.96 46.61
CA UNK V 151 -24.85 -1.15 47.07
C UNK V 151 -25.03 -1.26 48.58
N UNK V 152 -23.98 -1.68 49.27
CA UNK V 152 -24.04 -1.84 50.72
C UNK V 152 -22.76 -1.30 51.36
N VAL V 153 -21.70 -1.19 50.57
CA VAL V 153 -20.45 -0.62 51.05
C VAL V 153 -20.41 0.86 50.73
N UNK V 154 -21.26 1.26 49.79
CA UNK V 154 -21.36 2.66 49.37
C UNK V 154 -22.64 2.86 48.58
N UNK V 155 -22.51 2.88 47.26
CA UNK V 155 -23.66 2.99 46.37
C UNK V 155 -23.43 2.09 45.15
N UNK V 156 -24.52 1.76 44.46
CA UNK V 156 -24.44 0.94 43.25
C UNK V 156 -23.60 1.67 42.21
N LEU V 157 -22.56 1.00 41.71
CA LEU V 157 -21.62 1.63 40.78
C LEU V 157 -22.28 1.99 39.47
N UNK V 158 -22.04 3.21 39.01
CA UNK V 158 -22.59 3.67 37.74
C UNK V 158 -21.63 3.33 36.60
N UNK V 159 -21.89 3.90 35.43
CA UNK V 159 -21.08 3.65 34.26
C UNK V 159 -19.72 4.33 34.36
N GLY V 160 -18.66 3.52 34.38
CA GLY V 160 -17.30 4.05 34.39
C GLY V 160 -16.73 4.26 35.77
N UNK V 161 -17.42 3.76 36.80
CA UNK V 161 -16.96 3.89 38.17
C UNK V 161 -15.65 3.13 38.39
N GLU V 162 -14.82 3.62 39.30
CA GLU V 162 -13.52 3.01 39.55
C GLU V 162 -13.36 2.65 41.03
N VAL V 163 -12.96 1.42 41.29
CA VAL V 163 -12.74 0.92 42.65
C VAL V 163 -11.32 0.39 42.74
N GLN V 164 -10.60 0.79 43.79
CA GLN V 164 -9.26 0.29 44.07
C GLN V 164 -9.37 -0.72 45.21
N LEU V 165 -9.11 -1.99 44.91
CA LEU V 165 -9.21 -3.07 45.89
C LEU V 165 -7.82 -3.58 46.22
N THR V 166 -7.54 -3.73 47.51
CA THR V 166 -6.26 -4.26 47.99
C THR V 166 -6.61 -5.38 48.97
N VAL V 167 -6.52 -6.63 48.50
CA VAL V 167 -6.78 -7.78 49.35
C VAL V 167 -5.53 -8.03 50.18
N THR V 168 -5.64 -7.89 51.49
CA THR V 168 -4.51 -8.02 52.40
C THR V 168 -4.59 -9.38 53.10
N THR V 169 -3.57 -10.21 52.90
CA THR V 169 -3.52 -11.50 53.54
C THR V 169 -3.19 -11.33 55.03
N GLN V 170 -3.40 -12.39 55.80
CA GLN V 170 -3.14 -12.32 57.23
C GLN V 170 -1.67 -12.01 57.52
N TYR V 171 -0.76 -12.62 56.78
CA TYR V 171 0.67 -12.42 57.01
C TYR V 171 1.20 -11.10 56.47
N GLY V 172 0.43 -10.38 55.67
CA GLY V 172 0.79 -9.04 55.23
C GLY V 172 0.86 -8.87 53.72
N SER V 173 0.94 -9.96 52.96
CA SER V 173 1.02 -9.85 51.50
C SER V 173 -0.23 -9.15 50.96
N LYS V 174 -0.01 -8.15 50.11
CA LYS V 174 -1.08 -7.32 49.58
C LYS V 174 -1.23 -7.55 48.08
N THR V 175 -2.45 -7.82 47.65
CA THR V 175 -2.79 -7.89 46.23
C THR V 175 -3.66 -6.70 45.88
N THR V 176 -3.15 -5.83 45.00
CA THR V 176 -3.86 -4.63 44.60
C THR V 176 -4.54 -4.88 43.26
N TYR V 177 -5.84 -4.58 43.19
CA TYR V 177 -6.60 -4.70 41.96
C TYR V 177 -7.42 -3.44 41.73
N TRP V 178 -7.40 -2.94 40.50
CA TRP V 178 -8.20 -1.78 40.09
C TRP V 178 -9.44 -2.28 39.37
N ALA V 179 -10.54 -2.41 40.10
CA ALA V 179 -11.82 -2.76 39.49
C ALA V 179 -12.29 -1.62 38.61
N GLN V 180 -12.45 -1.88 37.32
CA GLN V 180 -12.80 -0.87 36.33
C GLN V 180 -14.17 -1.22 35.76
N VAL V 181 -15.21 -0.53 36.25
CA VAL V 181 -16.55 -0.77 35.73
C VAL V 181 -16.59 -0.38 34.26
N PRO V 182 -17.21 -1.16 33.37
CA PRO V 182 -17.28 -0.78 31.96
C PRO V 182 -17.94 0.58 31.78
N GLU V 183 -17.42 1.35 30.83
CA GLU V 183 -17.90 2.71 30.62
C GLU V 183 -19.37 2.72 30.19
N SER V 184 -19.80 1.68 29.46
CA SER V 184 -21.19 1.55 29.04
C SER V 184 -21.74 0.21 29.49
N LEU V 185 -22.93 0.22 30.09
CA LEU V 185 -23.64 -0.98 30.51
C LEU V 185 -24.97 -1.11 29.78
N LYS V 186 -24.98 -0.80 28.48
CA LYS V 186 -26.20 -0.83 27.69
C LYS V 186 -26.60 -2.27 27.41
N ASP V 187 -27.60 -2.75 28.15
CA ASP V 187 -28.17 -4.09 27.97
C ASP V 187 -27.09 -5.16 28.09
N LYS V 188 -26.46 -5.20 29.27
CA LYS V 188 -25.49 -6.24 29.62
C LYS V 188 -25.92 -6.84 30.95
N ASN V 189 -26.33 -8.11 30.93
CA ASN V 189 -26.82 -8.74 32.15
C ASN V 189 -25.71 -8.85 33.20
N ALA V 190 -24.48 -9.13 32.76
CA ALA V 190 -23.34 -9.21 33.67
C ALA V 190 -22.08 -8.82 32.91
N VAL V 191 -21.22 -8.06 33.58
CA VAL V 191 -20.01 -7.55 32.95
C VAL V 191 -18.76 -7.99 33.70
N UNK V 192 -17.60 -7.74 33.10
CA UNK V 192 -16.32 -8.12 33.69
C UNK V 192 -15.49 -6.88 34.04
N LEU V 193 -15.40 -6.59 35.33
CA LEU V 193 -14.68 -5.42 35.80
C LEU V 193 -13.18 -5.57 35.63
N GLN W 13 49.32 -14.90 93.66
CA GLN W 13 49.24 -16.24 93.07
C GLN W 13 47.98 -16.41 92.26
N VAL W 14 46.86 -15.94 92.81
CA VAL W 14 45.56 -16.00 92.15
C VAL W 14 45.67 -15.39 90.77
N GLY W 15 46.37 -14.26 90.67
CA GLY W 15 46.54 -13.59 89.40
C GLY W 15 47.54 -14.25 88.47
N ILE W 16 48.48 -15.03 89.02
CA ILE W 16 49.49 -15.69 88.18
C ILE W 16 48.82 -16.67 87.22
N GLY W 17 47.72 -17.28 87.64
CA GLY W 17 46.95 -18.10 86.71
C GLY W 17 46.40 -17.30 85.55
N THR W 18 46.11 -16.02 85.76
CA THR W 18 45.52 -15.21 84.71
C THR W 18 46.48 -15.00 83.55
N LEU W 19 47.71 -14.56 83.83
CA LEU W 19 48.65 -14.28 82.74
C LEU W 19 48.99 -15.55 81.97
N ILE W 20 49.13 -16.68 82.66
CA ILE W 20 49.32 -17.95 81.97
C ILE W 20 48.12 -18.25 81.08
N VAL W 21 46.92 -18.05 81.59
CA VAL W 21 45.73 -18.14 80.76
C VAL W 21 45.71 -17.00 79.73
N PHE W 22 46.10 -15.80 80.16
CA PHE W 22 46.18 -14.67 79.23
C PHE W 22 47.10 -14.99 78.05
N ILE W 23 48.16 -15.76 78.31
CA ILE W 23 49.05 -16.18 77.23
C ILE W 23 48.32 -17.04 76.20
N ALA W 24 47.25 -17.73 76.62
CA ALA W 24 46.59 -18.66 75.72
C ALA W 24 45.80 -17.93 74.62
N MET W 25 44.80 -17.14 75.00
CA MET W 25 43.91 -16.57 73.99
C MET W 25 44.61 -15.58 73.06
N VAL W 26 45.81 -15.12 73.38
CA VAL W 26 46.56 -14.34 72.40
C VAL W 26 46.88 -15.18 71.18
N LEU W 27 47.03 -16.50 71.35
CA LEU W 27 47.25 -17.41 70.23
C LEU W 27 45.96 -18.05 69.74
N VAL W 28 45.03 -18.40 70.64
CA VAL W 28 43.77 -18.98 70.21
C VAL W 28 43.00 -17.98 69.35
N ALA W 29 42.96 -16.72 69.75
CA ALA W 29 42.40 -15.69 68.88
C ALA W 29 43.24 -15.54 67.62
N ALA W 30 44.57 -15.60 67.75
CA ALA W 30 45.44 -15.47 66.58
C ALA W 30 45.20 -16.60 65.59
N ILE W 31 45.05 -17.83 66.08
CA ILE W 31 44.69 -18.93 65.19
C ILE W 31 43.33 -18.68 64.56
N ALA W 32 42.36 -18.24 65.36
CA ALA W 32 41.06 -17.87 64.81
C ALA W 32 41.18 -16.70 63.86
N ALA W 33 41.98 -15.70 64.22
CA ALA W 33 42.24 -14.59 63.31
C ALA W 33 42.97 -15.07 62.06
N GLY W 34 43.90 -16.01 62.22
CA GLY W 34 44.68 -16.46 61.08
C GLY W 34 43.84 -17.14 60.03
N VAL W 35 43.03 -18.12 60.44
CA VAL W 35 42.25 -18.90 59.47
C VAL W 35 41.27 -18.01 58.73
N LEU W 36 40.67 -17.04 59.44
CA LEU W 36 39.72 -16.13 58.81
C LEU W 36 40.38 -15.34 57.69
N ILE W 37 41.60 -14.83 57.94
CA ILE W 37 42.28 -14.01 56.95
C ILE W 37 42.74 -14.86 55.76
N ASN W 38 43.34 -16.01 56.04
CA ASN W 38 43.84 -16.86 54.96
C ASN W 38 42.69 -17.43 54.12
N THR W 39 41.59 -17.81 54.77
CA THR W 39 40.42 -18.25 54.01
C THR W 39 39.85 -17.11 53.17
N ALA W 40 39.84 -15.89 53.73
CA ALA W 40 39.43 -14.73 52.95
C ALA W 40 40.36 -14.51 51.76
N GLY W 41 41.67 -14.72 51.98
CA GLY W 41 42.59 -14.65 50.86
C GLY W 41 42.34 -15.73 49.83
N TYR W 42 41.98 -16.93 50.28
CA TYR W 42 41.67 -18.01 49.34
C TYR W 42 40.44 -17.69 48.50
N LEU W 43 39.38 -17.19 49.13
CA LEU W 43 38.19 -16.83 48.37
C LEU W 43 38.36 -15.54 47.59
N GLN W 44 39.25 -14.65 48.01
CA GLN W 44 39.54 -13.45 47.24
C GLN W 44 40.09 -13.82 45.86
N SER W 45 41.07 -14.72 45.82
CA SER W 45 41.66 -15.12 44.54
C SER W 45 40.67 -15.95 43.73
N LYS W 46 39.93 -16.85 44.39
CA LYS W 46 38.94 -17.66 43.69
C LYS W 46 37.82 -16.78 43.14
N GLY W 47 37.38 -15.79 43.93
CA GLY W 47 36.37 -14.87 43.44
C GLY W 47 36.90 -13.88 42.43
N SER W 48 38.18 -13.52 42.52
CA SER W 48 38.77 -12.65 41.51
C SER W 48 38.80 -13.34 40.15
N ALA W 49 39.17 -14.61 40.12
CA ALA W 49 39.22 -15.34 38.86
C ALA W 49 37.82 -15.58 38.29
N THR W 50 36.88 -15.96 39.16
CA THR W 50 35.53 -16.26 38.70
C THR W 50 34.93 -15.09 37.94
N GLY W 51 35.23 -13.86 38.37
CA GLY W 51 34.74 -12.69 37.66
C GLY W 51 35.27 -12.60 36.24
N GLU W 52 36.56 -12.88 36.05
CA GLU W 52 37.16 -12.73 34.73
C GLU W 52 36.67 -13.79 33.75
N GLU W 53 36.69 -15.07 34.16
CA GLU W 53 36.31 -16.13 33.23
C GLU W 53 34.82 -16.09 32.89
N ALA W 54 33.98 -15.68 33.83
CA ALA W 54 32.55 -15.58 33.52
C ALA W 54 32.28 -14.41 32.59
N SER W 55 32.91 -13.26 32.84
CA SER W 55 32.78 -12.14 31.92
C SER W 55 33.38 -12.48 30.56
N ALA W 56 34.50 -13.19 30.55
CA ALA W 56 35.11 -13.62 29.29
C ALA W 56 34.20 -14.59 28.55
N GLN W 57 33.53 -15.47 29.29
CA GLN W 57 32.61 -16.41 28.66
C GLN W 57 31.47 -15.69 27.95
N VAL W 58 30.92 -14.65 28.59
CA VAL W 58 29.81 -13.90 27.99
C VAL W 58 30.31 -13.03 26.85
N SER W 59 31.41 -12.31 27.06
CA SER W 59 31.82 -11.26 26.15
C SER W 59 32.62 -11.79 24.95
N ASN W 60 33.60 -12.65 25.20
CA ASN W 60 34.51 -13.09 24.14
C ASN W 60 33.84 -14.11 23.22
N ARG W 61 33.11 -13.62 22.22
CA ARG W 61 32.46 -14.47 21.23
C ARG W 61 32.97 -14.10 19.85
N ILE W 62 32.82 -15.04 18.91
CA ILE W 62 33.36 -14.91 17.57
C ILE W 62 32.18 -14.85 16.61
N ASN W 63 31.84 -13.65 16.15
CA ASN W 63 30.82 -13.50 15.12
C ASN W 63 31.40 -13.78 13.75
N ILE W 64 30.55 -14.27 12.85
CA ILE W 64 30.95 -14.66 11.50
C ILE W 64 30.46 -13.61 10.52
N VAL W 65 31.39 -12.97 9.82
CA VAL W 65 31.03 -11.94 8.84
C VAL W 65 30.28 -12.56 7.67
N SER W 66 30.84 -13.63 7.10
CA SER W 66 30.24 -14.28 5.94
C SER W 66 30.85 -15.67 5.80
N ALA W 67 30.18 -16.49 5.01
CA ALA W 67 30.65 -17.84 4.70
C ALA W 67 30.56 -18.07 3.21
N TYR W 68 31.63 -18.63 2.63
CA TYR W 68 31.65 -18.95 1.21
C TYR W 68 32.46 -20.21 1.03
N GLY W 69 32.24 -20.88 -0.10
CA GLY W 69 32.93 -22.12 -0.34
C GLY W 69 33.32 -22.38 -1.78
N ASN W 70 34.57 -22.75 -1.99
CA ASN W 70 34.98 -23.21 -3.32
C ASN W 70 34.25 -24.48 -3.69
N VAL W 71 33.99 -24.65 -5.00
CA VAL W 71 33.46 -25.90 -5.50
C VAL W 71 34.40 -26.43 -6.58
N UNK W 72 34.53 -27.76 -6.61
CA UNK W 72 35.36 -28.44 -7.59
C UNK W 72 34.49 -29.44 -8.33
N UNK W 73 34.69 -29.56 -9.64
CA UNK W 73 33.80 -30.35 -10.50
C UNK W 73 32.38 -29.83 -10.36
N UNK W 74 31.69 -30.25 -9.30
CA UNK W 74 30.33 -29.76 -9.04
C UNK W 74 29.93 -29.95 -7.58
N UNK W 75 30.88 -29.83 -6.67
CA UNK W 75 30.59 -30.00 -5.25
C UNK W 75 31.50 -29.13 -4.39
N VAL W 76 30.93 -28.55 -3.33
CA VAL W 76 31.67 -27.74 -2.38
C VAL W 76 32.75 -28.58 -1.72
N ASP W 77 34.01 -28.28 -2.01
CA ASP W 77 35.11 -29.01 -1.38
C ASP W 77 35.66 -28.31 -0.15
N TYR W 78 35.63 -26.97 -0.12
CA TYR W 78 36.14 -26.19 1.00
C TYR W 78 35.03 -25.34 1.59
N VAL W 79 35.03 -25.22 2.92
CA VAL W 79 34.11 -24.34 3.64
C VAL W 79 34.96 -23.30 4.35
N ASN W 80 34.88 -22.05 3.89
CA ASN W 80 35.65 -20.95 4.45
C ASN W 80 34.73 -20.00 5.21
N LEU W 81 35.15 -19.61 6.41
CA LEU W 81 34.37 -18.75 7.28
C LEU W 81 35.20 -17.54 7.67
N THR W 82 34.63 -16.35 7.52
CA THR W 82 35.28 -15.13 7.98
C THR W 82 34.72 -14.74 9.34
N VAL W 83 35.60 -14.58 10.32
CA VAL W 83 35.20 -14.39 11.71
C VAL W 83 35.86 -13.13 12.27
N ARG W 84 35.26 -12.61 13.34
CA ARG W 84 35.72 -11.38 13.96
C ARG W 84 35.36 -11.39 15.44
N GLN W 85 35.92 -10.45 16.18
CA GLN W 85 35.60 -10.30 17.59
C GLN W 85 34.17 -9.82 17.78
N ALA W 86 33.64 -10.06 18.98
CA ALA W 86 32.33 -9.55 19.35
C ALA W 86 32.48 -8.16 19.97
N ALA W 87 31.35 -7.55 20.32
CA ALA W 87 31.38 -6.25 20.97
C ALA W 87 31.94 -6.39 22.37
N GLY W 88 32.98 -5.60 22.66
CA GLY W 88 33.62 -5.67 23.97
C GLY W 88 34.26 -7.01 24.25
N ALA W 89 34.98 -7.56 23.27
CA ALA W 89 35.59 -8.88 23.38
C ALA W 89 37.10 -8.73 23.48
N ASP W 90 37.71 -9.47 24.40
CA ASP W 90 39.15 -9.45 24.59
C ASP W 90 39.80 -10.28 23.47
N ASN W 91 41.11 -10.50 23.58
CA ASN W 91 41.83 -11.28 22.58
C ASN W 91 41.24 -12.68 22.49
N ILE W 92 40.99 -13.13 21.26
CA ILE W 92 40.41 -14.43 20.98
C ILE W 92 41.42 -15.27 20.21
N ASN W 93 41.77 -16.44 20.74
CA ASN W 93 42.69 -17.35 20.09
C ASN W 93 41.88 -18.42 19.35
N LEU W 94 42.12 -18.54 18.05
CA LEU W 94 41.38 -19.48 17.23
C LEU W 94 42.04 -20.85 17.18
N UNK W 95 43.14 -20.99 17.91
CA UNK W 95 43.85 -22.27 17.95
C UNK W 95 43.37 -23.09 19.14
N LYS W 96 42.87 -22.40 20.15
CA LYS W 96 42.32 -23.06 21.32
C LYS W 96 40.80 -23.18 21.22
N SER W 97 40.29 -23.13 19.99
CA SER W 97 38.87 -23.19 19.71
C SER W 97 38.54 -24.49 18.99
N THR W 98 37.28 -24.90 19.11
CA THR W 98 36.79 -26.11 18.49
C THR W 98 35.50 -25.80 17.73
N ILE W 99 35.38 -26.35 16.53
CA ILE W 99 34.20 -26.18 15.69
C ILE W 99 33.48 -27.52 15.59
N GLN W 100 32.23 -27.54 16.00
CA GLN W 100 31.41 -28.75 15.94
C GLN W 100 30.74 -28.82 14.58
N TRP W 101 31.14 -29.79 13.76
CA TRP W 101 30.61 -29.96 12.42
C TRP W 101 29.50 -31.01 12.46
N ILE W 102 28.28 -30.60 12.12
CA ILE W 102 27.13 -31.50 12.03
C ILE W 102 26.68 -31.48 10.57
N GLY W 103 27.21 -32.39 9.77
CA GLY W 103 26.91 -32.45 8.36
C GLY W 103 25.91 -33.53 8.04
N PRO W 104 25.57 -33.68 6.75
CA PRO W 104 24.66 -34.75 6.35
C PRO W 104 25.17 -36.14 6.67
N ASP W 105 26.48 -36.36 6.60
CA ASP W 105 27.06 -37.67 6.91
C ASP W 105 27.71 -37.67 8.29
N UNK W 106 28.97 -37.27 8.34
CA UNK W 106 29.72 -37.27 9.60
C UNK W 106 29.23 -36.18 10.54
N ALA W 107 29.64 -36.27 11.80
CA ALA W 107 29.27 -35.28 12.80
C ALA W 107 30.23 -35.31 13.99
N THR W 108 31.37 -34.66 13.83
CA THR W 108 32.43 -34.63 14.83
C THR W 108 32.75 -33.20 15.23
N THR W 109 33.75 -33.04 16.09
CA THR W 109 34.20 -31.74 16.56
C THR W 109 35.62 -31.51 16.05
N LEU W 110 35.83 -30.37 15.39
CA LEU W 110 37.09 -30.09 14.71
C LEU W 110 38.02 -29.29 15.60
N THR W 111 39.29 -29.68 15.61
CA THR W 111 40.33 -28.97 16.32
C THR W 111 41.15 -28.14 15.31
N TYR W 112 42.26 -27.59 15.77
CA TYR W 112 43.06 -26.69 14.94
C TYR W 112 44.35 -27.34 14.46
N UNK W 113 44.72 -27.07 13.20
CA UNK W 113 45.95 -27.60 12.63
C UNK W 113 46.75 -26.51 11.94
N UNK W 114 47.57 -26.90 10.96
CA UNK W 114 48.39 -25.94 10.22
C UNK W 114 48.70 -26.46 8.81
N UNK W 115 47.68 -26.88 8.09
CA UNK W 115 47.85 -27.40 6.74
C UNK W 115 46.54 -27.39 5.97
N UNK W 116 46.61 -27.11 4.68
CA UNK W 116 45.42 -27.08 3.82
C UNK W 116 45.51 -28.14 2.74
N UNK W 120 42.51 -28.99 6.68
CA UNK W 120 43.34 -30.19 6.67
C UNK W 120 42.51 -31.44 6.40
N UNK W 121 42.31 -32.24 7.45
CA UNK W 121 41.52 -33.46 7.34
C UNK W 121 40.35 -33.43 8.32
N GLU W 122 40.63 -33.74 9.58
CA GLU W 122 39.61 -33.70 10.63
C GLU W 122 39.80 -32.47 11.51
N ASN W 123 40.69 -31.58 11.10
CA ASN W 123 40.96 -30.32 11.77
C ASN W 123 40.53 -29.15 10.87
N PHE W 124 40.75 -27.94 11.37
CA PHE W 124 40.57 -26.73 10.58
C PHE W 124 41.82 -25.86 10.72
N THR W 125 42.08 -25.06 9.70
CA THR W 125 43.21 -24.14 9.70
C THR W 125 42.71 -22.72 9.42
N THR W 126 43.42 -21.74 9.97
CA THR W 126 43.01 -20.35 9.86
C THR W 126 44.05 -19.51 9.11
N UNK W 127 43.58 -18.77 8.10
CA UNK W 127 44.44 -17.88 7.33
C UNK W 127 44.00 -16.44 7.54
N SER W 128 44.95 -15.57 7.89
CA SER W 128 44.64 -14.17 8.19
C SER W 128 44.21 -13.40 6.94
N ILE W 129 43.09 -12.68 7.07
CA ILE W 129 42.61 -11.81 5.99
C ILE W 129 43.10 -10.39 6.18
N LYS W 130 42.92 -9.84 7.38
CA LYS W 130 43.35 -8.48 7.69
C LYS W 130 43.88 -8.46 9.12
N GLY W 131 45.18 -8.22 9.27
CA GLY W 131 45.79 -8.15 10.58
C GLY W 131 47.15 -8.82 10.67
N UNK W 132 47.77 -8.72 11.83
CA UNK W 132 49.09 -9.32 12.05
C UNK W 132 48.96 -10.82 12.31
N UNK W 133 48.34 -11.17 13.44
CA UNK W 133 48.18 -12.56 13.83
C UNK W 133 47.24 -13.31 12.89
N UNK W 134 47.57 -14.56 12.60
CA UNK W 134 46.76 -15.38 11.72
C UNK W 134 45.96 -16.42 12.51
N UNK W 135 45.97 -16.27 13.82
CA UNK W 135 45.29 -17.23 14.69
C UNK W 135 44.62 -16.52 15.88
N VAL W 136 44.97 -15.25 16.07
CA VAL W 136 44.46 -14.51 17.21
C VAL W 136 43.76 -13.23 16.77
N LEU W 137 42.53 -13.03 17.25
CA LEU W 137 41.78 -11.80 17.04
C LEU W 137 42.16 -10.82 18.14
N VAL W 138 42.93 -9.79 17.81
CA VAL W 138 43.39 -8.82 18.79
C VAL W 138 42.61 -7.52 18.71
N ASP W 139 42.44 -6.97 17.52
CA ASP W 139 41.69 -5.74 17.32
C ASP W 139 40.30 -6.04 16.77
N GLN W 140 39.42 -5.04 16.87
CA GLN W 140 38.05 -5.20 16.39
C GLN W 140 37.99 -5.37 14.89
N SER W 141 38.99 -4.88 14.16
CA SER W 141 39.01 -4.93 12.69
C SER W 141 39.68 -6.18 12.15
N ASP W 142 40.13 -7.08 13.01
CA ASP W 142 40.79 -8.29 12.55
C ASP W 142 39.79 -9.26 11.92
N ARG W 143 40.16 -9.81 10.77
CA ARG W 143 39.39 -10.86 10.10
C ARG W 143 40.33 -12.00 9.77
N ILE W 144 39.97 -13.21 10.18
CA ILE W 144 40.71 -14.42 9.86
C ILE W 144 39.76 -15.41 9.22
N LYS W 145 40.19 -16.02 8.12
CA LYS W 145 39.37 -16.95 7.36
C LYS W 145 39.57 -18.36 7.91
N VAL W 146 38.49 -18.95 8.44
CA VAL W 146 38.53 -20.30 9.00
C VAL W 146 38.30 -21.26 7.84
N ILE W 147 39.31 -22.07 7.53
CA ILE W 147 39.31 -22.95 6.37
C ILE W 147 38.96 -24.36 6.82
N MET W 148 37.95 -24.96 6.18
CA MET W 148 37.55 -26.32 6.46
C MET W 148 37.46 -27.10 5.16
N TYR W 149 38.10 -28.25 5.12
CA TYR W 149 38.08 -29.14 3.95
C TYR W 149 36.81 -30.01 4.03
N ALA W 150 35.82 -29.68 3.23
CA ALA W 150 34.54 -30.39 3.26
C ALA W 150 34.66 -31.80 2.69
N UNK W 151 35.67 -32.02 1.85
CA UNK W 151 35.87 -33.32 1.23
C UNK W 151 36.83 -34.19 2.04
N UNK W 152 37.04 -33.82 3.30
CA UNK W 152 37.94 -34.56 4.17
C UNK W 152 37.35 -34.70 5.56
N VAL W 153 36.41 -33.82 5.90
CA VAL W 153 35.71 -33.91 7.16
C VAL W 153 34.63 -34.98 7.00
N UNK W 154 34.16 -35.12 5.77
CA UNK W 154 33.16 -36.11 5.41
C UNK W 154 33.17 -36.29 3.90
N UNK W 155 31.99 -36.45 3.32
CA UNK W 155 31.84 -36.49 1.87
C UNK W 155 31.79 -35.05 1.34
N UNK W 156 32.08 -34.87 0.06
CA UNK W 156 32.03 -33.55 -0.55
C UNK W 156 30.61 -33.00 -0.49
N LEU W 157 30.49 -31.72 -0.12
CA LEU W 157 29.19 -31.09 0.04
C LEU W 157 28.47 -30.96 -1.30
N UNK W 158 27.29 -31.54 -1.40
CA UNK W 158 26.50 -31.48 -2.62
C UNK W 158 25.43 -30.39 -2.52
N UNK W 159 24.62 -30.29 -3.57
CA UNK W 159 23.57 -29.26 -3.63
C UNK W 159 22.50 -29.48 -2.57
N GLY W 160 22.33 -28.49 -1.70
CA GLY W 160 21.28 -28.54 -0.70
C GLY W 160 21.72 -29.06 0.66
N UNK W 161 22.92 -29.61 0.72
CA UNK W 161 23.45 -30.15 1.97
C UNK W 161 23.70 -29.03 2.98
N GLU W 162 23.11 -29.15 4.16
CA GLU W 162 23.28 -28.14 5.20
C GLU W 162 24.16 -28.67 6.33
N VAL W 163 25.07 -27.84 6.81
CA VAL W 163 25.98 -28.18 7.89
C VAL W 163 25.78 -27.18 9.01
N GLN W 164 25.57 -27.68 10.22
CA GLN W 164 25.40 -26.84 11.40
C GLN W 164 26.75 -26.69 12.09
N LEU W 165 27.27 -25.47 12.11
CA LEU W 165 28.60 -25.18 12.64
C LEU W 165 28.47 -24.42 13.95
N THR W 166 29.20 -24.87 14.97
CA THR W 166 29.22 -24.23 16.28
C THR W 166 30.68 -23.91 16.63
N VAL W 167 31.06 -22.65 16.47
CA VAL W 167 32.43 -22.19 16.74
C VAL W 167 32.48 -21.84 18.22
N THR W 168 32.89 -22.79 19.06
CA THR W 168 32.99 -22.58 20.49
C THR W 168 34.39 -22.10 20.83
N THR W 169 34.46 -20.97 21.54
CA THR W 169 35.72 -20.40 21.95
C THR W 169 36.27 -21.16 23.16
N GLN W 170 37.48 -20.78 23.59
CA GLN W 170 38.10 -21.42 24.74
C GLN W 170 37.26 -21.24 26.00
N TYR W 171 36.74 -20.03 26.22
CA TYR W 171 35.96 -19.74 27.41
C TYR W 171 34.53 -20.30 27.35
N GLY W 172 34.10 -20.80 26.20
CA GLY W 172 32.80 -21.44 26.09
C GLY W 172 31.73 -20.66 25.35
N SER W 173 32.10 -19.59 24.65
CA SER W 173 31.11 -18.83 23.89
C SER W 173 30.78 -19.57 22.60
N LYS W 174 29.51 -19.95 22.45
CA LYS W 174 29.06 -20.76 21.33
C LYS W 174 28.40 -19.87 20.28
N THR W 175 29.05 -19.73 19.13
CA THR W 175 28.46 -19.06 17.98
C THR W 175 28.06 -20.11 16.95
N THR W 176 26.80 -20.08 16.53
CA THR W 176 26.25 -21.07 15.62
C THR W 176 26.02 -20.43 14.24
N TYR W 177 26.23 -21.23 13.20
CA TYR W 177 26.02 -20.77 11.82
C TYR W 177 25.57 -21.99 11.01
N TRP W 178 24.30 -21.99 10.61
CA TRP W 178 23.74 -23.08 9.82
C TRP W 178 24.12 -22.86 8.36
N ALA W 179 25.28 -23.36 7.96
CA ALA W 179 25.72 -23.26 6.58
C ALA W 179 24.79 -24.05 5.67
N GLN W 180 24.44 -23.46 4.53
CA GLN W 180 23.49 -24.08 3.60
C GLN W 180 24.04 -23.93 2.19
N VAL W 181 24.48 -25.04 1.60
CA VAL W 181 24.97 -25.03 0.22
C VAL W 181 23.81 -24.70 -0.71
N PRO W 182 24.03 -23.88 -1.75
CA PRO W 182 22.93 -23.54 -2.67
C PRO W 182 22.39 -24.79 -3.37
N GLU W 183 21.09 -24.73 -3.68
CA GLU W 183 20.42 -25.86 -4.32
C GLU W 183 20.96 -26.14 -5.72
N SER W 184 21.65 -25.18 -6.33
CA SER W 184 22.23 -25.37 -7.65
C SER W 184 23.61 -24.74 -7.69
N LEU W 185 24.56 -25.45 -8.29
CA LEU W 185 25.93 -24.98 -8.45
C LEU W 185 26.34 -25.01 -9.92
N LYS W 186 25.40 -24.77 -10.83
CA LYS W 186 25.69 -24.84 -12.25
C LYS W 186 26.43 -23.57 -12.67
N ASP W 187 27.61 -23.74 -13.26
CA ASP W 187 28.41 -22.63 -13.78
C ASP W 187 28.76 -21.62 -12.69
N LYS W 188 29.31 -22.13 -11.60
CA LYS W 188 29.65 -21.31 -10.44
C LYS W 188 31.05 -21.70 -9.99
N ASN W 189 32.01 -20.76 -10.08
CA ASN W 189 33.33 -21.01 -9.52
C ASN W 189 33.27 -21.17 -8.01
N ALA W 190 32.47 -20.34 -7.34
CA ALA W 190 32.41 -20.33 -5.89
C ALA W 190 31.06 -19.80 -5.43
N VAL W 191 30.54 -20.40 -4.36
CA VAL W 191 29.21 -20.05 -3.87
C VAL W 191 29.27 -19.44 -2.48
N UNK W 192 28.12 -19.08 -1.95
CA UNK W 192 28.05 -18.45 -0.64
C UNK W 192 27.19 -19.27 0.31
N LEU W 193 27.84 -20.07 1.16
CA LEU W 193 27.13 -20.90 2.12
C LEU W 193 26.54 -20.06 3.24
N GLN X 13 54.02 -21.71 106.38
CA GLN X 13 52.97 -22.70 106.14
C GLN X 13 52.02 -22.24 105.05
N VAL X 14 51.59 -20.98 105.14
CA VAL X 14 50.68 -20.43 104.13
C VAL X 14 51.39 -20.29 102.80
N GLY X 15 52.65 -19.89 102.80
CA GLY X 15 53.39 -19.75 101.57
C GLY X 15 53.61 -21.08 100.87
N ILE X 16 53.88 -22.14 101.64
CA ILE X 16 54.08 -23.46 101.06
C ILE X 16 52.79 -23.94 100.39
N GLY X 17 51.65 -23.75 101.08
CA GLY X 17 50.38 -24.15 100.50
C GLY X 17 50.02 -23.36 99.25
N THR X 18 50.39 -22.08 99.23
CA THR X 18 50.13 -21.25 98.05
C THR X 18 50.88 -21.78 96.83
N LEU X 19 52.13 -22.19 97.02
CA LEU X 19 52.93 -22.73 95.92
C LEU X 19 52.30 -24.00 95.36
N ILE X 20 51.81 -24.89 96.25
CA ILE X 20 51.15 -26.10 95.78
C ILE X 20 49.91 -25.77 94.98
N VAL X 21 49.12 -24.79 95.44
CA VAL X 21 47.98 -24.32 94.67
C VAL X 21 48.45 -23.65 93.39
N PHE X 22 49.60 -22.97 93.44
CA PHE X 22 50.14 -22.30 92.27
C PHE X 22 50.50 -23.30 91.17
N ILE X 23 51.24 -24.36 91.51
CA ILE X 23 51.65 -25.32 90.49
C ILE X 23 50.44 -26.09 89.97
N ALA X 24 49.48 -26.40 90.85
CA ALA X 24 48.23 -26.98 90.39
C ALA X 24 47.47 -26.02 89.48
N MET X 25 47.53 -24.72 89.79
CA MET X 25 46.97 -23.71 88.90
C MET X 25 47.68 -23.73 87.55
N VAL X 26 49.00 -23.89 87.55
CA VAL X 26 49.77 -23.92 86.30
C VAL X 26 49.34 -25.11 85.45
N LEU X 27 49.26 -26.30 86.06
CA LEU X 27 48.87 -27.49 85.32
C LEU X 27 47.44 -27.39 84.81
N VAL X 28 46.52 -26.92 85.66
CA VAL X 28 45.13 -26.78 85.24
C VAL X 28 45.02 -25.76 84.11
N ALA X 29 45.72 -24.64 84.24
CA ALA X 29 45.73 -23.65 83.15
C ALA X 29 46.34 -24.25 81.89
N ALA X 30 47.43 -25.01 82.02
CA ALA X 30 48.06 -25.62 80.85
C ALA X 30 47.13 -26.61 80.18
N ILE X 31 46.44 -27.45 80.97
CA ILE X 31 45.47 -28.38 80.39
C ILE X 31 44.32 -27.62 79.74
N ALA X 32 43.79 -26.60 80.43
CA ALA X 32 42.74 -25.79 79.86
C ALA X 32 43.21 -25.08 78.60
N ALA X 33 44.41 -24.49 78.65
CA ALA X 33 44.99 -23.91 77.44
C ALA X 33 45.26 -24.99 76.39
N GLY X 34 45.81 -26.13 76.82
CA GLY X 34 46.08 -27.21 75.88
C GLY X 34 44.82 -27.68 75.18
N VAL X 35 43.72 -27.81 75.92
CA VAL X 35 42.45 -28.15 75.30
C VAL X 35 42.01 -27.05 74.34
N LEU X 36 42.21 -25.79 74.74
CA LEU X 36 41.79 -24.67 73.91
C LEU X 36 42.52 -24.68 72.56
N ILE X 37 43.84 -24.83 72.57
CA ILE X 37 44.61 -24.81 71.33
C ILE X 37 44.33 -26.06 70.50
N ASN X 38 44.26 -27.22 71.14
CA ASN X 38 43.98 -28.45 70.41
C ASN X 38 42.59 -28.42 69.79
N THR X 39 41.59 -27.91 70.52
CA THR X 39 40.28 -27.71 69.92
C THR X 39 40.35 -26.68 68.79
N ALA X 40 41.11 -25.60 69.01
CA ALA X 40 41.32 -24.63 67.94
C ALA X 40 41.99 -25.28 66.74
N GLY X 41 42.99 -26.13 66.97
CA GLY X 41 43.63 -26.84 65.87
C GLY X 41 42.66 -27.74 65.12
N TYR X 42 41.80 -28.45 65.84
CA TYR X 42 40.81 -29.29 65.19
C TYR X 42 39.84 -28.45 64.37
N LEU X 43 39.36 -27.34 64.93
CA LEU X 43 38.44 -26.49 64.19
C LEU X 43 39.15 -25.72 63.08
N GLN X 44 40.43 -25.38 63.28
CA GLN X 44 41.20 -24.75 62.22
C GLN X 44 41.32 -25.69 61.02
N SER X 45 41.63 -26.95 61.27
CA SER X 45 41.69 -27.93 60.18
C SER X 45 40.29 -28.20 59.64
N LYS X 46 39.30 -28.31 60.52
CA LYS X 46 37.92 -28.42 60.06
C LYS X 46 37.48 -27.15 59.34
N GLY X 47 37.81 -25.99 59.90
CA GLY X 47 37.43 -24.74 59.27
C GLY X 47 38.07 -24.55 57.92
N SER X 48 39.33 -25.00 57.78
CA SER X 48 39.98 -24.98 56.48
C SER X 48 39.33 -25.99 55.53
N ALA X 49 38.83 -27.10 56.08
CA ALA X 49 38.27 -28.14 55.22
C ALA X 49 37.04 -27.64 54.45
N THR X 50 36.12 -26.94 55.13
CA THR X 50 34.91 -26.48 54.47
C THR X 50 35.18 -25.37 53.48
N GLY X 51 36.18 -24.53 53.74
CA GLY X 51 36.48 -23.44 52.83
C GLY X 51 36.79 -23.92 51.42
N GLU X 52 37.68 -24.91 51.30
CA GLU X 52 37.95 -25.50 50.00
C GLU X 52 36.81 -26.37 49.50
N GLU X 53 36.18 -27.16 50.38
CA GLU X 53 35.11 -28.06 49.95
C GLU X 53 33.90 -27.28 49.46
N ALA X 54 33.47 -26.27 50.21
CA ALA X 54 32.29 -25.51 49.81
C ALA X 54 32.55 -24.69 48.56
N SER X 55 33.74 -24.09 48.46
CA SER X 55 34.09 -23.35 47.25
C SER X 55 34.14 -24.26 46.04
N ALA X 56 34.74 -25.45 46.20
CA ALA X 56 34.69 -26.44 45.12
C ALA X 56 33.28 -26.92 44.88
N GLN X 57 32.45 -26.97 45.92
CA GLN X 57 31.04 -27.29 45.72
C GLN X 57 30.36 -26.24 44.86
N VAL X 58 30.69 -24.98 45.06
CA VAL X 58 30.07 -23.89 44.31
C VAL X 58 30.77 -23.66 42.98
N SER X 59 32.11 -23.62 42.98
CA SER X 59 32.84 -23.24 41.77
C SER X 59 32.95 -24.41 40.79
N ASN X 60 33.51 -25.52 41.23
CA ASN X 60 33.70 -26.67 40.34
C ASN X 60 32.37 -27.23 39.87
N ARG X 61 32.05 -27.04 38.59
CA ARG X 61 30.82 -27.53 38.00
C ARG X 61 31.07 -27.86 36.54
N ILE X 62 30.28 -28.81 36.03
CA ILE X 62 30.37 -29.21 34.63
C ILE X 62 29.52 -28.26 33.79
N ASN X 63 30.05 -27.87 32.63
CA ASN X 63 29.31 -27.08 31.66
C ASN X 63 29.22 -27.85 30.35
N ILE X 64 28.00 -28.06 29.87
CA ILE X 64 27.75 -28.89 28.70
C ILE X 64 27.68 -28.00 27.46
N VAL X 65 28.60 -28.22 26.53
CA VAL X 65 28.64 -27.41 25.31
C VAL X 65 27.52 -27.82 24.36
N SER X 66 27.42 -29.11 24.07
CA SER X 66 26.43 -29.59 23.09
C SER X 66 26.08 -31.03 23.43
N ALA X 67 25.07 -31.55 22.74
CA ALA X 67 24.60 -32.91 22.97
C ALA X 67 24.06 -33.45 21.65
N TYR X 68 24.86 -34.27 20.98
CA TYR X 68 24.47 -34.92 19.74
C TYR X 68 24.32 -36.42 19.97
N GLY X 69 23.65 -37.07 19.02
CA GLY X 69 23.40 -38.50 19.13
C GLY X 69 23.48 -39.25 17.82
N ASN X 70 24.18 -40.38 17.81
CA ASN X 70 24.26 -41.21 16.62
C ASN X 70 22.90 -41.85 16.34
N VAL X 71 22.59 -42.00 15.06
CA VAL X 71 21.32 -42.59 14.65
C VAL X 71 21.54 -43.76 13.69
N UNK X 72 21.22 -44.97 14.14
CA UNK X 72 21.25 -46.14 13.29
C UNK X 72 19.84 -46.63 13.08
N UNK X 73 19.59 -47.29 11.94
CA UNK X 73 18.26 -47.76 11.57
C UNK X 73 17.26 -46.60 11.58
N UNK X 74 16.72 -46.31 12.76
CA UNK X 74 15.77 -45.20 12.92
C UNK X 74 15.63 -44.81 14.38
N UNK X 75 16.67 -45.06 15.16
CA UNK X 75 16.65 -44.75 16.59
C UNK X 75 18.02 -44.29 17.09
N VAL X 76 18.04 -43.43 18.09
CA VAL X 76 19.29 -42.94 18.67
C VAL X 76 19.88 -43.98 19.62
N ASP X 77 21.05 -44.49 19.28
CA ASP X 77 21.69 -45.55 20.05
C ASP X 77 22.84 -45.05 20.93
N TYR X 78 23.53 -43.98 20.53
CA TYR X 78 24.57 -43.38 21.34
C TYR X 78 24.19 -41.94 21.67
N VAL X 79 24.50 -41.52 22.89
CA VAL X 79 24.26 -40.15 23.33
C VAL X 79 25.63 -39.53 23.64
N ASN X 80 25.93 -38.42 22.99
CA ASN X 80 27.24 -37.80 23.04
C ASN X 80 27.10 -36.51 23.84
N LEU X 81 27.96 -36.31 24.84
CA LEU X 81 27.98 -35.06 25.59
C LEU X 81 29.39 -34.48 25.56
N THR X 82 29.51 -33.23 25.11
CA THR X 82 30.76 -32.49 25.19
C THR X 82 30.68 -31.56 26.39
N VAL X 83 31.67 -31.65 27.29
CA VAL X 83 31.63 -30.94 28.55
C VAL X 83 32.94 -30.16 28.73
N ARG X 84 32.88 -29.14 29.57
CA ARG X 84 34.03 -28.30 29.87
C ARG X 84 33.89 -27.78 31.29
N GLN X 85 34.93 -27.10 31.76
CA GLN X 85 34.90 -26.51 33.09
C GLN X 85 33.93 -25.34 33.13
N ALA X 86 33.49 -25.01 34.35
CA ALA X 86 32.69 -23.83 34.57
C ALA X 86 33.62 -22.61 34.67
N ALA X 87 33.03 -21.45 34.94
CA ALA X 87 33.82 -20.24 35.06
C ALA X 87 34.62 -20.26 36.36
N GLY X 88 35.94 -20.12 36.24
CA GLY X 88 36.81 -20.09 37.41
C GLY X 88 36.75 -21.36 38.23
N ALA X 89 36.82 -22.52 37.57
CA ALA X 89 36.73 -23.80 38.23
C ALA X 89 38.09 -24.45 38.39
N ASP X 90 38.17 -25.38 39.33
CA ASP X 90 39.37 -26.18 39.56
C ASP X 90 39.36 -27.36 38.61
N ASN X 91 40.19 -28.37 38.89
CA ASN X 91 40.27 -29.56 38.04
C ASN X 91 39.05 -30.45 38.29
N ILE X 92 38.05 -30.37 37.42
CA ILE X 92 36.96 -31.34 37.44
C ILE X 92 37.47 -32.68 36.94
N ASN X 93 37.07 -33.76 37.63
CA ASN X 93 37.44 -35.11 37.26
C ASN X 93 36.18 -35.86 36.84
N LEU X 94 36.21 -36.41 35.63
CA LEU X 94 35.03 -37.07 35.07
C LEU X 94 34.98 -38.56 35.35
N UNK X 95 35.96 -39.07 36.09
CA UNK X 95 36.00 -40.48 36.45
C UNK X 95 35.40 -40.67 37.84
N LYS X 96 35.19 -39.57 38.54
CA LYS X 96 34.59 -39.62 39.88
C LYS X 96 33.20 -39.01 39.86
N SER X 97 32.68 -38.76 38.66
CA SER X 97 31.36 -38.20 38.48
C SER X 97 30.33 -39.31 38.26
N THR X 98 29.08 -39.01 38.59
CA THR X 98 27.99 -39.98 38.47
C THR X 98 26.82 -39.29 37.75
N ILE X 99 26.66 -39.58 36.47
CA ILE X 99 25.57 -39.00 35.69
C ILE X 99 24.28 -39.72 36.01
N GLN X 100 23.20 -38.95 36.16
CA GLN X 100 21.88 -39.50 36.47
C GLN X 100 21.04 -39.53 35.20
N TRP X 101 20.49 -40.69 34.87
CA TRP X 101 19.70 -40.89 33.66
C TRP X 101 18.26 -41.20 34.06
N ILE X 102 17.41 -40.19 33.97
CA ILE X 102 15.96 -40.37 34.13
C ILE X 102 15.39 -40.32 32.71
N GLY X 103 15.24 -41.49 32.11
CA GLY X 103 14.77 -41.59 30.75
C GLY X 103 13.28 -41.87 30.68
N PRO X 104 12.77 -42.05 29.45
CA PRO X 104 11.34 -42.38 29.30
C PRO X 104 10.95 -43.68 29.97
N ASP X 105 11.84 -44.67 30.00
CA ASP X 105 11.55 -45.96 30.62
C ASP X 105 12.28 -46.11 31.94
N UNK X 106 13.57 -46.39 31.88
CA UNK X 106 14.37 -46.63 33.07
C UNK X 106 14.73 -45.33 33.77
N ALA X 107 15.34 -45.44 34.95
CA ALA X 107 15.76 -44.29 35.73
C ALA X 107 16.86 -44.67 36.70
N THR X 108 18.09 -44.79 36.20
CA THR X 108 19.23 -45.24 36.99
C THR X 108 20.32 -44.18 36.98
N THR X 109 21.33 -44.40 37.83
CA THR X 109 22.47 -43.53 37.95
C THR X 109 23.67 -44.16 37.25
N LEU X 110 24.26 -43.44 36.30
CA LEU X 110 25.36 -43.96 35.50
C LEU X 110 26.68 -43.66 36.20
N THR X 111 27.50 -44.69 36.36
CA THR X 111 28.85 -44.55 36.89
C THR X 111 29.84 -44.59 35.71
N TYR X 112 31.05 -44.10 35.96
CA TYR X 112 32.04 -44.01 34.90
C TYR X 112 32.58 -45.39 34.56
N UNK X 113 32.91 -45.61 33.29
CA UNK X 113 33.48 -46.88 32.85
C UNK X 113 34.79 -46.69 32.11
N UNK X 114 35.73 -47.60 32.35
CA UNK X 114 37.00 -47.58 31.65
C UNK X 114 36.89 -48.39 30.35
N UNK X 115 37.65 -47.98 29.34
CA UNK X 115 37.64 -48.64 28.04
C UNK X 115 36.23 -48.69 27.45
N UNK X 116 35.55 -49.81 27.64
CA UNK X 116 34.19 -50.02 27.14
C UNK X 116 34.10 -49.78 25.64
N UNK X 120 29.27 -47.95 27.08
CA UNK X 120 29.30 -49.18 27.86
C UNK X 120 27.90 -49.80 27.96
N UNK X 121 27.51 -50.14 29.18
CA UNK X 121 26.19 -50.73 29.43
C UNK X 121 25.34 -49.81 30.30
N GLU X 122 25.49 -49.96 31.61
CA GLU X 122 24.76 -49.12 32.56
C GLU X 122 25.73 -48.03 33.02
N ASN X 123 26.88 -47.96 32.35
CA ASN X 123 27.94 -47.04 32.68
C ASN X 123 28.24 -46.13 31.49
N PHE X 124 29.03 -45.08 31.74
CA PHE X 124 29.38 -44.10 30.72
C PHE X 124 30.89 -44.01 30.56
N THR X 125 31.33 -43.75 29.34
CA THR X 125 32.73 -43.62 28.99
C THR X 125 33.03 -42.20 28.52
N THR X 126 34.26 -41.75 28.79
CA THR X 126 34.67 -40.40 28.41
C THR X 126 35.85 -40.42 27.45
N UNK X 127 35.64 -39.91 26.24
CA UNK X 127 36.71 -39.80 25.25
C UNK X 127 37.12 -38.34 25.09
N SER X 128 38.42 -38.11 24.95
CA SER X 128 38.95 -36.77 24.83
C SER X 128 38.66 -36.16 23.47
N ILE X 129 38.24 -34.90 23.47
CA ILE X 129 38.04 -34.14 22.24
C ILE X 129 39.19 -33.18 22.01
N LYS X 130 39.57 -32.40 23.02
CA LYS X 130 40.72 -31.53 22.96
C LYS X 130 41.40 -31.52 24.32
N GLY X 131 42.71 -31.69 24.34
CA GLY X 131 43.46 -31.69 25.59
C GLY X 131 44.28 -32.95 25.79
N UNK X 132 45.00 -33.00 26.91
CA UNK X 132 45.86 -34.14 27.22
C UNK X 132 45.05 -35.28 27.86
N UNK X 133 44.56 -35.04 29.07
CA UNK X 133 43.80 -36.05 29.80
C UNK X 133 42.47 -36.35 29.11
N UNK X 134 42.03 -37.60 29.23
CA UNK X 134 40.78 -38.03 28.61
C UNK X 134 39.72 -38.32 29.66
N UNK X 135 39.91 -37.77 30.85
CA UNK X 135 38.97 -37.97 31.95
C UNK X 135 39.02 -36.81 32.93
N VAL X 136 39.98 -35.90 32.74
CA VAL X 136 40.16 -34.79 33.64
C VAL X 136 40.24 -33.46 32.89
N LEU X 137 39.37 -32.52 33.27
CA LEU X 137 39.41 -31.16 32.72
C LEU X 137 40.41 -30.35 33.52
N VAL X 138 41.57 -30.08 32.93
CA VAL X 138 42.63 -29.37 33.64
C VAL X 138 42.51 -27.87 33.39
N ASP X 139 42.62 -27.45 32.12
CA ASP X 139 42.52 -26.05 31.76
C ASP X 139 41.11 -25.74 31.26
N GLN X 140 40.87 -24.47 30.94
CA GLN X 140 39.56 -24.04 30.46
C GLN X 140 39.28 -24.50 29.04
N SER X 141 40.30 -24.84 28.27
CA SER X 141 40.13 -25.15 26.85
C SER X 141 39.88 -26.64 26.59
N ASP X 142 40.10 -27.52 27.56
CA ASP X 142 39.93 -28.94 27.33
C ASP X 142 38.45 -29.29 27.19
N ARG X 143 38.14 -30.09 26.17
CA ARG X 143 36.80 -30.60 25.93
C ARG X 143 36.88 -32.13 25.93
N ILE X 144 35.96 -32.77 26.65
CA ILE X 144 35.88 -34.23 26.71
C ILE X 144 34.47 -34.65 26.33
N LYS X 145 34.37 -35.73 25.56
CA LYS X 145 33.09 -36.24 25.10
C LYS X 145 32.63 -37.38 26.01
N VAL X 146 31.41 -37.26 26.52
CA VAL X 146 30.83 -38.26 27.41
C VAL X 146 29.95 -39.18 26.57
N ILE X 147 30.21 -40.48 26.64
CA ILE X 147 29.56 -41.47 25.79
C ILE X 147 28.67 -42.36 26.65
N MET X 148 27.40 -42.45 26.29
CA MET X 148 26.46 -43.36 26.91
C MET X 148 25.72 -44.13 25.83
N TYR X 149 25.61 -45.44 26.01
CA TYR X 149 24.91 -46.31 25.07
C TYR X 149 23.42 -46.26 25.39
N ALA X 150 22.63 -45.72 24.47
CA ALA X 150 21.20 -45.56 24.70
C ALA X 150 20.47 -46.90 24.64
N UNK X 151 21.02 -47.83 23.85
CA UNK X 151 20.40 -49.14 23.68
C UNK X 151 20.91 -50.14 24.71
N UNK X 152 21.66 -49.65 25.69
CA UNK X 152 22.20 -50.50 26.74
C UNK X 152 21.69 -50.06 28.10
N VAL X 153 21.05 -48.90 28.15
CA VAL X 153 20.45 -48.40 29.37
C VAL X 153 18.94 -48.62 29.32
N UNK X 154 18.44 -48.84 28.11
CA UNK X 154 17.02 -49.08 27.86
C UNK X 154 16.82 -49.35 26.38
N UNK X 155 15.58 -49.16 25.90
CA UNK X 155 15.31 -49.24 24.48
C UNK X 155 15.96 -48.05 23.79
N UNK X 156 16.42 -48.25 22.55
CA UNK X 156 17.04 -47.19 21.79
C UNK X 156 16.07 -46.03 21.62
N LEU X 157 16.50 -44.83 21.99
CA LEU X 157 15.63 -43.65 21.98
C LEU X 157 15.11 -43.34 20.58
N UNK X 158 13.80 -43.35 20.45
CA UNK X 158 13.15 -43.01 19.19
C UNK X 158 12.79 -41.53 19.18
N UNK X 159 11.97 -41.11 18.23
CA UNK X 159 11.60 -39.70 18.12
C UNK X 159 10.69 -39.27 19.27
N GLY X 160 10.94 -38.07 19.78
CA GLY X 160 10.12 -37.50 20.83
C GLY X 160 10.57 -37.80 22.24
N UNK X 161 11.40 -38.83 22.39
CA UNK X 161 11.88 -39.25 23.70
C UNK X 161 12.72 -38.15 24.34
N GLU X 162 12.55 -37.97 25.65
CA GLU X 162 13.31 -36.98 26.40
C GLU X 162 14.03 -37.61 27.58
N VAL X 163 15.28 -37.23 27.79
CA VAL X 163 16.11 -37.75 28.88
C VAL X 163 16.59 -36.57 29.70
N GLN X 164 16.44 -36.68 31.03
CA GLN X 164 16.95 -35.67 31.95
C GLN X 164 18.29 -36.16 32.48
N LEU X 165 19.37 -35.49 32.07
CA LEU X 165 20.72 -35.91 32.41
C LEU X 165 21.27 -34.96 33.46
N THR X 166 21.70 -35.51 34.59
CA THR X 166 22.22 -34.72 35.70
C THR X 166 23.67 -35.12 35.95
N VAL X 167 24.61 -34.35 35.40
CA VAL X 167 26.03 -34.60 35.65
C VAL X 167 26.37 -34.06 37.04
N THR X 168 26.94 -34.92 37.89
CA THR X 168 27.25 -34.56 39.27
C THR X 168 28.75 -34.71 39.49
N THR X 169 29.42 -33.61 39.84
CA THR X 169 30.83 -33.65 40.17
C THR X 169 31.04 -34.32 41.52
N GLN X 170 32.29 -34.72 41.78
CA GLN X 170 32.63 -35.34 43.05
C GLN X 170 32.38 -34.39 44.21
N TYR X 171 32.80 -33.13 44.07
CA TYR X 171 32.65 -32.16 45.15
C TYR X 171 31.20 -31.76 45.37
N GLY X 172 30.32 -32.02 44.41
CA GLY X 172 28.94 -31.62 44.51
C GLY X 172 28.57 -30.53 43.53
N SER X 173 27.95 -30.92 42.42
CA SER X 173 27.51 -29.97 41.40
C SER X 173 26.41 -30.62 40.60
N LYS X 174 25.64 -29.80 39.88
CA LYS X 174 24.51 -30.29 39.11
C LYS X 174 24.42 -29.50 37.81
N THR X 175 24.57 -30.19 36.68
CA THR X 175 24.39 -29.60 35.37
C THR X 175 23.33 -30.44 34.65
N THR X 176 22.07 -30.06 34.83
CA THR X 176 20.97 -30.77 34.19
C THR X 176 20.86 -30.36 32.73
N TYR X 177 20.73 -31.36 31.86
CA TYR X 177 20.53 -31.14 30.43
C TYR X 177 19.39 -32.04 29.97
N TRP X 178 18.30 -31.43 29.52
CA TRP X 178 17.14 -32.17 29.01
C TRP X 178 17.43 -32.56 27.57
N ALA X 179 18.03 -33.72 27.38
CA ALA X 179 18.33 -34.23 26.05
C ALA X 179 17.03 -34.62 25.37
N GLN X 180 16.57 -33.78 24.44
CA GLN X 180 15.31 -33.99 23.75
C GLN X 180 15.61 -34.49 22.33
N VAL X 181 15.26 -35.75 22.07
CA VAL X 181 15.48 -36.31 20.74
C VAL X 181 14.61 -35.56 19.74
N PRO X 182 15.08 -35.25 18.54
CA PRO X 182 14.22 -34.57 17.56
C PRO X 182 12.97 -35.38 17.24
N GLU X 183 11.90 -34.66 16.92
CA GLU X 183 10.61 -35.28 16.66
C GLU X 183 10.61 -36.16 15.42
N SER X 184 11.64 -36.06 14.57
CA SER X 184 11.74 -36.91 13.38
C SER X 184 13.20 -37.21 13.11
N LEU X 185 13.50 -38.48 12.83
CA LEU X 185 14.84 -38.93 12.47
C LEU X 185 14.92 -39.34 11.00
N LYS X 186 14.13 -38.69 10.15
CA LYS X 186 14.04 -39.07 8.75
C LYS X 186 15.33 -38.71 8.03
N ASP X 187 16.15 -39.72 7.73
CA ASP X 187 17.41 -39.56 7.00
C ASP X 187 18.31 -38.53 7.68
N LYS X 188 18.61 -38.79 8.96
CA LYS X 188 19.49 -37.94 9.75
C LYS X 188 20.48 -38.84 10.47
N ASN X 189 21.72 -38.88 9.98
CA ASN X 189 22.72 -39.79 10.53
C ASN X 189 23.03 -39.45 11.98
N ALA X 190 23.16 -38.16 12.31
CA ALA X 190 23.40 -37.74 13.67
C ALA X 190 22.55 -36.50 13.95
N VAL X 191 21.98 -36.44 15.15
CA VAL X 191 21.06 -35.37 15.50
C VAL X 191 21.50 -34.66 16.76
N UNK X 192 21.16 -33.37 16.86
CA UNK X 192 21.52 -32.58 18.02
C UNK X 192 20.42 -32.61 19.08
N LEU X 193 20.64 -33.40 20.12
CA LEU X 193 19.67 -33.51 21.21
C LEU X 193 19.66 -32.24 22.05
N GLN Y 13 50.96 -22.40 121.80
CA GLN Y 13 50.71 -21.05 121.34
C GLN Y 13 50.62 -20.99 119.81
N VAL Y 14 51.44 -21.81 119.16
CA VAL Y 14 51.43 -21.84 117.70
C VAL Y 14 50.10 -22.39 117.18
N GLY Y 15 49.59 -23.45 117.80
CA GLY Y 15 48.34 -24.03 117.36
C GLY Y 15 47.15 -23.10 117.58
N ILE Y 16 47.13 -22.39 118.71
CA ILE Y 16 46.02 -21.49 119.01
C ILE Y 16 45.98 -20.35 118.00
N GLY Y 17 47.15 -19.77 117.69
CA GLY Y 17 47.17 -18.68 116.72
C GLY Y 17 46.79 -19.12 115.33
N THR Y 18 47.21 -20.33 114.93
CA THR Y 18 46.89 -20.83 113.60
C THR Y 18 45.38 -21.02 113.42
N LEU Y 19 44.71 -21.52 114.46
CA LEU Y 19 43.27 -21.72 114.37
C LEU Y 19 42.53 -20.40 114.19
N ILE Y 20 42.92 -19.37 114.94
CA ILE Y 20 42.28 -18.06 114.83
C ILE Y 20 42.51 -17.48 113.44
N VAL Y 21 43.75 -17.57 112.95
CA VAL Y 21 44.05 -17.07 111.61
C VAL Y 21 43.28 -17.86 110.56
N PHE Y 22 43.13 -19.18 110.76
CA PHE Y 22 42.40 -20.00 109.80
C PHE Y 22 40.95 -19.57 109.68
N ILE Y 23 40.30 -19.29 110.81
CA ILE Y 23 38.88 -18.93 110.79
C ILE Y 23 38.67 -17.61 110.08
N ALA Y 24 39.59 -16.66 110.28
CA ALA Y 24 39.47 -15.36 109.61
C ALA Y 24 39.54 -15.50 108.10
N MET Y 25 40.43 -16.37 107.61
CA MET Y 25 40.61 -16.52 106.16
C MET Y 25 39.33 -17.03 105.51
N VAL Y 26 38.67 -18.01 106.14
CA VAL Y 26 37.44 -18.56 105.56
C VAL Y 26 36.35 -17.49 105.50
N LEU Y 27 36.19 -16.72 106.58
CA LEU Y 27 35.21 -15.64 106.55
C LEU Y 27 35.57 -14.60 105.49
N VAL Y 28 36.86 -14.28 105.36
CA VAL Y 28 37.30 -13.40 104.28
C VAL Y 28 37.02 -14.05 102.93
N ALA Y 29 37.32 -15.34 102.81
CA ALA Y 29 37.03 -16.06 101.56
C ALA Y 29 35.53 -16.08 101.28
N ALA Y 30 34.72 -16.30 102.31
CA ALA Y 30 33.26 -16.27 102.12
C ALA Y 30 32.80 -14.89 101.67
N ILE Y 31 33.36 -13.82 102.26
CA ILE Y 31 33.07 -12.47 101.80
C ILE Y 31 33.57 -12.28 100.37
N ALA Y 32 34.78 -12.76 100.08
CA ALA Y 32 35.30 -12.67 98.73
C ALA Y 32 34.44 -13.47 97.76
N ALA Y 33 34.06 -14.69 98.14
CA ALA Y 33 33.15 -15.47 97.32
C ALA Y 33 31.77 -14.83 97.26
N GLY Y 34 31.29 -14.30 98.40
CA GLY Y 34 29.97 -13.71 98.43
C GLY Y 34 29.81 -12.55 97.47
N VAL Y 35 30.85 -11.72 97.34
CA VAL Y 35 30.78 -10.61 96.39
C VAL Y 35 30.61 -11.14 94.97
N LEU Y 36 31.31 -12.22 94.63
CA LEU Y 36 31.29 -12.72 93.26
C LEU Y 36 29.90 -13.22 92.85
N ILE Y 37 29.24 -13.99 93.74
CA ILE Y 37 27.95 -14.58 93.37
C ILE Y 37 26.87 -13.50 93.31
N ASN Y 38 26.83 -12.62 94.31
CA ASN Y 38 25.76 -11.62 94.38
C ASN Y 38 25.84 -10.64 93.22
N THR Y 39 27.05 -10.23 92.81
CA THR Y 39 27.14 -9.36 91.65
C THR Y 39 26.77 -10.12 90.37
N ALA Y 40 27.12 -11.41 90.31
CA ALA Y 40 26.85 -12.20 89.11
C ALA Y 40 25.36 -12.26 88.83
N GLY Y 41 24.55 -12.41 89.88
CA GLY Y 41 23.11 -12.35 89.71
C GLY Y 41 22.64 -11.01 89.19
N TYR Y 42 23.36 -9.93 89.52
CA TYR Y 42 22.98 -8.61 89.04
C TYR Y 42 23.15 -8.50 87.53
N LEU Y 43 24.31 -8.94 87.00
CA LEU Y 43 24.44 -8.97 85.55
C LEU Y 43 23.66 -10.12 84.92
N GLN Y 44 23.29 -11.13 85.72
CA GLN Y 44 22.40 -12.17 85.19
C GLN Y 44 21.07 -11.56 84.76
N SER Y 45 20.47 -10.76 85.64
CA SER Y 45 19.22 -10.08 85.28
C SER Y 45 19.49 -8.95 84.28
N LYS Y 46 20.55 -8.16 84.52
CA LYS Y 46 20.86 -7.07 83.60
C LYS Y 46 21.23 -7.60 82.22
N GLY Y 47 22.01 -8.66 82.16
CA GLY Y 47 22.33 -9.28 80.88
C GLY Y 47 21.11 -9.88 80.22
N SER Y 48 20.23 -10.51 81.01
CA SER Y 48 19.00 -11.06 80.47
C SER Y 48 18.07 -9.95 79.99
N ALA Y 49 17.91 -8.91 80.80
CA ALA Y 49 16.97 -7.84 80.46
C ALA Y 49 17.38 -7.13 79.17
N THR Y 50 18.69 -7.02 78.94
CA THR Y 50 19.18 -6.42 77.70
C THR Y 50 18.77 -7.27 76.49
N GLY Y 51 18.82 -8.60 76.62
CA GLY Y 51 18.56 -9.45 75.48
C GLY Y 51 17.16 -9.29 74.92
N GLU Y 52 16.15 -9.31 75.80
CA GLU Y 52 14.78 -9.12 75.35
C GLU Y 52 14.53 -7.71 74.82
N GLU Y 53 15.12 -6.69 75.47
CA GLU Y 53 14.86 -5.31 75.07
C GLU Y 53 15.38 -5.04 73.66
N ALA Y 54 16.62 -5.42 73.38
CA ALA Y 54 17.20 -5.15 72.06
C ALA Y 54 16.57 -6.01 70.98
N SER Y 55 16.28 -7.28 71.29
CA SER Y 55 15.57 -8.12 70.33
C SER Y 55 14.18 -7.56 70.05
N ALA Y 56 13.50 -7.07 71.09
CA ALA Y 56 12.24 -6.36 70.88
C ALA Y 56 12.46 -5.09 70.08
N GLN Y 57 13.62 -4.44 70.28
CA GLN Y 57 13.95 -3.26 69.49
C GLN Y 57 14.02 -3.60 68.00
N VAL Y 58 14.61 -4.75 67.66
CA VAL Y 58 14.76 -5.11 66.26
C VAL Y 58 13.49 -5.78 65.73
N SER Y 59 12.87 -6.65 66.53
CA SER Y 59 11.74 -7.43 66.05
C SER Y 59 10.41 -6.68 66.17
N ASN Y 60 10.12 -6.13 67.34
CA ASN Y 60 8.80 -5.55 67.63
C ASN Y 60 8.69 -4.22 66.91
N ARG Y 61 8.31 -4.27 65.65
CA ARG Y 61 8.08 -3.10 64.81
C ARG Y 61 6.63 -3.13 64.29
N ILE Y 62 6.30 -2.14 63.46
CA ILE Y 62 5.01 -2.08 62.79
C ILE Y 62 5.24 -1.88 61.31
N ASN Y 63 4.25 -2.30 60.52
CA ASN Y 63 4.26 -2.12 59.08
C ASN Y 63 2.96 -1.42 58.68
N ILE Y 64 3.09 -0.27 58.04
CA ILE Y 64 1.94 0.52 57.61
C ILE Y 64 1.37 -0.07 56.34
N VAL Y 65 0.30 -0.85 56.48
CA VAL Y 65 -0.29 -1.56 55.34
C VAL Y 65 -0.74 -0.56 54.28
N SER Y 66 -1.46 0.49 54.69
CA SER Y 66 -2.02 1.44 53.75
C SER Y 66 -2.04 2.81 54.39
N ALA Y 67 -2.38 3.81 53.58
CA ALA Y 67 -2.40 5.20 54.03
C ALA Y 67 -3.37 5.96 53.15
N TYR Y 68 -4.53 6.32 53.70
CA TYR Y 68 -5.54 7.07 52.97
C TYR Y 68 -6.04 8.23 53.81
N GLY Y 69 -6.49 9.27 53.14
CA GLY Y 69 -6.97 10.46 53.82
C GLY Y 69 -8.32 10.92 53.34
N ASN Y 70 -9.23 11.20 54.27
CA ASN Y 70 -10.53 11.76 53.91
C ASN Y 70 -10.35 13.17 53.36
N VAL Y 71 -11.14 13.51 52.36
CA VAL Y 71 -11.03 14.82 51.71
C VAL Y 71 -12.24 15.68 52.00
N UNK Y 72 -12.03 16.75 52.75
CA UNK Y 72 -13.08 17.73 53.03
C UNK Y 72 -12.89 18.95 52.14
N UNK Y 73 -13.99 19.43 51.55
CA UNK Y 73 -13.96 20.56 50.62
C UNK Y 73 -13.00 20.30 49.46
N UNK Y 74 -11.71 20.49 49.70
CA UNK Y 74 -10.70 20.25 48.69
C UNK Y 74 -9.32 20.03 49.31
N UNK Y 75 -9.31 19.65 50.59
CA UNK Y 75 -8.07 19.42 51.30
C UNK Y 75 -8.19 18.19 52.21
N VAL Y 76 -7.06 17.50 52.41
CA VAL Y 76 -7.03 16.33 53.26
C VAL Y 76 -6.99 16.77 54.73
N ASP Y 77 -8.10 16.53 55.44
CA ASP Y 77 -8.20 16.93 56.84
C ASP Y 77 -7.86 15.81 57.81
N TYR Y 78 -7.98 14.56 57.37
CA TYR Y 78 -7.66 13.40 58.20
C TYR Y 78 -6.64 12.52 57.50
N VAL Y 79 -5.66 12.04 58.26
CA VAL Y 79 -4.65 11.10 57.77
C VAL Y 79 -4.78 9.83 58.60
N ASN Y 80 -5.06 8.71 57.95
CA ASN Y 80 -5.23 7.43 58.62
C ASN Y 80 -4.16 6.45 58.17
N LEU Y 81 -3.66 5.66 59.12
CA LEU Y 81 -2.59 4.70 58.87
C LEU Y 81 -3.03 3.35 59.42
N THR Y 82 -3.30 2.40 58.52
CA THR Y 82 -3.57 1.02 58.93
C THR Y 82 -2.24 0.33 59.21
N VAL Y 83 -2.04 -0.09 60.45
CA VAL Y 83 -0.76 -0.64 60.87
C VAL Y 83 -0.92 -2.15 61.06
N ARG Y 84 0.20 -2.85 60.90
CA ARG Y 84 0.24 -4.31 60.99
C ARG Y 84 1.43 -4.73 61.83
N GLN Y 85 1.22 -5.74 62.67
CA GLN Y 85 2.30 -6.28 63.49
C GLN Y 85 3.41 -6.83 62.60
N ALA Y 86 4.66 -6.54 62.97
CA ALA Y 86 5.79 -6.94 62.14
C ALA Y 86 5.99 -8.45 62.19
N ALA Y 87 6.84 -8.95 61.29
CA ALA Y 87 7.08 -10.37 61.16
C ALA Y 87 7.75 -10.93 62.40
N GLY Y 88 7.10 -11.89 63.05
CA GLY Y 88 7.66 -12.47 64.25
C GLY Y 88 7.72 -11.54 65.44
N ALA Y 89 6.98 -10.44 65.39
CA ALA Y 89 7.00 -9.46 66.47
C ALA Y 89 6.21 -9.97 67.68
N ASP Y 90 6.46 -9.31 68.82
CA ASP Y 90 5.69 -9.50 70.05
C ASP Y 90 4.53 -8.52 70.05
N ASN Y 91 3.92 -8.26 71.21
CA ASN Y 91 2.74 -7.41 71.31
C ASN Y 91 3.17 -5.95 71.31
N ILE Y 92 2.84 -5.24 70.24
CA ILE Y 92 3.08 -3.80 70.14
C ILE Y 92 1.87 -3.10 70.77
N ASN Y 93 2.13 -2.28 71.78
CA ASN Y 93 1.12 -1.38 72.32
C ASN Y 93 1.24 -0.04 71.59
N LEU Y 94 0.17 0.38 70.94
CA LEU Y 94 0.18 1.62 70.16
C LEU Y 94 -0.05 2.84 71.03
N UNK Y 95 -0.40 2.62 72.29
CA UNK Y 95 -0.65 3.74 73.20
C UNK Y 95 0.66 4.30 73.72
N LYS Y 96 1.69 3.47 73.77
CA LYS Y 96 3.01 3.92 74.17
C LYS Y 96 3.90 4.14 72.95
N SER Y 97 3.38 4.88 71.97
CA SER Y 97 4.09 5.13 70.73
C SER Y 97 4.01 6.61 70.39
N THR Y 98 5.07 7.11 69.76
CA THR Y 98 5.15 8.49 69.32
C THR Y 98 5.37 8.53 67.81
N ILE Y 99 4.69 9.45 67.14
CA ILE Y 99 4.73 9.56 65.69
C ILE Y 99 5.34 10.91 65.33
N GLN Y 100 6.39 10.89 64.52
CA GLN Y 100 7.05 12.11 64.06
C GLN Y 100 6.27 12.68 62.89
N TRP Y 101 5.67 13.85 63.10
CA TRP Y 101 4.97 14.56 62.03
C TRP Y 101 5.90 15.65 61.50
N ILE Y 102 6.64 15.32 60.44
CA ILE Y 102 7.46 16.30 59.74
C ILE Y 102 6.61 16.80 58.58
N GLY Y 103 5.84 17.86 58.84
CA GLY Y 103 4.95 18.41 57.86
C GLY Y 103 5.56 19.56 57.09
N PRO Y 104 4.84 20.05 56.07
CA PRO Y 104 5.34 21.22 55.34
C PRO Y 104 5.48 22.46 56.20
N ASP Y 105 4.60 22.63 57.20
CA ASP Y 105 4.64 23.80 58.06
C ASP Y 105 5.19 23.48 59.44
N UNK Y 106 4.62 22.45 60.07
CA UNK Y 106 4.99 22.10 61.44
C UNK Y 106 5.99 20.95 61.50
N ALA Y 107 6.41 20.62 62.71
CA ALA Y 107 7.36 19.53 62.95
C ALA Y 107 7.33 19.13 64.42
N THR Y 108 6.27 18.44 64.81
CA THR Y 108 6.03 18.08 66.20
C THR Y 108 5.88 16.57 66.33
N THR Y 109 5.89 16.09 67.56
CA THR Y 109 5.71 14.67 67.87
C THR Y 109 4.31 14.43 68.39
N LEU Y 110 3.61 13.48 67.79
CA LEU Y 110 2.24 13.14 68.20
C LEU Y 110 2.28 12.10 69.32
N THR Y 111 1.13 11.95 69.99
CA THR Y 111 1.00 11.03 71.11
C THR Y 111 -0.42 10.46 71.09
N TYR Y 112 -0.65 9.46 71.94
CA TYR Y 112 -1.97 8.82 72.02
C TYR Y 112 -3.00 9.73 72.67
N UNK Y 113 -4.27 9.44 72.43
CA UNK Y 113 -5.37 10.22 73.02
C UNK Y 113 -6.60 9.33 73.21
N UNK Y 114 -7.77 9.92 73.03
CA UNK Y 114 -9.03 9.20 73.17
C UNK Y 114 -10.18 9.95 72.51
N UNK Y 115 -10.49 9.60 71.27
CA UNK Y 115 -11.55 10.22 70.50
C UNK Y 115 -11.38 11.73 70.41
N UNK Y 120 -7.32 13.45 67.31
CA UNK Y 120 -7.61 14.51 68.27
C UNK Y 120 -7.13 15.86 67.75
N UNK Y 121 -6.15 16.43 68.44
CA UNK Y 121 -5.59 17.72 68.05
C UNK Y 121 -4.12 17.59 67.70
N GLU Y 122 -3.27 17.59 68.72
CA GLU Y 122 -1.84 17.41 68.53
C GLU Y 122 -1.50 15.95 68.83
N ASN Y 123 -2.53 15.19 69.16
CA ASN Y 123 -2.43 13.77 69.47
C ASN Y 123 -3.04 12.93 68.35
N PHE Y 124 -3.01 11.62 68.54
CA PHE Y 124 -3.65 10.69 67.62
C PHE Y 124 -4.45 9.66 68.41
N THR Y 125 -5.44 9.08 67.74
CA THR Y 125 -6.28 8.06 68.33
C THR Y 125 -6.30 6.82 67.45
N THR Y 126 -6.54 5.68 68.08
CA THR Y 126 -6.51 4.39 67.37
C THR Y 126 -7.86 3.70 67.39
N UNK Y 127 -8.40 3.44 66.21
CA UNK Y 127 -9.65 2.70 66.08
C UNK Y 127 -9.37 1.34 65.44
N SER Y 128 -9.81 0.27 66.10
CA SER Y 128 -9.54 -1.08 65.64
C SER Y 128 -10.25 -1.39 64.33
N ILE Y 129 -9.48 -1.83 63.33
CA ILE Y 129 -10.05 -2.24 62.06
C ILE Y 129 -10.42 -3.71 62.07
N LYS Y 130 -9.53 -4.57 62.55
CA LYS Y 130 -9.79 -5.99 62.74
C LYS Y 130 -9.15 -6.45 64.04
N GLY Y 131 -9.89 -7.20 64.83
CA GLY Y 131 -9.38 -7.69 66.10
C GLY Y 131 -10.13 -7.13 67.30
N UNK Y 132 -9.77 -7.59 68.48
CA UNK Y 132 -10.45 -7.20 69.70
C UNK Y 132 -10.01 -5.80 70.17
N UNK Y 133 -8.82 -5.75 70.78
CA UNK Y 133 -8.32 -4.51 71.36
C UNK Y 133 -8.04 -3.45 70.30
N UNK Y 134 -8.23 -2.19 70.66
CA UNK Y 134 -8.03 -1.08 69.74
C UNK Y 134 -6.81 -0.26 70.14
N UNK Y 135 -5.88 -0.89 70.84
CA UNK Y 135 -4.68 -0.19 71.31
C UNK Y 135 -3.43 -1.04 71.11
N VAL Y 136 -3.60 -2.35 71.14
CA VAL Y 136 -2.46 -3.25 71.02
C VAL Y 136 -2.60 -4.17 69.81
N LEU Y 137 -1.45 -4.60 69.28
CA LEU Y 137 -1.39 -5.56 68.17
C LEU Y 137 -0.92 -6.90 68.73
N VAL Y 138 -1.87 -7.79 69.00
CA VAL Y 138 -1.56 -9.08 69.61
C VAL Y 138 -1.27 -10.14 68.56
N ASP Y 139 -2.13 -10.28 67.56
CA ASP Y 139 -1.95 -11.26 66.50
C ASP Y 139 -1.58 -10.57 65.19
N GLN Y 140 -0.89 -11.32 64.33
CA GLN Y 140 -0.51 -10.81 63.03
C GLN Y 140 -1.71 -10.47 62.16
N SER Y 141 -2.89 -11.01 62.49
CA SER Y 141 -4.08 -10.81 61.68
C SER Y 141 -4.86 -9.55 62.05
N ASP Y 142 -4.48 -8.85 63.11
CA ASP Y 142 -5.19 -7.66 63.52
C ASP Y 142 -4.66 -6.42 62.81
N ARG Y 143 -5.56 -5.52 62.45
CA ARG Y 143 -5.20 -4.25 61.83
C ARG Y 143 -5.81 -3.13 62.66
N ILE Y 144 -5.00 -2.14 62.99
CA ILE Y 144 -5.45 -0.97 63.75
C ILE Y 144 -5.18 0.29 62.93
N LYS Y 145 -6.13 1.21 62.98
CA LYS Y 145 -6.04 2.48 62.27
C LYS Y 145 -5.74 3.58 63.28
N VAL Y 146 -4.65 4.31 63.04
CA VAL Y 146 -4.30 5.47 63.87
C VAL Y 146 -4.81 6.70 63.14
N ILE Y 147 -5.79 7.37 63.74
CA ILE Y 147 -6.38 8.57 63.17
C ILE Y 147 -5.65 9.79 63.71
N MET Y 148 -5.14 10.63 62.80
CA MET Y 148 -4.50 11.88 63.18
C MET Y 148 -5.12 13.01 62.38
N TYR Y 149 -5.53 14.07 63.08
CA TYR Y 149 -6.10 15.23 62.41
C TYR Y 149 -5.02 16.02 61.69
N ALA Y 150 -5.33 16.46 60.47
CA ALA Y 150 -4.36 17.21 59.69
C ALA Y 150 -4.55 18.72 59.86
N UNK Y 151 -5.78 19.13 60.12
CA UNK Y 151 -6.09 20.55 60.30
C UNK Y 151 -5.95 20.95 61.77
N UNK Y 152 -5.35 20.08 62.58
CA UNK Y 152 -5.18 20.35 64.00
C UNK Y 152 -3.70 20.37 64.38
N VAL Y 153 -2.85 19.96 63.44
CA VAL Y 153 -1.41 20.00 63.64
C VAL Y 153 -0.84 21.14 62.79
N UNK Y 154 -1.47 21.35 61.64
CA UNK Y 154 -1.08 22.42 60.73
C UNK Y 154 -2.28 22.74 59.84
N UNK Y 155 -2.02 23.39 58.71
CA UNK Y 155 -3.08 23.62 57.73
C UNK Y 155 -3.35 22.33 56.98
N UNK Y 156 -4.62 22.07 56.68
CA UNK Y 156 -5.01 20.86 55.94
C UNK Y 156 -4.25 20.81 54.63
N LEU Y 157 -3.56 19.69 54.39
CA LEU Y 157 -2.70 19.54 53.22
C LEU Y 157 -3.46 19.70 51.92
N UNK Y 158 -2.86 20.44 50.99
CA UNK Y 158 -3.44 20.62 49.66
C UNK Y 158 -2.76 19.69 48.69
N UNK Y 159 -2.86 20.01 47.41
CA UNK Y 159 -2.29 19.19 46.35
C UNK Y 159 -0.77 19.19 46.36
N GLY Y 160 -0.17 18.04 46.62
CA GLY Y 160 1.27 17.89 46.51
C GLY Y 160 2.03 17.89 47.82
N UNK Y 161 1.33 18.10 48.93
CA UNK Y 161 1.97 18.15 50.24
C UNK Y 161 2.49 16.77 50.64
N GLU Y 162 3.61 16.75 51.35
CA GLU Y 162 4.23 15.50 51.77
C GLU Y 162 4.65 15.55 53.24
N VAL Y 163 4.30 14.51 53.99
CA VAL Y 163 4.63 14.41 55.41
C VAL Y 163 5.45 13.15 55.63
N GLN Y 164 6.54 13.28 56.37
CA GLN Y 164 7.36 12.15 56.76
C GLN Y 164 6.85 11.67 58.11
N LEU Y 165 6.13 10.55 58.11
CA LEU Y 165 5.54 9.99 59.32
C LEU Y 165 6.44 8.88 59.84
N THR Y 166 6.99 9.07 61.04
CA THR Y 166 7.87 8.09 61.66
C THR Y 166 7.19 7.57 62.92
N VAL Y 167 6.65 6.35 62.85
CA VAL Y 167 5.98 5.73 63.98
C VAL Y 167 7.01 4.94 64.77
N THR Y 168 7.18 5.29 66.04
CA THR Y 168 8.20 4.71 66.89
C THR Y 168 7.55 3.91 68.01
N THR Y 169 7.90 2.63 68.09
CA THR Y 169 7.38 1.77 69.15
C THR Y 169 8.07 2.11 70.48
N GLN Y 170 7.46 1.64 71.57
CA GLN Y 170 8.03 1.87 72.89
C GLN Y 170 9.49 1.43 72.98
N TYR Y 171 9.84 0.35 72.28
CA TYR Y 171 11.20 -0.17 72.30
C TYR Y 171 12.12 0.52 71.30
N GLY Y 172 11.61 1.46 70.51
CA GLY Y 172 12.46 2.20 69.60
C GLY Y 172 12.58 1.57 68.24
N SER Y 173 11.46 1.28 67.60
CA SER Y 173 11.42 0.68 66.27
C SER Y 173 10.73 1.66 65.33
N LYS Y 174 11.51 2.55 64.72
CA LYS Y 174 10.96 3.57 63.84
C LYS Y 174 10.54 2.96 62.51
N THR Y 175 9.42 3.45 61.99
CA THR Y 175 8.88 3.00 60.69
C THR Y 175 8.45 4.24 59.93
N THR Y 176 9.27 4.67 58.98
CA THR Y 176 8.99 5.89 58.24
C THR Y 176 7.97 5.63 57.13
N TYR Y 177 7.26 6.69 56.76
CA TYR Y 177 6.31 6.64 55.66
C TYR Y 177 6.16 8.04 55.08
N TRP Y 178 6.58 8.22 53.83
CA TRP Y 178 6.46 9.50 53.16
C TRP Y 178 5.06 9.59 52.53
N ALA Y 179 4.10 10.00 53.35
CA ALA Y 179 2.73 10.17 52.89
C ALA Y 179 2.65 11.36 51.94
N GLN Y 180 2.52 11.09 50.65
CA GLN Y 180 2.44 12.13 49.64
C GLN Y 180 0.99 12.28 49.20
N VAL Y 181 0.40 13.44 49.49
CA VAL Y 181 -0.96 13.70 49.02
C VAL Y 181 -0.97 13.71 47.50
N PRO Y 182 -1.98 13.14 46.84
CA PRO Y 182 -2.01 13.17 45.38
C PRO Y 182 -1.95 14.59 44.83
N GLU Y 183 -1.30 14.73 43.67
CA GLU Y 183 -1.10 16.05 43.08
C GLU Y 183 -2.40 16.73 42.69
N SER Y 184 -3.51 15.99 42.63
CA SER Y 184 -4.81 16.58 42.34
C SER Y 184 -5.87 15.85 43.13
N LEU Y 185 -6.72 16.61 43.82
CA LEU Y 185 -7.84 16.07 44.59
C LEU Y 185 -9.18 16.45 43.96
N LYS Y 186 -9.21 16.62 42.65
CA LYS Y 186 -10.42 17.02 41.96
C LYS Y 186 -11.42 15.87 41.96
N ASP Y 187 -12.58 16.09 42.60
CA ASP Y 187 -13.67 15.13 42.64
C ASP Y 187 -13.20 13.77 43.18
N LYS Y 188 -12.57 13.80 44.34
CA LYS Y 188 -12.11 12.59 45.03
C LYS Y 188 -12.57 12.70 46.48
N ASN Y 189 -13.57 11.90 46.85
CA ASN Y 189 -14.09 11.96 48.22
C ASN Y 189 -13.05 11.54 49.23
N ALA Y 190 -12.29 10.49 48.93
CA ALA Y 190 -11.23 10.03 49.83
C ALA Y 190 -10.09 9.47 48.97
N VAL Y 191 -8.90 10.06 49.13
CA VAL Y 191 -7.75 9.67 48.33
C VAL Y 191 -6.83 8.73 49.10
N UNK Y 192 -5.84 8.20 48.39
CA UNK Y 192 -4.86 7.31 49.00
C UNK Y 192 -3.48 7.96 49.05
N LEU Y 193 -3.01 8.23 50.25
CA LEU Y 193 -1.70 8.85 50.45
C LEU Y 193 -0.58 7.85 50.23
#